data_9H2B
#
_entry.id   9H2B
#
_cell.length_a   1.00
_cell.length_b   1.00
_cell.length_c   1.00
_cell.angle_alpha   90.00
_cell.angle_beta   90.00
_cell.angle_gamma   90.00
#
_symmetry.space_group_name_H-M   'P 1'
#
loop_
_entity.id
_entity.type
_entity.pdbx_description
1 polymer 'Occlusion-derived virus envelope protein E27'
2 polymer 'Protein C42'
3 polymer 'Uncharacterized 38.0 kDa protein in P143-LEF5 intergenic region'
4 polymer 'Protein AC142'
5 polymer 'Major capsid protein'
6 polymer 'Capsid-associated protein VP80'
7 polymer 'Protein AC109'
8 non-polymer 'ZINC ION'
#
loop_
_entity_poly.entity_id
_entity_poly.type
_entity_poly.pdbx_seq_one_letter_code
_entity_poly.pdbx_strand_id
1 'polypeptide(L)'
;MKRIKCNKVRTVTEIVNSDEKIQKTYELAEFDLKNLSSLESYETLKIKLALSKYMAMLSTLEMTQPLLEIFRNKADTRQI
AAVVFSTLAFIHNRFHPLVTNFTNKMEFVVTETNDTSIPGEPILFTENEGVLLCSVDRPSIVKMLSREFDTEALVNFEND
NCNVRIAKTFGASKRKNTTRSDDYESNKQPNYDMDLSDFSITEVEATQYLTLLLTVEHAYLHYYIFKNYGVFEYCKSLTD
HSLFTNKLRSTMSTKTSNLLLSKFKFTIEDFDKINSNSVTSGFNIYNFNK
;
A,B
2 'polypeptide(L)'
;MSAIALYLEINKLRLKIDEPMQLAIWPQLFPLLCDEHQSVQLNTDVLINFMMHVARKSQNTILNNNAAIASQYAAGNADV
VAAPASAQPTPRPVINLFARANAAAPAQPSEELINMRRYRNAARKLIHHYSLNSTSSTEYKISDVVMTMIFLLRSEKYHS
LFKLLETTFDDYTCRPQMTQVQTDTLLDAVRSLLEMPSTTIDLTTVDIMRSSFARCFNSPIMRYAKIVLLQNVALQRDKR
TTLEELLIERGEKIQMLQPQQYINSGTEIPFCDDAEFLNRLLKHIDPYPLSRMYYNAANTMFYTTMENYAVSNCKFNIED
YNNIFKVMENIRKHSNKNSNDQDELNIYLGVQSSNAKRKKY
;
C,D
3 'polypeptide(L)'
;MASSLQSKWICLRLNDAIIKRHVLVLSEYADLKYLGFEKYKFFEYVIFQFCNDPQLCKIIENNYNYCMQIFKAPADDMRD
IRHNIKRAFKTPVLGHMCVLSNKPPMYSFLKEWFLLPHYKVVSLKSESLTWGFPHVVVFDLDSTLITEEEQVEIRDPFVY
DSLQELHEMGCVLVLWSYGSRDHVAHSMRDVDLEGYFDIIISEGSTVQEERSDLVQNSHNAIVDYNLKKRFIENKFVFDI
HNHRSDNNIPKSPKIVIKYLSDKNVNFFKSITLVDDLPTNNYAYDFYVKVKRCPTPVQDWEHYHNEIIQNIMDYEQYFIK
;
E
4 'polypeptide(L)'
;MSGGGNLLTLERDHFKYLFLTSYFDLKDNEHVPSEPMAFIRNYLNCTFDLLDDAVLMNYFNYLQSMQLKHLVGSTSTNIF
KFVKPQFRFVCDRTTVDILEFDTRMYIKPGTPVYATNLFTSNPRKMMAFLYAEFGKVFKNKIFVNINNYGCVLAGSAGFL
FDDAYVDWNGVRMCAAPRLDNNMHPFRLYLLGEDMAKHFVDNNILPPHPSNAKTRKINNSMFMLKNFYKGLPLFKSKYTV
VNSTKIVTRKPNDIFNEIDKELNGNCPFIKFIQRDYIFDAQFPPDLLDLLNEYMTKSSIMKIITKFVIEENPAMSGEMSR
EIILDRYSVDNYRKLYIKMEITNQFPVMYDHESSYIFVSKDFLQLKGTMNAFYAPKQRILSILAVNRLFGATETIDFHPN
LLVYRQSSPPVRLTGDVYVVDKNEKVFLVKHVFSNTVPAYLLIRGDYESSSDLKSLRDLNPWVQNTLLKLLIPDSVQ
;
F
5 'polypeptide(L)'
;MALVPVGMAPRQMRVNRCIFASIVSFDACITYKSPCSPDAYHDDGWFICNNHLIKRFKMSKMVLPIFDEDDNQFKMTIAR
HLVGNKERGIKRILIPSATNYQDVFNLNSMMQAEQLIFHLIYNNENAVNTICDNLKYTEGFTSNTQRVIHSVYATTKSIL
DTTNPNTFCSRVSRDELRFFDVTNARALRGGAGDQLFNNYSGFLQNLIRRAVAPEYLQIDTEELRFRNCATCIIDETGLV
ASVPDGPELYNPIRSSDIMRSQPNRLQIRNVLKFEGDTRELDRTLSGYEEYPTYVPLFLGYQIINSENNFLRNDFIPRAN
PNATLGGGAVAGPAPGVAGEAGGGIAV
;
G,H,M,N
6 'polypeptide(L)'
;MNDSNSLLITRLAAQILSRNMQTVDVIVDDKTLSLEEKIDTLTSMVLAVNSPPQSPPRVTSSDLAASIIKNNSKMVGNDF
EMRYNVLRMAVVFVKHYPKYYNETTAGLVAEIESNLLQYQNYVNQGNYQNIEGYDSLLNKAEECYVKIDRLFKESIKKIM
DDTEAFEREQEAERLRAEQTAANALLERRAQTSADDVVNRADANIPTAFSDPLPGPSAPRYMYESSESDTYMETARRTAE
HYTDQDKDYNAAYTADEYNSLVKTVLLRLIEKALATLKNRLHITTIDQLKKFRDYLNSDADAGEFQIFLNQEDCVILKNL
SNLASKFFNVRCVADTLEVMLEALRNNIELVQPESDAVRRIVIKMTQEIKDSSTPLYNIAMYKSDYDAIKNKNIKTLFDL
YNDRLPINFLDTSATSPVRKTSGKRSAEDDLLPTRSSKRANRPEINVISSEDEQEDDDVEDVDYEKESKRRKLEDEDFLK
LKALEFSKDIVNEKLQKIIVVTDGMKRLYEYCNCKNSLETLPSAANYGSLLKRLNLYNLDHIEMNVNFYELLFPLTLYND
NDNSDKTLSHQLVNYIFLASNYFQNCAKNFNYMRETFNVFGPFKQIDFMVMFVIKFNFLCDMRNFAKLIDELVPNKQPNM
RIHSVLVMRDKIVKLAFSNLQFQTFSKKDKSRNTKHLQRLIMLMNANYNVI
;
I,J,K
7 'polypeptide(L)'
;MECPFQIQVCISDRFFAFPHNLVEPQSDVGNKLIENLIVYVPTDDDRLYIDKKQFPKFNSVLVYRHEHDVNIDSRSPKKT
ASATIVYWNPLVPITEIGAGETRVFSVLLTNNLFYCNTMIVHHENPKCPIEFTYPETDMQSACSALLKNRNGQSVPPPIK
SNLRPIACEIPLSHFKELVESNDFLLCFNLETSTMVKILSLKRIFCIFQYRKQPARYVINLPHEEIDNLYNKLNWERTRR
LMKGDVPSNCATVNRSSLKYIKQAQSLLGIPDYSQTVVDFVKMFQKIIFPYQLVPNVIIKLNNFDQMVSSAPNKAEPYKK
IRLFCKNDSIAISSSGIVPINMPDFSPPNTFDYSDYANRTNINFVTQRVLTDGGFSSGITVTPVKYNYYL
;
L
#
loop_
_chem_comp.id
_chem_comp.type
_chem_comp.name
_chem_comp.formula
ZN non-polymer 'ZINC ION' 'Zn 2'
#
# COMPACT_ATOMS: atom_id res chain seq x y z
N ASN A 7 -44.22 6.21 25.99
CA ASN A 7 -44.36 7.25 27.01
C ASN A 7 -43.13 7.31 27.91
N LYS A 8 -43.20 6.63 29.06
CA LYS A 8 -42.13 6.66 30.05
C LYS A 8 -42.00 5.28 30.67
N VAL A 9 -40.86 5.06 31.35
CA VAL A 9 -40.59 3.83 32.07
C VAL A 9 -39.73 4.20 33.28
N ARG A 10 -39.49 3.22 34.14
CA ARG A 10 -38.61 3.44 35.27
C ARG A 10 -37.93 2.13 35.65
N THR A 11 -36.78 2.24 36.29
CA THR A 11 -35.98 1.11 36.71
C THR A 11 -35.65 1.25 38.18
N VAL A 12 -35.46 0.11 38.84
CA VAL A 12 -35.12 0.06 40.25
C VAL A 12 -33.91 -0.83 40.42
N THR A 13 -32.87 -0.29 41.04
CA THR A 13 -31.68 -1.04 41.42
C THR A 13 -31.74 -1.36 42.90
N GLU A 14 -31.34 -2.57 43.26
CA GLU A 14 -31.35 -2.98 44.66
C GLU A 14 -30.37 -4.12 44.84
N ILE A 15 -29.72 -4.14 45.98
CA ILE A 15 -28.81 -5.23 46.34
C ILE A 15 -29.63 -6.33 46.98
N VAL A 16 -29.18 -7.58 46.78
CA VAL A 16 -29.96 -8.73 47.26
C VAL A 16 -30.13 -8.66 48.77
N ASN A 17 -29.04 -8.42 49.49
CA ASN A 17 -29.08 -8.44 50.94
C ASN A 17 -29.61 -7.16 51.56
N SER A 18 -29.67 -6.07 50.80
CA SER A 18 -30.09 -4.78 51.31
C SER A 18 -31.44 -4.39 50.73
N ASP A 19 -32.12 -3.50 51.44
CA ASP A 19 -33.41 -2.97 51.02
C ASP A 19 -33.31 -1.54 50.50
N GLU A 20 -32.13 -0.93 50.54
CA GLU A 20 -31.97 0.41 50.00
C GLU A 20 -31.99 0.33 48.47
N LYS A 21 -33.07 0.82 47.87
CA LYS A 21 -33.28 0.73 46.44
C LYS A 21 -33.22 2.12 45.82
N ILE A 22 -32.69 2.20 44.61
CA ILE A 22 -32.53 3.43 43.88
C ILE A 22 -33.42 3.35 42.65
N GLN A 23 -34.34 4.30 42.51
CA GLN A 23 -35.29 4.31 41.40
C GLN A 23 -34.96 5.46 40.46
N LYS A 24 -34.91 5.17 39.17
CA LYS A 24 -34.69 6.17 38.15
C LYS A 24 -35.82 6.08 37.13
N THR A 25 -36.13 7.20 36.51
CA THR A 25 -37.19 7.29 35.51
C THR A 25 -36.60 7.72 34.17
N TYR A 26 -37.13 7.14 33.10
CA TYR A 26 -36.70 7.44 31.75
C TYR A 26 -37.91 7.87 30.92
N GLU A 27 -37.70 8.88 30.08
CA GLU A 27 -38.72 9.33 29.15
C GLU A 27 -38.39 8.77 27.77
N LEU A 28 -39.29 7.97 27.23
CA LEU A 28 -39.00 7.24 25.99
C LEU A 28 -38.89 8.16 24.78
N ALA A 29 -39.26 9.43 24.91
CA ALA A 29 -39.21 10.32 23.76
C ALA A 29 -37.81 10.37 23.15
N GLU A 30 -36.78 10.29 23.99
CA GLU A 30 -35.41 10.33 23.48
C GLU A 30 -35.14 9.14 22.57
N PHE A 31 -35.49 7.93 23.04
CA PHE A 31 -35.30 6.75 22.20
C PHE A 31 -36.18 6.80 20.96
N ASP A 32 -37.36 7.39 21.07
CA ASP A 32 -38.22 7.56 19.91
C ASP A 32 -37.54 8.43 18.87
N LEU A 33 -36.92 9.52 19.31
CA LEU A 33 -36.18 10.38 18.40
C LEU A 33 -35.03 9.63 17.76
N LYS A 34 -34.29 8.86 18.56
CA LYS A 34 -33.21 8.06 18.00
C LYS A 34 -33.72 7.15 16.90
N ASN A 35 -34.80 6.42 17.19
CA ASN A 35 -35.34 5.47 16.23
C ASN A 35 -35.81 6.17 14.97
N LEU A 36 -36.53 7.29 15.12
CA LEU A 36 -37.05 8.00 13.96
C LEU A 36 -35.91 8.52 13.10
N SER A 37 -34.89 9.10 13.72
CA SER A 37 -33.76 9.59 12.94
C SER A 37 -33.07 8.45 12.21
N SER A 38 -32.88 7.32 12.89
CA SER A 38 -32.24 6.19 12.25
C SER A 38 -33.04 5.72 11.04
N LEU A 39 -34.36 5.59 11.20
CA LEU A 39 -35.19 5.12 10.10
C LEU A 39 -35.18 6.11 8.94
N GLU A 40 -35.27 7.41 9.25
CA GLU A 40 -35.26 8.41 8.20
C GLU A 40 -33.95 8.35 7.42
N SER A 41 -32.83 8.27 8.13
CA SER A 41 -31.53 8.20 7.45
C SER A 41 -31.45 6.95 6.60
N TYR A 42 -31.90 5.82 7.12
CA TYR A 42 -31.80 4.56 6.39
C TYR A 42 -32.63 4.63 5.10
N GLU A 43 -33.85 5.14 5.20
CA GLU A 43 -34.70 5.24 4.03
C GLU A 43 -34.13 6.21 3.01
N THR A 44 -33.63 7.35 3.47
CA THR A 44 -33.00 8.29 2.56
C THR A 44 -31.85 7.64 1.83
N LEU A 45 -31.01 6.90 2.56
CA LEU A 45 -29.88 6.24 1.93
C LEU A 45 -30.33 5.24 0.90
N LYS A 46 -31.36 4.44 1.22
CA LYS A 46 -31.84 3.45 0.27
C LYS A 46 -32.34 4.12 -1.01
N ILE A 47 -33.14 5.17 -0.87
CA ILE A 47 -33.72 5.81 -2.03
C ILE A 47 -32.62 6.46 -2.87
N LYS A 48 -31.66 7.12 -2.23
CA LYS A 48 -30.59 7.73 -2.98
C LYS A 48 -29.74 6.68 -3.68
N LEU A 49 -29.53 5.53 -3.04
CA LEU A 49 -28.82 4.44 -3.67
C LEU A 49 -29.55 3.97 -4.92
N ALA A 50 -30.86 3.79 -4.82
CA ALA A 50 -31.62 3.34 -5.98
C ALA A 50 -31.54 4.36 -7.10
N LEU A 51 -31.68 5.65 -6.77
CA LEU A 51 -31.63 6.69 -7.79
C LEU A 51 -30.27 6.72 -8.45
N SER A 52 -29.20 6.61 -7.67
CA SER A 52 -27.86 6.58 -8.24
C SER A 52 -27.69 5.38 -9.15
N LYS A 53 -28.21 4.22 -8.73
CA LYS A 53 -28.11 3.03 -9.56
C LYS A 53 -28.83 3.22 -10.89
N TYR A 54 -30.00 3.83 -10.85
CA TYR A 54 -30.75 4.12 -12.07
C TYR A 54 -29.95 5.03 -12.99
N MET A 55 -29.44 6.13 -12.44
CA MET A 55 -28.62 7.03 -13.24
C MET A 55 -27.42 6.30 -13.83
N ALA A 56 -26.81 5.41 -13.05
CA ALA A 56 -25.61 4.74 -13.49
C ALA A 56 -25.89 3.78 -14.63
N MET A 57 -26.98 3.01 -14.54
CA MET A 57 -27.33 2.12 -15.65
C MET A 57 -27.69 2.91 -16.89
N LEU A 58 -28.39 4.03 -16.74
CA LEU A 58 -28.66 4.86 -17.91
C LEU A 58 -27.37 5.35 -18.53
N SER A 59 -26.39 5.73 -17.72
CA SER A 59 -25.08 6.08 -18.24
C SER A 59 -24.46 4.90 -18.96
N THR A 60 -24.57 3.71 -18.36
CA THR A 60 -24.01 2.51 -18.98
C THR A 60 -24.54 2.34 -20.39
N LEU A 61 -25.82 2.66 -20.60
CA LEU A 61 -26.33 2.67 -21.96
C LEU A 61 -25.53 3.61 -22.85
N GLU A 62 -24.90 4.63 -22.24
CA GLU A 62 -23.97 5.50 -22.95
C GLU A 62 -24.67 6.23 -24.10
N MET A 63 -25.60 7.10 -23.72
CA MET A 63 -26.22 8.03 -24.65
C MET A 63 -25.62 9.41 -24.46
N THR A 64 -25.19 10.02 -25.56
CA THR A 64 -24.44 11.27 -25.48
C THR A 64 -25.25 12.38 -24.83
N GLN A 65 -26.50 12.54 -25.25
CA GLN A 65 -27.29 13.68 -24.80
C GLN A 65 -27.77 13.48 -23.37
N PRO A 66 -28.14 14.56 -22.69
CA PRO A 66 -28.79 14.43 -21.38
C PRO A 66 -30.24 13.96 -21.56
N LEU A 67 -30.84 13.61 -20.43
CA LEU A 67 -32.15 12.97 -20.46
C LEU A 67 -33.19 13.85 -21.14
N LEU A 68 -33.28 15.12 -20.73
CA LEU A 68 -34.31 16.00 -21.29
C LEU A 68 -34.10 16.20 -22.79
N GLU A 69 -32.84 16.38 -23.21
CA GLU A 69 -32.57 16.51 -24.63
C GLU A 69 -32.97 15.26 -25.38
N ILE A 70 -32.71 14.09 -24.79
CA ILE A 70 -33.12 12.83 -25.41
C ILE A 70 -34.62 12.84 -25.65
N PHE A 71 -35.38 13.16 -24.62
CA PHE A 71 -36.83 13.14 -24.77
C PHE A 71 -37.33 14.25 -25.69
N ARG A 72 -36.58 15.33 -25.83
CA ARG A 72 -36.97 16.37 -26.77
C ARG A 72 -36.69 15.96 -28.21
N ASN A 73 -35.67 15.15 -28.45
CA ASN A 73 -35.33 14.72 -29.80
C ASN A 73 -36.35 13.69 -30.26
N LYS A 74 -37.41 14.18 -30.89
CA LYS A 74 -38.48 13.29 -31.33
C LYS A 74 -37.98 12.26 -32.34
N ALA A 75 -36.98 12.61 -33.13
CA ALA A 75 -36.54 11.72 -34.20
C ALA A 75 -36.00 10.40 -33.66
N ASP A 76 -35.20 10.46 -32.59
CA ASP A 76 -34.47 9.29 -32.11
C ASP A 76 -35.35 8.47 -31.18
N THR A 77 -36.35 7.82 -31.78
CA THR A 77 -37.22 6.95 -31.00
C THR A 77 -36.44 5.79 -30.38
N ARG A 78 -35.32 5.41 -31.00
CA ARG A 78 -34.52 4.31 -30.47
C ARG A 78 -34.14 4.58 -29.01
N GLN A 79 -33.61 5.76 -28.74
CA GLN A 79 -33.13 6.04 -27.38
C GLN A 79 -34.29 6.14 -26.42
N ILE A 80 -35.41 6.72 -26.85
CA ILE A 80 -36.58 6.80 -25.99
C ILE A 80 -37.01 5.41 -25.58
N ALA A 81 -37.12 4.50 -26.55
CA ALA A 81 -37.52 3.13 -26.24
C ALA A 81 -36.51 2.47 -25.32
N ALA A 82 -35.22 2.66 -25.59
CA ALA A 82 -34.20 2.05 -24.75
C ALA A 82 -34.35 2.51 -23.31
N VAL A 83 -34.50 3.82 -23.11
CA VAL A 83 -34.59 4.36 -21.75
C VAL A 83 -35.84 3.83 -21.07
N VAL A 84 -36.98 3.83 -21.78
CA VAL A 84 -38.22 3.39 -21.17
C VAL A 84 -38.12 1.94 -20.76
N PHE A 85 -37.62 1.09 -21.66
CA PHE A 85 -37.51 -0.33 -21.33
C PHE A 85 -36.54 -0.54 -20.19
N SER A 86 -35.42 0.17 -20.18
CA SER A 86 -34.46 0.01 -19.10
C SER A 86 -35.07 0.38 -17.77
N THR A 87 -35.81 1.49 -17.73
CA THR A 87 -36.48 1.87 -16.49
C THR A 87 -37.49 0.82 -16.07
N LEU A 88 -38.28 0.33 -17.01
CA LEU A 88 -39.30 -0.66 -16.68
C LEU A 88 -38.66 -1.92 -16.14
N ALA A 89 -37.59 -2.38 -16.77
CA ALA A 89 -36.89 -3.57 -16.30
C ALA A 89 -36.27 -3.33 -14.93
N PHE A 90 -35.73 -2.13 -14.71
CA PHE A 90 -35.15 -1.83 -13.40
C PHE A 90 -36.20 -1.91 -12.32
N ILE A 91 -37.37 -1.33 -12.55
CA ILE A 91 -38.45 -1.41 -11.57
C ILE A 91 -38.88 -2.86 -11.39
N HIS A 92 -39.02 -3.58 -12.49
CA HIS A 92 -39.42 -4.98 -12.42
C HIS A 92 -38.46 -5.77 -11.54
N ASN A 93 -37.15 -5.56 -11.74
CA ASN A 93 -36.17 -6.26 -10.92
C ASN A 93 -36.24 -5.80 -9.47
N ARG A 94 -36.41 -4.50 -9.25
CA ARG A 94 -36.54 -3.99 -7.89
C ARG A 94 -37.69 -4.68 -7.17
N PHE A 95 -38.70 -5.12 -7.91
CA PHE A 95 -39.75 -5.93 -7.31
C PHE A 95 -39.42 -7.42 -7.28
N HIS A 96 -38.65 -7.89 -8.24
CA HIS A 96 -38.26 -9.30 -8.36
C HIS A 96 -36.77 -9.33 -8.59
N PRO A 97 -35.95 -9.17 -7.54
CA PRO A 97 -34.50 -9.01 -7.76
C PRO A 97 -33.90 -10.14 -8.58
N LEU A 98 -34.48 -11.32 -8.56
CA LEU A 98 -33.93 -12.44 -9.30
C LEU A 98 -34.12 -12.31 -10.81
N VAL A 99 -34.90 -11.34 -11.26
CA VAL A 99 -35.17 -11.14 -12.69
C VAL A 99 -34.23 -10.08 -13.21
N THR A 100 -33.52 -10.39 -14.28
CA THR A 100 -32.62 -9.44 -14.92
C THR A 100 -32.96 -9.22 -16.40
N ASN A 101 -34.02 -9.83 -16.90
CA ASN A 101 -34.48 -9.62 -18.26
C ASN A 101 -36.00 -9.45 -18.20
N PHE A 102 -36.64 -9.43 -19.37
CA PHE A 102 -38.08 -9.25 -19.43
C PHE A 102 -38.75 -10.36 -20.24
N THR A 103 -38.03 -11.44 -20.55
CA THR A 103 -38.62 -12.56 -21.27
C THR A 103 -39.22 -12.09 -22.60
N ASN A 104 -40.55 -12.17 -22.73
CA ASN A 104 -41.23 -11.80 -23.97
C ASN A 104 -40.69 -10.49 -24.51
N LYS A 105 -40.43 -10.47 -25.82
CA LYS A 105 -40.00 -9.24 -26.46
C LYS A 105 -41.07 -8.16 -26.27
N MET A 106 -40.67 -6.91 -26.45
CA MET A 106 -41.53 -5.77 -26.18
C MET A 106 -41.54 -4.85 -27.39
N GLU A 107 -42.73 -4.35 -27.74
CA GLU A 107 -42.86 -3.34 -28.77
C GLU A 107 -42.99 -1.97 -28.12
N PHE A 108 -42.73 -0.93 -28.92
CA PHE A 108 -42.80 0.43 -28.40
C PHE A 108 -43.33 1.35 -29.48
N VAL A 109 -44.14 2.32 -29.06
CA VAL A 109 -44.65 3.35 -29.95
C VAL A 109 -44.65 4.67 -29.18
N VAL A 110 -44.38 5.76 -29.88
CA VAL A 110 -44.27 7.08 -29.29
C VAL A 110 -45.35 7.95 -29.90
N THR A 111 -46.45 8.13 -29.16
CA THR A 111 -47.52 9.00 -29.63
C THR A 111 -47.00 10.43 -29.79
N GLU A 112 -47.77 11.23 -30.53
CA GLU A 112 -47.35 12.60 -30.82
C GLU A 112 -48.50 13.60 -30.79
N THR A 113 -49.69 13.20 -30.33
CA THR A 113 -50.85 14.09 -30.39
C THR A 113 -51.76 13.80 -29.21
N ASN A 114 -52.56 14.80 -28.85
CA ASN A 114 -53.50 14.65 -27.75
C ASN A 114 -54.52 13.56 -28.05
N ASP A 115 -55.04 13.55 -29.27
CA ASP A 115 -55.99 12.51 -29.68
C ASP A 115 -55.33 11.14 -29.74
N THR A 116 -54.01 11.06 -29.57
CA THR A 116 -53.33 9.78 -29.44
C THR A 116 -52.90 9.47 -28.02
N SER A 117 -52.85 10.48 -27.15
CA SER A 117 -52.43 10.31 -25.77
C SER A 117 -53.64 10.20 -24.86
N ILE A 118 -53.44 9.53 -23.73
CA ILE A 118 -54.46 9.37 -22.69
C ILE A 118 -54.02 10.16 -21.47
N PRO A 119 -54.82 11.09 -20.97
CA PRO A 119 -54.42 11.83 -19.76
C PRO A 119 -54.21 10.88 -18.59
N GLY A 120 -53.21 11.20 -17.77
CA GLY A 120 -53.00 10.51 -16.52
C GLY A 120 -52.28 9.18 -16.63
N GLU A 121 -51.94 8.74 -17.83
CA GLU A 121 -51.19 7.49 -18.03
C GLU A 121 -50.28 7.68 -19.22
N PRO A 122 -49.23 8.51 -19.08
CA PRO A 122 -48.35 8.75 -20.23
C PRO A 122 -47.75 7.50 -20.81
N ILE A 123 -47.46 6.51 -19.96
CA ILE A 123 -46.93 5.22 -20.40
C ILE A 123 -48.01 4.18 -20.15
N LEU A 124 -48.33 3.41 -21.18
CA LEU A 124 -49.36 2.39 -21.04
C LEU A 124 -48.99 1.18 -21.87
N PHE A 125 -49.79 0.12 -21.77
CA PHE A 125 -49.49 -1.14 -22.42
C PHE A 125 -50.74 -1.71 -23.09
N THR A 126 -50.53 -2.42 -24.18
CA THR A 126 -51.61 -3.10 -24.88
C THR A 126 -51.01 -4.17 -25.77
N GLU A 127 -51.56 -5.38 -25.73
CA GLU A 127 -51.04 -6.43 -26.57
C GLU A 127 -51.65 -6.38 -27.95
N ASN A 128 -50.85 -6.76 -28.95
CA ASN A 128 -51.35 -6.95 -30.30
C ASN A 128 -51.87 -8.36 -30.51
N GLU A 129 -52.27 -9.04 -29.45
CA GLU A 129 -52.76 -10.41 -29.41
C GLU A 129 -51.60 -11.40 -29.53
N GLY A 130 -50.36 -10.94 -29.72
CA GLY A 130 -49.23 -11.84 -29.75
C GLY A 130 -48.11 -11.40 -28.83
N VAL A 131 -48.03 -10.09 -28.56
CA VAL A 131 -46.93 -9.53 -27.77
C VAL A 131 -47.32 -8.15 -27.29
N LEU A 132 -46.73 -7.71 -26.19
CA LEU A 132 -47.12 -6.45 -25.56
C LEU A 132 -46.41 -5.27 -26.19
N LEU A 133 -47.16 -4.18 -26.38
CA LEU A 133 -46.66 -2.94 -26.92
C LEU A 133 -46.81 -1.85 -25.87
N CYS A 134 -45.76 -1.08 -25.67
CA CYS A 134 -45.73 0.02 -24.71
C CYS A 134 -45.92 1.33 -25.47
N SER A 135 -46.95 2.08 -25.11
CA SER A 135 -47.22 3.38 -25.69
C SER A 135 -46.65 4.47 -24.78
N VAL A 136 -45.98 5.44 -25.41
CA VAL A 136 -45.24 6.49 -24.74
C VAL A 136 -45.78 7.83 -25.22
N ASP A 137 -46.07 8.72 -24.28
CA ASP A 137 -46.49 10.09 -24.61
C ASP A 137 -45.29 11.01 -24.46
N ARG A 138 -44.41 10.95 -25.46
CA ARG A 138 -43.20 11.77 -25.41
C ARG A 138 -43.48 13.24 -25.19
N PRO A 139 -44.48 13.86 -25.82
CA PRO A 139 -44.78 15.26 -25.48
C PRO A 139 -45.06 15.46 -24.00
N SER A 140 -45.83 14.56 -23.38
CA SER A 140 -46.11 14.69 -21.96
C SER A 140 -44.85 14.50 -21.14
N ILE A 141 -44.01 13.55 -21.51
CA ILE A 141 -42.75 13.34 -20.79
C ILE A 141 -41.92 14.61 -20.84
N VAL A 142 -41.81 15.20 -22.03
CA VAL A 142 -41.03 16.42 -22.18
C VAL A 142 -41.63 17.53 -21.33
N LYS A 143 -42.96 17.64 -21.33
CA LYS A 143 -43.59 18.71 -20.55
C LYS A 143 -43.29 18.54 -19.07
N MET A 144 -43.44 17.32 -18.55
CA MET A 144 -43.13 17.10 -17.14
C MET A 144 -41.69 17.45 -16.84
N LEU A 145 -40.76 16.89 -17.60
CA LEU A 145 -39.35 17.11 -17.28
C LEU A 145 -38.92 18.53 -17.55
N SER A 146 -39.69 19.31 -18.31
CA SER A 146 -39.35 20.69 -18.58
C SER A 146 -39.99 21.67 -17.61
N ARG A 147 -41.07 21.27 -16.94
CA ARG A 147 -41.71 22.17 -15.99
C ARG A 147 -40.68 22.64 -14.97
N GLU A 148 -40.64 23.96 -14.75
CA GLU A 148 -39.66 24.53 -13.84
C GLU A 148 -39.83 23.94 -12.44
N PHE A 149 -38.72 23.57 -11.83
CA PHE A 149 -38.74 22.98 -10.50
C PHE A 149 -38.30 24.00 -9.45
N ASP A 150 -38.80 23.80 -8.23
CA ASP A 150 -38.40 24.62 -7.10
C ASP A 150 -37.22 23.95 -6.42
N THR A 151 -36.07 24.62 -6.42
CA THR A 151 -34.89 24.12 -5.74
C THR A 151 -34.62 24.86 -4.44
N GLU A 152 -35.56 25.68 -3.98
CA GLU A 152 -35.35 26.54 -2.81
C GLU A 152 -36.25 26.17 -1.65
N ALA A 153 -37.57 26.14 -1.86
CA ALA A 153 -38.49 25.99 -0.74
C ALA A 153 -38.30 24.65 -0.05
N LEU A 154 -38.49 24.66 1.26
CA LEU A 154 -38.50 23.43 2.04
C LEU A 154 -39.92 22.86 2.09
N VAL A 155 -40.03 21.63 2.55
CA VAL A 155 -41.29 20.90 2.54
C VAL A 155 -41.50 20.25 3.91
N ASN A 156 -42.74 20.33 4.40
CA ASN A 156 -43.12 19.66 5.63
C ASN A 156 -44.62 19.73 5.85
N ASN A 161 -44.96 17.09 14.94
CA ASN A 161 -44.89 17.68 16.27
C ASN A 161 -43.68 18.61 16.38
N CYS A 162 -43.95 19.85 16.79
CA CYS A 162 -42.89 20.85 16.89
C CYS A 162 -41.83 20.45 17.90
N ASN A 163 -42.22 19.78 18.99
CA ASN A 163 -41.24 19.38 20.00
C ASN A 163 -40.20 18.45 19.40
N VAL A 164 -40.64 17.38 18.74
CA VAL A 164 -39.68 16.46 18.13
C VAL A 164 -38.96 17.13 16.98
N ARG A 165 -39.62 18.05 16.27
CA ARG A 165 -38.92 18.78 15.22
C ARG A 165 -37.72 19.54 15.79
N ILE A 166 -37.93 20.25 16.89
CA ILE A 166 -36.84 20.99 17.53
C ILE A 166 -35.79 20.02 18.03
N ALA A 167 -36.21 18.91 18.63
CA ALA A 167 -35.25 17.94 19.15
C ALA A 167 -34.37 17.41 18.04
N LYS A 168 -34.97 17.07 16.89
CA LYS A 168 -34.17 16.62 15.76
C LYS A 168 -33.25 17.73 15.27
N THR A 169 -33.76 18.96 15.20
CA THR A 169 -32.93 20.07 14.76
C THR A 169 -31.67 20.17 15.61
N PHE A 170 -31.82 20.03 16.92
CA PHE A 170 -30.69 20.21 17.81
C PHE A 170 -29.85 18.95 17.98
N GLY A 171 -30.38 17.78 17.61
CA GLY A 171 -29.61 16.56 17.73
C GLY A 171 -28.84 16.21 16.47
N ALA A 172 -29.54 16.16 15.35
CA ALA A 172 -28.91 15.84 14.08
C ALA A 172 -27.93 16.95 13.69
N SER A 173 -26.89 16.55 12.96
CA SER A 173 -25.86 17.47 12.49
C SER A 173 -26.05 17.75 11.00
N LYS A 174 -25.23 18.67 10.50
CA LYS A 174 -25.22 19.01 9.09
C LYS A 174 -23.80 19.20 8.63
N ARG A 175 -23.56 18.93 7.35
CA ARG A 175 -22.26 19.12 6.72
C ARG A 175 -22.36 20.26 5.73
N LYS A 176 -21.49 21.26 5.88
CA LYS A 176 -21.48 22.41 5.00
C LYS A 176 -20.53 22.19 3.84
N ASP A 198 -17.92 16.47 -10.49
CA ASP A 198 -17.75 16.86 -11.89
C ASP A 198 -18.89 16.31 -12.74
N PHE A 199 -20.07 16.23 -12.16
CA PHE A 199 -21.25 15.72 -12.85
C PHE A 199 -22.18 16.87 -13.20
N SER A 200 -22.75 16.81 -14.40
CA SER A 200 -23.68 17.84 -14.85
C SER A 200 -24.96 17.85 -14.03
N ILE A 201 -25.16 16.88 -13.14
CA ILE A 201 -26.42 16.72 -12.44
C ILE A 201 -26.56 17.82 -11.40
N THR A 202 -27.65 18.57 -11.47
CA THR A 202 -28.08 19.40 -10.36
C THR A 202 -29.31 18.75 -9.73
N GLU A 203 -29.81 19.37 -8.67
CA GLU A 203 -31.05 18.89 -8.08
C GLU A 203 -32.16 18.84 -9.13
N VAL A 204 -32.10 19.70 -10.13
CA VAL A 204 -33.10 19.68 -11.19
C VAL A 204 -33.05 18.37 -11.95
N GLU A 205 -31.86 17.93 -12.34
CA GLU A 205 -31.75 16.68 -13.09
C GLU A 205 -32.09 15.49 -12.20
N ALA A 206 -31.72 15.54 -10.93
CA ALA A 206 -32.12 14.48 -10.04
C ALA A 206 -33.63 14.40 -9.95
N THR A 207 -34.29 15.55 -9.88
CA THR A 207 -35.75 15.59 -9.87
C THR A 207 -36.32 15.00 -11.15
N GLN A 208 -35.71 15.32 -12.29
CA GLN A 208 -36.16 14.76 -13.55
C GLN A 208 -36.10 13.25 -13.51
N TYR A 209 -34.97 12.71 -13.06
CA TYR A 209 -34.81 11.27 -13.01
C TYR A 209 -35.85 10.64 -12.07
N LEU A 210 -36.07 11.28 -10.91
CA LEU A 210 -37.05 10.74 -9.98
C LEU A 210 -38.45 10.76 -10.58
N THR A 211 -38.81 11.83 -11.27
CA THR A 211 -40.12 11.90 -11.89
C THR A 211 -40.29 10.80 -12.92
N LEU A 212 -39.27 10.60 -13.75
CA LEU A 212 -39.34 9.53 -14.74
C LEU A 212 -39.49 8.18 -14.07
N LEU A 213 -38.72 7.95 -13.01
CA LEU A 213 -38.82 6.67 -12.30
C LEU A 213 -40.21 6.46 -11.75
N LEU A 214 -40.80 7.49 -11.15
CA LEU A 214 -42.13 7.35 -10.58
C LEU A 214 -43.17 7.08 -11.65
N THR A 215 -43.07 7.79 -12.78
CA THR A 215 -44.03 7.56 -13.86
C THR A 215 -43.92 6.13 -14.36
N VAL A 216 -42.70 5.65 -14.58
CA VAL A 216 -42.53 4.30 -15.07
C VAL A 216 -42.97 3.30 -14.01
N GLU A 217 -42.83 3.63 -12.73
CA GLU A 217 -43.32 2.75 -11.68
C GLU A 217 -44.83 2.63 -11.74
N HIS A 218 -45.52 3.74 -11.93
CA HIS A 218 -46.97 3.70 -12.07
C HIS A 218 -47.35 2.85 -13.27
N ALA A 219 -46.68 3.06 -14.40
CA ALA A 219 -46.98 2.27 -15.59
C ALA A 219 -46.70 0.79 -15.32
N TYR A 220 -45.63 0.49 -14.60
CA TYR A 220 -45.29 -0.89 -14.31
C TYR A 220 -46.35 -1.54 -13.43
N LEU A 221 -46.88 -0.80 -12.47
CA LEU A 221 -47.96 -1.36 -11.66
C LEU A 221 -49.16 -1.67 -12.53
N HIS A 222 -49.52 -0.75 -13.43
CA HIS A 222 -50.61 -1.03 -14.35
C HIS A 222 -50.33 -2.30 -15.16
N TYR A 223 -49.10 -2.42 -15.66
CA TYR A 223 -48.75 -3.57 -16.49
C TYR A 223 -48.76 -4.86 -15.69
N TYR A 224 -48.32 -4.81 -14.43
CA TYR A 224 -48.34 -5.97 -13.58
C TYR A 224 -49.77 -6.45 -13.36
N ILE A 225 -50.66 -5.52 -13.02
CA ILE A 225 -52.05 -5.87 -12.86
C ILE A 225 -52.60 -6.48 -14.15
N PHE A 226 -52.24 -5.88 -15.28
CA PHE A 226 -52.65 -6.43 -16.57
C PHE A 226 -52.21 -7.87 -16.72
N LYS A 227 -50.89 -8.11 -16.65
CA LYS A 227 -50.36 -9.43 -16.92
C LYS A 227 -50.97 -10.47 -15.99
N ASN A 228 -51.15 -10.12 -14.72
CA ASN A 228 -51.55 -11.11 -13.72
C ASN A 228 -53.03 -11.13 -13.43
N TYR A 229 -53.83 -10.30 -14.10
CA TYR A 229 -55.27 -10.28 -13.84
C TYR A 229 -56.11 -10.06 -15.08
N GLY A 230 -55.53 -10.03 -16.28
CA GLY A 230 -56.31 -9.93 -17.49
C GLY A 230 -56.52 -8.50 -17.95
N VAL A 231 -56.82 -8.37 -19.25
CA VAL A 231 -56.96 -7.05 -19.85
C VAL A 231 -58.17 -6.32 -19.27
N PHE A 232 -59.24 -7.04 -18.95
CA PHE A 232 -60.39 -6.37 -18.34
C PHE A 232 -60.02 -5.77 -17.00
N GLU A 233 -59.28 -6.50 -16.18
CA GLU A 233 -58.82 -5.95 -14.91
C GLU A 233 -57.88 -4.77 -15.14
N TYR A 234 -57.05 -4.85 -16.17
CA TYR A 234 -56.17 -3.73 -16.50
C TYR A 234 -56.98 -2.47 -16.82
N CYS A 235 -58.01 -2.63 -17.63
CA CYS A 235 -58.87 -1.51 -17.97
C CYS A 235 -59.57 -0.97 -16.74
N LYS A 236 -60.06 -1.86 -15.88
CA LYS A 236 -60.71 -1.41 -14.66
C LYS A 236 -59.74 -0.64 -13.78
N SER A 237 -58.49 -1.09 -13.70
CA SER A 237 -57.49 -0.37 -12.92
C SER A 237 -57.26 1.02 -13.49
N LEU A 238 -57.09 1.10 -14.80
CA LEU A 238 -56.97 2.40 -15.46
C LEU A 238 -58.12 3.31 -15.07
N THR A 239 -59.35 2.77 -15.10
CA THR A 239 -60.50 3.56 -14.69
C THR A 239 -60.39 3.99 -13.25
N ASP A 240 -60.06 3.06 -12.36
CA ASP A 240 -59.88 3.31 -10.95
C ASP A 240 -58.64 2.56 -10.46
N HIS A 241 -57.64 3.33 -10.05
CA HIS A 241 -56.41 2.80 -9.48
C HIS A 241 -56.61 2.16 -8.10
N SER A 242 -57.75 2.38 -7.46
CA SER A 242 -57.93 1.87 -6.10
C SER A 242 -57.75 0.36 -6.03
N LEU A 243 -58.12 -0.35 -7.09
CA LEU A 243 -57.96 -1.80 -7.11
C LEU A 243 -56.51 -2.19 -6.85
N PHE A 244 -55.58 -1.32 -7.23
CA PHE A 244 -54.16 -1.53 -6.98
C PHE A 244 -53.98 -2.04 -5.56
N THR A 245 -54.73 -1.46 -4.60
CA THR A 245 -54.55 -1.83 -3.20
C THR A 245 -54.42 -3.33 -3.03
N ASN A 246 -55.50 -4.06 -3.32
CA ASN A 246 -55.47 -5.51 -3.14
C ASN A 246 -54.59 -6.16 -4.19
N LYS A 247 -54.79 -5.78 -5.47
CA LYS A 247 -54.16 -6.51 -6.56
C LYS A 247 -52.65 -6.51 -6.43
N LEU A 248 -52.11 -5.54 -5.70
CA LEU A 248 -50.67 -5.44 -5.47
C LEU A 248 -50.30 -5.87 -4.06
N ARG A 249 -50.84 -5.23 -3.03
CA ARG A 249 -50.46 -5.57 -1.67
C ARG A 249 -50.52 -7.06 -1.42
N SER A 250 -51.29 -7.82 -2.22
CA SER A 250 -51.25 -9.26 -2.06
C SER A 250 -49.83 -9.82 -2.21
N THR A 251 -48.97 -9.12 -2.96
CA THR A 251 -47.64 -9.63 -3.26
C THR A 251 -46.54 -8.61 -3.00
N MET A 252 -46.86 -7.33 -3.17
CA MET A 252 -45.85 -6.28 -3.13
C MET A 252 -45.36 -6.04 -1.71
N SER A 253 -46.28 -5.66 -0.82
CA SER A 253 -45.90 -5.31 0.54
C SER A 253 -45.21 -6.45 1.27
N THR A 254 -45.41 -7.70 0.81
CA THR A 254 -44.88 -8.85 1.50
C THR A 254 -43.48 -9.22 1.00
N LYS A 255 -43.32 -9.38 -0.32
CA LYS A 255 -42.10 -9.92 -0.89
C LYS A 255 -41.21 -8.88 -1.57
N THR A 256 -41.75 -7.71 -1.90
CA THR A 256 -41.06 -6.77 -2.77
C THR A 256 -40.71 -5.50 -1.99
N SER A 257 -39.68 -4.80 -2.49
CA SER A 257 -39.33 -3.51 -1.92
C SER A 257 -40.51 -2.57 -2.04
N ASN A 258 -40.73 -1.77 -1.00
CA ASN A 258 -41.86 -0.87 -0.99
C ASN A 258 -41.79 0.09 -2.16
N LEU A 259 -42.95 0.64 -2.51
CA LEU A 259 -43.02 1.60 -3.60
C LEU A 259 -42.17 2.83 -3.27
N LEU A 260 -41.63 3.45 -4.31
CA LEU A 260 -40.86 4.67 -4.09
C LEU A 260 -41.69 5.71 -3.36
N LEU A 261 -42.95 5.87 -3.75
CA LEU A 261 -43.81 6.85 -3.10
C LEU A 261 -43.96 6.57 -1.62
N SER A 262 -43.76 5.31 -1.21
CA SER A 262 -43.87 4.96 0.19
C SER A 262 -42.98 5.83 1.07
N LYS A 263 -41.96 6.47 0.50
CA LYS A 263 -41.09 7.29 1.33
C LYS A 263 -41.86 8.40 2.02
N PHE A 264 -42.95 8.89 1.43
CA PHE A 264 -43.71 9.98 2.03
C PHE A 264 -45.19 9.72 1.86
N LYS A 265 -45.97 10.36 2.73
CA LYS A 265 -47.41 10.39 2.59
C LYS A 265 -47.79 11.64 1.81
N PHE A 266 -48.44 11.44 0.67
CA PHE A 266 -48.79 12.54 -0.22
C PHE A 266 -50.28 12.85 -0.08
N THR A 267 -50.63 14.10 -0.33
CA THR A 267 -52.02 14.52 -0.24
C THR A 267 -52.21 15.77 -1.09
N ILE A 268 -53.45 15.95 -1.54
CA ILE A 268 -53.81 17.10 -2.36
C ILE A 268 -54.22 18.23 -1.44
N GLU A 269 -53.62 19.39 -1.64
CA GLU A 269 -53.96 20.57 -0.84
C GLU A 269 -55.45 20.86 -0.97
N ASP A 270 -56.10 21.12 0.17
CA ASP A 270 -57.53 21.44 0.20
C ASP A 270 -58.35 20.34 -0.46
N PHE A 271 -58.00 19.09 -0.16
CA PHE A 271 -58.61 17.96 -0.84
C PHE A 271 -60.11 17.91 -0.59
N ASP A 272 -60.54 18.16 0.65
CA ASP A 272 -61.95 18.03 1.00
C ASP A 272 -62.78 19.08 0.27
N LYS A 273 -62.36 20.35 0.33
CA LYS A 273 -63.10 21.39 -0.37
C LYS A 273 -63.10 21.15 -1.87
N ILE A 274 -61.96 20.69 -2.41
CA ILE A 274 -61.91 20.41 -3.84
C ILE A 274 -62.91 19.32 -4.21
N ASN A 275 -62.98 18.26 -3.39
CA ASN A 275 -63.96 17.22 -3.64
C ASN A 275 -65.38 17.77 -3.60
N SER A 276 -65.67 18.62 -2.60
CA SER A 276 -66.99 19.23 -2.52
C SER A 276 -67.29 20.05 -3.76
N ASN A 277 -66.26 20.64 -4.37
CA ASN A 277 -66.44 21.43 -5.57
C ASN A 277 -66.97 20.56 -6.71
N SER B 38 -23.65 -3.68 58.95
CA SER B 38 -22.54 -4.37 59.58
C SER B 38 -22.21 -5.65 58.83
N LEU B 39 -23.08 -6.66 58.96
CA LEU B 39 -22.93 -7.85 58.13
C LEU B 39 -22.93 -7.46 56.66
N GLU B 40 -24.03 -6.85 56.21
CA GLU B 40 -24.09 -6.30 54.87
C GLU B 40 -22.84 -5.49 54.55
N SER B 41 -22.29 -4.80 55.53
CA SER B 41 -21.02 -4.09 55.30
C SER B 41 -19.90 -5.08 55.01
N TYR B 42 -19.91 -6.24 55.68
CA TYR B 42 -18.88 -7.24 55.40
C TYR B 42 -19.01 -7.78 53.99
N GLU B 43 -20.25 -8.06 53.54
CA GLU B 43 -20.42 -8.47 52.15
C GLU B 43 -20.00 -7.35 51.20
N THR B 44 -20.27 -6.10 51.56
CA THR B 44 -19.80 -4.97 50.76
C THR B 44 -18.28 -4.98 50.67
N LEU B 45 -17.62 -5.26 51.78
CA LEU B 45 -16.16 -5.34 51.79
C LEU B 45 -15.68 -6.47 50.90
N LYS B 46 -16.36 -7.61 50.93
CA LYS B 46 -15.99 -8.72 50.06
C LYS B 46 -16.14 -8.34 48.60
N ILE B 47 -17.22 -7.65 48.26
CA ILE B 47 -17.44 -7.23 46.88
C ILE B 47 -16.36 -6.24 46.45
N LYS B 48 -16.03 -5.30 47.32
CA LYS B 48 -14.97 -4.35 47.00
C LYS B 48 -13.62 -5.06 46.90
N LEU B 49 -13.41 -6.11 47.67
CA LEU B 49 -12.20 -6.91 47.53
C LEU B 49 -12.16 -7.60 46.17
N ALA B 50 -13.30 -8.10 45.70
CA ALA B 50 -13.34 -8.69 44.36
C ALA B 50 -13.00 -7.64 43.31
N LEU B 51 -13.56 -6.44 43.46
CA LEU B 51 -13.20 -5.37 42.55
C LEU B 51 -11.71 -5.07 42.61
N SER B 52 -11.14 -5.08 43.82
CA SER B 52 -9.71 -4.85 43.97
C SER B 52 -8.89 -5.94 43.29
N LYS B 53 -9.36 -7.18 43.34
CA LYS B 53 -8.69 -8.25 42.61
C LYS B 53 -8.73 -7.99 41.11
N TYR B 54 -9.88 -7.55 40.61
CA TYR B 54 -9.96 -7.14 39.22
C TYR B 54 -8.96 -6.01 38.95
N MET B 55 -8.76 -5.15 39.93
CA MET B 55 -7.78 -4.07 39.78
C MET B 55 -6.38 -4.64 39.67
N ALA B 56 -6.07 -5.65 40.48
CA ALA B 56 -4.78 -6.32 40.40
C ALA B 56 -4.59 -6.93 39.03
N MET B 57 -5.65 -7.52 38.47
CA MET B 57 -5.56 -8.04 37.11
C MET B 57 -5.26 -6.92 36.12
N LEU B 58 -5.93 -5.77 36.27
CA LEU B 58 -5.67 -4.65 35.39
C LEU B 58 -4.22 -4.18 35.50
N SER B 59 -3.72 -4.07 36.72
CA SER B 59 -2.33 -3.66 36.90
C SER B 59 -1.38 -4.68 36.28
N THR B 60 -1.68 -5.97 36.44
CA THR B 60 -0.89 -7.00 35.78
C THR B 60 -0.85 -6.76 34.29
N LEU B 61 -2.00 -6.44 33.68
CA LEU B 61 -2.01 -6.04 32.29
C LEU B 61 -1.14 -4.81 32.07
N GLU B 62 -1.05 -3.93 33.06
CA GLU B 62 -0.18 -2.77 33.02
C GLU B 62 -0.49 -1.89 31.80
N MET B 63 -1.70 -1.35 31.80
CA MET B 63 -2.11 -0.40 30.77
C MET B 63 -1.77 1.01 31.21
N THR B 64 -1.15 1.77 30.32
CA THR B 64 -0.84 3.17 30.63
C THR B 64 -2.11 4.01 30.77
N GLN B 65 -3.08 3.77 29.91
CA GLN B 65 -4.29 4.58 29.85
C GLN B 65 -5.41 3.96 30.66
N PRO B 66 -6.38 4.76 31.10
CA PRO B 66 -7.58 4.18 31.70
C PRO B 66 -8.39 3.45 30.65
N LEU B 67 -9.20 2.48 31.12
CA LEU B 67 -9.96 1.67 30.17
C LEU B 67 -10.83 2.54 29.28
N LEU B 68 -11.32 3.68 29.79
CA LEU B 68 -12.10 4.57 28.95
C LEU B 68 -11.30 5.02 27.74
N GLU B 69 -10.07 5.50 27.97
CA GLU B 69 -9.24 5.92 26.84
C GLU B 69 -8.84 4.74 25.97
N ILE B 70 -8.59 3.58 26.58
CA ILE B 70 -8.22 2.40 25.80
C ILE B 70 -9.33 2.08 24.80
N PHE B 71 -10.58 2.03 25.29
CA PHE B 71 -11.70 1.73 24.41
C PHE B 71 -11.92 2.85 23.41
N ARG B 72 -11.71 4.10 23.82
CA ARG B 72 -11.86 5.21 22.88
C ARG B 72 -10.85 5.10 21.76
N ASN B 73 -9.67 4.54 22.03
CA ASN B 73 -8.61 4.40 21.02
C ASN B 73 -8.84 3.10 20.27
N LYS B 74 -9.37 3.21 19.04
CA LYS B 74 -9.62 2.03 18.23
C LYS B 74 -8.32 1.31 17.89
N ALA B 75 -7.25 2.06 17.67
CA ALA B 75 -5.98 1.45 17.31
C ALA B 75 -5.49 0.47 18.36
N ASP B 76 -5.94 0.61 19.61
CA ASP B 76 -5.51 -0.27 20.68
C ASP B 76 -6.32 -1.56 20.65
N THR B 77 -6.41 -2.18 19.48
CA THR B 77 -7.17 -3.41 19.34
C THR B 77 -6.58 -4.51 20.22
N ARG B 78 -5.24 -4.62 20.24
CA ARG B 78 -4.61 -5.65 21.05
C ARG B 78 -4.88 -5.41 22.53
N GLN B 79 -4.82 -4.15 22.97
CA GLN B 79 -5.12 -3.86 24.37
C GLN B 79 -6.55 -4.24 24.71
N ILE B 80 -7.50 -3.90 23.83
CA ILE B 80 -8.89 -4.23 24.09
C ILE B 80 -9.06 -5.74 24.21
N ALA B 81 -8.48 -6.47 23.26
CA ALA B 81 -8.61 -7.92 23.27
C ALA B 81 -7.99 -8.52 24.51
N ALA B 82 -6.82 -8.03 24.90
CA ALA B 82 -6.18 -8.54 26.11
C ALA B 82 -7.02 -8.25 27.33
N VAL B 83 -7.60 -7.05 27.41
CA VAL B 83 -8.45 -6.70 28.54
C VAL B 83 -9.62 -7.66 28.62
N VAL B 84 -10.30 -7.89 27.50
CA VAL B 84 -11.47 -8.76 27.50
C VAL B 84 -11.06 -10.17 27.90
N PHE B 85 -9.97 -10.67 27.33
CA PHE B 85 -9.55 -12.04 27.61
C PHE B 85 -9.18 -12.20 29.08
N SER B 86 -8.44 -11.24 29.63
CA SER B 86 -8.06 -11.34 31.04
C SER B 86 -9.27 -11.27 31.94
N THR B 87 -10.22 -10.38 31.63
CA THR B 87 -11.44 -10.32 32.42
C THR B 87 -12.19 -11.64 32.36
N LEU B 88 -12.27 -12.23 31.17
CA LEU B 88 -12.96 -13.50 31.03
C LEU B 88 -12.27 -14.60 31.84
N ALA B 89 -10.93 -14.63 31.80
CA ALA B 89 -10.21 -15.63 32.58
C ALA B 89 -10.41 -15.42 34.07
N PHE B 90 -10.40 -14.16 34.50
CA PHE B 90 -10.63 -13.85 35.90
C PHE B 90 -12.02 -14.33 36.34
N ILE B 91 -13.03 -14.05 35.51
CA ILE B 91 -14.38 -14.48 35.83
C ILE B 91 -14.47 -16.00 35.82
N HIS B 92 -13.75 -16.65 34.91
CA HIS B 92 -13.76 -18.10 34.87
C HIS B 92 -13.15 -18.67 36.14
N ASN B 93 -12.03 -18.12 36.59
CA ASN B 93 -11.41 -18.59 37.81
C ASN B 93 -12.36 -18.41 38.99
N ARG B 94 -13.03 -17.26 39.06
CA ARG B 94 -13.97 -17.03 40.14
C ARG B 94 -15.13 -18.02 40.08
N PHE B 95 -15.70 -18.21 38.89
CA PHE B 95 -16.87 -19.07 38.75
C PHE B 95 -16.52 -20.53 38.98
N HIS B 96 -15.29 -20.91 38.70
CA HIS B 96 -14.79 -22.27 38.93
C HIS B 96 -13.51 -22.13 39.74
N PRO B 97 -13.61 -21.87 41.04
CA PRO B 97 -12.39 -21.70 41.84
C PRO B 97 -11.46 -22.89 41.75
N LEU B 98 -12.00 -24.11 41.68
CA LEU B 98 -11.18 -25.30 41.58
C LEU B 98 -10.52 -25.44 40.21
N VAL B 99 -11.00 -24.70 39.21
CA VAL B 99 -10.50 -24.80 37.86
C VAL B 99 -9.64 -23.58 37.58
N THR B 100 -8.36 -23.80 37.28
CA THR B 100 -7.46 -22.73 36.87
C THR B 100 -7.23 -22.69 35.37
N ASN B 101 -7.58 -23.75 34.66
CA ASN B 101 -7.39 -23.78 33.22
C ASN B 101 -8.34 -22.80 32.54
N PHE B 102 -7.98 -22.42 31.32
CA PHE B 102 -8.80 -21.50 30.54
C PHE B 102 -8.27 -21.46 29.12
N THR B 103 -9.17 -21.32 28.15
CA THR B 103 -8.77 -21.22 26.76
C THR B 103 -7.66 -20.20 26.61
N ASN B 104 -6.49 -20.64 26.17
CA ASN B 104 -5.32 -19.79 26.09
C ASN B 104 -5.18 -19.09 24.75
N LYS B 105 -6.12 -19.29 23.83
CA LYS B 105 -6.10 -18.60 22.56
C LYS B 105 -7.53 -18.45 22.06
N MET B 106 -7.83 -17.28 21.49
CA MET B 106 -9.19 -16.96 21.07
C MET B 106 -9.11 -15.94 19.95
N GLU B 107 -9.91 -16.16 18.90
CA GLU B 107 -9.97 -15.17 17.83
C GLU B 107 -10.76 -13.97 18.31
N PHE B 108 -10.30 -12.76 17.94
CA PHE B 108 -10.92 -11.54 18.41
C PHE B 108 -11.19 -10.60 17.24
N VAL B 109 -12.31 -9.88 17.32
CA VAL B 109 -12.68 -8.90 16.31
C VAL B 109 -13.37 -7.74 17.02
N VAL B 110 -12.77 -6.56 16.96
CA VAL B 110 -13.37 -5.35 17.51
C VAL B 110 -14.27 -4.75 16.42
N THR B 111 -15.57 -4.77 16.67
CA THR B 111 -16.53 -4.24 15.71
C THR B 111 -16.83 -2.78 16.01
N GLU B 112 -17.18 -2.04 14.96
CA GLU B 112 -17.47 -0.62 15.11
C GLU B 112 -18.81 -0.25 14.48
N THR B 113 -19.18 -0.92 13.40
CA THR B 113 -20.39 -0.58 12.67
C THR B 113 -21.63 -1.08 13.40
N ASN B 114 -22.74 -0.37 13.21
CA ASN B 114 -23.99 -0.75 13.86
C ASN B 114 -24.42 -2.15 13.43
N ASP B 115 -24.29 -2.44 12.13
CA ASP B 115 -24.67 -3.75 11.61
C ASP B 115 -23.77 -4.86 12.13
N THR B 116 -22.65 -4.52 12.77
CA THR B 116 -21.74 -5.49 13.34
C THR B 116 -21.95 -5.69 14.83
N SER B 117 -23.07 -5.21 15.38
CA SER B 117 -23.32 -5.30 16.80
C SER B 117 -24.79 -5.67 17.05
N ILE B 118 -25.04 -6.23 18.22
CA ILE B 118 -26.37 -6.62 18.65
C ILE B 118 -26.74 -5.77 19.86
N PRO B 119 -27.89 -5.09 19.86
CA PRO B 119 -28.31 -4.41 21.09
C PRO B 119 -28.41 -5.40 22.24
N GLY B 120 -27.96 -4.97 23.41
CA GLY B 120 -28.05 -5.78 24.60
C GLY B 120 -27.02 -6.87 24.72
N GLU B 121 -26.10 -6.98 23.76
CA GLU B 121 -25.03 -7.99 23.83
C GLU B 121 -23.79 -7.41 23.17
N PRO B 122 -23.12 -6.48 23.84
CA PRO B 122 -21.94 -5.85 23.23
C PRO B 122 -20.85 -6.83 22.87
N ILE B 123 -20.79 -7.95 23.59
CA ILE B 123 -19.80 -8.99 23.33
C ILE B 123 -20.53 -10.22 22.81
N LEU B 124 -19.95 -10.85 21.80
CA LEU B 124 -20.56 -12.03 21.18
C LEU B 124 -19.49 -13.09 20.97
N PHE B 125 -19.94 -14.35 20.90
CA PHE B 125 -19.06 -15.50 20.73
C PHE B 125 -19.63 -16.36 19.61
N THR B 126 -19.16 -16.13 18.40
CA THR B 126 -19.54 -16.93 17.24
C THR B 126 -18.45 -17.96 16.94
N GLU B 127 -18.74 -18.85 16.01
CA GLU B 127 -17.78 -19.83 15.55
C GLU B 127 -17.73 -19.83 14.04
N ASN B 128 -16.54 -19.63 13.49
CA ASN B 128 -16.34 -19.67 12.04
C ASN B 128 -15.86 -21.05 11.63
N GLU B 129 -16.76 -22.03 11.81
CA GLU B 129 -16.50 -23.41 11.42
C GLU B 129 -15.25 -23.95 12.13
N GLY B 130 -15.35 -24.04 13.46
CA GLY B 130 -14.29 -24.52 14.29
C GLY B 130 -13.43 -23.43 14.91
N VAL B 131 -13.49 -22.21 14.39
CA VAL B 131 -12.70 -21.10 14.89
C VAL B 131 -13.60 -20.26 15.79
N LEU B 132 -13.15 -20.03 17.02
CA LEU B 132 -13.94 -19.32 18.02
C LEU B 132 -13.64 -17.83 17.94
N LEU B 133 -14.64 -17.05 17.51
CA LEU B 133 -14.53 -15.62 17.31
C LEU B 133 -15.26 -14.89 18.43
N CYS B 134 -14.59 -13.87 18.98
CA CYS B 134 -15.13 -13.01 20.03
C CYS B 134 -15.29 -11.62 19.44
N SER B 135 -16.53 -11.20 19.25
CA SER B 135 -16.83 -9.89 18.68
C SER B 135 -17.08 -8.89 19.80
N VAL B 136 -16.56 -7.67 19.63
CA VAL B 136 -16.60 -6.62 20.63
C VAL B 136 -17.25 -5.39 20.03
N ASP B 137 -18.17 -4.78 20.78
CA ASP B 137 -18.85 -3.55 20.34
C ASP B 137 -18.17 -2.36 21.03
N ARG B 138 -17.00 -2.01 20.51
CA ARG B 138 -16.22 -0.91 21.08
C ARG B 138 -17.03 0.38 21.19
N PRO B 139 -17.79 0.81 20.19
CA PRO B 139 -18.59 2.03 20.38
C PRO B 139 -19.54 1.95 21.55
N SER B 140 -20.18 0.81 21.75
CA SER B 140 -21.09 0.67 22.89
C SER B 140 -20.32 0.73 24.20
N ILE B 141 -19.16 0.08 24.26
CA ILE B 141 -18.36 0.14 25.49
C ILE B 141 -17.98 1.59 25.78
N VAL B 142 -17.55 2.31 24.75
CA VAL B 142 -17.14 3.70 24.94
C VAL B 142 -18.31 4.53 25.41
N LYS B 143 -19.49 4.30 24.83
CA LYS B 143 -20.67 5.06 25.23
C LYS B 143 -20.99 4.82 26.70
N MET B 144 -21.07 3.54 27.09
CA MET B 144 -21.37 3.24 28.49
C MET B 144 -20.36 3.92 29.41
N LEU B 145 -19.07 3.78 29.10
CA LEU B 145 -18.06 4.37 29.96
C LEU B 145 -18.19 5.89 30.02
N SER B 146 -18.45 6.53 28.88
CA SER B 146 -18.53 7.98 28.84
C SER B 146 -19.78 8.52 29.51
N ARG B 147 -20.79 7.68 29.73
CA ARG B 147 -22.00 8.17 30.38
C ARG B 147 -21.67 8.77 31.73
N GLU B 148 -22.23 9.96 31.99
CA GLU B 148 -22.07 10.57 33.29
C GLU B 148 -22.77 9.75 34.35
N PHE B 149 -22.11 9.53 35.48
CA PHE B 149 -22.68 8.79 36.60
C PHE B 149 -23.17 9.75 37.67
N ASP B 150 -24.19 9.32 38.41
CA ASP B 150 -24.84 10.15 39.42
C ASP B 150 -24.17 9.98 40.77
N THR B 151 -22.84 10.12 40.81
CA THR B 151 -22.12 9.95 42.06
C THR B 151 -22.62 10.94 43.11
N GLU B 152 -22.39 12.23 42.88
CA GLU B 152 -22.85 13.23 43.83
C GLU B 152 -24.37 13.33 43.86
N ALA B 153 -25.01 13.16 42.70
CA ALA B 153 -26.42 13.50 42.57
C ALA B 153 -27.26 12.76 43.61
N LEU B 154 -27.01 11.47 43.77
CA LEU B 154 -27.78 10.66 44.70
C LEU B 154 -27.20 10.74 46.10
N VAL B 155 -28.08 10.65 47.09
CA VAL B 155 -27.71 10.61 48.50
C VAL B 155 -28.16 9.27 49.05
N ASN B 156 -27.24 8.57 49.71
CA ASN B 156 -27.50 7.23 50.20
C ASN B 156 -27.03 7.10 51.64
N PHE B 157 -27.62 6.14 52.36
CA PHE B 157 -27.27 5.97 53.80
C PHE B 157 -25.78 5.64 53.94
N GLU B 158 -25.12 6.25 54.93
CA GLU B 158 -23.67 6.02 55.15
C GLU B 158 -23.34 6.22 56.63
N ASN B 159 -22.14 5.82 57.05
CA ASN B 159 -21.70 6.04 58.46
C ASN B 159 -21.58 7.55 58.68
N ASP B 160 -22.57 8.17 59.33
CA ASP B 160 -22.55 9.65 59.47
C ASP B 160 -22.67 10.06 60.95
N ASN B 161 -21.84 9.47 61.82
CA ASN B 161 -21.87 9.90 63.22
C ASN B 161 -21.02 11.17 63.39
N CYS B 162 -21.72 12.30 63.51
CA CYS B 162 -21.05 13.57 63.71
C CYS B 162 -20.23 13.56 64.99
N ASN B 163 -20.65 12.80 65.99
CA ASN B 163 -19.85 12.72 67.22
C ASN B 163 -18.49 12.12 66.93
N VAL B 164 -18.45 11.04 66.15
CA VAL B 164 -17.17 10.44 65.78
C VAL B 164 -16.35 11.42 64.97
N ARG B 165 -16.98 12.11 64.01
CA ARG B 165 -16.22 13.07 63.22
C ARG B 165 -15.60 14.14 64.10
N ILE B 166 -16.37 14.67 65.04
CA ILE B 166 -15.88 15.73 65.90
C ILE B 166 -14.76 15.21 66.80
N ALA B 167 -14.92 14.00 67.32
CA ALA B 167 -13.87 13.43 68.17
C ALA B 167 -12.58 13.28 67.38
N LYS B 168 -12.67 12.80 66.14
CA LYS B 168 -11.49 12.69 65.31
C LYS B 168 -10.87 14.06 65.08
N THR B 169 -11.70 15.06 64.78
CA THR B 169 -11.18 16.41 64.54
C THR B 169 -10.43 16.93 65.75
N PHE B 170 -10.98 16.70 66.94
CA PHE B 170 -10.33 17.20 68.14
C PHE B 170 -9.09 16.41 68.48
N GLY B 171 -9.07 15.11 68.16
CA GLY B 171 -7.88 14.31 68.42
C GLY B 171 -6.76 14.58 67.46
N ALA B 172 -7.06 15.09 66.26
CA ALA B 172 -6.02 15.43 65.29
C ALA B 172 -5.11 16.52 65.85
N PHE B 199 -1.38 7.22 43.57
CA PHE B 199 -2.29 6.57 42.63
C PHE B 199 -3.59 6.17 43.32
N SER B 200 -4.69 6.75 42.86
CA SER B 200 -5.99 6.53 43.48
C SER B 200 -7.05 6.41 42.40
N ILE B 201 -8.19 5.83 42.79
CA ILE B 201 -9.30 5.59 41.89
C ILE B 201 -10.51 6.36 42.42
N THR B 202 -11.15 7.13 41.53
CA THR B 202 -12.33 7.90 41.91
C THR B 202 -13.57 7.01 41.90
N GLU B 203 -14.65 7.55 42.46
CA GLU B 203 -15.93 6.85 42.43
C GLU B 203 -16.37 6.61 40.99
N VAL B 204 -16.16 7.60 40.12
CA VAL B 204 -16.53 7.45 38.72
C VAL B 204 -15.74 6.31 38.07
N GLU B 205 -14.43 6.28 38.33
CA GLU B 205 -13.61 5.22 37.76
C GLU B 205 -14.04 3.86 38.26
N ALA B 206 -14.35 3.77 39.56
CA ALA B 206 -14.83 2.51 40.11
C ALA B 206 -16.14 2.09 39.45
N THR B 207 -17.02 3.05 39.21
CA THR B 207 -18.29 2.73 38.56
C THR B 207 -18.05 2.21 37.14
N GLN B 208 -17.19 2.88 36.38
CA GLN B 208 -16.87 2.42 35.04
C GLN B 208 -16.33 1.00 35.09
N TYR B 209 -15.44 0.76 36.04
CA TYR B 209 -14.75 -0.51 36.12
C TYR B 209 -15.71 -1.63 36.50
N LEU B 210 -16.63 -1.34 37.42
CA LEU B 210 -17.70 -2.28 37.75
C LEU B 210 -18.57 -2.55 36.53
N THR B 211 -18.91 -1.51 35.77
CA THR B 211 -19.75 -1.70 34.59
C THR B 211 -19.09 -2.65 33.61
N LEU B 212 -17.81 -2.44 33.34
CA LEU B 212 -17.10 -3.32 32.42
C LEU B 212 -17.03 -4.74 32.96
N LEU B 213 -16.76 -4.89 34.25
CA LEU B 213 -16.70 -6.22 34.83
C LEU B 213 -18.02 -6.95 34.69
N LEU B 214 -19.13 -6.26 34.94
CA LEU B 214 -20.43 -6.90 34.82
C LEU B 214 -20.78 -7.21 33.38
N THR B 215 -20.41 -6.31 32.46
CA THR B 215 -20.61 -6.59 31.04
C THR B 215 -19.89 -7.88 30.65
N VAL B 216 -18.62 -7.99 31.02
CA VAL B 216 -17.87 -9.18 30.67
C VAL B 216 -18.41 -10.38 31.44
N GLU B 217 -19.03 -10.17 32.59
CA GLU B 217 -19.66 -11.28 33.30
C GLU B 217 -20.83 -11.84 32.49
N HIS B 218 -21.67 -10.95 31.96
CA HIS B 218 -22.75 -11.39 31.09
C HIS B 218 -22.19 -12.12 29.87
N ALA B 219 -21.15 -11.55 29.27
CA ALA B 219 -20.55 -12.18 28.11
C ALA B 219 -19.99 -13.55 28.45
N TYR B 220 -19.36 -13.67 29.61
CA TYR B 220 -18.78 -14.94 30.02
C TYR B 220 -19.84 -15.97 30.31
N LEU B 221 -20.97 -15.55 30.88
CA LEU B 221 -22.07 -16.49 31.07
C LEU B 221 -22.56 -17.02 29.74
N HIS B 222 -22.73 -16.13 28.77
CA HIS B 222 -23.13 -16.58 27.44
C HIS B 222 -22.08 -17.53 26.85
N TYR B 223 -20.81 -17.20 27.05
CA TYR B 223 -19.73 -18.05 26.57
C TYR B 223 -19.77 -19.43 27.22
N TYR B 224 -20.04 -19.48 28.52
CA TYR B 224 -20.14 -20.76 29.20
C TYR B 224 -21.31 -21.57 28.66
N ILE B 225 -22.43 -20.91 28.41
CA ILE B 225 -23.54 -21.62 27.77
C ILE B 225 -23.08 -22.18 26.43
N PHE B 226 -22.37 -21.37 25.65
CA PHE B 226 -21.89 -21.82 24.35
C PHE B 226 -21.03 -23.08 24.48
N LYS B 227 -20.04 -23.03 25.35
CA LYS B 227 -19.10 -24.15 25.46
C LYS B 227 -19.76 -25.38 26.05
N ASN B 228 -20.56 -25.20 27.11
CA ASN B 228 -21.12 -26.34 27.82
C ASN B 228 -22.24 -27.00 27.04
N TYR B 229 -23.08 -26.20 26.37
CA TYR B 229 -24.23 -26.71 25.64
C TYR B 229 -24.01 -26.74 24.14
N GLY B 230 -23.47 -25.66 23.57
CA GLY B 230 -23.23 -25.57 22.15
C GLY B 230 -23.71 -24.26 21.57
N VAL B 231 -23.35 -24.06 20.30
CA VAL B 231 -23.70 -22.81 19.62
C VAL B 231 -25.20 -22.64 19.53
N PHE B 232 -25.94 -23.73 19.32
CA PHE B 232 -27.38 -23.65 19.23
C PHE B 232 -27.97 -23.07 20.51
N GLU B 233 -27.59 -23.64 21.65
CA GLU B 233 -28.11 -23.14 22.91
C GLU B 233 -27.56 -21.76 23.22
N TYR B 234 -26.37 -21.44 22.74
CA TYR B 234 -25.83 -20.10 22.92
C TYR B 234 -26.70 -19.06 22.22
N CYS B 235 -27.08 -19.35 20.98
CA CYS B 235 -27.99 -18.47 20.26
C CYS B 235 -29.33 -18.38 20.97
N LYS B 236 -29.85 -19.52 21.42
CA LYS B 236 -31.14 -19.49 22.10
C LYS B 236 -31.06 -18.69 23.39
N SER B 237 -29.94 -18.77 24.10
CA SER B 237 -29.75 -17.95 25.28
C SER B 237 -29.71 -16.46 24.92
N LEU B 238 -29.00 -16.13 23.85
CA LEU B 238 -29.01 -14.75 23.38
C LEU B 238 -30.44 -14.27 23.15
N THR B 239 -31.26 -15.12 22.55
CA THR B 239 -32.66 -14.75 22.33
C THR B 239 -33.40 -14.60 23.65
N ASP B 240 -33.28 -15.61 24.52
CA ASP B 240 -33.97 -15.67 25.80
C ASP B 240 -32.93 -15.83 26.89
N HIS B 241 -32.95 -14.93 27.86
CA HIS B 241 -32.00 -14.94 28.96
C HIS B 241 -32.57 -15.55 30.23
N SER B 242 -33.75 -16.18 30.13
CA SER B 242 -34.40 -16.73 31.31
C SER B 242 -33.58 -17.84 31.97
N LEU B 243 -32.63 -18.43 31.24
CA LEU B 243 -31.86 -19.54 31.81
C LEU B 243 -31.27 -19.16 33.15
N PHE B 244 -30.77 -17.94 33.28
CA PHE B 244 -30.02 -17.52 34.46
C PHE B 244 -30.78 -16.48 35.27
N THR B 245 -32.09 -16.67 35.42
CA THR B 245 -32.79 -16.00 36.50
C THR B 245 -32.40 -16.62 37.84
N ASN B 246 -32.26 -17.95 37.87
CA ASN B 246 -31.76 -18.62 39.06
C ASN B 246 -30.31 -18.26 39.32
N LYS B 247 -29.50 -18.20 38.26
CA LYS B 247 -28.08 -17.90 38.39
C LYS B 247 -27.41 -18.92 39.31
N LEU B 248 -27.08 -18.51 40.54
CA LEU B 248 -26.42 -19.43 41.47
C LEU B 248 -27.30 -20.64 41.72
N ARG B 249 -26.81 -21.81 41.33
CA ARG B 249 -27.55 -23.05 41.49
C ARG B 249 -26.68 -24.24 41.10
N LYS B 255 -19.85 -21.26 42.94
CA LYS B 255 -19.46 -20.94 41.57
C LYS B 255 -20.02 -19.57 41.18
N THR B 256 -21.33 -19.51 40.95
CA THR B 256 -21.95 -18.25 40.56
C THR B 256 -21.78 -17.18 41.62
N SER B 257 -21.71 -17.59 42.89
CA SER B 257 -21.67 -16.62 43.98
C SER B 257 -20.54 -15.62 43.78
N ASN B 258 -19.42 -16.06 43.23
CA ASN B 258 -18.30 -15.17 42.98
C ASN B 258 -18.55 -14.21 41.84
N LEU B 259 -19.74 -14.22 41.25
CA LEU B 259 -20.08 -13.34 40.15
C LEU B 259 -20.96 -12.21 40.68
N LEU B 260 -20.53 -10.96 40.43
CA LEU B 260 -21.23 -9.82 40.98
C LEU B 260 -22.67 -9.75 40.49
N LEU B 261 -22.94 -10.27 39.29
CA LEU B 261 -24.30 -10.24 38.78
C LEU B 261 -25.27 -10.97 39.69
N SER B 262 -24.78 -11.87 40.53
CA SER B 262 -25.60 -12.59 41.49
C SER B 262 -25.72 -11.85 42.81
N LYS B 263 -25.19 -10.63 42.90
CA LYS B 263 -25.19 -9.89 44.15
C LYS B 263 -26.32 -8.89 44.29
N PHE B 264 -26.93 -8.48 43.17
CA PHE B 264 -27.96 -7.44 43.19
C PHE B 264 -29.04 -7.79 42.19
N LYS B 265 -30.02 -6.90 42.05
CA LYS B 265 -31.09 -7.07 41.09
C LYS B 265 -31.34 -5.75 40.39
N PHE B 266 -31.85 -5.85 39.17
CA PHE B 266 -32.22 -4.69 38.37
C PHE B 266 -33.50 -5.02 37.62
N THR B 267 -34.43 -4.07 37.58
CA THR B 267 -35.74 -4.32 36.99
C THR B 267 -36.21 -3.08 36.23
N ILE B 268 -37.15 -3.30 35.32
CA ILE B 268 -37.74 -2.25 34.51
C ILE B 268 -39.25 -2.34 34.66
N GLU B 269 -39.91 -1.20 34.81
CA GLU B 269 -41.35 -1.14 35.00
C GLU B 269 -41.97 -0.15 34.04
N ASP B 270 -43.17 -0.46 33.56
CA ASP B 270 -43.91 0.47 32.73
C ASP B 270 -44.29 1.70 33.54
N PHE B 271 -44.12 2.87 32.95
CA PHE B 271 -44.34 4.12 33.67
C PHE B 271 -44.52 5.30 32.71
N LEU C 113 -42.90 57.25 -11.74
CA LEU C 113 -42.22 56.12 -12.37
C LEU C 113 -42.43 54.86 -11.56
N ILE C 114 -42.06 53.72 -12.13
CA ILE C 114 -42.26 52.42 -11.49
C ILE C 114 -40.99 51.59 -11.60
N ASN C 115 -40.84 50.64 -10.69
CA ASN C 115 -39.72 49.71 -10.69
C ASN C 115 -40.02 48.61 -11.69
N MET C 116 -39.82 48.93 -12.97
CA MET C 116 -40.19 48.00 -14.02
C MET C 116 -39.55 46.63 -13.81
N ARG C 117 -38.36 46.59 -13.21
CA ARG C 117 -37.71 45.31 -12.98
C ARG C 117 -38.48 44.48 -11.96
N ARG C 118 -38.84 45.09 -10.82
CA ARG C 118 -39.63 44.36 -9.83
C ARG C 118 -40.98 43.96 -10.40
N TYR C 119 -41.62 44.88 -11.13
CA TYR C 119 -42.88 44.56 -11.79
C TYR C 119 -42.72 43.33 -12.68
N ARG C 120 -41.64 43.31 -13.48
CA ARG C 120 -41.40 42.20 -14.38
C ARG C 120 -41.20 40.91 -13.61
N ASN C 121 -40.46 40.96 -12.51
CA ASN C 121 -40.20 39.75 -11.73
C ASN C 121 -41.49 39.19 -11.17
N ALA C 122 -42.32 40.05 -10.60
CA ALA C 122 -43.60 39.60 -10.07
C ALA C 122 -44.47 39.03 -11.19
N ALA C 123 -44.49 39.71 -12.34
CA ALA C 123 -45.26 39.23 -13.47
C ALA C 123 -44.80 37.85 -13.89
N ARG C 124 -43.48 37.65 -13.95
CA ARG C 124 -42.95 36.36 -14.40
C ARG C 124 -43.34 35.26 -13.43
N LYS C 125 -43.21 35.52 -12.12
CA LYS C 125 -43.58 34.50 -11.15
C LYS C 125 -45.06 34.15 -11.23
N LEU C 126 -45.90 35.19 -11.30
CA LEU C 126 -47.34 34.94 -11.38
C LEU C 126 -47.70 34.18 -12.64
N ILE C 127 -47.10 34.54 -13.76
CA ILE C 127 -47.38 33.86 -15.02
C ILE C 127 -46.95 32.41 -14.94
N HIS C 128 -45.77 32.16 -14.36
CA HIS C 128 -45.32 30.78 -14.20
C HIS C 128 -46.34 29.98 -13.41
N HIS C 129 -46.79 30.51 -12.27
CA HIS C 129 -47.74 29.77 -11.46
C HIS C 129 -49.04 29.54 -12.22
N TYR C 130 -49.55 30.58 -12.88
CA TYR C 130 -50.83 30.46 -13.55
C TYR C 130 -50.76 29.66 -14.84
N SER C 131 -49.56 29.42 -15.36
CA SER C 131 -49.36 28.54 -16.51
C SER C 131 -48.87 27.17 -16.12
N LEU C 132 -48.69 26.91 -14.82
CA LEU C 132 -48.27 25.59 -14.35
C LEU C 132 -46.92 25.20 -14.95
N ASN C 133 -46.09 26.20 -15.23
CA ASN C 133 -44.76 25.94 -15.76
C ASN C 133 -43.72 25.86 -14.66
N SER C 134 -44.12 26.01 -13.40
CA SER C 134 -43.19 25.92 -12.28
C SER C 134 -43.87 25.19 -11.14
N THR C 135 -43.23 24.12 -10.66
CA THR C 135 -43.72 23.45 -9.48
C THR C 135 -43.67 24.34 -8.25
N SER C 136 -42.87 25.41 -8.30
CA SER C 136 -42.73 26.29 -7.16
C SER C 136 -44.08 26.83 -6.74
N SER C 137 -44.36 26.79 -5.45
CA SER C 137 -45.62 27.27 -4.90
C SER C 137 -45.31 28.34 -3.86
N THR C 138 -45.98 29.49 -3.97
CA THR C 138 -45.77 30.58 -3.04
C THR C 138 -47.06 31.39 -2.95
N GLU C 139 -47.09 32.29 -1.99
CA GLU C 139 -48.24 33.16 -1.82
C GLU C 139 -48.31 34.17 -2.95
N TYR C 140 -49.52 34.53 -3.34
CA TYR C 140 -49.76 35.56 -4.32
C TYR C 140 -50.86 36.48 -3.84
N LYS C 141 -50.86 37.71 -4.34
CA LYS C 141 -51.79 38.70 -3.84
C LYS C 141 -52.15 39.72 -4.92
N ILE C 142 -53.22 40.46 -4.65
CA ILE C 142 -53.69 41.48 -5.58
C ILE C 142 -52.56 42.41 -5.94
N SER C 143 -51.65 42.67 -4.99
CA SER C 143 -50.46 43.44 -5.32
C SER C 143 -49.70 42.79 -6.46
N ASP C 144 -49.59 41.46 -6.44
CA ASP C 144 -48.89 40.76 -7.51
C ASP C 144 -49.64 40.88 -8.84
N VAL C 145 -50.96 40.71 -8.80
CA VAL C 145 -51.72 40.84 -10.04
C VAL C 145 -51.54 42.23 -10.64
N VAL C 146 -51.58 43.25 -9.79
CA VAL C 146 -51.42 44.62 -10.27
C VAL C 146 -50.03 44.82 -10.83
N MET C 147 -49.00 44.32 -10.13
CA MET C 147 -47.65 44.32 -10.69
C MET C 147 -47.67 43.78 -12.10
N THR C 148 -48.28 42.60 -12.28
CA THR C 148 -48.25 41.95 -13.57
C THR C 148 -48.90 42.81 -14.63
N MET C 149 -50.11 43.27 -14.37
CA MET C 149 -50.84 43.99 -15.40
C MET C 149 -50.15 45.30 -15.75
N ILE C 150 -49.63 46.00 -14.74
CA ILE C 150 -48.94 47.26 -15.01
C ILE C 150 -47.70 47.01 -15.85
N PHE C 151 -46.94 45.95 -15.53
CA PHE C 151 -45.76 45.64 -16.34
C PHE C 151 -46.16 45.36 -17.78
N LEU C 152 -47.21 44.56 -17.97
CA LEU C 152 -47.64 44.24 -19.32
C LEU C 152 -48.05 45.49 -20.08
N LEU C 153 -48.79 46.38 -19.42
CA LEU C 153 -49.20 47.61 -20.07
C LEU C 153 -48.00 48.46 -20.46
N ARG C 154 -47.06 48.63 -19.52
CA ARG C 154 -45.91 49.49 -19.79
C ARG C 154 -45.01 48.92 -20.87
N SER C 155 -44.88 47.61 -20.93
CA SER C 155 -43.97 47.00 -21.89
C SER C 155 -44.57 47.05 -23.29
N GLU C 156 -43.89 47.73 -24.21
CA GLU C 156 -44.28 47.67 -25.61
C GLU C 156 -44.20 46.24 -26.12
N LYS C 157 -43.22 45.48 -25.64
CA LYS C 157 -43.01 44.11 -26.10
C LYS C 157 -44.22 43.24 -25.89
N TYR C 158 -44.98 43.47 -24.81
CA TYR C 158 -46.00 42.54 -24.37
C TYR C 158 -47.41 43.10 -24.54
N HIS C 159 -47.58 44.12 -25.38
CA HIS C 159 -48.89 44.74 -25.53
C HIS C 159 -49.95 43.72 -25.92
N SER C 160 -49.59 42.76 -26.77
CA SER C 160 -50.57 41.77 -27.21
C SER C 160 -51.07 40.94 -26.04
N LEU C 161 -50.16 40.49 -25.18
CA LEU C 161 -50.58 39.73 -24.01
C LEU C 161 -51.40 40.60 -23.07
N PHE C 162 -51.03 41.87 -22.94
CA PHE C 162 -51.84 42.75 -22.12
C PHE C 162 -53.25 42.81 -22.65
N LYS C 163 -53.40 42.96 -23.97
CA LYS C 163 -54.72 43.01 -24.56
C LYS C 163 -55.48 41.73 -24.31
N LEU C 164 -54.81 40.59 -24.50
CA LEU C 164 -55.46 39.31 -24.25
C LEU C 164 -56.02 39.25 -22.85
N LEU C 165 -55.19 39.54 -21.85
CA LEU C 165 -55.66 39.45 -20.47
C LEU C 165 -56.74 40.48 -20.17
N GLU C 166 -56.58 41.69 -20.69
CA GLU C 166 -57.60 42.72 -20.46
C GLU C 166 -58.96 42.28 -20.98
N THR C 167 -58.97 41.58 -22.11
CA THR C 167 -60.23 41.06 -22.62
C THR C 167 -60.90 40.12 -21.63
N THR C 168 -60.14 39.52 -20.72
CA THR C 168 -60.74 38.62 -19.73
C THR C 168 -61.68 39.37 -18.79
N PHE C 169 -61.56 40.68 -18.71
CA PHE C 169 -62.44 41.44 -17.82
C PHE C 169 -63.90 41.33 -18.21
N ASP C 170 -64.19 40.98 -19.46
CA ASP C 170 -65.57 40.81 -19.91
C ASP C 170 -66.04 39.41 -19.54
N ASP C 171 -67.10 38.94 -20.21
CA ASP C 171 -67.68 37.64 -19.96
C ASP C 171 -66.60 36.56 -19.82
N TYR C 172 -65.52 36.68 -20.59
CA TYR C 172 -64.33 35.85 -20.49
C TYR C 172 -64.60 34.39 -20.81
N THR C 173 -65.86 34.05 -21.06
CA THR C 173 -66.20 32.70 -21.50
C THR C 173 -66.26 32.68 -23.02
N CYS C 174 -65.15 33.07 -23.62
CA CYS C 174 -65.07 33.18 -25.07
C CYS C 174 -63.68 32.86 -25.56
N ARG C 175 -63.61 32.46 -26.82
CA ARG C 175 -62.36 32.11 -27.48
C ARG C 175 -61.87 33.32 -28.27
N PRO C 176 -60.79 33.97 -27.87
CA PRO C 176 -60.29 35.08 -28.68
C PRO C 176 -59.88 34.59 -30.06
N GLN C 177 -60.09 35.44 -31.06
CA GLN C 177 -59.74 35.15 -32.44
C GLN C 177 -58.55 36.01 -32.84
N MET C 178 -57.49 35.35 -33.31
CA MET C 178 -56.26 36.02 -33.67
C MET C 178 -55.79 35.50 -35.01
N THR C 179 -55.13 36.38 -35.76
CA THR C 179 -54.44 35.94 -36.96
C THR C 179 -53.27 35.05 -36.59
N GLN C 180 -52.75 34.33 -37.58
CA GLN C 180 -51.55 33.54 -37.34
C GLN C 180 -50.39 34.43 -36.90
N VAL C 181 -50.27 35.60 -37.52
CA VAL C 181 -49.21 36.54 -37.12
C VAL C 181 -49.40 36.95 -35.67
N GLN C 182 -50.64 37.26 -35.28
CA GLN C 182 -50.91 37.66 -33.91
C GLN C 182 -50.56 36.54 -32.94
N THR C 183 -50.97 35.32 -33.26
CA THR C 183 -50.68 34.19 -32.38
C THR C 183 -49.18 33.98 -32.26
N ASP C 184 -48.45 34.08 -33.37
CA ASP C 184 -47.01 33.91 -33.32
C ASP C 184 -46.37 35.00 -32.48
N THR C 185 -46.82 36.24 -32.64
CA THR C 185 -46.28 37.32 -31.83
C THR C 185 -46.52 37.07 -30.35
N LEU C 186 -47.74 36.66 -30.01
CA LEU C 186 -48.06 36.41 -28.60
C LEU C 186 -47.20 35.29 -28.04
N LEU C 187 -47.05 34.20 -28.79
CA LEU C 187 -46.26 33.08 -28.32
C LEU C 187 -44.79 33.48 -28.17
N ASP C 188 -44.28 34.26 -29.13
CA ASP C 188 -42.91 34.73 -29.02
C ASP C 188 -42.73 35.59 -27.78
N ALA C 189 -43.68 36.48 -27.51
CA ALA C 189 -43.59 37.33 -26.33
C ALA C 189 -43.58 36.50 -25.06
N VAL C 190 -44.51 35.54 -24.96
CA VAL C 190 -44.59 34.71 -23.76
C VAL C 190 -43.30 33.90 -23.59
N ARG C 191 -42.81 33.33 -24.69
CA ARG C 191 -41.62 32.51 -24.61
C ARG C 191 -40.41 33.35 -24.23
N SER C 192 -40.34 34.58 -24.72
CA SER C 192 -39.23 35.45 -24.32
C SER C 192 -39.34 35.82 -22.86
N LEU C 193 -40.56 36.04 -22.37
CA LEU C 193 -40.74 36.40 -20.96
C LEU C 193 -40.30 35.26 -20.05
N LEU C 194 -40.77 34.05 -20.31
CA LEU C 194 -40.45 32.92 -19.45
C LEU C 194 -39.14 32.22 -19.83
N GLU C 195 -38.55 32.56 -20.96
CA GLU C 195 -37.25 32.06 -21.38
C GLU C 195 -37.22 30.53 -21.41
N MET C 196 -38.04 29.97 -22.30
CA MET C 196 -38.04 28.53 -22.52
C MET C 196 -37.73 28.24 -23.99
N THR C 200 -41.46 23.47 -25.78
CA THR C 200 -41.30 24.69 -25.01
C THR C 200 -42.65 25.18 -24.48
N ILE C 201 -43.28 26.08 -25.24
CA ILE C 201 -44.57 26.64 -24.84
C ILE C 201 -45.60 26.28 -25.91
N ASP C 202 -46.84 26.72 -25.71
CA ASP C 202 -47.90 26.39 -26.66
C ASP C 202 -49.06 27.37 -26.52
N LEU C 203 -49.81 27.51 -27.60
CA LEU C 203 -51.07 28.24 -27.51
C LEU C 203 -52.00 27.57 -26.51
N THR C 204 -51.80 26.28 -26.23
CA THR C 204 -52.51 25.66 -25.12
C THR C 204 -52.15 26.33 -23.81
N THR C 205 -50.86 26.61 -23.59
CA THR C 205 -50.47 27.36 -22.41
C THR C 205 -51.05 28.76 -22.45
N VAL C 206 -51.12 29.37 -23.63
CA VAL C 206 -51.73 30.69 -23.74
C VAL C 206 -53.17 30.64 -23.25
N ASP C 207 -53.93 29.65 -23.71
CA ASP C 207 -55.32 29.52 -23.29
C ASP C 207 -55.42 29.22 -21.80
N ILE C 208 -54.49 28.42 -21.27
CA ILE C 208 -54.49 28.11 -19.86
C ILE C 208 -54.32 29.40 -19.05
N MET C 209 -53.37 30.23 -19.45
CA MET C 209 -53.17 31.50 -18.77
C MET C 209 -54.41 32.37 -18.89
N ARG C 210 -55.00 32.41 -20.09
CA ARG C 210 -56.19 33.23 -20.27
C ARG C 210 -57.28 32.81 -19.31
N SER C 211 -57.55 31.49 -19.23
CA SER C 211 -58.60 31.01 -18.34
C SER C 211 -58.27 31.29 -16.88
N SER C 212 -57.03 31.04 -16.48
CA SER C 212 -56.65 31.26 -15.08
C SER C 212 -56.80 32.72 -14.71
N PHE C 213 -56.31 33.61 -15.56
CA PHE C 213 -56.38 35.03 -15.26
C PHE C 213 -57.82 35.53 -15.29
N ALA C 214 -58.64 34.99 -16.20
CA ALA C 214 -60.05 35.36 -16.20
C ALA C 214 -60.71 34.95 -14.89
N ARG C 215 -60.44 33.73 -14.42
CA ARG C 215 -61.00 33.31 -13.15
C ARG C 215 -60.54 34.22 -12.02
N CYS C 216 -59.25 34.57 -12.01
CA CYS C 216 -58.74 35.45 -10.95
C CYS C 216 -59.41 36.81 -11.01
N PHE C 217 -59.46 37.42 -12.19
CA PHE C 217 -60.05 38.75 -12.33
C PHE C 217 -61.51 38.74 -11.90
N ASN C 218 -62.26 37.72 -12.34
CA ASN C 218 -63.66 37.64 -11.98
C ASN C 218 -63.87 37.34 -10.50
N SER C 219 -62.90 36.70 -9.85
CA SER C 219 -63.06 36.36 -8.46
C SER C 219 -63.10 37.63 -7.61
N PRO C 220 -63.80 37.59 -6.48
CA PRO C 220 -63.89 38.78 -5.63
C PRO C 220 -62.70 38.86 -4.68
N ILE C 221 -62.54 40.05 -4.09
CA ILE C 221 -61.53 40.22 -3.05
C ILE C 221 -61.94 39.42 -1.84
N MET C 222 -61.05 38.57 -1.35
CA MET C 222 -61.36 37.64 -0.27
C MET C 222 -60.24 37.65 0.76
N ARG C 223 -60.62 37.45 2.01
CA ARG C 223 -59.65 37.39 3.10
C ARG C 223 -58.77 36.15 3.02
N TYR C 224 -59.12 35.18 2.18
CA TYR C 224 -58.37 33.95 2.05
C TYR C 224 -58.10 33.65 0.58
N ALA C 225 -56.99 32.96 0.33
CA ALA C 225 -56.68 32.54 -1.02
C ALA C 225 -57.69 31.49 -1.49
N LYS C 226 -57.91 31.45 -2.80
CA LYS C 226 -58.84 30.52 -3.41
C LYS C 226 -58.06 29.43 -4.13
N ILE C 227 -58.30 28.18 -3.75
CA ILE C 227 -57.65 27.03 -4.35
C ILE C 227 -58.62 26.42 -5.36
N VAL C 228 -58.18 26.29 -6.60
CA VAL C 228 -59.03 25.85 -7.70
C VAL C 228 -58.28 24.79 -8.49
N LEU C 229 -58.92 24.35 -9.58
CA LEU C 229 -58.34 23.40 -10.50
C LEU C 229 -58.44 23.96 -11.91
N LEU C 230 -57.49 23.60 -12.75
CA LEU C 230 -57.53 24.05 -14.13
C LEU C 230 -58.82 23.58 -14.80
N GLN C 231 -59.38 24.43 -15.64
CA GLN C 231 -60.62 24.09 -16.34
C GLN C 231 -60.89 25.15 -17.39
N ASN C 232 -61.81 24.82 -18.30
CA ASN C 232 -62.21 25.72 -19.38
C ASN C 232 -61.05 25.94 -20.36
N VAL C 233 -60.38 24.85 -20.73
CA VAL C 233 -59.24 24.88 -21.64
C VAL C 233 -59.59 24.04 -22.85
N ALA C 234 -59.50 24.63 -24.03
CA ALA C 234 -59.79 23.92 -25.27
C ALA C 234 -61.17 23.27 -25.21
N ASP C 238 -65.31 22.07 -25.82
CA ASP C 238 -66.72 22.37 -25.54
C ASP C 238 -67.46 21.13 -25.07
N LYS C 239 -67.29 20.03 -25.80
CA LYS C 239 -67.94 18.78 -25.41
C LYS C 239 -67.22 18.15 -24.24
N ARG C 240 -67.98 17.79 -23.20
CA ARG C 240 -67.43 17.10 -22.06
C ARG C 240 -67.29 15.61 -22.39
N THR C 241 -66.10 15.06 -22.18
CA THR C 241 -65.81 13.67 -22.48
C THR C 241 -65.45 12.94 -21.20
N THR C 242 -65.90 11.70 -21.08
CA THR C 242 -65.57 10.91 -19.92
C THR C 242 -64.27 10.15 -20.13
N LEU C 243 -63.70 9.70 -19.01
CA LEU C 243 -62.49 8.90 -19.08
C LEU C 243 -62.73 7.65 -19.91
N GLU C 244 -63.91 7.06 -19.80
CA GLU C 244 -64.21 5.84 -20.57
C GLU C 244 -64.20 6.11 -22.07
N GLU C 245 -64.83 7.20 -22.50
CA GLU C 245 -64.84 7.53 -23.92
C GLU C 245 -63.43 7.82 -24.41
N LEU C 246 -62.65 8.58 -23.62
CA LEU C 246 -61.27 8.82 -24.00
C LEU C 246 -60.51 7.51 -24.11
N LEU C 247 -60.71 6.61 -23.16
CA LEU C 247 -60.06 5.31 -23.21
C LEU C 247 -60.38 4.60 -24.52
N ILE C 248 -61.66 4.52 -24.86
CA ILE C 248 -62.06 3.79 -26.05
C ILE C 248 -61.40 4.40 -27.28
N GLU C 249 -61.54 5.72 -27.44
CA GLU C 249 -61.08 6.36 -28.66
C GLU C 249 -59.56 6.29 -28.77
N ARG C 250 -58.85 6.66 -27.70
CA ARG C 250 -57.40 6.64 -27.72
C ARG C 250 -56.87 5.24 -27.93
N GLY C 251 -57.48 4.25 -27.29
CA GLY C 251 -57.04 2.88 -27.48
C GLY C 251 -57.22 2.41 -28.91
N GLU C 252 -58.36 2.76 -29.52
CA GLU C 252 -58.55 2.40 -30.92
C GLU C 252 -57.47 3.03 -31.79
N LYS C 253 -57.20 4.32 -31.59
CA LYS C 253 -56.19 4.98 -32.40
C LYS C 253 -54.81 4.37 -32.16
N ILE C 254 -54.51 4.03 -30.91
CA ILE C 254 -53.21 3.44 -30.60
C ILE C 254 -53.07 2.09 -31.30
N GLN C 255 -54.09 1.25 -31.18
CA GLN C 255 -54.05 -0.03 -31.87
C GLN C 255 -53.87 0.16 -33.37
N MET C 256 -54.47 1.20 -33.91
CA MET C 256 -54.22 1.54 -35.31
C MET C 256 -52.74 1.83 -35.53
N LEU C 257 -52.12 2.57 -34.61
CA LEU C 257 -50.71 2.88 -34.73
C LEU C 257 -49.89 1.60 -34.74
N GLN C 258 -48.67 1.71 -35.27
CA GLN C 258 -47.77 0.56 -35.39
C GLN C 258 -46.49 0.81 -34.62
N PRO C 259 -45.88 -0.22 -34.04
CA PRO C 259 -44.70 -0.01 -33.19
C PRO C 259 -43.54 0.60 -33.96
N GLN C 260 -43.11 1.79 -33.54
CA GLN C 260 -41.98 2.44 -34.20
C GLN C 260 -40.72 1.60 -34.06
N GLN C 261 -40.49 1.03 -32.88
CA GLN C 261 -39.31 0.23 -32.65
C GLN C 261 -39.61 -0.79 -31.56
N TYR C 262 -38.74 -1.79 -31.47
CA TYR C 262 -38.94 -2.87 -30.53
C TYR C 262 -37.60 -3.51 -30.21
N ILE C 263 -37.57 -4.27 -29.13
CA ILE C 263 -36.44 -5.09 -28.75
C ILE C 263 -36.89 -6.54 -28.83
N ASN C 264 -35.91 -7.44 -28.84
CA ASN C 264 -36.22 -8.86 -28.87
C ASN C 264 -36.48 -9.38 -27.47
N SER C 265 -36.91 -10.63 -27.38
CA SER C 265 -37.22 -11.24 -26.10
C SER C 265 -35.93 -11.45 -25.30
N GLY C 266 -36.09 -11.57 -24.00
CA GLY C 266 -34.94 -11.78 -23.14
C GLY C 266 -34.16 -10.49 -22.92
N THR C 267 -32.99 -10.39 -23.55
CA THR C 267 -32.12 -9.24 -23.33
C THR C 267 -31.60 -9.25 -21.90
N GLU C 268 -31.10 -8.12 -21.43
CA GLU C 268 -30.52 -8.06 -20.09
C GLU C 268 -30.42 -6.60 -19.67
N ILE C 269 -30.96 -6.30 -18.50
CA ILE C 269 -30.90 -4.93 -17.98
C ILE C 269 -29.43 -4.52 -17.83
N PRO C 270 -29.00 -3.39 -18.38
CA PRO C 270 -27.57 -3.01 -18.30
C PRO C 270 -27.22 -2.30 -17.00
N PHE C 271 -27.09 -3.08 -15.93
CA PHE C 271 -26.69 -2.52 -14.64
C PHE C 271 -25.27 -2.00 -14.72
N CYS C 272 -25.00 -0.93 -13.99
CA CYS C 272 -23.64 -0.43 -13.86
C CYS C 272 -22.83 -1.36 -12.99
N ASP C 273 -21.51 -1.18 -13.01
CA ASP C 273 -20.61 -2.06 -12.28
C ASP C 273 -19.63 -1.27 -11.42
N ASP C 274 -19.28 -0.06 -11.85
CA ASP C 274 -18.23 0.71 -11.20
C ASP C 274 -18.74 1.20 -9.86
N ALA C 275 -18.35 0.51 -8.78
CA ALA C 275 -18.74 0.93 -7.45
C ALA C 275 -18.19 2.31 -7.12
N GLU C 276 -16.97 2.61 -7.58
CA GLU C 276 -16.44 3.95 -7.38
C GLU C 276 -17.31 4.98 -8.07
N PHE C 277 -17.77 4.68 -9.28
CA PHE C 277 -18.68 5.58 -9.97
C PHE C 277 -19.97 5.78 -9.18
N LEU C 278 -20.51 4.70 -8.64
CA LEU C 278 -21.72 4.81 -7.83
C LEU C 278 -21.47 5.70 -6.61
N ASN C 279 -20.32 5.52 -5.95
CA ASN C 279 -20.02 6.33 -4.78
C ASN C 279 -19.88 7.80 -5.16
N ARG C 280 -19.25 8.08 -6.30
CA ARG C 280 -19.12 9.45 -6.74
C ARG C 280 -20.49 10.06 -6.97
N LEU C 281 -21.39 9.32 -7.62
CA LEU C 281 -22.74 9.84 -7.83
C LEU C 281 -23.45 10.06 -6.51
N LEU C 282 -23.31 9.12 -5.58
CA LEU C 282 -23.94 9.27 -4.27
C LEU C 282 -23.48 10.56 -3.61
N LYS C 283 -22.17 10.79 -3.60
CA LYS C 283 -21.66 12.04 -3.05
C LYS C 283 -22.26 13.23 -3.77
N HIS C 284 -22.33 13.17 -5.10
CA HIS C 284 -22.84 14.30 -5.86
C HIS C 284 -24.29 14.60 -5.52
N ILE C 285 -25.06 13.57 -5.12
CA ILE C 285 -26.48 13.76 -4.86
C ILE C 285 -26.81 13.94 -3.38
N ASP C 286 -25.86 13.69 -2.49
CA ASP C 286 -26.15 13.78 -1.05
C ASP C 286 -26.82 15.08 -0.65
N PRO C 287 -26.36 16.26 -1.06
CA PRO C 287 -26.98 17.50 -0.58
C PRO C 287 -28.37 17.76 -1.16
N TYR C 288 -28.90 16.88 -1.99
CA TYR C 288 -30.23 17.08 -2.54
C TYR C 288 -31.28 16.60 -1.55
N PRO C 289 -32.19 17.46 -1.08
CA PRO C 289 -33.23 17.01 -0.15
C PRO C 289 -34.28 16.16 -0.85
N LEU C 290 -34.38 14.90 -0.41
CA LEU C 290 -35.37 14.00 -0.97
C LEU C 290 -36.77 14.59 -0.86
N SER C 291 -37.05 15.32 0.22
CA SER C 291 -38.36 15.92 0.38
C SER C 291 -38.65 16.87 -0.78
N ARG C 292 -37.71 17.78 -1.07
CA ARG C 292 -37.94 18.73 -2.15
C ARG C 292 -38.05 18.01 -3.49
N MET C 293 -37.20 17.02 -3.73
CA MET C 293 -37.26 16.33 -5.01
C MET C 293 -38.59 15.62 -5.18
N TYR C 294 -39.05 14.92 -4.13
CA TYR C 294 -40.33 14.24 -4.20
C TYR C 294 -41.46 15.23 -4.45
N TYR C 295 -41.45 16.35 -3.72
CA TYR C 295 -42.50 17.35 -3.90
C TYR C 295 -42.51 17.82 -5.35
N ASN C 296 -41.34 18.17 -5.87
CA ASN C 296 -41.27 18.69 -7.23
C ASN C 296 -41.77 17.67 -8.23
N ALA C 297 -41.33 16.42 -8.10
CA ALA C 297 -41.73 15.40 -9.06
C ALA C 297 -43.23 15.15 -9.01
N ALA C 298 -43.77 14.98 -7.81
CA ALA C 298 -45.20 14.71 -7.68
C ALA C 298 -46.01 15.85 -8.27
N ASN C 299 -45.64 17.09 -7.97
CA ASN C 299 -46.41 18.21 -8.49
C ASN C 299 -46.24 18.35 -9.99
N THR C 300 -45.06 18.03 -10.52
CA THR C 300 -44.89 18.03 -11.97
C THR C 300 -45.87 17.07 -12.61
N MET C 301 -45.91 15.83 -12.12
CA MET C 301 -46.82 14.84 -12.69
C MET C 301 -48.26 15.28 -12.55
N PHE C 302 -48.62 15.80 -11.38
CA PHE C 302 -50.00 16.23 -11.15
C PHE C 302 -50.39 17.34 -12.11
N TYR C 303 -49.51 18.32 -12.31
CA TYR C 303 -49.86 19.44 -13.18
C TYR C 303 -49.93 19.00 -14.64
N THR C 304 -49.04 18.11 -15.06
CA THR C 304 -49.13 17.62 -16.43
C THR C 304 -50.42 16.84 -16.64
N THR C 305 -50.82 16.03 -15.66
CA THR C 305 -52.09 15.34 -15.77
C THR C 305 -53.24 16.32 -15.83
N MET C 306 -53.18 17.37 -15.02
CA MET C 306 -54.22 18.40 -15.04
C MET C 306 -54.32 19.02 -16.43
N GLU C 307 -53.17 19.35 -17.01
CA GLU C 307 -53.18 19.96 -18.34
C GLU C 307 -53.78 19.01 -19.36
N ASN C 308 -53.40 17.73 -19.31
CA ASN C 308 -53.94 16.77 -20.26
C ASN C 308 -55.46 16.70 -20.13
N TYR C 309 -55.96 16.59 -18.89
CA TYR C 309 -57.40 16.51 -18.69
C TYR C 309 -58.09 17.76 -19.23
N ALA C 310 -57.58 18.94 -18.87
CA ALA C 310 -58.24 20.17 -19.26
C ALA C 310 -58.27 20.32 -20.78
N VAL C 311 -57.15 19.99 -21.43
CA VAL C 311 -57.12 20.06 -22.89
C VAL C 311 -58.12 19.09 -23.49
N SER C 312 -58.17 17.87 -22.95
CA SER C 312 -59.11 16.87 -23.43
C SER C 312 -60.56 17.21 -23.11
N ASN C 313 -60.80 18.19 -22.25
CA ASN C 313 -62.16 18.55 -21.85
C ASN C 313 -62.84 17.35 -21.18
N CYS C 314 -62.07 16.59 -20.42
CA CYS C 314 -62.57 15.47 -19.64
C CYS C 314 -62.36 15.74 -18.16
N LYS C 315 -63.37 15.42 -17.36
CA LYS C 315 -63.32 15.72 -15.94
C LYS C 315 -62.11 15.04 -15.30
N PHE C 316 -61.42 15.78 -14.45
CA PHE C 316 -60.31 15.23 -13.68
C PHE C 316 -60.85 14.51 -12.44
N ASN C 317 -60.44 13.27 -12.24
CA ASN C 317 -60.89 12.50 -11.08
C ASN C 317 -59.90 12.73 -9.94
N ILE C 318 -60.15 13.81 -9.19
CA ILE C 318 -59.36 14.09 -8.01
C ILE C 318 -59.36 12.88 -7.09
N GLU C 319 -60.53 12.23 -6.97
CA GLU C 319 -60.64 11.10 -6.06
C GLU C 319 -59.66 10.01 -6.41
N ASP C 320 -59.60 9.60 -7.67
CA ASP C 320 -58.67 8.54 -8.07
C ASP C 320 -57.23 9.01 -7.97
N TYR C 321 -56.96 10.25 -8.33
CA TYR C 321 -55.59 10.74 -8.21
C TYR C 321 -55.10 10.61 -6.78
N ASN C 322 -55.96 10.93 -5.81
CA ASN C 322 -55.58 10.74 -4.41
C ASN C 322 -55.60 9.27 -4.04
N ASN C 323 -56.48 8.48 -4.66
CA ASN C 323 -56.51 7.05 -4.40
C ASN C 323 -55.17 6.42 -4.72
N ILE C 324 -54.42 7.02 -5.63
CA ILE C 324 -53.07 6.51 -5.92
C ILE C 324 -52.25 6.50 -4.63
N PHE C 325 -52.24 7.62 -3.91
CA PHE C 325 -51.49 7.68 -2.65
C PHE C 325 -52.15 6.82 -1.58
N LYS C 326 -53.48 6.74 -1.59
CA LYS C 326 -54.15 5.81 -0.68
C LYS C 326 -53.61 4.40 -0.86
N VAL C 327 -53.48 3.98 -2.12
CA VAL C 327 -52.94 2.66 -2.44
C VAL C 327 -51.51 2.55 -1.94
N MET C 328 -50.71 3.58 -2.18
CA MET C 328 -49.34 3.57 -1.70
C MET C 328 -49.32 3.29 -0.20
N GLU C 329 -50.15 4.02 0.55
CA GLU C 329 -50.17 3.84 2.00
C GLU C 329 -50.67 2.44 2.38
N ASN C 330 -51.69 1.95 1.69
CA ASN C 330 -52.25 0.65 2.04
C ASN C 330 -51.26 -0.47 1.78
N ILE C 331 -50.45 -0.33 0.73
CA ILE C 331 -49.38 -1.31 0.48
C ILE C 331 -48.28 -1.16 1.52
N ARG C 332 -47.94 0.09 1.88
CA ARG C 332 -46.88 0.32 2.85
C ARG C 332 -47.22 -0.28 4.21
N LYS C 333 -48.48 -0.10 4.65
CA LYS C 333 -48.86 -0.52 5.99
C LYS C 333 -48.79 -2.03 6.15
N HIS C 334 -48.70 -2.79 5.06
CA HIS C 334 -48.60 -4.24 5.14
C HIS C 334 -47.18 -4.71 4.85
N GLU D 112 -55.46 52.74 -28.74
CA GLU D 112 -55.12 52.80 -27.33
C GLU D 112 -55.67 51.60 -26.57
N LEU D 113 -54.79 50.93 -25.82
CA LEU D 113 -55.21 49.77 -25.05
C LEU D 113 -56.21 50.15 -23.97
N ILE D 114 -56.01 51.31 -23.34
CA ILE D 114 -56.80 51.70 -22.17
C ILE D 114 -58.05 52.41 -22.65
N ASN D 115 -59.21 51.94 -22.16
CA ASN D 115 -60.48 52.64 -22.34
C ASN D 115 -60.60 53.62 -21.18
N MET D 116 -59.98 54.80 -21.34
CA MET D 116 -59.84 55.71 -20.22
C MET D 116 -61.17 56.02 -19.56
N ARG D 117 -62.27 56.04 -20.33
CA ARG D 117 -63.58 56.32 -19.74
C ARG D 117 -64.01 55.21 -18.79
N ARG D 118 -63.97 53.96 -19.26
CA ARG D 118 -64.34 52.84 -18.40
C ARG D 118 -63.41 52.74 -17.21
N TYR D 119 -62.12 52.98 -17.44
CA TYR D 119 -61.15 52.96 -16.36
C TYR D 119 -61.47 54.03 -15.32
N ARG D 120 -61.84 55.22 -15.78
CA ARG D 120 -62.27 56.26 -14.85
C ARG D 120 -63.48 55.81 -14.07
N ASN D 121 -64.44 55.18 -14.74
CA ASN D 121 -65.65 54.74 -14.05
C ASN D 121 -65.31 53.76 -12.94
N ALA D 122 -64.53 52.74 -13.26
CA ALA D 122 -64.17 51.74 -12.25
C ALA D 122 -63.35 52.36 -11.12
N ALA D 123 -62.39 53.20 -11.47
CA ALA D 123 -61.56 53.84 -10.45
C ALA D 123 -62.42 54.69 -9.52
N ARG D 124 -63.33 55.47 -10.09
CA ARG D 124 -64.22 56.28 -9.28
C ARG D 124 -65.06 55.39 -8.36
N LYS D 125 -65.59 54.31 -8.90
CA LYS D 125 -66.40 53.40 -8.09
C LYS D 125 -65.62 52.92 -6.88
N LEU D 126 -64.44 52.34 -7.11
CA LEU D 126 -63.71 51.74 -5.99
C LEU D 126 -63.19 52.80 -5.03
N ILE D 127 -62.65 53.89 -5.55
CA ILE D 127 -62.09 54.94 -4.70
C ILE D 127 -63.19 55.53 -3.84
N HIS D 128 -64.36 55.80 -4.43
CA HIS D 128 -65.47 56.33 -3.67
C HIS D 128 -65.91 55.33 -2.60
N HIS D 129 -66.02 54.05 -2.96
CA HIS D 129 -66.44 53.06 -1.98
C HIS D 129 -65.51 53.05 -0.78
N TYR D 130 -64.20 53.00 -1.04
CA TYR D 130 -63.26 52.87 0.07
C TYR D 130 -63.10 54.17 0.84
N SER D 131 -63.31 55.33 0.20
CA SER D 131 -63.38 56.57 0.95
C SER D 131 -64.60 56.56 1.87
N LEU D 132 -65.72 56.01 1.39
CA LEU D 132 -66.93 55.96 2.21
C LEU D 132 -66.75 55.04 3.40
N ASN D 133 -66.19 53.85 3.19
CA ASN D 133 -66.11 52.86 4.24
C ASN D 133 -64.89 51.99 4.02
N SER D 134 -64.64 51.06 4.96
CA SER D 134 -63.50 50.15 4.87
C SER D 134 -63.91 48.85 5.58
N THR D 135 -64.32 47.86 4.80
CA THR D 135 -64.74 46.57 5.35
C THR D 135 -64.66 45.53 4.24
N SER D 136 -65.29 44.38 4.49
CA SER D 136 -65.28 43.27 3.52
C SER D 136 -65.69 43.75 2.14
N SER D 137 -66.92 44.26 2.02
CA SER D 137 -67.43 44.81 0.77
C SER D 137 -67.42 43.75 -0.34
N THR D 138 -68.22 42.72 -0.11
CA THR D 138 -68.23 41.53 -0.97
C THR D 138 -69.02 41.78 -2.25
N GLU D 139 -68.66 42.86 -2.96
CA GLU D 139 -69.28 43.16 -4.24
C GLU D 139 -68.28 43.69 -5.25
N TYR D 140 -67.00 43.42 -5.08
CA TYR D 140 -65.95 43.94 -5.94
C TYR D 140 -64.99 42.84 -6.31
N LYS D 141 -64.19 43.10 -7.34
CA LYS D 141 -63.35 42.08 -7.96
C LYS D 141 -61.93 42.57 -8.18
N ILE D 142 -61.01 41.61 -8.15
CA ILE D 142 -59.62 41.91 -8.47
C ILE D 142 -59.55 42.64 -9.80
N SER D 143 -60.44 42.28 -10.72
CA SER D 143 -60.58 43.04 -11.95
C SER D 143 -60.83 44.51 -11.66
N ASP D 144 -61.70 44.79 -10.69
CA ASP D 144 -61.99 46.17 -10.34
C ASP D 144 -60.75 46.88 -9.80
N VAL D 145 -60.01 46.20 -8.93
CA VAL D 145 -58.81 46.83 -8.37
C VAL D 145 -57.80 47.11 -9.47
N VAL D 146 -57.59 46.15 -10.37
CA VAL D 146 -56.68 46.36 -11.48
C VAL D 146 -57.14 47.53 -12.32
N MET D 147 -58.44 47.59 -12.59
CA MET D 147 -59.00 48.67 -13.39
C MET D 147 -58.64 50.01 -12.77
N THR D 148 -58.91 50.15 -11.46
CA THR D 148 -58.66 51.39 -10.77
C THR D 148 -57.18 51.76 -10.82
N MET D 149 -56.30 50.81 -10.52
CA MET D 149 -54.88 51.14 -10.47
C MET D 149 -54.37 51.54 -11.84
N ILE D 150 -54.81 50.84 -12.88
CA ILE D 150 -54.39 51.20 -14.23
C ILE D 150 -54.86 52.60 -14.57
N PHE D 151 -56.10 52.93 -14.18
CA PHE D 151 -56.59 54.27 -14.43
C PHE D 151 -55.70 55.31 -13.75
N LEU D 152 -55.37 55.07 -12.48
CA LEU D 152 -54.55 56.03 -11.77
C LEU D 152 -53.19 56.19 -12.44
N LEU D 153 -52.60 55.07 -12.87
CA LEU D 153 -51.33 55.16 -13.59
C LEU D 153 -51.48 56.04 -14.83
N ARG D 154 -52.50 55.75 -15.65
CA ARG D 154 -52.62 56.46 -16.92
C ARG D 154 -52.88 57.94 -16.71
N SER D 155 -53.73 58.29 -15.76
CA SER D 155 -54.06 59.70 -15.52
C SER D 155 -52.91 60.35 -14.77
N GLU D 156 -52.26 61.32 -15.42
CA GLU D 156 -51.18 62.04 -14.75
C GLU D 156 -51.72 62.83 -13.57
N LYS D 157 -52.92 63.37 -13.69
CA LYS D 157 -53.52 64.12 -12.59
C LYS D 157 -53.51 63.30 -11.30
N TYR D 158 -53.97 62.06 -11.37
CA TYR D 158 -54.01 61.17 -10.22
C TYR D 158 -52.73 60.36 -10.07
N HIS D 159 -51.64 60.81 -10.69
CA HIS D 159 -50.38 60.11 -10.56
C HIS D 159 -49.91 60.09 -9.11
N SER D 160 -50.19 61.15 -8.36
CA SER D 160 -49.82 61.17 -6.95
C SER D 160 -50.54 60.08 -6.17
N LEU D 161 -51.85 59.93 -6.41
CA LEU D 161 -52.59 58.85 -5.78
C LEU D 161 -52.02 57.51 -6.18
N PHE D 162 -51.68 57.37 -7.46
CA PHE D 162 -51.07 56.13 -7.92
C PHE D 162 -49.81 55.81 -7.13
N LYS D 163 -48.94 56.81 -6.96
CA LYS D 163 -47.70 56.58 -6.23
C LYS D 163 -47.98 56.23 -4.78
N LEU D 164 -48.98 56.89 -4.18
CA LEU D 164 -49.33 56.58 -2.79
C LEU D 164 -49.73 55.11 -2.65
N LEU D 165 -50.62 54.65 -3.53
CA LEU D 165 -51.09 53.27 -3.40
C LEU D 165 -49.99 52.28 -3.76
N GLU D 166 -49.14 52.63 -4.72
CA GLU D 166 -47.95 51.82 -4.98
C GLU D 166 -47.09 51.70 -3.74
N THR D 167 -46.99 52.77 -2.96
CA THR D 167 -46.36 52.66 -1.66
C THR D 167 -47.13 51.70 -0.77
N THR D 168 -48.46 51.79 -0.78
CA THR D 168 -49.26 50.90 0.05
C THR D 168 -48.96 49.44 -0.24
N PHE D 169 -48.62 49.12 -1.49
CA PHE D 169 -48.14 47.76 -1.75
C PHE D 169 -47.09 47.36 -0.72
N ASP D 170 -47.18 46.12 -0.27
CA ASP D 170 -46.24 45.58 0.71
C ASP D 170 -46.66 46.27 2.01
N ASP D 171 -45.80 46.34 3.03
CA ASP D 171 -46.20 46.96 4.28
C ASP D 171 -46.76 48.36 4.03
N TYR D 172 -47.57 48.82 4.97
CA TYR D 172 -48.23 50.12 4.84
C TYR D 172 -47.23 51.27 4.69
N THR D 173 -46.10 51.20 5.39
CA THR D 173 -45.09 52.26 5.41
C THR D 173 -45.84 53.53 5.80
N CYS D 174 -45.45 54.71 5.35
CA CYS D 174 -46.02 55.93 5.92
C CYS D 174 -46.31 56.86 4.75
N ARG D 175 -47.27 57.74 4.92
CA ARG D 175 -47.53 58.70 3.86
C ARG D 175 -46.30 59.60 3.70
N PRO D 176 -45.81 59.81 2.47
CA PRO D 176 -44.69 60.74 2.30
C PRO D 176 -45.13 62.15 2.63
N GLN D 177 -44.20 62.93 3.16
CA GLN D 177 -44.53 64.30 3.53
C GLN D 177 -44.79 65.17 2.31
N MET D 178 -45.97 65.75 2.28
CA MET D 178 -46.44 66.61 1.20
C MET D 178 -46.62 68.02 1.72
N THR D 179 -46.30 68.99 0.87
CA THR D 179 -46.55 70.38 1.20
C THR D 179 -48.05 70.65 1.27
N GLN D 180 -48.40 71.82 1.80
CA GLN D 180 -49.81 72.20 1.85
C GLN D 180 -50.39 72.27 0.45
N VAL D 181 -49.64 72.84 -0.50
CA VAL D 181 -50.10 72.90 -1.88
C VAL D 181 -50.33 71.50 -2.42
N GLN D 182 -49.38 70.59 -2.17
CA GLN D 182 -49.52 69.24 -2.67
C GLN D 182 -50.75 68.55 -2.09
N THR D 183 -50.96 68.69 -0.79
CA THR D 183 -52.12 68.07 -0.16
C THR D 183 -53.41 68.64 -0.70
N ASP D 184 -53.47 69.97 -0.88
CA ASP D 184 -54.67 70.58 -1.42
C ASP D 184 -54.94 70.07 -2.84
N THR D 185 -53.89 69.99 -3.65
CA THR D 185 -54.06 69.48 -5.01
C THR D 185 -54.54 68.04 -4.99
N LEU D 186 -54.00 67.23 -4.08
CA LEU D 186 -54.43 65.85 -3.94
C LEU D 186 -55.93 65.78 -3.64
N LEU D 187 -56.37 66.53 -2.63
CA LEU D 187 -57.78 66.49 -2.26
C LEU D 187 -58.65 66.99 -3.41
N ASP D 188 -58.20 68.03 -4.11
CA ASP D 188 -58.95 68.54 -5.24
C ASP D 188 -59.09 67.48 -6.32
N ALA D 189 -58.01 66.77 -6.62
CA ALA D 189 -58.07 65.73 -7.63
C ALA D 189 -59.00 64.61 -7.21
N VAL D 190 -58.93 64.21 -5.95
CA VAL D 190 -59.82 63.15 -5.45
C VAL D 190 -61.27 63.58 -5.64
N ARG D 191 -61.60 64.80 -5.21
CA ARG D 191 -62.98 65.26 -5.33
C ARG D 191 -63.39 65.39 -6.79
N SER D 192 -62.46 65.83 -7.64
CA SER D 192 -62.76 65.93 -9.07
C SER D 192 -63.12 64.56 -9.63
N LEU D 193 -62.36 63.53 -9.28
CA LEU D 193 -62.74 62.18 -9.66
C LEU D 193 -64.10 61.82 -9.07
N LEU D 194 -64.41 62.33 -7.89
CA LEU D 194 -65.70 62.09 -7.26
C LEU D 194 -66.65 63.25 -7.52
N SER D 198 -67.59 67.41 -5.47
CA SER D 198 -68.61 66.61 -4.81
C SER D 198 -68.47 66.69 -3.29
N THR D 199 -68.74 65.59 -2.61
CA THR D 199 -68.64 65.57 -1.16
C THR D 199 -67.21 65.91 -0.71
N THR D 200 -67.10 66.67 0.36
CA THR D 200 -65.80 67.09 0.86
C THR D 200 -65.08 65.92 1.51
N ILE D 201 -63.75 66.04 1.57
CA ILE D 201 -62.86 64.99 2.07
C ILE D 201 -61.77 65.66 2.89
N ASP D 202 -60.86 64.84 3.41
CA ASP D 202 -59.74 65.33 4.21
C ASP D 202 -58.59 64.33 4.11
N LEU D 203 -57.41 64.80 4.53
CA LEU D 203 -56.25 63.92 4.53
C LEU D 203 -56.47 62.72 5.43
N THR D 204 -57.29 62.86 6.47
CA THR D 204 -57.63 61.69 7.29
C THR D 204 -58.37 60.65 6.46
N THR D 205 -59.34 61.08 5.66
CA THR D 205 -60.03 60.15 4.78
C THR D 205 -59.07 59.54 3.78
N VAL D 206 -58.16 60.36 3.23
CA VAL D 206 -57.18 59.85 2.29
C VAL D 206 -56.36 58.75 2.94
N ASP D 207 -55.91 58.98 4.17
CA ASP D 207 -55.08 57.98 4.85
C ASP D 207 -55.87 56.71 5.15
N ILE D 208 -57.13 56.86 5.57
CA ILE D 208 -57.95 55.68 5.86
C ILE D 208 -58.14 54.85 4.61
N MET D 209 -58.47 55.52 3.50
CA MET D 209 -58.64 54.82 2.23
C MET D 209 -57.32 54.19 1.78
N ARG D 210 -56.21 54.86 2.06
CA ARG D 210 -54.91 54.31 1.71
C ARG D 210 -54.65 53.02 2.48
N SER D 211 -55.02 52.99 3.76
CA SER D 211 -54.91 51.75 4.53
C SER D 211 -55.83 50.67 3.97
N SER D 212 -57.06 51.05 3.61
CA SER D 212 -57.97 50.08 3.02
C SER D 212 -57.34 49.45 1.79
N PHE D 213 -56.77 50.26 0.91
CA PHE D 213 -56.20 49.74 -0.31
C PHE D 213 -54.94 48.94 -0.04
N ALA D 214 -54.16 49.33 0.96
CA ALA D 214 -53.03 48.51 1.38
C ALA D 214 -53.51 47.11 1.74
N ARG D 215 -54.57 47.03 2.53
CA ARG D 215 -55.11 45.73 2.91
C ARG D 215 -55.59 44.96 1.68
N CYS D 216 -56.30 45.63 0.79
CA CYS D 216 -56.72 44.96 -0.45
C CYS D 216 -55.53 44.35 -1.17
N PHE D 217 -54.50 45.16 -1.39
CA PHE D 217 -53.34 44.67 -2.12
C PHE D 217 -52.68 43.51 -1.40
N ASN D 218 -52.64 43.56 -0.07
CA ASN D 218 -52.14 42.43 0.70
C ASN D 218 -53.08 41.24 0.67
N SER D 219 -54.30 41.41 0.18
CA SER D 219 -55.24 40.30 0.16
C SER D 219 -54.71 39.18 -0.73
N PRO D 220 -54.86 37.93 -0.32
CA PRO D 220 -54.43 36.82 -1.19
C PRO D 220 -55.37 36.66 -2.38
N ILE D 221 -54.87 35.95 -3.39
CA ILE D 221 -55.63 35.71 -4.61
C ILE D 221 -55.77 34.23 -4.86
N MET D 222 -56.40 33.87 -5.98
CA MET D 222 -56.61 32.48 -6.33
C MET D 222 -55.28 31.79 -6.62
N ARG D 223 -55.24 30.49 -6.37
CA ARG D 223 -54.08 29.66 -6.68
C ARG D 223 -54.56 28.26 -7.03
N TYR D 224 -53.63 27.41 -7.42
CA TYR D 224 -53.92 26.03 -7.78
C TYR D 224 -53.40 25.09 -6.70
N ALA D 225 -54.20 24.08 -6.38
CA ALA D 225 -53.81 23.10 -5.38
C ALA D 225 -52.50 22.44 -5.78
N LYS D 226 -51.92 21.71 -4.83
CA LYS D 226 -50.67 21.00 -5.09
C LYS D 226 -50.58 19.83 -4.12
N ILE D 227 -49.72 18.88 -4.46
CA ILE D 227 -49.46 17.74 -3.60
C ILE D 227 -48.57 18.19 -2.45
N VAL D 228 -48.83 17.65 -1.26
CA VAL D 228 -48.12 18.03 -0.04
C VAL D 228 -47.55 16.78 0.58
N LEU D 229 -46.26 16.83 0.92
CA LEU D 229 -45.62 15.71 1.61
C LEU D 229 -45.88 15.82 3.10
N LEU D 230 -46.24 14.69 3.72
CA LEU D 230 -46.47 14.63 5.15
C LEU D 230 -45.60 13.55 5.77
N GLN D 231 -44.97 13.89 6.88
CA GLN D 231 -44.06 12.96 7.54
C GLN D 231 -44.87 11.86 8.23
N ASN D 232 -44.50 10.61 7.94
CA ASN D 232 -45.16 9.46 8.54
C ASN D 232 -44.55 9.13 9.89
N ASP D 238 -43.22 3.29 13.92
CA ASP D 238 -44.46 2.53 13.81
C ASP D 238 -44.18 1.03 13.94
N LYS D 239 -43.55 0.46 12.92
CA LYS D 239 -43.19 -0.94 12.91
C LYS D 239 -41.73 -1.12 13.31
N ARG D 240 -41.45 -2.25 13.95
CA ARG D 240 -40.12 -2.54 14.46
C ARG D 240 -39.74 -3.97 14.06
N THR D 241 -38.44 -4.17 13.82
CA THR D 241 -37.94 -5.47 13.45
C THR D 241 -37.86 -6.38 14.66
N THR D 242 -37.71 -7.67 14.41
CA THR D 242 -37.59 -8.66 15.46
C THR D 242 -36.13 -9.05 15.67
N LEU D 243 -35.81 -9.35 16.94
CA LEU D 243 -34.43 -9.66 17.29
C LEU D 243 -33.95 -10.90 16.56
N GLU D 244 -34.86 -11.81 16.19
CA GLU D 244 -34.42 -13.03 15.53
C GLU D 244 -33.83 -12.73 14.15
N GLU D 245 -34.57 -11.98 13.32
CA GLU D 245 -34.06 -11.61 12.01
C GLU D 245 -32.86 -10.69 12.14
N LEU D 246 -32.90 -9.76 13.09
CA LEU D 246 -31.74 -8.92 13.34
C LEU D 246 -30.52 -9.78 13.62
N LEU D 247 -30.69 -10.79 14.48
CA LEU D 247 -29.59 -11.68 14.82
C LEU D 247 -29.09 -12.43 13.60
N ILE D 248 -30.01 -12.93 12.77
CA ILE D 248 -29.58 -13.68 11.60
C ILE D 248 -28.70 -12.81 10.71
N GLU D 249 -29.18 -11.62 10.39
CA GLU D 249 -28.42 -10.75 9.48
C GLU D 249 -27.08 -10.36 10.11
N ARG D 250 -27.12 -9.92 11.37
CA ARG D 250 -25.89 -9.46 12.00
C ARG D 250 -24.88 -10.58 12.14
N GLY D 251 -25.33 -11.78 12.48
CA GLY D 251 -24.42 -12.91 12.60
C GLY D 251 -23.81 -13.28 11.27
N GLU D 252 -24.59 -13.20 10.19
CA GLU D 252 -24.01 -13.37 8.87
C GLU D 252 -22.89 -12.36 8.65
N LYS D 253 -23.15 -11.09 9.01
CA LYS D 253 -22.11 -10.08 8.86
C LYS D 253 -20.88 -10.44 9.69
N ILE D 254 -21.08 -10.89 10.92
CA ILE D 254 -19.96 -11.22 11.79
C ILE D 254 -19.14 -12.33 11.18
N GLN D 255 -19.79 -13.40 10.72
CA GLN D 255 -19.07 -14.46 10.04
C GLN D 255 -18.28 -13.92 8.87
N MET D 256 -18.86 -12.95 8.15
CA MET D 256 -18.12 -12.29 7.07
C MET D 256 -16.93 -11.50 7.59
N LEU D 257 -16.96 -11.06 8.84
CA LEU D 257 -15.93 -10.15 9.33
C LEU D 257 -14.56 -10.81 9.37
N GLN D 258 -13.53 -9.97 9.43
CA GLN D 258 -12.12 -10.36 9.35
C GLN D 258 -11.55 -10.58 10.75
N PRO D 259 -10.96 -11.74 11.03
CA PRO D 259 -10.27 -11.92 12.32
C PRO D 259 -9.17 -10.89 12.52
N GLN D 260 -9.01 -10.44 13.76
CA GLN D 260 -8.06 -9.39 14.09
C GLN D 260 -6.95 -9.83 15.03
N GLN D 261 -7.29 -10.43 16.17
CA GLN D 261 -6.29 -10.73 17.19
C GLN D 261 -6.48 -12.12 17.75
N TYR D 262 -5.39 -12.68 18.26
CA TYR D 262 -5.40 -13.98 18.91
C TYR D 262 -4.49 -13.92 20.13
N ILE D 263 -4.81 -14.74 21.13
CA ILE D 263 -4.02 -14.78 22.36
C ILE D 263 -3.60 -16.21 22.65
N GLU D 276 -1.73 -6.47 50.29
CA GLU D 276 -0.68 -5.48 50.01
C GLU D 276 -1.35 -4.21 49.47
N PHE D 277 -0.88 -3.65 48.36
CA PHE D 277 -1.43 -2.39 47.85
C PHE D 277 -2.91 -2.52 47.56
N LEU D 278 -3.41 -3.74 47.37
CA LEU D 278 -4.84 -3.90 47.20
C LEU D 278 -5.59 -3.48 48.47
N ASN D 279 -4.96 -3.59 49.63
CA ASN D 279 -5.56 -3.05 50.84
C ASN D 279 -5.69 -1.53 50.74
N ARG D 280 -4.64 -0.86 50.25
CA ARG D 280 -4.71 0.58 50.07
C ARG D 280 -5.81 0.96 49.08
N LEU D 281 -5.93 0.21 47.99
CA LEU D 281 -6.96 0.50 47.01
C LEU D 281 -8.34 0.21 47.59
N LEU D 282 -8.45 -0.84 48.42
CA LEU D 282 -9.70 -1.10 49.10
C LEU D 282 -10.08 0.05 50.00
N LYS D 283 -9.11 0.65 50.69
CA LYS D 283 -9.38 1.87 51.44
C LYS D 283 -9.85 2.97 50.50
N HIS D 284 -9.18 3.12 49.36
CA HIS D 284 -9.56 4.17 48.41
C HIS D 284 -11.03 4.06 48.05
N ILE D 285 -11.49 2.84 47.75
CA ILE D 285 -12.86 2.63 47.29
C ILE D 285 -13.84 2.38 48.44
N ASP D 286 -13.34 2.21 49.66
CA ASP D 286 -14.20 1.85 50.78
C ASP D 286 -15.34 2.82 51.01
N PRO D 287 -15.13 4.15 51.01
CA PRO D 287 -16.26 5.06 51.26
C PRO D 287 -17.24 5.15 50.12
N TYR D 288 -17.01 4.46 49.01
CA TYR D 288 -17.90 4.58 47.87
C TYR D 288 -19.22 3.87 48.15
N PRO D 289 -20.36 4.47 47.77
CA PRO D 289 -21.65 3.81 47.95
C PRO D 289 -21.90 2.69 46.95
N LEU D 290 -21.45 1.48 47.30
CA LEU D 290 -21.60 0.32 46.42
C LEU D 290 -22.99 0.24 45.77
N SER D 291 -24.03 0.51 46.55
CA SER D 291 -25.37 0.47 45.98
C SER D 291 -25.50 1.48 44.83
N ARG D 292 -24.98 2.68 45.03
CA ARG D 292 -25.01 3.67 43.96
C ARG D 292 -24.17 3.21 42.78
N MET D 293 -23.05 2.53 43.04
CA MET D 293 -22.25 1.99 41.94
C MET D 293 -23.07 1.02 41.10
N TYR D 294 -23.75 0.08 41.74
CA TYR D 294 -24.62 -0.83 40.99
C TYR D 294 -25.68 -0.06 40.24
N TYR D 295 -26.30 0.92 40.89
CA TYR D 295 -27.34 1.70 40.22
C TYR D 295 -26.81 2.33 38.95
N ASN D 296 -25.67 3.01 39.05
CA ASN D 296 -25.10 3.70 37.91
C ASN D 296 -24.75 2.72 36.80
N ALA D 297 -24.09 1.63 37.15
CA ALA D 297 -23.66 0.67 36.13
C ALA D 297 -24.86 0.07 35.41
N ALA D 298 -25.86 -0.38 36.18
CA ALA D 298 -27.03 -0.99 35.57
C ALA D 298 -27.77 0.00 34.69
N ASN D 299 -27.91 1.25 35.15
CA ASN D 299 -28.61 2.23 34.34
C ASN D 299 -27.83 2.55 33.07
N THR D 300 -26.51 2.60 33.16
CA THR D 300 -25.71 2.81 31.97
C THR D 300 -25.95 1.69 30.96
N MET D 301 -25.89 0.44 31.43
CA MET D 301 -26.13 -0.68 30.54
C MET D 301 -27.51 -0.59 29.90
N PHE D 302 -28.52 -0.33 30.71
CA PHE D 302 -29.88 -0.30 30.19
C PHE D 302 -30.06 0.81 29.19
N TYR D 303 -29.50 1.99 29.46
CA TYR D 303 -29.61 3.10 28.53
C TYR D 303 -28.91 2.77 27.21
N THR D 304 -27.73 2.17 27.28
CA THR D 304 -27.03 1.82 26.05
C THR D 304 -27.81 0.77 25.26
N THR D 305 -28.40 -0.20 25.96
CA THR D 305 -29.20 -1.21 25.28
C THR D 305 -30.39 -0.57 24.60
N MET D 306 -31.06 0.35 25.28
CA MET D 306 -32.21 1.02 24.68
C MET D 306 -31.78 1.83 23.47
N GLU D 307 -30.64 2.51 23.57
CA GLU D 307 -30.14 3.29 22.44
C GLU D 307 -29.87 2.39 21.24
N ASN D 308 -29.23 1.25 21.47
CA ASN D 308 -28.95 0.33 20.38
C ASN D 308 -30.23 -0.21 19.78
N TYR D 309 -31.20 -0.57 20.62
CA TYR D 309 -32.48 -1.05 20.12
C TYR D 309 -33.15 -0.01 19.25
N ALA D 310 -33.19 1.25 19.72
CA ALA D 310 -33.83 2.30 18.97
C ALA D 310 -33.13 2.52 17.64
N VAL D 311 -31.79 2.52 17.64
CA VAL D 311 -31.06 2.69 16.40
C VAL D 311 -31.38 1.58 15.43
N SER D 312 -31.45 0.34 15.92
CA SER D 312 -31.71 -0.80 15.07
C SER D 312 -33.19 -0.96 14.71
N ASN D 313 -34.08 -0.19 15.34
CA ASN D 313 -35.52 -0.35 15.13
C ASN D 313 -35.96 -1.78 15.42
N CYS D 314 -35.41 -2.37 16.47
CA CYS D 314 -35.75 -3.72 16.88
C CYS D 314 -36.55 -3.68 18.17
N LYS D 315 -37.59 -4.50 18.25
CA LYS D 315 -38.41 -4.55 19.45
C LYS D 315 -37.58 -5.01 20.64
N PHE D 316 -37.93 -4.50 21.82
CA PHE D 316 -37.21 -4.78 23.05
C PHE D 316 -38.06 -5.65 23.97
N ASN D 317 -37.42 -6.65 24.59
CA ASN D 317 -38.11 -7.58 25.47
C ASN D 317 -37.77 -7.21 26.92
N ILE D 318 -38.65 -6.40 27.52
CA ILE D 318 -38.42 -5.88 28.86
C ILE D 318 -38.27 -7.03 29.85
N GLU D 319 -39.17 -8.02 29.75
CA GLU D 319 -39.14 -9.12 30.69
C GLU D 319 -37.86 -9.93 30.55
N ASP D 320 -37.32 -10.05 29.33
CA ASP D 320 -36.07 -10.78 29.17
C ASP D 320 -34.91 -10.00 29.78
N TYR D 321 -34.92 -8.67 29.65
CA TYR D 321 -33.88 -7.89 30.30
C TYR D 321 -33.97 -8.05 31.83
N ASN D 322 -35.19 -8.00 32.36
CA ASN D 322 -35.39 -8.27 33.78
C ASN D 322 -34.84 -9.64 34.14
N ASN D 323 -35.10 -10.64 33.30
CA ASN D 323 -34.56 -11.96 33.54
C ASN D 323 -33.03 -11.95 33.54
N ILE D 324 -32.43 -11.14 32.67
CA ILE D 324 -30.98 -11.03 32.69
C ILE D 324 -30.51 -10.62 34.07
N PHE D 325 -31.15 -9.60 34.63
CA PHE D 325 -30.76 -9.13 35.96
C PHE D 325 -31.74 -9.58 37.04
N LYS D 326 -32.20 -10.82 36.96
CA LYS D 326 -33.12 -11.40 37.94
C LYS D 326 -32.36 -12.39 38.82
N VAL D 327 -32.52 -12.26 40.12
CA VAL D 327 -31.88 -13.14 41.10
C VAL D 327 -32.96 -13.79 41.94
N MET D 328 -32.99 -15.12 41.94
CA MET D 328 -33.89 -15.86 42.81
C MET D 328 -33.35 -15.90 44.23
N GLU D 329 -34.27 -15.91 45.19
CA GLU D 329 -33.95 -15.93 46.61
C GLU D 329 -34.28 -17.30 47.19
N ASN D 330 -33.35 -17.87 47.93
CA ASN D 330 -33.54 -19.20 48.52
C ASN D 330 -34.43 -19.07 49.76
N ILE D 331 -34.56 -20.16 50.50
CA ILE D 331 -35.41 -20.19 51.70
C ILE D 331 -34.55 -20.35 52.94
N ARG D 332 -33.30 -19.90 52.86
CA ARG D 332 -32.38 -19.98 53.99
C ARG D 332 -31.06 -19.28 53.68
N LEU E 5 -31.63 -62.06 27.95
CA LEU E 5 -32.30 -61.14 27.05
C LEU E 5 -31.29 -60.23 26.36
N GLN E 6 -30.04 -60.68 26.32
CA GLN E 6 -28.97 -59.88 25.72
C GLN E 6 -29.25 -59.67 24.24
N SER E 7 -29.45 -58.41 23.85
CA SER E 7 -29.84 -58.05 22.49
C SER E 7 -28.78 -57.14 21.87
N LYS E 8 -28.33 -57.51 20.67
CA LYS E 8 -27.36 -56.72 19.93
C LYS E 8 -28.05 -55.54 19.26
N TRP E 9 -27.35 -54.41 19.21
CA TRP E 9 -27.94 -53.21 18.62
C TRP E 9 -26.83 -52.24 18.22
N ILE E 10 -27.19 -51.31 17.33
CA ILE E 10 -26.26 -50.34 16.78
C ILE E 10 -26.64 -48.96 17.30
N CYS E 11 -25.60 -48.13 17.48
CA CYS E 11 -25.75 -46.73 17.81
C CYS E 11 -24.81 -45.92 16.93
N LEU E 12 -25.26 -44.73 16.55
CA LEU E 12 -24.50 -43.86 15.66
C LEU E 12 -24.47 -42.45 16.24
N ARG E 13 -23.30 -41.83 16.20
CA ARG E 13 -23.12 -40.46 16.62
C ARG E 13 -22.88 -39.59 15.39
N LEU E 14 -23.74 -38.60 15.20
CA LEU E 14 -23.58 -37.70 14.06
C LEU E 14 -22.28 -36.93 14.19
N ASN E 15 -21.50 -36.90 13.11
CA ASN E 15 -20.20 -36.24 13.14
C ASN E 15 -20.33 -34.73 13.08
N ASP E 16 -21.48 -34.21 12.68
CA ASP E 16 -21.72 -32.77 12.68
C ASP E 16 -23.22 -32.57 12.88
N ALA E 17 -23.61 -32.12 14.07
CA ALA E 17 -25.00 -32.02 14.45
C ALA E 17 -25.31 -30.60 14.90
N ILE E 18 -26.60 -30.26 14.84
CA ILE E 18 -27.07 -28.98 15.35
C ILE E 18 -27.55 -29.11 16.79
N ILE E 19 -28.36 -30.14 17.06
CA ILE E 19 -28.83 -30.42 18.40
C ILE E 19 -27.93 -31.48 19.01
N LYS E 20 -27.46 -31.23 20.23
CA LYS E 20 -26.50 -32.11 20.87
C LYS E 20 -27.17 -32.91 21.99
N ARG E 21 -26.55 -34.04 22.33
CA ARG E 21 -26.93 -34.85 23.46
C ARG E 21 -28.34 -35.42 23.30
N HIS E 22 -28.83 -35.52 22.07
CA HIS E 22 -30.17 -36.03 21.81
C HIS E 22 -30.10 -37.35 21.07
N VAL E 23 -30.93 -38.29 21.50
CA VAL E 23 -30.99 -39.63 20.94
C VAL E 23 -32.36 -39.84 20.31
N LEU E 24 -32.36 -40.54 19.18
CA LEU E 24 -33.57 -40.86 18.45
C LEU E 24 -33.65 -42.36 18.23
N VAL E 25 -34.82 -42.93 18.51
CA VAL E 25 -35.05 -44.36 18.37
C VAL E 25 -35.54 -44.63 16.95
N LEU E 26 -34.93 -45.61 16.29
CA LEU E 26 -35.37 -46.06 14.98
C LEU E 26 -35.57 -47.57 15.00
N SER E 27 -36.66 -48.04 14.40
CA SER E 27 -36.89 -49.47 14.28
C SER E 27 -35.86 -50.13 13.39
N GLU E 28 -35.25 -49.38 12.48
CA GLU E 28 -34.16 -49.91 11.65
C GLU E 28 -33.41 -48.74 11.04
N TYR E 29 -32.21 -49.05 10.52
CA TYR E 29 -31.36 -48.01 9.97
C TYR E 29 -32.03 -47.27 8.81
N ALA E 30 -32.90 -47.95 8.06
CA ALA E 30 -33.55 -47.35 6.90
C ALA E 30 -34.48 -46.21 7.27
N ASP E 31 -34.82 -46.04 8.54
CA ASP E 31 -35.77 -45.02 8.93
C ASP E 31 -35.27 -43.60 8.63
N LEU E 32 -33.97 -43.44 8.36
CA LEU E 32 -33.42 -42.11 8.12
C LEU E 32 -34.15 -41.40 6.98
N LYS E 33 -34.71 -42.17 6.04
CA LYS E 33 -35.49 -41.55 4.98
C LYS E 33 -36.60 -40.68 5.55
N TYR E 34 -37.22 -41.13 6.65
CA TYR E 34 -38.29 -40.35 7.25
C TYR E 34 -37.81 -38.99 7.73
N LEU E 35 -36.51 -38.85 7.98
CA LEU E 35 -35.93 -37.56 8.32
C LEU E 35 -35.53 -36.78 7.07
N GLY E 36 -34.99 -37.47 6.07
CA GLY E 36 -34.62 -36.81 4.84
C GLY E 36 -33.61 -35.70 5.05
N PHE E 37 -34.01 -34.46 4.80
CA PHE E 37 -33.12 -33.32 4.89
C PHE E 37 -33.48 -32.45 6.09
N GLU E 38 -32.45 -31.87 6.72
CA GLU E 38 -32.62 -30.88 7.78
C GLU E 38 -33.50 -31.41 8.90
N LYS E 39 -33.44 -32.69 9.15
CA LYS E 39 -34.04 -33.29 10.33
C LYS E 39 -33.06 -34.18 11.08
N TYR E 40 -32.21 -34.91 10.35
CA TYR E 40 -31.19 -35.72 11.00
C TYR E 40 -30.24 -34.85 11.82
N LYS E 41 -30.02 -33.61 11.39
CA LYS E 41 -29.09 -32.74 12.09
C LYS E 41 -29.54 -32.44 13.51
N PHE E 42 -30.80 -32.70 13.83
CA PHE E 42 -31.35 -32.44 15.15
C PHE E 42 -31.33 -33.67 16.05
N PHE E 43 -30.68 -34.75 15.61
CA PHE E 43 -30.53 -35.95 16.43
C PHE E 43 -29.12 -36.46 16.17
N GLU E 44 -28.18 -36.05 17.03
CA GLU E 44 -26.79 -36.46 16.86
C GLU E 44 -26.56 -37.89 17.31
N TYR E 45 -27.50 -38.50 18.03
CA TYR E 45 -27.40 -39.88 18.45
C TYR E 45 -28.59 -40.66 17.91
N VAL E 46 -28.31 -41.81 17.30
CA VAL E 46 -29.33 -42.68 16.73
C VAL E 46 -29.15 -44.06 17.33
N ILE E 47 -30.25 -44.66 17.78
CA ILE E 47 -30.24 -45.98 18.40
C ILE E 47 -31.23 -46.87 17.66
N PHE E 48 -30.78 -48.09 17.31
CA PHE E 48 -31.71 -49.04 16.69
C PHE E 48 -31.16 -50.45 16.87
N GLN E 49 -32.06 -51.39 17.09
CA GLN E 49 -31.65 -52.78 17.27
C GLN E 49 -31.04 -53.32 15.99
N PHE E 50 -30.10 -54.24 16.15
CA PHE E 50 -29.30 -54.75 15.04
C PHE E 50 -29.86 -56.09 14.55
N CYS E 51 -29.98 -56.22 13.24
CA CYS E 51 -30.56 -57.41 12.62
C CYS E 51 -29.50 -58.38 12.12
N ASN E 52 -28.24 -58.20 12.50
CA ASN E 52 -27.16 -59.10 12.12
C ASN E 52 -27.00 -59.16 10.59
N ASP E 53 -26.95 -57.98 9.98
CA ASP E 53 -26.75 -57.86 8.54
C ASP E 53 -25.40 -57.22 8.26
N PRO E 54 -24.38 -57.99 7.86
CA PRO E 54 -23.09 -57.37 7.54
C PRO E 54 -23.18 -56.35 6.44
N GLN E 55 -24.07 -56.53 5.47
CA GLN E 55 -24.25 -55.52 4.43
C GLN E 55 -24.81 -54.24 5.02
N LEU E 56 -25.70 -54.35 6.01
CA LEU E 56 -26.16 -53.17 6.72
C LEU E 56 -25.00 -52.48 7.43
N CYS E 57 -24.12 -53.27 8.05
CA CYS E 57 -22.95 -52.68 8.69
C CYS E 57 -22.08 -51.95 7.68
N LYS E 58 -21.90 -52.54 6.50
CA LYS E 58 -21.12 -51.90 5.45
C LYS E 58 -21.75 -50.58 5.02
N ILE E 59 -23.07 -50.58 4.85
CA ILE E 59 -23.77 -49.34 4.49
C ILE E 59 -23.55 -48.29 5.57
N ILE E 60 -23.67 -48.70 6.83
CA ILE E 60 -23.55 -47.74 7.92
C ILE E 60 -22.15 -47.14 7.94
N GLU E 61 -21.13 -47.99 7.89
CA GLU E 61 -19.76 -47.46 7.89
C GLU E 61 -19.50 -46.59 6.68
N ASN E 62 -20.11 -46.92 5.53
CA ASN E 62 -20.02 -46.03 4.38
C ASN E 62 -20.68 -44.69 4.65
N ASN E 63 -21.70 -44.67 5.49
CA ASN E 63 -22.34 -43.41 5.89
C ASN E 63 -21.34 -42.64 6.76
N TYR E 64 -20.44 -41.93 6.08
CA TYR E 64 -19.38 -41.20 6.77
C TYR E 64 -19.93 -40.12 7.70
N ASN E 65 -21.19 -39.74 7.55
CA ASN E 65 -21.78 -38.74 8.44
C ASN E 65 -21.94 -39.26 9.87
N TYR E 66 -21.76 -40.55 10.10
CA TYR E 66 -22.04 -41.15 11.39
C TYR E 66 -20.85 -41.97 11.86
N CYS E 67 -20.60 -41.94 13.16
CA CYS E 67 -19.64 -42.83 13.80
C CYS E 67 -20.43 -43.96 14.47
N MET E 68 -20.17 -45.18 14.06
CA MET E 68 -20.98 -46.33 14.47
C MET E 68 -20.30 -47.12 15.58
N GLN E 69 -21.13 -47.69 16.45
CA GLN E 69 -20.66 -48.62 17.46
C GLN E 69 -21.78 -49.58 17.82
N ILE E 70 -21.43 -50.84 18.05
CA ILE E 70 -22.40 -51.88 18.35
C ILE E 70 -22.23 -52.30 19.81
N PHE E 71 -23.36 -52.49 20.49
CA PHE E 71 -23.32 -53.01 21.85
C PHE E 71 -24.57 -53.83 22.11
N LYS E 72 -24.49 -54.68 23.12
CA LYS E 72 -25.59 -55.52 23.53
C LYS E 72 -26.13 -55.03 24.87
N ALA E 73 -27.44 -55.22 25.07
CA ALA E 73 -28.09 -54.87 26.32
C ALA E 73 -29.32 -55.71 26.48
N PRO E 74 -29.78 -55.95 27.71
CA PRO E 74 -31.04 -56.65 27.90
C PRO E 74 -32.18 -55.87 27.28
N ALA E 75 -33.14 -56.60 26.72
CA ALA E 75 -34.31 -55.97 26.08
C ALA E 75 -35.41 -55.64 27.08
N ASP E 76 -35.09 -54.86 28.12
CA ASP E 76 -36.10 -54.50 29.11
C ASP E 76 -35.82 -53.17 29.81
N ASP E 77 -34.77 -52.43 29.46
CA ASP E 77 -34.41 -51.26 30.26
C ASP E 77 -33.57 -50.29 29.44
N MET E 78 -33.93 -49.00 29.50
CA MET E 78 -33.09 -47.93 28.98
C MET E 78 -31.80 -47.76 29.77
N ARG E 79 -31.71 -48.26 31.00
CA ARG E 79 -30.54 -47.98 31.81
C ARG E 79 -29.28 -48.54 31.15
N ASP E 80 -29.29 -49.81 30.78
CA ASP E 80 -28.12 -50.41 30.16
C ASP E 80 -27.83 -49.78 28.82
N ILE E 81 -28.86 -49.50 28.03
CA ILE E 81 -28.67 -48.89 26.71
C ILE E 81 -27.97 -47.55 26.87
N ARG E 82 -28.47 -46.73 27.80
CA ARG E 82 -27.92 -45.39 27.99
C ARG E 82 -26.52 -45.44 28.56
N HIS E 83 -26.27 -46.36 29.49
CA HIS E 83 -24.91 -46.54 29.98
C HIS E 83 -23.97 -46.89 28.84
N ASN E 84 -24.39 -47.81 27.97
CA ASN E 84 -23.53 -48.26 26.89
C ASN E 84 -23.23 -47.13 25.92
N ILE E 85 -24.27 -46.37 25.53
CA ILE E 85 -24.05 -45.28 24.59
C ILE E 85 -23.17 -44.20 25.23
N LYS E 86 -23.45 -43.87 26.49
CA LYS E 86 -22.73 -42.78 27.13
C LYS E 86 -21.26 -43.15 27.33
N ARG E 87 -20.98 -44.41 27.66
CA ARG E 87 -19.58 -44.83 27.76
C ARG E 87 -18.94 -44.94 26.37
N ALA E 88 -19.71 -45.33 25.36
CA ALA E 88 -19.16 -45.43 24.02
C ALA E 88 -18.68 -44.08 23.51
N PHE E 89 -19.48 -43.04 23.72
CA PHE E 89 -19.17 -41.72 23.19
C PHE E 89 -18.77 -40.73 24.29
N LYS E 90 -18.51 -41.22 25.49
CA LYS E 90 -18.02 -40.40 26.60
C LYS E 90 -18.90 -39.17 26.81
N THR E 91 -20.20 -39.40 26.90
CA THR E 91 -21.18 -38.35 27.13
C THR E 91 -21.91 -38.61 28.44
N PRO E 92 -21.54 -37.94 29.53
CA PRO E 92 -22.26 -38.16 30.80
C PRO E 92 -23.70 -37.72 30.77
N VAL E 93 -24.08 -36.86 29.82
CA VAL E 93 -25.38 -36.20 29.84
C VAL E 93 -26.22 -36.75 28.69
N LEU E 94 -27.54 -36.70 28.89
CA LEU E 94 -28.49 -37.12 27.86
C LEU E 94 -29.52 -36.02 27.65
N GLY E 95 -29.86 -35.78 26.40
CA GLY E 95 -30.92 -34.85 26.06
C GLY E 95 -32.27 -35.54 26.04
N HIS E 96 -33.26 -34.78 25.63
CA HIS E 96 -34.62 -35.31 25.61
C HIS E 96 -34.69 -36.50 24.66
N MET E 97 -35.37 -37.54 25.09
CA MET E 97 -35.45 -38.79 24.33
C MET E 97 -36.46 -38.61 23.20
N CYS E 98 -36.05 -38.88 21.95
CA CYS E 98 -36.92 -38.71 20.82
C CYS E 98 -37.18 -40.03 20.12
N VAL E 99 -38.37 -40.16 19.54
CA VAL E 99 -38.77 -41.35 18.80
C VAL E 99 -39.42 -40.91 17.50
N LEU E 100 -39.42 -41.81 16.53
CA LEU E 100 -40.02 -41.57 15.23
C LEU E 100 -41.52 -41.86 15.34
N SER E 101 -42.28 -40.80 15.64
CA SER E 101 -43.72 -40.96 15.84
C SER E 101 -44.39 -41.56 14.62
N ASN E 102 -43.92 -41.22 13.42
CA ASN E 102 -44.53 -41.78 12.21
C ASN E 102 -44.41 -43.29 12.19
N LYS E 103 -43.34 -43.85 12.77
CA LYS E 103 -43.07 -45.28 12.75
C LYS E 103 -42.52 -45.68 14.11
N PRO E 104 -43.37 -45.66 15.14
CA PRO E 104 -42.88 -45.90 16.51
C PRO E 104 -42.11 -47.21 16.60
N PRO E 105 -40.80 -47.16 16.89
CA PRO E 105 -40.05 -48.40 17.07
C PRO E 105 -40.42 -49.08 18.37
N MET E 106 -41.15 -50.20 18.29
CA MET E 106 -41.60 -50.93 19.46
C MET E 106 -40.45 -51.78 19.98
N TYR E 107 -39.66 -51.19 20.87
CA TYR E 107 -38.61 -51.89 21.59
C TYR E 107 -39.07 -52.09 23.03
N SER E 108 -39.04 -53.35 23.48
CA SER E 108 -39.38 -53.63 24.87
C SER E 108 -38.40 -52.98 25.83
N PHE E 109 -37.25 -52.53 25.32
CA PHE E 109 -36.29 -51.81 26.15
C PHE E 109 -36.95 -50.65 26.87
N LEU E 110 -37.88 -49.95 26.20
CA LEU E 110 -38.39 -48.69 26.72
C LEU E 110 -39.40 -48.92 27.85
N LYS E 111 -40.55 -49.47 27.51
CA LYS E 111 -41.60 -49.81 28.47
C LYS E 111 -41.71 -48.76 29.58
N GLU E 112 -42.07 -47.54 29.17
CA GLU E 112 -42.32 -46.44 30.10
C GLU E 112 -41.04 -45.96 30.78
N TRP E 113 -40.02 -45.65 29.97
CA TRP E 113 -38.89 -44.88 30.47
C TRP E 113 -39.03 -43.40 30.12
N PHE E 114 -39.08 -43.08 28.82
CA PHE E 114 -39.32 -41.73 28.33
C PHE E 114 -39.26 -41.78 26.80
N LEU E 115 -39.74 -40.72 26.17
CA LEU E 115 -39.72 -40.59 24.72
C LEU E 115 -40.23 -39.20 24.34
N LEU E 116 -40.22 -38.90 23.04
CA LEU E 116 -40.76 -37.67 22.51
C LEU E 116 -40.99 -37.84 21.03
N PRO E 117 -42.08 -37.30 20.47
CA PRO E 117 -42.18 -37.21 19.01
C PRO E 117 -41.02 -36.40 18.44
N HIS E 118 -40.24 -37.03 17.58
CA HIS E 118 -39.00 -36.47 17.05
C HIS E 118 -39.17 -35.02 16.60
N TYR E 119 -40.30 -34.71 15.95
CA TYR E 119 -40.46 -33.39 15.35
C TYR E 119 -40.49 -32.27 16.37
N LYS E 120 -40.67 -32.58 17.66
CA LYS E 120 -40.79 -31.56 18.69
C LYS E 120 -39.44 -31.09 19.22
N VAL E 121 -38.33 -31.62 18.70
CA VAL E 121 -37.01 -31.22 19.19
C VAL E 121 -36.83 -29.73 19.06
N VAL E 122 -37.09 -29.18 17.87
CA VAL E 122 -36.83 -27.77 17.63
C VAL E 122 -37.64 -26.91 18.58
N SER E 123 -38.85 -27.33 18.93
CA SER E 123 -39.67 -26.58 19.86
C SER E 123 -39.13 -26.59 21.28
N LEU E 124 -38.17 -27.47 21.59
CA LEU E 124 -37.66 -27.57 22.94
C LEU E 124 -37.01 -26.26 23.36
N LYS E 125 -37.20 -25.89 24.63
CA LYS E 125 -36.62 -24.68 25.19
C LYS E 125 -35.29 -25.05 25.84
N SER E 126 -34.19 -24.55 25.29
CA SER E 126 -32.86 -24.89 25.80
C SER E 126 -32.68 -24.36 27.22
N GLU E 127 -33.19 -23.17 27.50
CA GLU E 127 -33.01 -22.57 28.81
C GLU E 127 -33.61 -23.49 29.88
N SER E 128 -32.93 -23.56 31.02
CA SER E 128 -33.33 -24.45 32.10
C SER E 128 -33.14 -23.71 33.41
N LEU E 129 -33.21 -24.44 34.52
CA LEU E 129 -33.14 -23.85 35.85
C LEU E 129 -31.72 -23.75 36.39
N THR E 130 -30.93 -24.81 36.22
CA THR E 130 -29.60 -24.88 36.79
C THR E 130 -28.56 -24.89 35.69
N TRP E 131 -27.48 -24.13 35.89
CA TRP E 131 -26.40 -24.09 34.92
C TRP E 131 -25.71 -25.44 34.83
N GLY E 132 -25.14 -25.71 33.66
CA GLY E 132 -24.53 -27.01 33.42
C GLY E 132 -25.58 -28.06 33.13
N PHE E 133 -25.27 -29.29 33.53
CA PHE E 133 -26.15 -30.44 33.32
C PHE E 133 -26.35 -31.12 34.66
N PRO E 134 -27.32 -30.68 35.45
CA PRO E 134 -27.47 -31.20 36.81
C PRO E 134 -27.97 -32.63 36.83
N HIS E 135 -27.75 -33.28 37.97
CA HIS E 135 -28.32 -34.58 38.23
C HIS E 135 -29.77 -34.41 38.67
N VAL E 136 -30.47 -35.53 38.87
CA VAL E 136 -31.84 -35.51 39.35
C VAL E 136 -32.00 -36.58 40.41
N VAL E 137 -32.74 -36.26 41.47
CA VAL E 137 -33.05 -37.23 42.51
C VAL E 137 -34.54 -37.10 42.84
N VAL E 138 -35.21 -38.24 42.92
CA VAL E 138 -36.63 -38.31 43.25
C VAL E 138 -36.77 -38.95 44.62
N PHE E 139 -37.53 -38.32 45.51
CA PHE E 139 -37.69 -38.79 46.88
C PHE E 139 -39.13 -39.20 47.13
N ASP E 140 -39.31 -40.36 47.77
CA ASP E 140 -40.66 -40.82 48.17
C ASP E 140 -40.91 -40.36 49.60
N LEU E 141 -41.53 -39.18 49.75
CA LEU E 141 -41.71 -38.57 51.06
C LEU E 141 -42.03 -39.58 52.15
N ASP E 142 -43.07 -40.39 51.93
CA ASP E 142 -43.62 -41.21 53.00
C ASP E 142 -42.54 -42.09 53.61
N SER E 143 -42.16 -41.80 54.85
CA SER E 143 -41.19 -42.54 55.65
C SER E 143 -39.78 -42.44 55.11
N THR E 144 -39.57 -41.78 53.96
CA THR E 144 -38.23 -41.61 53.41
C THR E 144 -37.57 -40.37 53.98
N LEU E 145 -38.26 -39.24 53.93
CA LEU E 145 -37.76 -37.99 54.49
C LEU E 145 -38.45 -37.63 55.79
N ILE E 146 -39.66 -38.11 56.01
CA ILE E 146 -40.43 -37.84 57.22
C ILE E 146 -40.63 -39.13 57.99
N THR E 147 -41.29 -39.03 59.14
CA THR E 147 -41.60 -40.20 59.96
C THR E 147 -42.98 -40.72 59.62
N GLU E 148 -43.10 -42.04 59.45
CA GLU E 148 -44.37 -42.64 59.07
C GLU E 148 -45.47 -42.36 60.09
N GLU E 149 -45.10 -42.06 61.34
CA GLU E 149 -46.10 -41.76 62.36
C GLU E 149 -47.07 -40.69 61.87
N GLU E 150 -48.26 -40.69 62.46
CA GLU E 150 -49.30 -39.74 62.06
C GLU E 150 -48.76 -38.31 62.09
N GLN E 151 -48.20 -37.91 63.23
CA GLN E 151 -47.57 -36.60 63.35
C GLN E 151 -46.19 -36.67 62.68
N VAL E 152 -46.23 -36.69 61.34
CA VAL E 152 -45.02 -36.88 60.57
C VAL E 152 -44.00 -35.81 60.92
N GLU E 153 -42.72 -36.18 60.86
CA GLU E 153 -41.64 -35.24 61.12
C GLU E 153 -40.40 -35.71 60.37
N ILE E 154 -39.51 -34.77 60.10
CA ILE E 154 -38.26 -35.10 59.43
C ILE E 154 -37.52 -36.13 60.28
N ARG E 155 -37.29 -37.31 59.71
CA ARG E 155 -36.61 -38.37 60.46
C ARG E 155 -35.24 -37.92 60.92
N ASP E 156 -34.61 -37.00 60.20
CA ASP E 156 -33.31 -36.46 60.57
C ASP E 156 -33.21 -35.04 60.02
N PRO E 157 -33.18 -34.02 60.88
CA PRO E 157 -33.16 -32.64 60.38
C PRO E 157 -32.05 -32.35 59.38
N PHE E 158 -31.05 -33.23 59.33
CA PHE E 158 -30.01 -33.10 58.30
C PHE E 158 -30.57 -33.16 56.89
N VAL E 159 -31.86 -33.48 56.75
CA VAL E 159 -32.50 -33.44 55.44
C VAL E 159 -32.32 -32.07 54.80
N TYR E 160 -32.53 -31.01 55.57
CA TYR E 160 -32.42 -29.66 55.02
C TYR E 160 -31.02 -29.41 54.49
N ASP E 161 -30.01 -29.80 55.26
CA ASP E 161 -28.63 -29.59 54.84
C ASP E 161 -28.31 -30.41 53.59
N SER E 162 -28.79 -31.65 53.54
CA SER E 162 -28.54 -32.48 52.37
C SER E 162 -29.16 -31.87 51.12
N LEU E 163 -30.40 -31.39 51.25
CA LEU E 163 -31.07 -30.76 50.11
C LEU E 163 -30.33 -29.50 49.68
N GLN E 164 -29.87 -28.71 50.65
CA GLN E 164 -29.12 -27.50 50.30
C GLN E 164 -27.84 -27.86 49.58
N GLU E 165 -27.17 -28.93 50.01
CA GLU E 165 -25.96 -29.38 49.31
C GLU E 165 -26.28 -29.80 47.88
N LEU E 166 -27.37 -30.54 47.71
CA LEU E 166 -27.81 -30.92 46.37
C LEU E 166 -27.99 -29.69 45.50
N HIS E 167 -28.69 -28.68 46.03
CA HIS E 167 -28.93 -27.47 45.26
C HIS E 167 -27.62 -26.76 44.94
N GLU E 168 -26.73 -26.66 45.93
CA GLU E 168 -25.49 -25.92 45.74
C GLU E 168 -24.62 -26.55 44.66
N MET E 169 -24.48 -27.87 44.69
CA MET E 169 -23.77 -28.55 43.62
C MET E 169 -24.52 -28.37 42.31
N GLY E 170 -25.84 -28.47 42.35
CA GLY E 170 -26.68 -28.40 41.18
C GLY E 170 -27.32 -29.75 40.89
N CYS E 171 -28.58 -29.90 41.29
CA CYS E 171 -29.29 -31.15 41.06
C CYS E 171 -30.78 -30.92 41.29
N VAL E 172 -31.59 -31.30 40.32
CA VAL E 172 -33.02 -31.07 40.40
C VAL E 172 -33.60 -31.91 41.53
N LEU E 173 -34.46 -31.32 42.34
CA LEU E 173 -35.09 -32.00 43.46
C LEU E 173 -36.53 -32.33 43.12
N VAL E 174 -36.87 -33.61 43.22
CA VAL E 174 -38.19 -34.11 42.86
C VAL E 174 -38.71 -34.96 44.01
N LEU E 175 -40.01 -34.86 44.26
CA LEU E 175 -40.72 -35.67 45.23
C LEU E 175 -41.78 -36.47 44.50
N TRP E 176 -41.91 -37.75 44.84
CA TRP E 176 -43.05 -38.56 44.40
C TRP E 176 -43.41 -39.48 45.55
N SER E 177 -44.46 -39.12 46.28
CA SER E 177 -44.97 -39.96 47.36
C SER E 177 -46.38 -40.39 47.03
N TYR E 178 -46.63 -41.69 47.03
CA TYR E 178 -47.91 -42.22 46.61
C TYR E 178 -48.97 -41.94 47.66
N GLY E 179 -49.27 -40.67 47.88
CA GLY E 179 -50.32 -40.26 48.79
C GLY E 179 -51.20 -39.20 48.14
N SER E 180 -52.21 -38.78 48.89
CA SER E 180 -53.09 -37.72 48.39
C SER E 180 -52.30 -36.43 48.23
N ARG E 181 -52.64 -35.67 47.20
CA ARG E 181 -51.99 -34.39 46.99
C ARG E 181 -52.09 -33.52 48.22
N ASP E 182 -53.26 -33.49 48.86
CA ASP E 182 -53.43 -32.71 50.08
C ASP E 182 -52.52 -33.23 51.18
N HIS E 183 -52.45 -34.56 51.34
CA HIS E 183 -51.58 -35.13 52.36
C HIS E 183 -50.14 -34.68 52.18
N VAL E 184 -49.62 -34.82 50.96
CA VAL E 184 -48.22 -34.49 50.72
C VAL E 184 -48.00 -32.99 50.89
N ALA E 185 -48.94 -32.17 50.41
CA ALA E 185 -48.79 -30.73 50.54
C ALA E 185 -48.75 -30.31 52.00
N HIS E 186 -49.65 -30.85 52.81
CA HIS E 186 -49.66 -30.51 54.22
C HIS E 186 -48.43 -31.05 54.93
N SER E 187 -47.92 -32.20 54.49
CA SER E 187 -46.66 -32.71 55.04
C SER E 187 -45.51 -31.75 54.76
N MET E 188 -45.41 -31.28 53.51
CA MET E 188 -44.43 -30.25 53.19
C MET E 188 -44.61 -29.03 54.09
N ARG E 189 -45.84 -28.55 54.23
CA ARG E 189 -46.07 -27.34 55.00
C ARG E 189 -45.66 -27.53 56.46
N ASP E 190 -46.00 -28.69 57.04
CA ASP E 190 -45.69 -28.94 58.43
C ASP E 190 -44.19 -29.07 58.66
N VAL E 191 -43.50 -29.86 57.82
CA VAL E 191 -42.07 -30.07 57.99
C VAL E 191 -41.24 -28.93 57.42
N ASP E 192 -41.88 -27.90 56.86
CA ASP E 192 -41.19 -26.71 56.39
C ASP E 192 -40.11 -27.04 55.37
N LEU E 193 -40.42 -27.96 54.45
CA LEU E 193 -39.55 -28.22 53.32
C LEU E 193 -39.96 -27.37 52.12
N GLU E 194 -41.18 -27.58 51.63
CA GLU E 194 -41.80 -26.71 50.64
C GLU E 194 -40.83 -26.30 49.53
N GLY E 195 -40.33 -25.07 49.60
CA GLY E 195 -39.53 -24.51 48.51
C GLY E 195 -38.29 -25.31 48.17
N TYR E 196 -37.93 -26.30 48.98
CA TYR E 196 -36.76 -27.11 48.66
C TYR E 196 -36.91 -27.84 47.33
N PHE E 197 -38.13 -28.28 47.00
CA PHE E 197 -38.35 -29.21 45.91
C PHE E 197 -38.72 -28.48 44.62
N ASP E 198 -38.03 -28.83 43.54
CA ASP E 198 -38.40 -28.31 42.23
C ASP E 198 -39.71 -28.91 41.75
N ILE E 199 -39.89 -30.22 41.93
CA ILE E 199 -41.08 -30.92 41.43
C ILE E 199 -41.69 -31.73 42.55
N ILE E 200 -43.02 -31.83 42.54
CA ILE E 200 -43.78 -32.54 43.57
C ILE E 200 -44.83 -33.41 42.88
N ILE E 201 -44.91 -34.67 43.30
CA ILE E 201 -45.81 -35.66 42.71
C ILE E 201 -46.45 -36.50 43.83
N SER E 202 -47.72 -36.82 43.65
CA SER E 202 -48.44 -37.65 44.59
C SER E 202 -49.55 -38.44 43.91
N ASN E 220 -53.73 -26.97 35.95
CA ASN E 220 -54.35 -27.39 37.19
C ASN E 220 -53.46 -28.36 37.96
N ALA E 221 -52.78 -27.85 38.97
CA ALA E 221 -51.91 -28.66 39.83
C ALA E 221 -52.49 -28.79 41.23
N ILE E 222 -52.73 -27.68 41.91
CA ILE E 222 -53.40 -27.69 43.20
C ILE E 222 -53.78 -26.25 43.55
N VAL E 223 -54.93 -26.07 44.18
CA VAL E 223 -55.41 -24.75 44.58
C VAL E 223 -56.08 -24.90 45.94
N ASP E 224 -55.45 -24.36 46.99
CA ASP E 224 -56.01 -24.37 48.33
C ASP E 224 -55.97 -22.99 48.98
N TYR E 225 -55.62 -21.95 48.23
CA TYR E 225 -55.39 -20.60 48.72
C TYR E 225 -54.11 -20.51 49.54
N ASN E 226 -53.40 -21.62 49.75
CA ASN E 226 -52.08 -21.61 50.33
C ASN E 226 -51.00 -22.02 49.34
N LEU E 227 -51.37 -22.64 48.23
CA LEU E 227 -50.43 -23.06 47.19
C LEU E 227 -51.01 -22.69 45.83
N LYS E 228 -50.15 -22.23 44.94
CA LYS E 228 -50.57 -21.84 43.60
C LYS E 228 -50.60 -23.05 42.66
N LYS E 229 -49.45 -23.68 42.46
CA LYS E 229 -49.34 -24.84 41.59
C LYS E 229 -48.16 -25.67 42.08
N ARG E 230 -48.45 -26.82 42.66
CA ARG E 230 -47.41 -27.64 43.28
C ARG E 230 -47.46 -29.09 42.83
N PHE E 231 -48.64 -29.66 42.64
CA PHE E 231 -48.81 -31.06 42.28
C PHE E 231 -49.41 -31.13 40.88
N ILE E 232 -48.55 -31.26 39.87
CA ILE E 232 -49.01 -31.41 38.49
C ILE E 232 -50.06 -32.51 38.47
N GLU E 233 -51.24 -32.18 37.95
CA GLU E 233 -52.33 -33.16 37.94
C GLU E 233 -51.89 -34.43 37.23
N ASN E 234 -52.18 -35.57 37.85
CA ASN E 234 -51.77 -36.87 37.30
C ASN E 234 -52.67 -37.25 36.12
N LYS E 235 -52.66 -36.39 35.11
CA LYS E 235 -53.51 -36.60 33.94
C LYS E 235 -53.08 -37.84 33.18
N PHE E 236 -51.77 -38.06 33.06
CA PHE E 236 -51.26 -39.17 32.27
C PHE E 236 -51.64 -40.50 32.92
N VAL E 237 -52.47 -41.28 32.22
CA VAL E 237 -52.91 -42.59 32.68
C VAL E 237 -52.67 -43.58 31.56
N PHE E 238 -51.99 -44.68 31.88
CA PHE E 238 -51.73 -45.73 30.90
C PHE E 238 -51.82 -47.12 31.51
N ASP E 239 -52.23 -47.25 32.76
CA ASP E 239 -52.26 -48.54 33.45
C ASP E 239 -50.83 -49.07 33.43
N ILE E 240 -50.60 -50.33 33.09
CA ILE E 240 -49.28 -50.93 33.11
C ILE E 240 -48.89 -51.35 31.70
N HIS E 241 -47.59 -51.50 31.48
CA HIS E 241 -47.07 -52.01 30.21
C HIS E 241 -46.74 -53.49 30.38
N ASN E 242 -47.80 -54.30 30.45
CA ASN E 242 -47.68 -55.75 30.47
C ASN E 242 -46.74 -56.22 31.57
N HIS E 243 -46.93 -55.67 32.77
CA HIS E 243 -46.11 -56.05 33.92
C HIS E 243 -46.97 -55.91 35.17
N ARG E 244 -47.14 -57.00 35.90
CA ARG E 244 -47.94 -56.98 37.13
C ARG E 244 -47.04 -56.53 38.28
N SER E 245 -47.33 -55.36 38.83
CA SER E 245 -46.51 -54.76 39.86
C SER E 245 -47.38 -53.76 40.62
N ASP E 246 -46.74 -52.90 41.41
CA ASP E 246 -47.43 -51.84 42.15
C ASP E 246 -48.65 -51.34 41.38
N ASN E 247 -49.80 -51.29 42.07
CA ASN E 247 -51.06 -51.03 41.38
C ASN E 247 -51.00 -49.75 40.57
N ASN E 248 -50.61 -48.64 41.19
CA ASN E 248 -50.44 -47.40 40.43
C ASN E 248 -49.28 -47.55 39.47
N ILE E 249 -48.06 -47.62 39.99
CA ILE E 249 -46.88 -47.90 39.18
C ILE E 249 -45.67 -48.04 40.10
N PRO E 250 -44.62 -48.77 39.70
CA PRO E 250 -43.35 -48.74 40.43
C PRO E 250 -42.53 -47.48 40.16
N LYS E 251 -43.21 -46.33 40.19
CA LYS E 251 -42.64 -45.03 39.79
C LYS E 251 -42.49 -44.96 38.28
N SER E 252 -42.29 -43.74 37.76
CA SER E 252 -42.34 -43.49 36.33
C SER E 252 -41.21 -42.55 35.93
N PRO E 253 -40.10 -43.09 35.42
CA PRO E 253 -39.10 -42.22 34.78
C PRO E 253 -39.71 -41.37 33.69
N LYS E 254 -40.66 -41.91 32.93
CA LYS E 254 -41.30 -41.12 31.89
C LYS E 254 -41.99 -39.89 32.47
N ILE E 255 -42.81 -40.08 33.51
CA ILE E 255 -43.55 -38.95 34.08
C ILE E 255 -42.58 -37.94 34.68
N VAL E 256 -41.57 -38.42 35.42
CA VAL E 256 -40.67 -37.47 36.08
C VAL E 256 -39.88 -36.67 35.06
N ILE E 257 -39.38 -37.32 34.02
CA ILE E 257 -38.63 -36.59 32.99
C ILE E 257 -39.55 -35.66 32.22
N LYS E 258 -40.80 -36.06 32.01
CA LYS E 258 -41.76 -35.17 31.38
C LYS E 258 -41.95 -33.91 32.20
N TYR E 259 -42.06 -34.06 33.52
CA TYR E 259 -42.17 -32.89 34.38
C TYR E 259 -40.88 -32.07 34.36
N LEU E 260 -39.73 -32.73 34.27
CA LEU E 260 -38.47 -32.01 34.11
C LEU E 260 -38.53 -31.10 32.89
N SER E 261 -38.94 -31.66 31.75
CA SER E 261 -39.10 -30.86 30.54
C SER E 261 -40.08 -29.72 30.77
N ASP E 262 -41.21 -30.02 31.43
CA ASP E 262 -42.17 -28.97 31.75
C ASP E 262 -41.50 -27.85 32.52
N LYS E 263 -40.61 -28.20 33.45
CA LYS E 263 -39.81 -27.25 34.18
C LYS E 263 -38.59 -26.80 33.39
N ASN E 264 -38.58 -27.08 32.09
CA ASN E 264 -37.54 -26.62 31.17
C ASN E 264 -36.26 -27.40 31.34
N VAL E 265 -36.32 -28.58 31.94
CA VAL E 265 -35.16 -29.43 32.15
C VAL E 265 -35.26 -30.54 31.11
N ASN E 266 -34.62 -30.33 29.97
CA ASN E 266 -34.54 -31.32 28.92
C ASN E 266 -33.18 -32.00 28.88
N PHE E 267 -32.34 -31.78 29.88
CA PHE E 267 -31.05 -32.44 30.01
C PHE E 267 -30.82 -32.81 31.46
N PHE E 268 -30.07 -33.88 31.67
CA PHE E 268 -29.71 -34.32 33.01
C PHE E 268 -28.49 -35.21 32.91
N LYS E 269 -27.78 -35.34 34.03
CA LYS E 269 -26.55 -36.12 34.07
C LYS E 269 -26.84 -37.57 34.48
N SER E 270 -27.47 -37.77 35.63
CA SER E 270 -28.01 -39.08 35.98
C SER E 270 -29.18 -38.88 36.94
N ILE E 271 -30.00 -39.92 37.06
CA ILE E 271 -31.23 -39.87 37.84
C ILE E 271 -31.17 -40.95 38.92
N THR E 272 -31.47 -40.57 40.15
CA THR E 272 -31.45 -41.48 41.29
C THR E 272 -32.80 -41.45 41.98
N LEU E 273 -33.34 -42.63 42.27
CA LEU E 273 -34.58 -42.77 43.01
C LEU E 273 -34.25 -43.14 44.46
N VAL E 274 -34.61 -42.27 45.40
CA VAL E 274 -34.43 -42.51 46.82
C VAL E 274 -35.80 -42.69 47.44
N ASP E 275 -36.01 -43.83 48.10
CA ASP E 275 -37.30 -44.09 48.71
C ASP E 275 -37.11 -45.13 49.81
N ASP E 276 -38.23 -45.47 50.44
CA ASP E 276 -38.26 -46.49 51.47
C ASP E 276 -38.70 -47.84 50.93
N LEU E 277 -38.83 -47.97 49.60
CA LEU E 277 -39.38 -49.16 48.98
C LEU E 277 -38.57 -49.50 47.73
N PRO E 278 -37.71 -50.52 47.79
CA PRO E 278 -36.98 -50.92 46.57
C PRO E 278 -37.87 -51.52 45.51
N THR E 279 -39.11 -51.89 45.84
CA THR E 279 -39.96 -52.53 44.86
C THR E 279 -40.26 -51.62 43.69
N ASN E 280 -40.28 -50.31 43.91
CA ASN E 280 -40.71 -49.42 42.84
C ASN E 280 -39.66 -49.35 41.74
N ASN E 281 -38.53 -48.71 42.03
CA ASN E 281 -37.30 -48.86 41.26
C ASN E 281 -37.55 -49.12 39.78
N TYR E 282 -38.42 -48.35 39.14
CA TYR E 282 -38.82 -48.67 37.77
C TYR E 282 -37.59 -48.76 36.86
N ALA E 283 -36.99 -47.61 36.55
CA ALA E 283 -35.71 -47.58 35.85
C ALA E 283 -35.00 -46.28 36.17
N TYR E 284 -34.01 -46.32 37.04
CA TYR E 284 -33.28 -45.14 37.47
C TYR E 284 -31.79 -45.44 37.46
N ASP E 285 -31.00 -44.45 37.03
CA ASP E 285 -29.56 -44.65 36.95
C ASP E 285 -28.99 -45.10 38.27
N PHE E 286 -29.59 -44.66 39.38
CA PHE E 286 -29.18 -45.14 40.69
C PHE E 286 -30.41 -45.24 41.58
N TYR E 287 -30.29 -46.07 42.62
CA TYR E 287 -31.37 -46.22 43.59
C TYR E 287 -30.80 -46.25 44.99
N VAL E 288 -31.58 -45.73 45.93
CA VAL E 288 -31.24 -45.75 47.35
C VAL E 288 -32.48 -46.13 48.14
N LYS E 289 -32.30 -47.04 49.09
CA LYS E 289 -33.35 -47.52 49.97
C LYS E 289 -33.09 -46.99 51.38
N VAL E 290 -34.17 -46.62 52.06
CA VAL E 290 -34.10 -46.13 53.43
C VAL E 290 -35.14 -46.87 54.26
N LYS E 291 -34.94 -46.85 55.57
CA LYS E 291 -35.81 -47.58 56.47
C LYS E 291 -37.21 -46.96 56.51
N ARG E 292 -38.21 -47.82 56.63
CA ARG E 292 -39.60 -47.39 56.80
C ARG E 292 -39.85 -47.05 58.28
N CYS E 293 -39.05 -46.11 58.77
CA CYS E 293 -39.01 -45.82 60.20
C CYS E 293 -40.11 -44.81 60.57
N PRO E 294 -41.01 -45.16 61.50
CA PRO E 294 -42.11 -44.26 61.85
C PRO E 294 -41.75 -43.20 62.88
N THR E 295 -40.50 -43.14 63.32
CA THR E 295 -40.06 -42.27 64.40
C THR E 295 -38.75 -41.61 63.99
N PRO E 296 -38.47 -40.39 64.47
CA PRO E 296 -37.21 -39.74 64.09
C PRO E 296 -36.00 -40.54 64.52
N VAL E 297 -34.97 -40.51 63.68
CA VAL E 297 -33.71 -41.18 63.96
C VAL E 297 -32.65 -40.57 63.07
N GLN E 298 -31.45 -40.42 63.62
CA GLN E 298 -30.34 -39.79 62.91
C GLN E 298 -29.74 -40.82 61.95
N ASP E 299 -30.30 -40.89 60.75
CA ASP E 299 -29.83 -41.77 59.69
C ASP E 299 -29.76 -41.10 58.34
N TRP E 300 -30.48 -39.99 58.14
CA TRP E 300 -30.49 -39.37 56.83
C TRP E 300 -29.13 -38.84 56.45
N GLU E 301 -28.25 -38.58 57.41
CA GLU E 301 -26.89 -38.22 57.04
C GLU E 301 -26.21 -39.37 56.32
N HIS E 302 -26.39 -40.60 56.82
CA HIS E 302 -25.84 -41.76 56.13
C HIS E 302 -26.51 -41.96 54.77
N TYR E 303 -27.82 -41.74 54.70
CA TYR E 303 -28.49 -41.86 53.41
C TYR E 303 -27.97 -40.82 52.41
N HIS E 304 -27.74 -39.60 52.88
CA HIS E 304 -27.15 -38.57 52.03
C HIS E 304 -25.75 -38.96 51.60
N ASN E 305 -24.99 -39.58 52.51
CA ASN E 305 -23.66 -40.08 52.14
C ASN E 305 -23.77 -41.09 51.01
N GLU E 306 -24.74 -42.00 51.10
CA GLU E 306 -24.96 -42.98 50.03
C GLU E 306 -25.29 -42.28 48.72
N ILE E 307 -26.18 -41.29 48.77
CA ILE E 307 -26.60 -40.61 47.54
C ILE E 307 -25.43 -39.90 46.88
N ILE E 308 -24.66 -39.16 47.68
CA ILE E 308 -23.50 -38.46 47.13
C ILE E 308 -22.46 -39.46 46.65
N GLN E 309 -22.37 -40.62 47.29
CA GLN E 309 -21.48 -41.66 46.79
C GLN E 309 -21.91 -42.14 45.41
N ASN E 310 -23.20 -42.32 45.21
CA ASN E 310 -23.68 -42.71 43.88
C ASN E 310 -23.38 -41.63 42.85
N ILE E 311 -23.60 -40.37 43.23
CA ILE E 311 -23.31 -39.26 42.31
C ILE E 311 -21.82 -39.27 41.96
N MET E 312 -20.96 -39.45 42.96
CA MET E 312 -19.53 -39.48 42.71
C MET E 312 -19.16 -40.68 41.86
N ASP E 313 -19.87 -41.80 42.02
CA ASP E 313 -19.60 -42.96 41.18
C ASP E 313 -19.91 -42.66 39.72
N TYR E 314 -21.01 -41.95 39.47
CA TYR E 314 -21.31 -41.51 38.10
C TYR E 314 -20.22 -40.58 37.59
N GLU E 315 -19.80 -39.64 38.44
CA GLU E 315 -18.71 -38.74 38.10
C GLU E 315 -17.44 -39.52 37.78
N GLN E 316 -17.21 -40.64 38.45
CA GLN E 316 -16.05 -41.47 38.14
C GLN E 316 -16.23 -42.17 36.80
N TYR E 317 -17.42 -42.71 36.55
CA TYR E 317 -17.70 -43.34 35.27
C TYR E 317 -17.37 -42.39 34.13
N PHE E 318 -17.64 -41.10 34.32
CA PHE E 318 -17.38 -40.09 33.29
C PHE E 318 -16.34 -39.08 33.73
N ILE E 319 -15.37 -39.50 34.53
CA ILE E 319 -14.37 -38.57 35.04
C ILE E 319 -13.46 -38.09 33.92
N LYS E 320 -13.08 -38.98 33.02
CA LYS E 320 -12.33 -38.61 31.83
C LYS E 320 -13.16 -37.70 30.94
N LEU F 7 -2.35 79.66 -67.98
CA LEU F 7 -2.61 78.48 -67.16
C LEU F 7 -3.84 77.73 -67.65
N LEU F 8 -3.79 76.41 -67.59
CA LEU F 8 -4.95 75.61 -67.97
C LEU F 8 -5.96 75.57 -66.83
N THR F 9 -7.23 75.41 -67.19
CA THR F 9 -8.31 75.30 -66.25
C THR F 9 -9.13 74.05 -66.56
N LEU F 10 -10.10 73.77 -65.69
CA LEU F 10 -10.93 72.59 -65.86
C LEU F 10 -12.27 72.83 -65.18
N GLU F 11 -13.33 72.28 -65.77
CA GLU F 11 -14.67 72.46 -65.24
C GLU F 11 -15.03 71.37 -64.26
N ARG F 12 -15.93 71.70 -63.33
CA ARG F 12 -16.43 70.71 -62.40
C ARG F 12 -17.00 69.50 -63.14
N ASP F 13 -17.57 69.73 -64.32
CA ASP F 13 -18.07 68.61 -65.11
C ASP F 13 -16.94 67.69 -65.54
N HIS F 14 -15.72 68.20 -65.65
CA HIS F 14 -14.56 67.39 -65.97
C HIS F 14 -13.81 66.93 -64.73
N PHE F 15 -14.26 67.32 -63.53
CA PHE F 15 -13.66 66.77 -62.32
C PHE F 15 -13.83 65.26 -62.28
N LYS F 16 -14.88 64.73 -62.89
CA LYS F 16 -15.03 63.29 -62.97
C LYS F 16 -13.89 62.67 -63.77
N TYR F 17 -13.53 63.28 -64.90
CA TYR F 17 -12.40 62.78 -65.67
C TYR F 17 -11.11 62.91 -64.87
N LEU F 18 -10.94 64.04 -64.18
CA LEU F 18 -9.74 64.22 -63.38
C LEU F 18 -9.60 63.13 -62.34
N PHE F 19 -10.69 62.84 -61.63
CA PHE F 19 -10.66 61.79 -60.62
C PHE F 19 -10.41 60.43 -61.26
N LEU F 20 -11.08 60.15 -62.37
CA LEU F 20 -10.89 58.87 -63.05
C LEU F 20 -9.43 58.66 -63.39
N THR F 21 -8.78 59.69 -63.91
CA THR F 21 -7.39 59.55 -64.34
C THR F 21 -6.42 59.52 -63.18
N SER F 22 -6.63 60.35 -62.16
CA SER F 22 -5.66 60.52 -61.10
C SER F 22 -5.81 59.52 -59.97
N TYR F 23 -6.99 58.92 -59.81
CA TYR F 23 -7.25 58.06 -58.66
C TYR F 23 -6.92 56.60 -58.94
N PHE F 24 -7.27 56.11 -60.12
CA PHE F 24 -7.08 54.72 -60.47
C PHE F 24 -5.85 54.55 -61.36
N ASP F 25 -5.43 53.30 -61.53
CA ASP F 25 -4.41 52.95 -62.50
C ASP F 25 -5.10 52.64 -63.82
N LEU F 26 -5.45 53.70 -64.53
CA LEU F 26 -6.20 53.61 -65.78
C LEU F 26 -5.30 53.94 -66.96
N LYS F 27 -5.40 53.14 -68.02
CA LYS F 27 -4.68 53.37 -69.25
C LYS F 27 -5.58 53.74 -70.41
N ASP F 28 -6.87 53.38 -70.37
CA ASP F 28 -7.81 53.68 -71.45
C ASP F 28 -8.21 55.15 -71.37
N ASN F 29 -7.23 56.01 -71.65
CA ASN F 29 -7.39 57.45 -71.56
C ASN F 29 -7.88 58.08 -72.85
N GLU F 30 -8.02 57.29 -73.92
CA GLU F 30 -8.43 57.86 -75.20
C GLU F 30 -9.81 58.52 -75.13
N HIS F 31 -10.64 58.14 -74.17
CA HIS F 31 -12.00 58.63 -74.08
C HIS F 31 -12.12 59.93 -73.31
N VAL F 32 -11.01 60.50 -72.87
CA VAL F 32 -11.06 61.78 -72.15
C VAL F 32 -11.21 62.90 -73.17
N PRO F 33 -12.23 63.76 -73.04
CA PRO F 33 -12.34 64.90 -73.95
C PRO F 33 -11.05 65.71 -73.97
N SER F 34 -10.97 66.63 -74.94
CA SER F 34 -9.70 67.32 -75.19
C SER F 34 -9.28 68.17 -74.00
N GLU F 35 -10.20 69.00 -73.50
CA GLU F 35 -9.88 69.87 -72.36
C GLU F 35 -9.39 69.05 -71.17
N PRO F 36 -10.17 68.13 -70.63
CA PRO F 36 -9.67 67.32 -69.51
C PRO F 36 -8.43 66.53 -69.89
N MET F 37 -8.31 66.10 -71.14
CA MET F 37 -7.12 65.35 -71.54
C MET F 37 -5.87 66.18 -71.32
N ALA F 38 -5.83 67.39 -71.87
CA ALA F 38 -4.64 68.22 -71.70
C ALA F 38 -4.44 68.60 -70.24
N PHE F 39 -5.52 68.99 -69.56
CA PHE F 39 -5.40 69.42 -68.18
C PHE F 39 -4.84 68.29 -67.31
N ILE F 40 -5.38 67.08 -67.48
CA ILE F 40 -4.94 65.94 -66.70
C ILE F 40 -3.53 65.54 -67.08
N ARG F 41 -3.19 65.65 -68.36
CA ARG F 41 -1.82 65.36 -68.79
C ARG F 41 -0.83 66.22 -68.02
N ASN F 42 -1.08 67.53 -68.00
CA ASN F 42 -0.18 68.41 -67.25
C ASN F 42 -0.25 68.12 -65.76
N TYR F 43 -1.44 67.85 -65.24
CA TYR F 43 -1.58 67.55 -63.82
C TYR F 43 -0.73 66.35 -63.43
N LEU F 44 -0.75 65.30 -64.25
CA LEU F 44 -0.03 64.08 -63.93
C LEU F 44 1.47 64.27 -64.13
N ASN F 45 1.87 64.92 -65.23
CA ASN F 45 3.30 65.16 -65.41
C ASN F 45 3.82 66.24 -64.48
N CYS F 46 2.97 66.80 -63.62
CA CYS F 46 3.37 67.71 -62.56
C CYS F 46 3.90 69.03 -63.11
N THR F 47 3.42 69.43 -64.28
CA THR F 47 3.70 70.75 -64.83
C THR F 47 2.73 71.76 -64.23
N PHE F 48 2.71 71.81 -62.90
CA PHE F 48 1.74 72.62 -62.18
C PHE F 48 1.87 74.10 -62.54
N ASP F 49 3.07 74.52 -62.95
CA ASP F 49 3.26 75.91 -63.32
C ASP F 49 2.40 76.30 -64.52
N LEU F 50 1.90 75.32 -65.26
CA LEU F 50 1.02 75.57 -66.39
C LEU F 50 -0.45 75.42 -66.02
N LEU F 51 -0.76 75.24 -64.74
CA LEU F 51 -2.10 74.92 -64.29
C LEU F 51 -2.60 75.96 -63.31
N ASP F 52 -3.92 76.10 -63.25
CA ASP F 52 -4.56 77.00 -62.31
C ASP F 52 -4.67 76.33 -60.96
N ASP F 53 -4.01 76.91 -59.95
CA ASP F 53 -4.08 76.34 -58.60
C ASP F 53 -5.49 76.42 -58.03
N ALA F 54 -6.26 77.44 -58.41
CA ALA F 54 -7.64 77.53 -57.96
C ALA F 54 -8.43 76.30 -58.39
N VAL F 55 -8.14 75.79 -59.59
CA VAL F 55 -8.80 74.57 -60.04
C VAL F 55 -8.41 73.40 -59.15
N LEU F 56 -7.14 73.35 -58.73
CA LEU F 56 -6.71 72.29 -57.83
C LEU F 56 -7.46 72.37 -56.51
N MET F 57 -7.63 73.58 -55.98
CA MET F 57 -8.38 73.74 -54.74
C MET F 57 -9.84 73.32 -54.93
N ASN F 58 -10.41 73.68 -56.08
CA ASN F 58 -11.78 73.26 -56.36
C ASN F 58 -11.89 71.74 -56.40
N TYR F 59 -10.90 71.09 -57.01
CA TYR F 59 -10.91 69.63 -57.09
C TYR F 59 -10.77 69.01 -55.71
N PHE F 60 -9.92 69.58 -54.86
CA PHE F 60 -9.78 69.09 -53.50
C PHE F 60 -11.10 69.24 -52.74
N ASN F 61 -11.77 70.37 -52.91
CA ASN F 61 -13.06 70.56 -52.28
C ASN F 61 -14.08 69.57 -52.82
N TYR F 62 -13.99 69.26 -54.10
CA TYR F 62 -14.87 68.25 -54.69
C TYR F 62 -14.63 66.88 -54.07
N LEU F 63 -13.36 66.52 -53.86
CA LEU F 63 -13.04 65.26 -53.20
C LEU F 63 -13.63 65.24 -51.79
N GLN F 64 -13.46 66.34 -51.06
CA GLN F 64 -14.02 66.41 -49.71
C GLN F 64 -15.53 66.28 -49.75
N SER F 65 -16.17 66.94 -50.72
CA SER F 65 -17.62 66.87 -50.83
C SER F 65 -18.08 65.45 -51.08
N MET F 66 -17.41 64.74 -51.98
CA MET F 66 -17.74 63.33 -52.19
C MET F 66 -17.34 62.46 -51.02
N GLN F 67 -16.58 62.99 -50.06
CA GLN F 67 -16.29 62.30 -48.81
C GLN F 67 -15.34 61.14 -49.01
N LEU F 68 -14.29 61.34 -49.80
CA LEU F 68 -13.30 60.31 -49.99
C LEU F 68 -12.73 59.87 -48.65
N LYS F 69 -12.64 58.56 -48.45
CA LYS F 69 -12.14 58.03 -47.19
C LYS F 69 -10.65 58.32 -47.04
N HIS F 70 -10.24 58.65 -45.81
CA HIS F 70 -8.86 58.93 -45.45
C HIS F 70 -8.35 60.26 -46.00
N LEU F 71 -9.17 60.99 -46.76
CA LEU F 71 -8.70 62.25 -47.32
C LEU F 71 -8.34 63.21 -46.21
N VAL F 72 -7.09 63.66 -46.20
CA VAL F 72 -6.60 64.60 -45.20
C VAL F 72 -5.78 65.66 -45.93
N GLY F 73 -6.04 66.93 -45.62
CA GLY F 73 -5.30 67.99 -46.26
C GLY F 73 -5.79 69.35 -45.83
N SER F 74 -5.09 70.37 -46.35
CA SER F 74 -5.39 71.77 -46.06
C SER F 74 -5.57 72.53 -47.37
N THR F 75 -5.58 73.86 -47.31
CA THR F 75 -5.77 74.70 -48.48
C THR F 75 -4.47 75.13 -49.13
N SER F 76 -3.42 74.30 -49.06
CA SER F 76 -2.12 74.64 -49.60
C SER F 76 -1.89 73.88 -50.90
N THR F 77 -1.48 74.61 -51.94
CA THR F 77 -1.10 73.96 -53.20
C THR F 77 0.10 73.05 -53.03
N ASN F 78 0.83 73.19 -51.93
CA ASN F 78 1.93 72.28 -51.67
C ASN F 78 1.46 70.85 -51.57
N ILE F 79 0.16 70.63 -51.31
CA ILE F 79 -0.38 69.28 -51.31
C ILE F 79 -0.09 68.60 -52.64
N PHE F 80 -0.30 69.30 -53.75
CA PHE F 80 0.01 68.77 -55.06
C PHE F 80 1.45 69.02 -55.48
N LYS F 81 2.05 70.11 -54.99
CA LYS F 81 3.36 70.52 -55.48
C LYS F 81 4.53 69.89 -54.74
N PHE F 82 4.28 69.20 -53.63
CA PHE F 82 5.34 68.63 -52.81
C PHE F 82 4.88 67.31 -52.22
N VAL F 83 5.85 66.51 -51.77
CA VAL F 83 5.53 65.29 -51.06
C VAL F 83 4.73 65.65 -49.82
N LYS F 84 3.49 65.18 -49.74
CA LYS F 84 2.61 65.56 -48.67
C LYS F 84 1.72 64.39 -48.27
N PRO F 85 1.49 64.19 -46.98
CA PRO F 85 0.52 63.17 -46.56
C PRO F 85 -0.85 63.48 -47.13
N GLN F 86 -1.35 62.58 -47.97
CA GLN F 86 -2.66 62.76 -48.60
C GLN F 86 -3.72 61.82 -48.05
N PHE F 87 -3.36 60.65 -47.55
CA PHE F 87 -4.34 59.76 -46.93
C PHE F 87 -3.87 59.37 -45.54
N ARG F 88 -4.79 59.32 -44.59
CA ARG F 88 -4.48 59.01 -43.19
C ARG F 88 -5.29 57.80 -42.74
N PHE F 89 -4.69 56.99 -41.88
CA PHE F 89 -5.38 55.83 -41.33
C PHE F 89 -4.46 55.18 -40.29
N VAL F 90 -5.08 54.48 -39.35
CA VAL F 90 -4.37 53.96 -38.18
C VAL F 90 -4.03 52.49 -38.40
N CYS F 91 -2.76 52.13 -38.21
CA CYS F 91 -2.36 50.74 -38.30
C CYS F 91 -2.78 50.01 -37.03
N ASP F 92 -3.50 48.89 -37.22
CA ASP F 92 -3.98 48.09 -36.09
C ASP F 92 -4.03 46.64 -36.58
N ARG F 93 -2.96 45.91 -36.29
CA ARG F 93 -2.80 44.54 -36.77
C ARG F 93 -2.96 43.57 -35.61
N THR F 94 -3.97 42.71 -35.68
CA THR F 94 -4.16 41.62 -34.72
C THR F 94 -3.27 40.47 -35.17
N THR F 95 -1.98 40.63 -34.93
CA THR F 95 -0.98 39.72 -35.47
C THR F 95 -1.27 38.28 -35.03
N VAL F 96 -1.17 37.36 -35.98
CA VAL F 96 -1.28 35.92 -35.73
C VAL F 96 0.10 35.33 -35.98
N ASP F 97 0.89 35.22 -34.91
CA ASP F 97 2.29 34.85 -35.05
C ASP F 97 2.47 33.47 -35.63
N ILE F 98 1.45 32.61 -35.54
CA ILE F 98 1.57 31.24 -36.04
C ILE F 98 1.61 31.18 -37.57
N LEU F 99 1.34 32.29 -38.25
CA LEU F 99 1.36 32.34 -39.70
C LEU F 99 2.63 33.02 -40.18
N GLU F 100 3.21 32.47 -41.25
CA GLU F 100 4.43 33.04 -41.84
C GLU F 100 4.03 34.18 -42.77
N PHE F 101 3.66 35.30 -42.16
CA PHE F 101 3.29 36.48 -42.91
C PHE F 101 4.51 37.05 -43.63
N ASP F 102 4.27 38.07 -44.46
CA ASP F 102 5.35 38.83 -45.06
C ASP F 102 6.03 39.63 -43.96
N THR F 103 7.21 39.17 -43.53
CA THR F 103 7.86 39.71 -42.34
C THR F 103 8.42 41.09 -42.66
N ARG F 104 7.52 42.07 -42.68
CA ARG F 104 7.91 43.46 -42.87
C ARG F 104 8.21 44.10 -41.51
N MET F 105 8.67 45.35 -41.57
CA MET F 105 9.01 46.06 -40.34
C MET F 105 7.79 46.19 -39.45
N TYR F 106 7.95 45.85 -38.18
CA TYR F 106 6.84 45.87 -37.25
C TYR F 106 6.31 47.29 -37.04
N ILE F 107 5.02 47.40 -36.78
CA ILE F 107 4.38 48.67 -36.50
C ILE F 107 3.55 48.50 -35.23
N LYS F 108 3.69 49.42 -34.29
CA LYS F 108 2.91 49.36 -33.07
C LYS F 108 1.44 49.59 -33.38
N PRO F 109 0.53 48.79 -32.86
CA PRO F 109 -0.89 49.05 -33.07
C PRO F 109 -1.26 50.45 -32.58
N GLY F 110 -2.17 51.09 -33.31
CA GLY F 110 -2.56 52.45 -33.03
C GLY F 110 -1.65 53.49 -33.65
N THR F 111 -0.54 53.07 -34.23
CA THR F 111 0.36 54.02 -34.87
C THR F 111 -0.33 54.64 -36.08
N PRO F 112 -0.39 55.97 -36.19
CA PRO F 112 -0.94 56.56 -37.41
C PRO F 112 -0.02 56.29 -38.59
N VAL F 113 -0.65 56.18 -39.77
CA VAL F 113 0.05 55.91 -41.01
C VAL F 113 -0.52 56.82 -42.07
N TYR F 114 0.36 57.37 -42.90
CA TYR F 114 -0.03 58.33 -43.93
C TYR F 114 0.52 57.85 -45.27
N ALA F 115 -0.35 57.79 -46.26
CA ALA F 115 0.05 57.52 -47.64
C ALA F 115 0.31 58.86 -48.31
N THR F 116 1.55 59.07 -48.75
CA THR F 116 1.93 60.29 -49.44
C THR F 116 1.89 60.06 -50.95
N ASN F 117 1.82 61.16 -51.69
CA ASN F 117 1.76 61.09 -53.15
C ASN F 117 3.06 60.63 -53.78
N LEU F 118 4.15 60.54 -53.02
CA LEU F 118 5.43 60.20 -53.61
C LEU F 118 5.49 58.73 -54.00
N PHE F 119 6.09 58.47 -55.16
CA PHE F 119 6.33 57.13 -55.66
C PHE F 119 7.75 57.06 -56.19
N THR F 120 8.39 55.92 -55.98
CA THR F 120 9.78 55.72 -56.38
C THR F 120 9.94 54.38 -57.08
N SER F 121 10.87 54.31 -58.02
CA SER F 121 11.22 53.04 -58.62
C SER F 121 12.28 52.29 -57.84
N ASN F 122 12.86 52.92 -56.81
CA ASN F 122 13.91 52.28 -56.00
C ASN F 122 13.89 52.92 -54.62
N PRO F 123 13.25 52.28 -53.65
CA PRO F 123 13.28 52.83 -52.28
C PRO F 123 14.69 53.06 -51.75
N ARG F 124 15.63 52.17 -52.05
CA ARG F 124 16.96 52.28 -51.47
C ARG F 124 17.60 53.61 -51.80
N LYS F 125 17.37 54.14 -53.00
CA LYS F 125 17.98 55.41 -53.36
C LYS F 125 17.33 56.57 -52.62
N MET F 126 15.99 56.58 -52.57
CA MET F 126 15.30 57.62 -51.81
C MET F 126 15.68 57.59 -50.34
N MET F 127 16.12 56.44 -49.84
CA MET F 127 16.39 56.29 -48.42
C MET F 127 17.34 57.37 -47.91
N ALA F 128 18.35 57.73 -48.69
CA ALA F 128 19.28 58.75 -48.25
C ALA F 128 18.55 60.02 -47.82
N PHE F 129 17.80 60.61 -48.76
CA PHE F 129 17.10 61.86 -48.48
C PHE F 129 16.04 61.68 -47.39
N LEU F 130 15.28 60.59 -47.46
CA LEU F 130 14.21 60.41 -46.49
C LEU F 130 14.76 60.24 -45.08
N TYR F 131 15.85 59.49 -44.94
CA TYR F 131 16.48 59.32 -43.63
C TYR F 131 17.14 60.62 -43.18
N ALA F 132 17.63 61.44 -44.12
CA ALA F 132 18.09 62.76 -43.73
C ALA F 132 16.96 63.55 -43.09
N GLU F 133 15.77 63.52 -43.70
CA GLU F 133 14.63 64.21 -43.11
C GLU F 133 14.25 63.60 -41.76
N PHE F 134 14.29 62.27 -41.67
CA PHE F 134 13.96 61.59 -40.42
C PHE F 134 14.93 62.02 -39.32
N GLY F 135 16.22 62.07 -39.65
CA GLY F 135 17.20 62.56 -38.70
C GLY F 135 16.96 64.00 -38.32
N LYS F 136 16.53 64.81 -39.28
CA LYS F 136 16.16 66.18 -38.94
C LYS F 136 15.04 66.19 -37.90
N VAL F 137 14.06 65.32 -38.09
CA VAL F 137 12.90 65.30 -37.21
C VAL F 137 13.28 64.86 -35.81
N PHE F 138 14.10 63.83 -35.69
CA PHE F 138 14.37 63.21 -34.38
C PHE F 138 15.77 63.48 -33.85
N LYS F 139 16.79 63.28 -34.66
CA LYS F 139 18.18 63.53 -34.26
C LYS F 139 18.52 62.57 -33.12
N ASN F 140 19.39 63.00 -32.21
CA ASN F 140 19.75 62.18 -31.06
C ASN F 140 20.41 60.90 -31.53
N LYS F 141 20.43 59.88 -30.69
CA LYS F 141 21.00 58.58 -31.03
C LYS F 141 19.96 57.49 -30.80
N ILE F 142 18.76 57.71 -31.33
CA ILE F 142 17.66 56.77 -31.13
C ILE F 142 17.92 55.54 -31.98
N PHE F 143 18.01 54.38 -31.34
CA PHE F 143 18.13 53.12 -32.08
C PHE F 143 16.85 52.87 -32.87
N VAL F 144 17.00 52.58 -34.16
CA VAL F 144 15.86 52.44 -35.06
C VAL F 144 16.03 51.19 -35.89
N ASN F 145 14.89 50.65 -36.34
CA ASN F 145 14.87 49.52 -37.26
C ASN F 145 14.84 50.07 -38.67
N ILE F 146 15.95 49.93 -39.39
CA ILE F 146 16.11 50.50 -40.72
C ILE F 146 16.50 49.40 -41.68
N ASN F 147 15.81 49.32 -42.81
CA ASN F 147 16.13 48.41 -43.89
C ASN F 147 16.20 49.20 -45.19
N ASN F 148 16.42 48.50 -46.29
CA ASN F 148 16.51 49.16 -47.59
C ASN F 148 15.18 49.78 -48.01
N TYR F 149 14.08 49.45 -47.33
CA TYR F 149 12.77 49.94 -47.69
C TYR F 149 12.18 50.90 -46.65
N GLY F 150 13.00 51.43 -45.77
CA GLY F 150 12.53 52.44 -44.84
C GLY F 150 13.21 52.30 -43.49
N CYS F 151 12.86 53.22 -42.61
CA CYS F 151 13.36 53.24 -41.24
C CYS F 151 12.19 53.43 -40.28
N VAL F 152 12.17 52.63 -39.22
CA VAL F 152 11.09 52.64 -38.26
C VAL F 152 11.67 52.89 -36.87
N LEU F 153 11.05 53.80 -36.13
CA LEU F 153 11.42 54.14 -34.78
C LEU F 153 10.39 53.55 -33.82
N ALA F 154 10.86 52.65 -32.96
CA ALA F 154 10.04 52.05 -31.91
C ALA F 154 8.70 51.57 -32.44
N GLY F 155 8.67 51.16 -33.71
CA GLY F 155 7.42 50.73 -34.30
C GLY F 155 6.32 51.75 -34.21
N SER F 156 6.67 53.03 -34.09
CA SER F 156 5.70 54.09 -33.91
C SER F 156 5.93 55.30 -34.80
N ALA F 157 7.14 55.50 -35.34
CA ALA F 157 7.39 56.65 -36.20
C ALA F 157 8.33 56.25 -37.32
N GLY F 158 8.46 57.13 -38.30
CA GLY F 158 9.45 56.93 -39.35
C GLY F 158 8.84 56.95 -40.74
N PHE F 159 9.42 56.18 -41.65
CA PHE F 159 8.95 56.14 -43.03
C PHE F 159 9.26 54.78 -43.62
N LEU F 160 8.53 54.44 -44.68
CA LEU F 160 8.80 53.21 -45.40
C LEU F 160 8.20 53.32 -46.79
N PHE F 161 8.55 52.36 -47.63
CA PHE F 161 8.05 52.26 -48.99
C PHE F 161 7.30 50.95 -49.16
N ASP F 162 6.15 51.01 -49.80
CA ASP F 162 5.38 49.80 -50.07
C ASP F 162 4.68 49.97 -51.41
N ASP F 163 3.70 49.13 -51.68
CA ASP F 163 2.88 49.35 -52.87
C ASP F 163 1.91 50.49 -52.60
N ALA F 164 1.07 50.79 -53.59
CA ALA F 164 0.11 51.87 -53.46
C ALA F 164 -1.12 51.48 -52.66
N TYR F 165 -1.24 50.22 -52.24
CA TYR F 165 -2.48 49.77 -51.62
C TYR F 165 -2.16 48.69 -50.59
N VAL F 166 -2.31 49.03 -49.31
CA VAL F 166 -2.06 48.11 -48.22
C VAL F 166 -3.16 48.30 -47.18
N ASP F 167 -3.38 47.26 -46.36
CA ASP F 167 -4.43 47.29 -45.37
C ASP F 167 -3.98 47.88 -44.04
N TRP F 168 -2.84 47.42 -43.53
CA TRP F 168 -2.29 47.95 -42.28
C TRP F 168 -3.11 47.48 -41.09
N ASN F 169 -4.21 46.77 -41.33
CA ASN F 169 -5.00 46.16 -40.28
C ASN F 169 -4.96 44.65 -40.31
N GLY F 170 -4.85 44.06 -41.50
CA GLY F 170 -4.60 42.65 -41.65
C GLY F 170 -3.13 42.38 -41.93
N VAL F 171 -2.82 41.10 -42.13
CA VAL F 171 -1.48 40.66 -42.44
C VAL F 171 -1.41 40.29 -43.91
N ARG F 172 -0.20 40.04 -44.39
CA ARG F 172 0.04 39.69 -45.78
C ARG F 172 0.28 38.19 -45.89
N MET F 173 -0.41 37.54 -46.82
CA MET F 173 -0.32 36.10 -46.98
C MET F 173 -0.63 35.73 -48.42
N CYS F 174 -0.18 34.54 -48.81
CA CYS F 174 -0.58 33.92 -50.07
C CYS F 174 -0.09 34.71 -51.28
N ALA F 175 -0.29 34.14 -52.46
CA ALA F 175 0.18 34.75 -53.71
C ALA F 175 -0.70 35.93 -54.11
N ALA F 176 -0.21 36.69 -55.08
CA ALA F 176 -0.90 37.88 -55.53
C ALA F 176 -1.82 37.54 -56.70
N PRO F 177 -3.13 37.77 -56.59
CA PRO F 177 -4.00 37.61 -57.76
C PRO F 177 -3.67 38.60 -58.87
N ARG F 178 -3.06 39.74 -58.53
CA ARG F 178 -2.67 40.75 -59.49
C ARG F 178 -1.18 40.99 -59.42
N LEU F 179 -0.58 41.28 -60.57
CA LEU F 179 0.85 41.58 -60.68
C LEU F 179 1.00 42.88 -61.45
N ASP F 180 0.90 44.00 -60.74
CA ASP F 180 1.15 45.31 -61.32
C ASP F 180 2.50 45.88 -60.88
N ASN F 181 3.21 45.18 -60.00
CA ASN F 181 4.55 45.59 -59.61
C ASN F 181 5.49 45.64 -60.80
N ASN F 182 5.14 44.97 -61.89
CA ASN F 182 5.96 45.01 -63.09
C ASN F 182 6.30 46.45 -63.47
N MET F 183 5.32 47.35 -63.34
CA MET F 183 5.51 48.76 -63.63
C MET F 183 5.25 49.67 -62.44
N HIS F 184 4.71 49.15 -61.36
CA HIS F 184 4.23 50.00 -60.27
C HIS F 184 5.39 50.42 -59.38
N PRO F 185 5.66 51.71 -59.23
CA PRO F 185 6.61 52.16 -58.21
C PRO F 185 6.02 52.11 -56.81
N PHE F 186 6.90 52.08 -55.83
CA PHE F 186 6.49 52.03 -54.44
C PHE F 186 6.04 53.40 -53.96
N ARG F 187 4.89 53.43 -53.32
CA ARG F 187 4.43 54.63 -52.64
C ARG F 187 5.18 54.80 -51.32
N LEU F 188 5.33 56.07 -50.93
CA LEU F 188 5.93 56.41 -49.65
C LEU F 188 4.85 56.50 -48.58
N TYR F 189 5.13 55.88 -47.43
CA TYR F 189 4.25 55.92 -46.27
C TYR F 189 5.02 56.50 -45.10
N LEU F 190 4.36 57.35 -44.33
CA LEU F 190 4.94 58.03 -43.20
C LEU F 190 4.26 57.58 -41.92
N LEU F 191 5.05 57.21 -40.93
CA LEU F 191 4.56 56.76 -39.65
C LEU F 191 4.75 57.88 -38.65
N GLY F 192 3.68 58.26 -37.97
CA GLY F 192 3.76 59.25 -36.93
C GLY F 192 3.31 60.64 -37.31
N GLU F 193 2.52 61.22 -36.41
CA GLU F 193 2.11 62.61 -36.58
C GLU F 193 3.32 63.50 -36.74
N ASP F 194 4.44 63.15 -36.11
CA ASP F 194 5.66 63.93 -36.24
C ASP F 194 6.10 64.02 -37.69
N MET F 195 6.24 62.87 -38.35
CA MET F 195 6.67 62.87 -39.75
C MET F 195 5.65 63.58 -40.63
N ALA F 196 4.36 63.29 -40.41
CA ALA F 196 3.34 63.91 -41.24
C ALA F 196 3.40 65.43 -41.14
N LYS F 197 3.40 65.95 -39.91
CA LYS F 197 3.44 67.39 -39.70
C LYS F 197 4.73 67.99 -40.24
N HIS F 198 5.85 67.31 -40.02
CA HIS F 198 7.13 67.82 -40.52
C HIS F 198 7.07 68.02 -42.03
N PHE F 199 6.61 67.01 -42.76
CA PHE F 199 6.56 67.14 -44.20
C PHE F 199 5.57 68.21 -44.61
N VAL F 200 4.41 68.25 -43.96
CA VAL F 200 3.39 69.23 -44.32
C VAL F 200 3.95 70.64 -44.17
N ASP F 201 4.64 70.91 -43.05
CA ASP F 201 5.11 72.25 -42.79
C ASP F 201 6.34 72.60 -43.63
N ASN F 202 7.18 71.62 -43.93
CA ASN F 202 8.45 71.90 -44.60
C ASN F 202 8.38 71.82 -46.11
N ASN F 203 7.27 71.37 -46.68
CA ASN F 203 7.15 71.23 -48.13
C ASN F 203 8.33 70.42 -48.67
N ILE F 204 8.57 69.28 -48.01
CA ILE F 204 9.70 68.44 -48.38
C ILE F 204 9.56 67.98 -49.82
N LEU F 205 10.69 67.90 -50.51
CA LEU F 205 10.70 67.42 -51.88
C LEU F 205 12.09 66.90 -52.24
N PRO F 206 12.25 65.65 -52.66
CA PRO F 206 13.58 65.14 -52.92
C PRO F 206 14.24 65.91 -54.04
N PRO F 207 15.57 66.00 -54.04
CA PRO F 207 16.25 66.70 -55.13
C PRO F 207 15.97 66.03 -56.47
N HIS F 208 15.81 66.85 -57.50
CA HIS F 208 15.61 66.32 -58.84
C HIS F 208 16.94 65.79 -59.39
N PRO F 209 16.92 64.65 -60.09
CA PRO F 209 18.17 64.13 -60.66
C PRO F 209 18.88 65.13 -61.56
N ASN F 218 8.53 65.34 -61.65
CA ASN F 218 8.54 63.90 -61.93
C ASN F 218 9.81 63.53 -62.68
N ASN F 219 10.07 62.24 -62.80
CA ASN F 219 11.27 61.73 -63.46
C ASN F 219 11.21 60.22 -63.47
N SER F 220 12.21 59.60 -64.10
CA SER F 220 12.30 58.14 -64.10
C SER F 220 12.51 57.61 -62.68
N MET F 221 13.35 58.28 -61.91
CA MET F 221 13.68 57.80 -60.56
C MET F 221 12.44 57.76 -59.68
N PHE F 222 11.65 58.82 -59.70
CA PHE F 222 10.47 58.91 -58.86
C PHE F 222 9.50 59.89 -59.49
N MET F 223 8.33 60.02 -58.88
CA MET F 223 7.28 60.88 -59.39
C MET F 223 6.26 61.09 -58.28
N LEU F 224 5.29 61.96 -58.57
CA LEU F 224 4.19 62.22 -57.67
C LEU F 224 2.87 61.81 -58.33
N LYS F 225 2.03 61.13 -57.58
CA LYS F 225 0.70 60.70 -58.05
C LYS F 225 -0.29 61.14 -56.97
N ASN F 226 -0.75 62.38 -57.08
CA ASN F 226 -1.61 62.95 -56.03
C ASN F 226 -2.94 62.21 -55.98
N PHE F 227 -3.28 61.73 -54.79
CA PHE F 227 -4.56 61.05 -54.57
C PHE F 227 -4.72 59.88 -55.53
N TYR F 228 -3.64 59.14 -55.73
CA TYR F 228 -3.60 58.05 -56.71
C TYR F 228 -3.73 56.72 -55.98
N LYS F 229 -4.96 56.20 -55.92
CA LYS F 229 -5.16 54.90 -55.31
C LYS F 229 -4.50 53.80 -56.13
N GLY F 230 -4.61 53.88 -57.46
CA GLY F 230 -3.91 52.96 -58.32
C GLY F 230 -4.56 51.62 -58.53
N LEU F 231 -5.89 51.56 -58.53
CA LEU F 231 -6.57 50.31 -58.85
C LEU F 231 -6.44 50.01 -60.34
N PRO F 232 -6.39 48.73 -60.71
CA PRO F 232 -6.22 48.39 -62.13
C PRO F 232 -7.50 48.61 -62.93
N LEU F 233 -7.81 49.87 -63.21
CA LEU F 233 -9.03 50.21 -63.92
C LEU F 233 -8.84 50.03 -65.43
N PHE F 234 -9.95 49.72 -66.10
CA PHE F 234 -9.93 49.56 -67.55
C PHE F 234 -11.35 49.71 -68.07
N LYS F 235 -11.46 50.07 -69.35
CA LYS F 235 -12.76 50.21 -69.98
C LYS F 235 -13.33 48.85 -70.34
N SER F 236 -14.64 48.69 -70.11
CA SER F 236 -15.28 47.39 -70.31
C SER F 236 -15.19 46.93 -71.77
N LYS F 237 -15.48 47.83 -72.70
CA LYS F 237 -15.52 47.47 -74.12
C LYS F 237 -16.50 46.33 -74.37
N TYR F 238 -17.65 46.38 -73.73
CA TYR F 238 -18.63 45.31 -73.81
C TYR F 238 -19.62 45.58 -74.93
N THR F 239 -20.05 44.51 -75.60
CA THR F 239 -21.07 44.57 -76.63
C THR F 239 -22.42 44.37 -75.95
N VAL F 240 -22.99 45.47 -75.46
CA VAL F 240 -24.18 45.41 -74.61
C VAL F 240 -25.38 45.06 -75.47
N VAL F 241 -25.86 43.81 -75.35
CA VAL F 241 -27.12 43.46 -75.99
C VAL F 241 -28.27 44.23 -75.36
N ASN F 242 -28.26 44.35 -74.03
CA ASN F 242 -29.32 45.05 -73.32
C ASN F 242 -28.82 45.43 -71.94
N SER F 243 -29.55 46.32 -71.28
CA SER F 243 -29.14 46.73 -69.94
C SER F 243 -30.35 47.27 -69.17
N THR F 244 -30.20 47.28 -67.85
CA THR F 244 -31.19 47.85 -66.95
C THR F 244 -30.52 48.09 -65.61
N LYS F 245 -31.17 48.91 -64.78
CA LYS F 245 -30.61 49.26 -63.48
C LYS F 245 -31.67 49.10 -62.39
N ILE F 246 -31.20 48.87 -61.17
CA ILE F 246 -32.06 48.70 -60.00
C ILE F 246 -31.36 49.31 -58.80
N VAL F 247 -32.15 49.62 -57.77
CA VAL F 247 -31.64 50.18 -56.52
C VAL F 247 -32.26 49.41 -55.37
N THR F 248 -31.42 49.00 -54.41
CA THR F 248 -31.93 48.30 -53.24
C THR F 248 -30.81 48.06 -52.25
N ARG F 249 -31.20 47.88 -50.99
CA ARG F 249 -30.30 47.45 -49.93
C ARG F 249 -30.73 46.11 -49.36
N LYS F 250 -31.58 45.37 -50.07
CA LYS F 250 -32.11 44.12 -49.59
C LYS F 250 -31.47 42.96 -50.35
N PRO F 251 -30.60 42.17 -49.72
CA PRO F 251 -29.92 41.10 -50.48
C PRO F 251 -30.88 40.14 -51.13
N ASN F 252 -32.05 39.92 -50.53
CA ASN F 252 -33.03 39.03 -51.12
C ASN F 252 -33.45 39.51 -52.50
N ASP F 253 -33.45 40.82 -52.75
CA ASP F 253 -33.81 41.32 -54.07
C ASP F 253 -32.78 40.89 -55.11
N ILE F 254 -31.50 41.08 -54.79
CA ILE F 254 -30.44 40.66 -55.71
C ILE F 254 -30.52 39.15 -55.93
N PHE F 255 -30.75 38.40 -54.86
CA PHE F 255 -30.86 36.95 -55.00
C PHE F 255 -32.04 36.58 -55.88
N ASN F 256 -33.15 37.29 -55.76
CA ASN F 256 -34.31 37.02 -56.59
C ASN F 256 -34.01 37.29 -58.05
N GLU F 257 -33.32 38.39 -58.33
CA GLU F 257 -32.93 38.68 -59.70
C GLU F 257 -32.06 37.56 -60.26
N ILE F 258 -31.07 37.14 -59.48
CA ILE F 258 -30.18 36.08 -59.91
C ILE F 258 -30.96 34.79 -60.16
N ASP F 259 -31.88 34.47 -59.25
CA ASP F 259 -32.66 33.25 -59.40
C ASP F 259 -33.52 33.30 -60.65
N LYS F 260 -34.16 34.43 -60.92
CA LYS F 260 -34.97 34.56 -62.12
C LYS F 260 -34.11 34.37 -63.36
N GLU F 261 -32.95 35.03 -63.41
CA GLU F 261 -32.09 34.90 -64.58
C GLU F 261 -31.63 33.46 -64.78
N LEU F 262 -31.24 32.79 -63.70
CA LEU F 262 -30.80 31.40 -63.82
C LEU F 262 -31.94 30.51 -64.28
N ASN F 263 -33.12 30.67 -63.68
CA ASN F 263 -34.25 29.82 -64.02
C ASN F 263 -34.64 29.99 -65.47
N GLY F 264 -34.66 31.22 -65.97
CA GLY F 264 -35.14 31.44 -67.31
C GLY F 264 -34.36 30.66 -68.34
N ASN F 265 -33.14 31.11 -68.63
CA ASN F 265 -32.29 30.33 -69.53
C ASN F 265 -30.81 30.40 -69.19
N CYS F 266 -30.42 31.08 -68.12
CA CYS F 266 -29.01 31.38 -67.93
C CYS F 266 -28.28 30.17 -67.35
N PRO F 267 -27.30 29.60 -68.05
CA PRO F 267 -26.50 28.55 -67.42
C PRO F 267 -25.69 29.03 -66.25
N PHE F 268 -25.25 30.30 -66.27
CA PHE F 268 -24.41 30.84 -65.22
C PHE F 268 -24.34 32.35 -65.39
N ILE F 269 -24.30 33.06 -64.27
CA ILE F 269 -24.30 34.51 -64.24
C ILE F 269 -22.95 34.99 -63.71
N LYS F 270 -22.49 36.13 -64.23
CA LYS F 270 -21.29 36.78 -63.71
C LYS F 270 -21.73 37.91 -62.80
N PHE F 271 -21.74 37.64 -61.50
CA PHE F 271 -22.10 38.66 -60.52
C PHE F 271 -20.85 39.38 -60.08
N ILE F 272 -20.75 40.66 -60.42
CA ILE F 272 -19.57 41.47 -60.14
C ILE F 272 -19.96 42.50 -59.09
N GLN F 273 -19.04 42.78 -58.19
CA GLN F 273 -19.16 43.88 -57.24
C GLN F 273 -17.91 44.74 -57.32
N ARG F 274 -18.10 46.04 -57.50
CA ARG F 274 -16.95 46.92 -57.62
C ARG F 274 -16.26 47.07 -56.26
N ASP F 275 -14.94 46.95 -56.26
CA ASP F 275 -14.15 46.90 -55.03
C ASP F 275 -13.84 48.27 -54.46
N TYR F 276 -14.58 49.31 -54.85
CA TYR F 276 -14.33 50.64 -54.32
C TYR F 276 -15.60 51.40 -53.96
N ILE F 277 -16.77 50.79 -54.08
CA ILE F 277 -18.03 51.49 -53.87
C ILE F 277 -18.17 52.05 -52.47
N PHE F 278 -17.28 51.69 -51.55
CA PHE F 278 -17.32 52.18 -50.19
C PHE F 278 -16.31 53.29 -49.92
N ASP F 279 -15.72 53.86 -50.98
CA ASP F 279 -14.68 54.86 -50.80
C ASP F 279 -15.20 56.28 -50.70
N ALA F 280 -16.42 56.54 -51.16
CA ALA F 280 -16.93 57.91 -51.18
C ALA F 280 -18.37 57.90 -51.64
N GLN F 281 -19.05 59.03 -51.40
CA GLN F 281 -20.38 59.27 -51.96
C GLN F 281 -20.19 59.79 -53.37
N PHE F 282 -19.95 58.86 -54.29
CA PHE F 282 -19.59 59.23 -55.64
C PHE F 282 -20.76 59.96 -56.30
N PRO F 283 -20.53 61.09 -56.97
CA PRO F 283 -21.62 61.76 -57.67
C PRO F 283 -22.21 60.83 -58.73
N PRO F 284 -23.52 60.93 -58.98
CA PRO F 284 -24.10 60.06 -60.02
C PRO F 284 -23.42 60.20 -61.36
N ASP F 285 -23.01 61.42 -61.71
CA ASP F 285 -22.27 61.61 -62.96
C ASP F 285 -20.97 60.81 -62.95
N LEU F 286 -20.25 60.85 -61.83
CA LEU F 286 -19.02 60.07 -61.73
C LEU F 286 -19.33 58.58 -61.83
N LEU F 287 -20.43 58.14 -61.22
CA LEU F 287 -20.81 56.73 -61.32
C LEU F 287 -21.06 56.35 -62.77
N ASP F 288 -21.76 57.21 -63.51
CA ASP F 288 -22.01 56.93 -64.91
C ASP F 288 -20.71 56.84 -65.69
N LEU F 289 -19.78 57.78 -65.43
CA LEU F 289 -18.49 57.73 -66.10
C LEU F 289 -17.77 56.41 -65.80
N LEU F 290 -17.77 56.01 -64.53
CA LEU F 290 -17.08 54.80 -64.14
C LEU F 290 -17.72 53.56 -64.75
N ASN F 291 -19.04 53.60 -64.97
CA ASN F 291 -19.73 52.43 -65.48
C ASN F 291 -19.11 51.91 -66.76
N GLU F 292 -18.50 52.80 -67.55
CA GLU F 292 -17.81 52.37 -68.74
C GLU F 292 -16.55 51.57 -68.43
N TYR F 293 -16.10 51.55 -67.19
CA TYR F 293 -14.83 50.95 -66.83
C TYR F 293 -15.02 49.91 -65.73
N MET F 294 -13.97 49.14 -65.51
CA MET F 294 -13.97 48.10 -64.50
C MET F 294 -12.54 47.95 -63.98
N THR F 295 -12.44 47.44 -62.76
CA THR F 295 -11.15 47.24 -62.10
C THR F 295 -10.83 45.75 -62.10
N LYS F 296 -9.61 45.42 -62.53
CA LYS F 296 -9.24 44.00 -62.62
C LYS F 296 -9.38 43.31 -61.28
N SER F 297 -9.28 44.05 -60.18
CA SER F 297 -9.30 43.47 -58.85
C SER F 297 -10.68 43.43 -58.22
N SER F 298 -11.71 43.93 -58.89
CA SER F 298 -13.06 43.89 -58.33
C SER F 298 -13.49 42.44 -58.11
N ILE F 299 -14.58 42.28 -57.37
CA ILE F 299 -15.06 40.96 -56.97
C ILE F 299 -15.95 40.40 -58.06
N MET F 300 -15.79 39.12 -58.36
CA MET F 300 -16.68 38.41 -59.27
C MET F 300 -17.05 37.06 -58.68
N LYS F 301 -18.24 36.58 -59.07
CA LYS F 301 -18.70 35.26 -58.70
C LYS F 301 -19.40 34.65 -59.90
N ILE F 302 -18.95 33.45 -60.28
CA ILE F 302 -19.58 32.68 -61.34
C ILE F 302 -20.67 31.84 -60.68
N ILE F 303 -21.91 32.31 -60.73
CA ILE F 303 -23.01 31.70 -59.98
C ILE F 303 -23.86 30.89 -60.93
N THR F 304 -24.05 29.62 -60.61
CA THR F 304 -24.91 28.71 -61.35
C THR F 304 -26.03 28.24 -60.44
N LYS F 305 -26.86 27.32 -60.96
CA LYS F 305 -27.98 26.78 -60.22
C LYS F 305 -27.68 25.36 -59.80
N PHE F 306 -28.06 25.01 -58.56
CA PHE F 306 -27.73 23.70 -58.02
C PHE F 306 -28.28 22.59 -58.91
N VAL F 307 -29.57 22.64 -59.21
CA VAL F 307 -30.20 21.65 -60.07
C VAL F 307 -30.07 22.14 -61.51
N ILE F 308 -29.54 21.28 -62.37
CA ILE F 308 -29.33 21.61 -63.77
C ILE F 308 -30.30 20.76 -64.59
N GLU F 309 -31.20 21.44 -65.30
CA GLU F 309 -32.18 20.74 -66.12
C GLU F 309 -31.48 19.84 -67.12
N GLU F 310 -31.90 18.58 -67.19
CA GLU F 310 -31.24 17.63 -68.06
C GLU F 310 -31.50 17.95 -69.54
N ASN F 311 -32.76 18.18 -69.90
CA ASN F 311 -33.08 18.37 -71.30
C ASN F 311 -32.61 19.74 -71.77
N PRO F 312 -32.40 19.89 -73.08
CA PRO F 312 -31.98 21.20 -73.62
C PRO F 312 -33.13 22.17 -73.86
N ALA F 313 -34.36 21.79 -73.50
CA ALA F 313 -35.50 22.68 -73.72
C ALA F 313 -35.29 24.01 -73.02
N MET F 314 -34.49 24.04 -71.96
CA MET F 314 -34.25 25.24 -71.19
C MET F 314 -33.04 26.03 -71.69
N SER F 315 -32.39 25.57 -72.76
CA SER F 315 -31.21 26.26 -73.26
C SER F 315 -31.58 27.61 -73.86
N GLY F 316 -30.80 28.62 -73.55
CA GLY F 316 -30.97 29.96 -74.08
C GLY F 316 -30.02 30.25 -75.22
N GLU F 317 -29.68 31.53 -75.38
CA GLU F 317 -28.72 31.91 -76.40
C GLU F 317 -27.33 31.40 -76.05
N MET F 318 -26.62 30.87 -77.04
CA MET F 318 -25.30 30.31 -76.83
C MET F 318 -24.17 31.31 -77.01
N SER F 319 -24.48 32.54 -77.43
CA SER F 319 -23.47 33.57 -77.66
C SER F 319 -23.76 34.83 -76.85
N ARG F 320 -24.34 34.69 -75.67
CA ARG F 320 -24.66 35.84 -74.83
C ARG F 320 -24.45 35.48 -73.37
N GLU F 321 -24.12 36.51 -72.59
CA GLU F 321 -23.86 36.36 -71.16
C GLU F 321 -24.63 37.41 -70.38
N ILE F 322 -24.89 37.09 -69.11
CA ILE F 322 -25.60 37.96 -68.18
C ILE F 322 -24.65 38.34 -67.06
N ILE F 323 -24.49 39.65 -66.87
CA ILE F 323 -23.61 40.21 -65.85
C ILE F 323 -24.48 41.06 -64.93
N LEU F 324 -24.25 40.94 -63.63
CA LEU F 324 -24.92 41.81 -62.65
C LEU F 324 -23.85 42.59 -61.90
N ASP F 325 -23.72 43.87 -62.21
CA ASP F 325 -22.66 44.70 -61.67
C ASP F 325 -23.21 45.56 -60.54
N ARG F 326 -22.69 45.35 -59.32
CA ARG F 326 -22.92 46.27 -58.21
C ARG F 326 -21.87 47.36 -58.34
N TYR F 327 -22.21 48.35 -59.17
CA TYR F 327 -21.30 49.46 -59.45
C TYR F 327 -21.29 50.50 -58.34
N SER F 328 -22.27 50.49 -57.45
CA SER F 328 -22.32 51.41 -56.32
C SER F 328 -22.74 50.65 -55.08
N VAL F 329 -22.93 51.37 -53.99
CA VAL F 329 -23.33 50.74 -52.73
C VAL F 329 -24.72 50.14 -52.86
N ASP F 330 -25.64 50.87 -53.48
CA ASP F 330 -27.04 50.47 -53.53
C ASP F 330 -27.59 50.33 -54.94
N ASN F 331 -26.84 50.69 -55.97
CA ASN F 331 -27.31 50.63 -57.35
C ASN F 331 -26.61 49.50 -58.08
N TYR F 332 -27.38 48.70 -58.80
CA TYR F 332 -26.88 47.58 -59.58
C TYR F 332 -27.35 47.73 -61.01
N ARG F 333 -26.57 47.19 -61.94
CA ARG F 333 -26.91 47.22 -63.36
C ARG F 333 -26.82 45.81 -63.91
N LYS F 334 -27.93 45.33 -64.47
CA LYS F 334 -27.95 44.05 -65.16
C LYS F 334 -27.67 44.29 -66.64
N LEU F 335 -26.77 43.48 -67.20
CA LEU F 335 -26.28 43.64 -68.56
C LEU F 335 -26.38 42.31 -69.30
N TYR F 336 -26.85 42.38 -70.54
CA TYR F 336 -26.81 41.28 -71.49
C TYR F 336 -25.81 41.65 -72.57
N ILE F 337 -24.76 40.84 -72.71
CA ILE F 337 -23.68 41.17 -73.64
C ILE F 337 -23.40 39.97 -74.52
N LYS F 338 -22.80 40.25 -75.67
CA LYS F 338 -22.43 39.18 -76.59
C LYS F 338 -21.22 38.42 -76.03
N MET F 339 -21.31 37.09 -76.03
CA MET F 339 -20.19 36.27 -75.59
C MET F 339 -19.03 36.47 -76.54
N GLU F 340 -17.99 37.18 -76.08
CA GLU F 340 -16.86 37.53 -76.91
C GLU F 340 -15.59 37.43 -76.08
N ILE F 341 -14.55 36.83 -76.66
CA ILE F 341 -13.29 36.65 -75.93
C ILE F 341 -12.71 38.00 -75.56
N THR F 342 -12.77 38.96 -76.47
CA THR F 342 -12.12 40.25 -76.22
C THR F 342 -12.68 40.94 -74.99
N ASN F 343 -13.88 40.58 -74.54
CA ASN F 343 -14.43 41.19 -73.34
C ASN F 343 -13.48 40.99 -72.16
N GLN F 344 -13.19 42.08 -71.46
CA GLN F 344 -12.30 42.04 -70.32
C GLN F 344 -13.10 41.88 -69.03
N PHE F 345 -12.50 41.20 -68.07
CA PHE F 345 -13.18 40.89 -66.82
C PHE F 345 -12.20 40.98 -65.67
N PRO F 346 -12.68 41.20 -64.45
CA PRO F 346 -11.79 41.17 -63.28
C PRO F 346 -11.08 39.84 -63.17
N VAL F 347 -9.83 39.89 -62.73
CA VAL F 347 -9.00 38.71 -62.60
C VAL F 347 -9.39 37.96 -61.34
N MET F 348 -9.84 36.72 -61.50
CA MET F 348 -10.12 35.85 -60.38
C MET F 348 -9.00 34.85 -60.20
N TYR F 349 -9.13 34.02 -59.17
CA TYR F 349 -8.16 32.96 -58.94
C TYR F 349 -8.11 32.01 -60.13
N ASP F 350 -6.92 31.50 -60.41
CA ASP F 350 -6.72 30.66 -61.59
C ASP F 350 -7.74 29.54 -61.63
N HIS F 351 -8.00 28.90 -60.49
CA HIS F 351 -8.99 27.85 -60.36
C HIS F 351 -10.14 28.29 -59.47
N GLU F 352 -10.60 29.52 -59.66
CA GLU F 352 -11.68 30.07 -58.85
C GLU F 352 -12.86 29.11 -58.79
N SER F 353 -13.21 28.71 -57.58
CA SER F 353 -14.36 27.83 -57.40
C SER F 353 -15.64 28.54 -57.80
N SER F 354 -16.57 27.80 -58.40
CA SER F 354 -17.85 28.36 -58.80
C SER F 354 -18.80 28.42 -57.61
N TYR F 355 -19.79 29.31 -57.71
CA TYR F 355 -20.82 29.45 -56.70
C TYR F 355 -22.10 28.77 -57.18
N ILE F 356 -22.84 28.20 -56.25
CA ILE F 356 -24.08 27.50 -56.54
C ILE F 356 -25.19 28.19 -55.74
N PHE F 357 -26.26 28.54 -56.42
CA PHE F 357 -27.38 29.20 -55.77
C PHE F 357 -28.09 28.23 -54.84
N VAL F 358 -28.59 28.76 -53.74
CA VAL F 358 -29.28 27.96 -52.72
C VAL F 358 -30.75 27.93 -53.04
N SER F 359 -31.33 26.73 -53.10
CA SER F 359 -32.76 26.56 -53.32
C SER F 359 -33.46 26.37 -51.99
N LYS F 360 -34.79 26.42 -52.05
CA LYS F 360 -35.60 26.26 -50.85
C LYS F 360 -35.56 24.85 -50.28
N ASP F 361 -35.03 23.88 -51.04
CA ASP F 361 -35.01 22.51 -50.58
C ASP F 361 -34.08 22.29 -49.39
N PHE F 362 -33.18 23.22 -49.12
CA PHE F 362 -32.20 23.04 -48.07
C PHE F 362 -31.79 24.41 -47.52
N LEU F 363 -31.00 24.37 -46.45
CA LEU F 363 -30.51 25.57 -45.79
C LEU F 363 -29.02 25.45 -45.54
N GLN F 364 -28.31 26.56 -45.73
CA GLN F 364 -26.87 26.57 -45.51
C GLN F 364 -26.57 26.52 -44.02
N LEU F 365 -25.63 25.66 -43.64
CA LEU F 365 -25.25 25.54 -42.25
C LEU F 365 -24.47 26.76 -41.80
N LYS F 366 -24.83 27.31 -40.65
CA LYS F 366 -24.16 28.50 -40.16
C LYS F 366 -22.67 28.25 -40.01
N GLY F 367 -21.87 29.24 -40.39
CA GLY F 367 -20.43 29.12 -40.29
C GLY F 367 -19.80 28.26 -41.35
N THR F 368 -20.51 27.98 -42.44
CA THR F 368 -19.98 27.17 -43.52
C THR F 368 -20.33 27.80 -44.85
N MET F 369 -19.34 27.87 -45.74
CA MET F 369 -19.56 28.40 -47.08
C MET F 369 -19.94 27.33 -48.10
N ASN F 370 -19.89 26.05 -47.73
CA ASN F 370 -20.14 24.99 -48.69
C ASN F 370 -20.93 23.83 -48.09
N ALA F 371 -21.65 24.05 -47.00
CA ALA F 371 -22.38 22.98 -46.35
C ALA F 371 -23.84 23.36 -46.21
N PHE F 372 -24.72 22.40 -46.49
CA PHE F 372 -26.16 22.65 -46.40
C PHE F 372 -26.86 21.39 -45.96
N TYR F 373 -28.11 21.56 -45.54
CA TYR F 373 -28.91 20.46 -45.02
C TYR F 373 -30.29 20.49 -45.68
N ALA F 374 -30.71 19.34 -46.19
CA ALA F 374 -32.04 19.13 -46.76
C ALA F 374 -32.91 18.43 -45.73
N PRO F 375 -33.91 19.12 -45.16
CA PRO F 375 -34.76 18.46 -44.15
C PRO F 375 -35.56 17.30 -44.72
N LYS F 376 -36.35 17.54 -45.76
CA LYS F 376 -37.21 16.48 -46.30
C LYS F 376 -36.41 15.25 -46.62
N GLN F 377 -35.15 15.41 -47.00
CA GLN F 377 -34.26 14.28 -47.24
C GLN F 377 -33.46 13.89 -46.01
N ARG F 378 -33.39 14.77 -45.01
CA ARG F 378 -32.56 14.54 -43.83
C ARG F 378 -31.11 14.25 -44.25
N ILE F 379 -30.55 15.15 -45.03
CA ILE F 379 -29.22 14.95 -45.58
C ILE F 379 -28.36 16.18 -45.31
N LEU F 380 -27.13 15.96 -44.85
CA LEU F 380 -26.13 17.00 -44.75
C LEU F 380 -25.12 16.81 -45.87
N SER F 381 -24.93 17.83 -46.68
CA SER F 381 -24.08 17.77 -47.86
C SER F 381 -23.03 18.86 -47.80
N ILE F 382 -21.84 18.55 -48.31
CA ILE F 382 -20.72 19.48 -48.39
C ILE F 382 -20.21 19.48 -49.82
N LEU F 383 -20.32 20.62 -50.49
CA LEU F 383 -19.82 20.74 -51.85
C LEU F 383 -18.32 20.47 -51.87
N ALA F 384 -17.85 19.70 -52.85
CA ALA F 384 -16.44 19.36 -52.89
C ALA F 384 -15.58 20.59 -53.11
N VAL F 385 -15.90 21.38 -54.14
CA VAL F 385 -15.04 22.49 -54.53
C VAL F 385 -15.85 23.76 -54.76
N ASN F 386 -17.14 23.73 -54.47
CA ASN F 386 -18.04 24.80 -54.86
C ASN F 386 -18.54 25.56 -53.63
N ARG F 387 -18.73 26.86 -53.80
CA ARG F 387 -19.27 27.70 -52.74
C ARG F 387 -20.79 27.74 -52.83
N LEU F 388 -21.43 27.96 -51.68
CA LEU F 388 -22.84 28.27 -51.67
C LEU F 388 -23.05 29.76 -51.89
N PHE F 389 -24.26 30.11 -52.33
CA PHE F 389 -24.56 31.51 -52.60
C PHE F 389 -26.04 31.76 -52.40
N GLY F 390 -26.37 33.01 -52.04
CA GLY F 390 -27.74 33.45 -51.96
C GLY F 390 -28.46 33.11 -50.68
N ALA F 391 -27.80 32.44 -49.74
CA ALA F 391 -28.48 31.99 -48.53
C ALA F 391 -28.86 33.18 -47.67
N THR F 392 -30.16 33.51 -47.66
CA THR F 392 -30.67 34.51 -46.73
C THR F 392 -30.88 33.94 -45.33
N GLU F 393 -30.88 32.62 -45.19
CA GLU F 393 -31.11 31.97 -43.91
C GLU F 393 -30.06 30.90 -43.69
N THR F 394 -29.79 30.62 -42.42
CA THR F 394 -28.86 29.56 -42.06
C THR F 394 -29.40 28.85 -40.82
N ILE F 395 -28.95 27.61 -40.65
CA ILE F 395 -29.38 26.74 -39.56
C ILE F 395 -28.14 26.30 -38.79
N ASP F 396 -28.22 26.41 -37.47
CA ASP F 396 -27.12 25.94 -36.62
C ASP F 396 -27.02 24.42 -36.71
N PHE F 397 -25.79 23.93 -36.77
CA PHE F 397 -25.59 22.48 -36.75
C PHE F 397 -26.04 21.92 -35.42
N HIS F 398 -26.48 20.66 -35.45
CA HIS F 398 -26.93 20.01 -34.22
C HIS F 398 -26.90 18.51 -34.44
N PRO F 399 -26.53 17.71 -33.45
CA PRO F 399 -26.45 16.26 -33.68
C PRO F 399 -27.76 15.66 -34.15
N ASN F 400 -28.89 16.19 -33.73
CA ASN F 400 -30.18 15.65 -34.15
C ASN F 400 -30.30 15.59 -35.66
N LEU F 401 -29.63 16.49 -36.37
CA LEU F 401 -29.69 16.47 -37.82
C LEU F 401 -29.23 15.12 -38.36
N LEU F 402 -28.19 14.54 -37.76
CA LEU F 402 -27.66 13.25 -38.21
C LEU F 402 -28.47 12.13 -37.57
N VAL F 403 -29.75 12.06 -37.96
CA VAL F 403 -30.62 11.02 -37.45
C VAL F 403 -30.03 9.67 -37.78
N TYR F 404 -29.89 8.82 -36.76
CA TYR F 404 -29.32 7.50 -36.96
C TYR F 404 -30.24 6.66 -37.81
N ARG F 405 -29.75 6.17 -38.94
CA ARG F 405 -30.54 5.29 -39.80
C ARG F 405 -30.60 3.90 -39.19
N GLN F 406 -31.82 3.37 -39.06
CA GLN F 406 -32.02 2.02 -38.59
C GLN F 406 -32.05 1.06 -39.77
N SER F 407 -31.43 -0.10 -39.60
CA SER F 407 -31.44 -1.12 -40.64
C SER F 407 -30.98 -2.43 -40.02
N SER F 408 -31.79 -3.47 -40.12
CA SER F 408 -31.41 -4.76 -39.54
C SER F 408 -30.13 -5.29 -40.18
N PRO F 409 -30.00 -5.38 -41.50
CA PRO F 409 -28.68 -5.58 -42.08
C PRO F 409 -28.05 -4.24 -42.40
N PRO F 410 -26.75 -4.09 -42.17
CA PRO F 410 -26.11 -2.79 -42.46
C PRO F 410 -26.37 -2.39 -43.91
N VAL F 411 -26.76 -1.14 -44.11
CA VAL F 411 -26.99 -0.65 -45.46
C VAL F 411 -25.65 -0.57 -46.17
N ARG F 412 -25.56 -1.22 -47.33
CA ARG F 412 -24.31 -1.22 -48.08
C ARG F 412 -24.08 0.13 -48.72
N LEU F 413 -22.81 0.51 -48.81
CA LEU F 413 -22.40 1.75 -49.46
C LEU F 413 -21.29 1.43 -50.45
N THR F 414 -21.16 2.30 -51.46
CA THR F 414 -20.18 2.10 -52.52
C THR F 414 -19.34 3.34 -52.67
N GLY F 415 -18.34 3.27 -53.55
CA GLY F 415 -17.48 4.40 -53.79
C GLY F 415 -16.63 4.73 -52.57
N ASP F 416 -16.22 5.99 -52.49
CA ASP F 416 -15.36 6.44 -51.40
C ASP F 416 -16.15 6.64 -50.13
N VAL F 417 -15.69 6.01 -49.05
CA VAL F 417 -16.33 6.10 -47.74
C VAL F 417 -15.24 6.40 -46.72
N TYR F 418 -15.58 7.23 -45.74
CA TYR F 418 -14.65 7.64 -44.71
C TYR F 418 -15.33 7.56 -43.36
N VAL F 419 -14.56 7.21 -42.33
CA VAL F 419 -15.10 7.03 -40.98
C VAL F 419 -14.91 8.33 -40.22
N VAL F 420 -16.01 8.88 -39.71
CA VAL F 420 -15.99 10.07 -38.88
C VAL F 420 -16.01 9.69 -37.41
N ASP F 421 -16.93 8.81 -37.03
CA ASP F 421 -17.02 8.32 -35.66
C ASP F 421 -17.49 6.88 -35.73
N LYS F 422 -16.56 5.94 -35.52
CA LYS F 422 -16.93 4.54 -35.53
C LYS F 422 -17.94 4.23 -34.43
N ASN F 423 -17.76 4.84 -33.26
CA ASN F 423 -18.68 4.58 -32.16
C ASN F 423 -20.09 5.04 -32.50
N GLU F 424 -20.23 6.13 -33.23
CA GLU F 424 -21.53 6.69 -33.59
C GLU F 424 -21.94 6.35 -35.02
N LYS F 425 -21.21 5.46 -35.68
CA LYS F 425 -21.58 5.02 -37.02
C LYS F 425 -21.79 6.23 -37.94
N VAL F 426 -20.88 7.19 -37.84
CA VAL F 426 -20.90 8.40 -38.66
C VAL F 426 -19.89 8.23 -39.78
N PHE F 427 -20.33 8.49 -41.00
CA PHE F 427 -19.49 8.29 -42.17
C PHE F 427 -19.67 9.45 -43.14
N LEU F 428 -18.65 9.65 -43.96
CA LEU F 428 -18.68 10.60 -45.05
C LEU F 428 -18.58 9.83 -46.36
N VAL F 429 -19.55 10.03 -47.25
CA VAL F 429 -19.63 9.27 -48.50
C VAL F 429 -19.46 10.24 -49.66
N LYS F 430 -18.51 9.93 -50.54
CA LYS F 430 -18.38 10.70 -51.76
C LYS F 430 -19.64 10.55 -52.60
N HIS F 431 -20.16 11.66 -53.11
CA HIS F 431 -21.38 11.65 -53.89
C HIS F 431 -21.32 12.76 -54.92
N VAL F 432 -21.73 12.44 -56.14
CA VAL F 432 -21.79 13.41 -57.22
C VAL F 432 -23.24 13.56 -57.63
N PHE F 433 -23.73 14.79 -57.59
CA PHE F 433 -25.09 15.04 -58.06
C PHE F 433 -25.15 14.81 -59.56
N SER F 434 -26.23 14.13 -59.97
CA SER F 434 -26.41 13.62 -61.33
C SER F 434 -26.02 14.65 -62.38
N ASN F 435 -26.30 15.91 -62.08
CA ASN F 435 -25.78 17.02 -62.87
C ASN F 435 -24.29 17.22 -62.66
N THR F 436 -23.59 16.21 -62.16
CA THR F 436 -22.14 16.26 -62.03
C THR F 436 -21.70 17.38 -61.10
N VAL F 437 -22.21 17.40 -59.88
CA VAL F 437 -21.74 18.30 -58.84
C VAL F 437 -21.09 17.47 -57.73
N PRO F 438 -19.77 17.50 -57.63
CA PRO F 438 -19.10 16.70 -56.60
C PRO F 438 -19.38 17.23 -55.20
N ALA F 439 -19.46 16.32 -54.24
CA ALA F 439 -19.75 16.69 -52.86
C ALA F 439 -19.62 15.44 -52.00
N TYR F 440 -19.87 15.61 -50.71
CA TYR F 440 -19.87 14.52 -49.76
C TYR F 440 -21.12 14.59 -48.91
N LEU F 441 -21.62 13.42 -48.54
CA LEU F 441 -22.80 13.31 -47.70
C LEU F 441 -22.36 12.78 -46.34
N LEU F 442 -22.74 13.51 -45.29
CA LEU F 442 -22.46 13.09 -43.93
C LEU F 442 -23.67 12.31 -43.42
N ILE F 443 -23.46 11.06 -43.05
CA ILE F 443 -24.54 10.17 -42.67
C ILE F 443 -24.22 9.54 -41.33
N ARG F 444 -25.27 9.17 -40.61
CA ARG F 444 -25.14 8.49 -39.33
C ARG F 444 -26.16 7.37 -39.28
N GLY F 445 -25.69 6.15 -39.07
CA GLY F 445 -26.60 5.02 -39.03
C GLY F 445 -25.87 3.72 -39.26
N ASP F 446 -26.67 2.66 -39.37
CA ASP F 446 -26.14 1.30 -39.55
C ASP F 446 -25.72 1.13 -41.00
N TYR F 447 -24.45 1.45 -41.28
CA TYR F 447 -23.94 1.39 -42.64
C TYR F 447 -22.71 0.50 -42.67
N GLU F 448 -22.43 -0.05 -43.86
CA GLU F 448 -21.24 -0.82 -44.10
C GLU F 448 -20.72 -0.46 -45.48
N SER F 449 -19.42 -0.61 -45.68
CA SER F 449 -18.76 -0.19 -46.91
C SER F 449 -18.43 -1.41 -47.76
N SER F 450 -18.74 -1.33 -49.06
CA SER F 450 -18.36 -2.39 -49.98
C SER F 450 -16.84 -2.50 -50.09
N SER F 451 -16.17 -1.37 -50.14
CA SER F 451 -14.72 -1.32 -50.32
C SER F 451 -14.07 -0.88 -49.01
N ASP F 452 -12.75 -0.70 -49.06
CA ASP F 452 -12.02 -0.30 -47.87
C ASP F 452 -12.32 1.15 -47.51
N LEU F 453 -12.58 1.39 -46.23
CA LEU F 453 -12.78 2.74 -45.75
C LEU F 453 -11.48 3.54 -45.87
N LYS F 454 -11.62 4.84 -46.03
CA LYS F 454 -10.49 5.70 -46.37
C LYS F 454 -10.31 6.80 -45.33
N SER F 455 -9.05 7.17 -45.11
CA SER F 455 -8.73 8.20 -44.13
C SER F 455 -9.25 9.56 -44.59
N LEU F 456 -9.69 10.36 -43.61
CA LEU F 456 -10.17 11.70 -43.93
C LEU F 456 -9.07 12.60 -44.46
N ARG F 457 -7.82 12.31 -44.13
CA ARG F 457 -6.72 13.15 -44.63
C ARG F 457 -6.72 13.20 -46.14
N ASP F 458 -7.25 12.16 -46.80
CA ASP F 458 -7.35 12.16 -48.24
C ASP F 458 -8.19 13.33 -48.75
N LEU F 459 -9.11 13.84 -47.93
CA LEU F 459 -9.99 14.90 -48.35
C LEU F 459 -9.23 16.21 -48.51
N ASN F 460 -9.82 17.11 -49.28
CA ASN F 460 -9.20 18.40 -49.53
C ASN F 460 -9.31 19.30 -48.30
N PRO F 461 -8.46 20.32 -48.20
CA PRO F 461 -8.55 21.24 -47.06
C PRO F 461 -9.89 21.93 -46.95
N TRP F 462 -10.57 22.19 -48.07
CA TRP F 462 -11.86 22.86 -48.03
C TRP F 462 -12.87 22.05 -47.22
N VAL F 463 -13.13 20.82 -47.67
CA VAL F 463 -14.06 19.94 -46.97
C VAL F 463 -13.57 19.68 -45.56
N GLN F 464 -12.26 19.55 -45.39
CA GLN F 464 -11.73 19.26 -44.05
C GLN F 464 -12.04 20.39 -43.09
N ASN F 465 -11.85 21.64 -43.52
CA ASN F 465 -12.18 22.78 -42.67
C ASN F 465 -13.66 22.80 -42.35
N THR F 466 -14.51 22.57 -43.35
CA THR F 466 -15.94 22.54 -43.10
C THR F 466 -16.28 21.47 -42.08
N LEU F 467 -15.66 20.29 -42.21
CA LEU F 467 -15.94 19.20 -41.29
C LEU F 467 -15.49 19.54 -39.89
N LEU F 468 -14.31 20.15 -39.74
CA LEU F 468 -13.86 20.57 -38.42
C LEU F 468 -14.87 21.49 -37.78
N LYS F 469 -15.32 22.50 -38.54
CA LYS F 469 -16.31 23.42 -38.01
C LYS F 469 -17.57 22.69 -37.59
N LEU F 470 -18.02 21.74 -38.40
CA LEU F 470 -19.29 21.07 -38.12
C LEU F 470 -19.19 20.10 -36.96
N LEU F 471 -18.03 19.49 -36.74
CA LEU F 471 -17.91 18.39 -35.80
C LEU F 471 -17.36 18.80 -34.45
N ILE F 472 -16.27 19.57 -34.42
CA ILE F 472 -15.67 19.88 -33.13
C ILE F 472 -16.58 20.85 -32.39
N PRO F 473 -17.13 20.49 -31.23
CA PRO F 473 -18.00 21.41 -30.51
C PRO F 473 -17.25 22.69 -30.15
N ASP F 474 -17.96 23.81 -30.23
CA ASP F 474 -17.36 25.11 -29.92
C ASP F 474 -17.50 25.37 -28.42
N SER F 475 -16.75 24.60 -27.64
CA SER F 475 -16.79 24.72 -26.19
C SER F 475 -16.34 26.11 -25.77
N VAL G 4 -36.27 -49.87 1.46
CA VAL G 4 -35.37 -50.68 2.28
C VAL G 4 -33.90 -50.38 1.97
N PRO G 5 -33.48 -50.52 0.71
CA PRO G 5 -32.07 -50.26 0.40
C PRO G 5 -31.70 -48.81 0.65
N VAL G 6 -30.44 -48.59 1.04
CA VAL G 6 -29.94 -47.27 1.38
C VAL G 6 -28.64 -47.03 0.64
N GLY G 7 -28.51 -45.87 0.02
CA GLY G 7 -27.28 -45.46 -0.62
C GLY G 7 -27.28 -43.99 -0.94
N MET G 8 -26.13 -43.34 -0.85
CA MET G 8 -26.03 -41.90 -1.10
C MET G 8 -25.18 -41.60 -2.33
N ALA G 9 -23.94 -42.06 -2.37
CA ALA G 9 -23.03 -41.73 -3.46
C ALA G 9 -21.71 -42.48 -3.29
N PRO G 10 -20.84 -42.48 -4.30
CA PRO G 10 -19.53 -43.12 -4.13
C PRO G 10 -18.74 -42.47 -3.00
N ARG G 11 -17.93 -43.29 -2.32
CA ARG G 11 -17.24 -42.89 -1.11
C ARG G 11 -15.73 -43.03 -1.28
N GLN G 12 -15.00 -42.21 -0.51
CA GLN G 12 -13.55 -42.29 -0.43
C GLN G 12 -13.15 -43.01 0.85
N MET G 13 -12.17 -43.89 0.73
CA MET G 13 -11.77 -44.77 1.83
C MET G 13 -10.24 -44.80 1.90
N ARG G 14 -9.73 -45.73 2.71
CA ARG G 14 -8.30 -45.87 2.90
C ARG G 14 -7.65 -46.52 1.69
N VAL G 15 -6.32 -46.46 1.65
CA VAL G 15 -5.53 -47.00 0.56
C VAL G 15 -4.50 -47.96 1.13
N ASN G 16 -4.47 -49.18 0.61
CA ASN G 16 -3.43 -50.14 0.98
C ASN G 16 -2.17 -49.85 0.18
N ARG G 17 -1.05 -49.66 0.87
CA ARG G 17 0.18 -49.20 0.23
C ARG G 17 1.20 -50.31 0.03
N CYS G 18 0.92 -51.53 0.47
CA CYS G 18 1.85 -52.62 0.23
C CYS G 18 1.62 -53.21 -1.16
N ILE G 19 2.71 -53.49 -1.85
CA ILE G 19 2.61 -54.00 -3.22
C ILE G 19 1.84 -55.31 -3.24
N PHE G 20 2.13 -56.21 -2.30
CA PHE G 20 1.53 -57.54 -2.33
C PHE G 20 0.05 -57.52 -2.01
N ALA G 21 -0.50 -56.40 -1.55
CA ALA G 21 -1.95 -56.31 -1.43
C ALA G 21 -2.63 -56.52 -2.76
N SER G 22 -1.96 -56.14 -3.86
CA SER G 22 -2.52 -56.35 -5.19
C SER G 22 -2.56 -57.83 -5.56
N ILE G 23 -1.90 -58.69 -4.80
CA ILE G 23 -1.98 -60.12 -5.10
C ILE G 23 -3.43 -60.56 -5.02
N VAL G 24 -3.92 -61.15 -6.11
CA VAL G 24 -5.25 -61.74 -6.15
C VAL G 24 -5.16 -62.99 -7.00
N SER G 25 -5.90 -64.03 -6.59
CA SER G 25 -5.99 -65.22 -7.41
C SER G 25 -6.46 -64.84 -8.81
N PHE G 26 -5.82 -65.39 -9.83
CA PHE G 26 -6.20 -65.12 -11.20
C PHE G 26 -7.59 -65.68 -11.51
N ASP G 27 -8.22 -66.32 -10.54
CA ASP G 27 -9.52 -66.95 -10.73
C ASP G 27 -10.64 -65.99 -10.34
N ALA G 28 -11.58 -65.80 -11.26
CA ALA G 28 -12.84 -65.16 -10.91
C ALA G 28 -13.77 -66.10 -10.16
N CYS G 29 -13.70 -67.41 -10.45
CA CYS G 29 -14.57 -68.38 -9.80
C CYS G 29 -14.06 -68.83 -8.44
N ILE G 30 -12.79 -68.56 -8.11
CA ILE G 30 -12.21 -68.97 -6.84
C ILE G 30 -11.67 -67.72 -6.16
N THR G 31 -12.38 -67.26 -5.13
CA THR G 31 -11.98 -66.06 -4.42
C THR G 31 -10.71 -66.28 -3.62
N TYR G 32 -9.94 -65.21 -3.45
CA TYR G 32 -8.76 -65.23 -2.59
C TYR G 32 -8.60 -63.86 -1.96
N LYS G 33 -8.00 -63.84 -0.77
CA LYS G 33 -7.71 -62.60 -0.05
C LYS G 33 -6.29 -62.70 0.49
N SER G 34 -5.44 -61.75 0.12
CA SER G 34 -4.06 -61.77 0.57
C SER G 34 -3.98 -61.35 2.05
N PRO G 35 -3.05 -61.93 2.82
CA PRO G 35 -2.89 -61.52 4.22
C PRO G 35 -2.03 -60.26 4.31
N CYS G 36 -2.66 -59.14 4.65
CA CYS G 36 -2.00 -57.85 4.73
C CYS G 36 -2.19 -57.25 6.10
N SER G 37 -1.09 -56.76 6.69
CA SER G 37 -1.18 -56.09 7.96
C SER G 37 -1.84 -54.71 7.81
N PRO G 38 -2.63 -54.29 8.78
CA PRO G 38 -3.31 -52.99 8.66
C PRO G 38 -2.34 -51.83 8.50
N ASP G 39 -1.08 -52.05 8.87
CA ASP G 39 -0.07 -51.01 8.70
C ASP G 39 0.03 -50.54 7.26
N ALA G 40 -0.36 -51.39 6.31
CA ALA G 40 -0.33 -50.98 4.90
C ALA G 40 -1.14 -49.72 4.66
N TYR G 41 -2.06 -49.38 5.57
CA TYR G 41 -2.89 -48.20 5.42
C TYR G 41 -2.32 -46.99 6.14
N HIS G 42 -1.00 -46.92 6.32
CA HIS G 42 -0.35 -45.73 6.84
C HIS G 42 0.42 -45.05 5.71
N ASP G 43 0.20 -43.74 5.56
CA ASP G 43 0.88 -42.96 4.53
C ASP G 43 2.34 -42.73 4.94
N ASP G 44 3.06 -43.84 5.00
CA ASP G 44 4.47 -43.85 5.36
C ASP G 44 5.27 -44.36 4.17
N GLY G 45 6.60 -44.20 4.26
CA GLY G 45 7.45 -44.66 3.18
C GLY G 45 7.29 -46.13 2.88
N TRP G 46 6.96 -46.93 3.89
CA TRP G 46 6.82 -48.36 3.70
C TRP G 46 5.80 -48.66 2.62
N PHE G 47 6.25 -49.21 1.50
CA PHE G 47 5.38 -49.68 0.43
C PHE G 47 5.20 -51.19 0.48
N ILE G 48 5.39 -51.78 1.65
CA ILE G 48 5.13 -53.20 1.89
C ILE G 48 4.61 -53.33 3.31
N CYS G 49 3.62 -54.19 3.51
CA CYS G 49 3.07 -54.33 4.85
C CYS G 49 3.93 -55.27 5.67
N ASN G 50 3.85 -55.11 6.99
CA ASN G 50 4.70 -55.91 7.88
C ASN G 50 4.57 -57.39 7.58
N ASN G 51 3.36 -57.84 7.26
CA ASN G 51 3.14 -59.27 7.00
C ASN G 51 3.97 -59.74 5.81
N HIS G 52 3.85 -59.05 4.68
CA HIS G 52 4.63 -59.44 3.51
C HIS G 52 6.11 -59.30 3.77
N LEU G 53 6.51 -58.23 4.46
CA LEU G 53 7.93 -58.01 4.74
C LEU G 53 8.51 -59.19 5.50
N ILE G 54 7.87 -59.58 6.61
CA ILE G 54 8.37 -60.71 7.39
C ILE G 54 8.31 -61.98 6.56
N LYS G 55 7.23 -62.15 5.78
CA LYS G 55 7.04 -63.41 5.06
C LYS G 55 8.11 -63.62 4.01
N ARG G 56 8.50 -62.57 3.30
CA ARG G 56 9.37 -62.72 2.13
C ARG G 56 10.80 -62.28 2.39
N PHE G 57 11.02 -61.14 3.06
CA PHE G 57 12.36 -60.62 3.28
C PHE G 57 12.89 -60.91 4.68
N LYS G 58 12.08 -61.53 5.54
CA LYS G 58 12.52 -61.90 6.88
C LYS G 58 12.87 -60.66 7.71
N MET G 59 12.00 -59.66 7.63
CA MET G 59 12.25 -58.36 8.25
C MET G 59 10.96 -57.83 8.84
N SER G 60 11.10 -57.08 9.94
CA SER G 60 9.96 -56.52 10.65
C SER G 60 10.18 -55.03 10.88
N LYS G 61 9.11 -54.26 10.73
CA LYS G 61 9.22 -52.81 10.83
C LYS G 61 9.49 -52.38 12.26
N MET G 62 10.20 -51.26 12.40
CA MET G 62 10.58 -50.72 13.70
C MET G 62 10.83 -49.23 13.54
N VAL G 63 10.75 -48.52 14.66
CA VAL G 63 10.93 -47.08 14.70
C VAL G 63 12.09 -46.76 15.63
N LEU G 64 12.98 -45.88 15.19
CA LEU G 64 14.11 -45.43 16.01
C LEU G 64 13.91 -43.96 16.34
N PRO G 65 13.43 -43.63 17.55
CA PRO G 65 13.14 -42.22 17.87
C PRO G 65 14.36 -41.42 18.27
N ILE G 66 15.10 -40.97 17.26
CA ILE G 66 16.30 -40.18 17.52
C ILE G 66 15.90 -38.78 18.00
N PHE G 67 16.59 -38.30 19.02
CA PHE G 67 16.34 -36.96 19.55
C PHE G 67 17.60 -36.42 20.22
N ASP G 71 16.54 -32.94 22.30
CA ASP G 71 15.17 -32.46 22.27
C ASP G 71 14.61 -32.46 20.85
N ASN G 72 15.50 -32.20 19.88
CA ASN G 72 15.10 -32.18 18.47
C ASN G 72 14.85 -33.62 18.02
N GLN G 73 13.67 -34.12 18.37
CA GLN G 73 13.30 -35.50 18.09
C GLN G 73 12.76 -35.62 16.67
N PHE G 74 13.46 -36.36 15.82
CA PHE G 74 13.03 -36.65 14.45
C PHE G 74 13.00 -38.18 14.33
N LYS G 75 11.86 -38.77 14.70
CA LYS G 75 11.70 -40.21 14.64
C LYS G 75 11.86 -40.70 13.21
N MET G 76 12.62 -41.79 13.04
CA MET G 76 12.89 -42.35 11.73
C MET G 76 12.63 -43.84 11.74
N THR G 77 12.34 -44.37 10.55
CA THR G 77 11.97 -45.76 10.38
C THR G 77 13.19 -46.67 10.37
N ILE G 78 12.97 -47.94 10.71
CA ILE G 78 14.03 -48.93 10.75
C ILE G 78 13.40 -50.32 10.80
N ALA G 79 14.12 -51.30 10.26
CA ALA G 79 13.72 -52.70 10.33
C ALA G 79 14.77 -53.47 11.11
N ARG G 80 14.47 -54.74 11.40
CA ARG G 80 15.32 -55.56 12.23
C ARG G 80 15.43 -56.97 11.65
N HIS G 81 16.50 -57.65 12.02
CA HIS G 81 16.73 -59.01 11.54
C HIS G 81 15.64 -59.95 12.04
N LEU G 82 15.38 -60.97 11.24
CA LEU G 82 14.65 -62.16 11.69
C LEU G 82 15.37 -63.42 11.21
N VAL G 83 16.69 -63.32 11.05
CA VAL G 83 17.52 -64.42 10.59
C VAL G 83 18.11 -65.10 11.82
N GLY G 84 17.84 -66.39 11.97
CA GLY G 84 18.35 -67.11 13.12
C GLY G 84 19.87 -67.13 13.15
N ASN G 85 20.40 -67.37 14.35
CA ASN G 85 21.85 -67.40 14.53
C ASN G 85 22.48 -68.49 13.69
N LYS G 86 21.85 -69.66 13.64
CA LYS G 86 22.39 -70.80 12.92
C LYS G 86 22.15 -70.74 11.41
N GLU G 87 21.35 -69.78 10.94
CA GLU G 87 21.11 -69.66 9.51
C GLU G 87 22.41 -69.33 8.78
N ARG G 88 22.56 -69.87 7.57
CA ARG G 88 23.78 -69.75 6.82
C ARG G 88 23.48 -69.62 5.33
N GLY G 89 24.47 -69.12 4.60
CA GLY G 89 24.37 -69.10 3.15
C GLY G 89 23.17 -68.33 2.66
N ILE G 90 22.39 -68.97 1.78
CA ILE G 90 21.24 -68.30 1.19
C ILE G 90 20.28 -67.81 2.27
N LYS G 91 20.21 -68.51 3.40
CA LYS G 91 19.38 -68.06 4.50
C LYS G 91 19.79 -66.67 4.98
N ARG G 92 21.06 -66.32 4.84
CA ARG G 92 21.57 -65.05 5.33
C ARG G 92 21.28 -63.89 4.40
N ILE G 93 20.82 -64.15 3.19
CA ILE G 93 20.51 -63.08 2.24
C ILE G 93 19.19 -62.45 2.68
N LEU G 94 19.27 -61.34 3.42
CA LEU G 94 18.07 -60.71 3.93
C LEU G 94 17.20 -60.19 2.80
N ILE G 95 17.80 -59.59 1.78
CA ILE G 95 17.08 -59.15 0.59
C ILE G 95 17.86 -59.60 -0.64
N PRO G 96 17.31 -60.49 -1.46
CA PRO G 96 18.06 -60.96 -2.64
C PRO G 96 18.20 -59.88 -3.70
N SER G 97 19.21 -60.04 -4.53
CA SER G 97 19.42 -59.16 -5.67
C SER G 97 18.69 -59.72 -6.89
N ALA G 98 18.68 -58.92 -7.96
CA ALA G 98 18.03 -59.36 -9.20
C ALA G 98 18.70 -60.60 -9.79
N THR G 99 19.96 -60.83 -9.48
CA THR G 99 20.67 -61.99 -10.01
C THR G 99 20.37 -63.28 -9.25
N ASN G 100 19.74 -63.19 -8.07
CA ASN G 100 19.51 -64.36 -7.25
C ASN G 100 18.10 -64.43 -6.67
N TYR G 101 17.27 -63.42 -6.88
CA TYR G 101 15.94 -63.44 -6.28
C TYR G 101 15.14 -64.64 -6.75
N GLN G 102 15.33 -65.05 -8.01
CA GLN G 102 14.65 -66.24 -8.50
C GLN G 102 15.05 -67.47 -7.69
N ASP G 103 16.32 -67.56 -7.32
CA ASP G 103 16.78 -68.68 -6.50
C ASP G 103 16.21 -68.60 -5.10
N VAL G 104 16.27 -67.42 -4.49
CA VAL G 104 15.83 -67.26 -3.11
C VAL G 104 14.33 -67.53 -2.99
N PHE G 105 13.54 -66.98 -3.91
CA PHE G 105 12.10 -67.12 -3.88
C PHE G 105 11.70 -68.32 -4.75
N ASN G 106 11.00 -69.27 -4.16
CA ASN G 106 10.47 -70.41 -4.91
C ASN G 106 9.24 -69.93 -5.70
N LEU G 107 9.53 -69.20 -6.77
CA LEU G 107 8.45 -68.67 -7.59
C LEU G 107 7.51 -69.76 -8.06
N ASN G 108 8.04 -70.97 -8.30
CA ASN G 108 7.22 -72.05 -8.82
C ASN G 108 6.12 -72.45 -7.84
N SER G 109 6.36 -72.28 -6.54
CA SER G 109 5.43 -72.74 -5.51
C SER G 109 4.47 -71.66 -5.04
N MET G 110 4.55 -70.45 -5.59
CA MET G 110 3.72 -69.33 -5.16
C MET G 110 2.76 -68.93 -6.28
N MET G 111 1.84 -68.04 -5.93
CA MET G 111 0.85 -67.57 -6.90
C MET G 111 1.55 -66.88 -8.06
N GLN G 112 1.04 -67.12 -9.27
CA GLN G 112 1.65 -66.54 -10.47
C GLN G 112 1.58 -65.02 -10.45
N ALA G 113 0.53 -64.46 -9.84
CA ALA G 113 0.49 -63.01 -9.64
C ALA G 113 1.67 -62.55 -8.81
N GLU G 114 1.98 -63.28 -7.73
CA GLU G 114 3.13 -62.94 -6.90
C GLU G 114 4.42 -63.07 -7.69
N GLN G 115 4.51 -64.11 -8.53
CA GLN G 115 5.70 -64.27 -9.36
C GLN G 115 5.88 -63.07 -10.28
N LEU G 116 4.79 -62.63 -10.91
CA LEU G 116 4.86 -61.46 -11.78
C LEU G 116 5.28 -60.23 -10.99
N ILE G 117 4.73 -60.06 -9.79
CA ILE G 117 5.09 -58.91 -8.96
C ILE G 117 6.58 -58.91 -8.67
N PHE G 118 7.11 -60.07 -8.27
CA PHE G 118 8.54 -60.15 -7.97
C PHE G 118 9.39 -59.90 -9.20
N HIS G 119 8.95 -60.41 -10.35
CA HIS G 119 9.64 -60.11 -11.59
C HIS G 119 9.67 -58.62 -11.85
N LEU G 120 8.55 -57.93 -11.64
CA LEU G 120 8.52 -56.49 -11.81
C LEU G 120 9.50 -55.81 -10.86
N ILE G 121 9.53 -56.24 -9.60
CA ILE G 121 10.45 -55.64 -8.64
C ILE G 121 11.88 -55.78 -9.12
N TYR G 122 12.25 -56.98 -9.58
CA TYR G 122 13.59 -57.24 -10.08
C TYR G 122 13.67 -57.14 -11.60
N ASN G 123 12.88 -56.25 -12.20
CA ASN G 123 12.89 -56.06 -13.65
C ASN G 123 12.42 -57.33 -14.36
N ASN G 124 13.35 -58.17 -14.82
CA ASN G 124 13.03 -59.40 -15.53
C ASN G 124 11.85 -59.21 -16.47
N GLU G 125 11.97 -58.18 -17.31
CA GLU G 125 10.91 -57.85 -18.26
C GLU G 125 10.60 -59.03 -19.17
N ASN G 126 11.57 -59.90 -19.43
CA ASN G 126 11.30 -61.07 -20.26
C ASN G 126 10.26 -61.98 -19.60
N ALA G 127 10.48 -62.31 -18.33
CA ALA G 127 9.51 -63.12 -17.61
C ALA G 127 8.19 -62.38 -17.47
N VAL G 128 8.25 -61.06 -17.26
CA VAL G 128 7.02 -60.28 -17.15
C VAL G 128 6.20 -60.41 -18.43
N ASN G 129 6.84 -60.26 -19.58
CA ASN G 129 6.14 -60.36 -20.86
C ASN G 129 5.62 -61.77 -21.09
N THR G 130 6.41 -62.77 -20.73
CA THR G 130 5.96 -64.15 -20.87
C THR G 130 4.69 -64.38 -20.07
N ILE G 131 4.68 -63.90 -18.83
CA ILE G 131 3.51 -64.07 -17.97
C ILE G 131 2.32 -63.33 -18.56
N CYS G 132 2.54 -62.12 -19.07
CA CYS G 132 1.42 -61.37 -19.64
C CYS G 132 0.85 -62.09 -20.85
N ASP G 133 1.71 -62.63 -21.71
CA ASP G 133 1.22 -63.36 -22.87
C ASP G 133 0.43 -64.60 -22.45
N ASN G 134 0.95 -65.33 -21.46
CA ASN G 134 0.25 -66.52 -20.99
C ASN G 134 -1.11 -66.16 -20.42
N LEU G 135 -1.18 -65.09 -19.64
CA LEU G 135 -2.43 -64.67 -19.03
C LEU G 135 -3.39 -64.05 -20.03
N LYS G 136 -2.88 -63.53 -21.14
CA LYS G 136 -3.75 -62.95 -22.17
C LYS G 136 -4.34 -64.04 -23.05
N TYR G 137 -3.51 -64.99 -23.49
CA TYR G 137 -3.98 -66.06 -24.38
C TYR G 137 -4.55 -67.21 -23.56
N THR G 138 -5.71 -66.93 -22.96
CA THR G 138 -6.42 -67.94 -22.17
C THR G 138 -7.89 -67.53 -22.02
N ASN G 144 -11.16 -61.24 -18.75
CA ASN G 144 -11.08 -61.65 -17.35
C ASN G 144 -9.65 -61.71 -16.88
N THR G 145 -8.93 -62.73 -17.35
CA THR G 145 -7.52 -62.82 -17.05
C THR G 145 -6.78 -61.57 -17.53
N GLN G 146 -7.23 -60.98 -18.65
CA GLN G 146 -6.67 -59.71 -19.09
C GLN G 146 -6.97 -58.61 -18.08
N ARG G 147 -8.17 -58.62 -17.49
CA ARG G 147 -8.48 -57.65 -16.45
C ARG G 147 -7.53 -57.80 -15.27
N VAL G 148 -7.24 -59.04 -14.88
CA VAL G 148 -6.33 -59.24 -13.74
C VAL G 148 -4.92 -58.81 -14.11
N ILE G 149 -4.49 -59.10 -15.35
CA ILE G 149 -3.25 -58.52 -15.86
C ILE G 149 -3.24 -57.03 -15.59
N HIS G 150 -4.28 -56.35 -16.09
CA HIS G 150 -4.34 -54.90 -15.95
C HIS G 150 -4.19 -54.49 -14.50
N SER G 151 -5.01 -55.06 -13.62
CA SER G 151 -5.00 -54.64 -12.23
C SER G 151 -3.63 -54.83 -11.60
N VAL G 152 -3.10 -56.06 -11.67
CA VAL G 152 -1.86 -56.37 -10.98
C VAL G 152 -0.72 -55.54 -11.55
N TYR G 153 -0.55 -55.56 -12.87
CA TYR G 153 0.56 -54.85 -13.47
C TYR G 153 0.45 -53.35 -13.23
N ALA G 154 -0.76 -52.79 -13.35
CA ALA G 154 -0.92 -51.37 -13.14
C ALA G 154 -0.55 -50.98 -11.72
N THR G 155 -1.04 -51.72 -10.73
CA THR G 155 -0.72 -51.39 -9.34
C THR G 155 0.78 -51.48 -9.09
N THR G 156 1.39 -52.60 -9.52
CA THR G 156 2.81 -52.79 -9.26
C THR G 156 3.64 -51.72 -9.95
N LYS G 157 3.32 -51.42 -11.21
CA LYS G 157 4.07 -50.42 -11.94
C LYS G 157 3.87 -49.04 -11.35
N SER G 158 2.66 -48.74 -10.89
CA SER G 158 2.42 -47.46 -10.24
C SER G 158 3.30 -47.30 -9.02
N ILE G 159 3.36 -48.33 -8.18
CA ILE G 159 4.20 -48.24 -6.99
C ILE G 159 5.67 -48.13 -7.38
N LEU G 160 6.09 -48.91 -8.39
CA LEU G 160 7.48 -48.87 -8.81
C LEU G 160 7.88 -47.49 -9.31
N ASP G 161 7.03 -46.89 -10.15
CA ASP G 161 7.31 -45.55 -10.64
C ASP G 161 7.28 -44.54 -9.52
N THR G 162 6.38 -44.73 -8.55
CA THR G 162 6.34 -43.85 -7.40
C THR G 162 7.67 -43.89 -6.65
N THR G 163 8.18 -45.08 -6.39
CA THR G 163 9.47 -45.19 -5.72
C THR G 163 10.57 -44.59 -6.59
N ASN G 164 10.94 -45.29 -7.66
CA ASN G 164 11.74 -44.78 -8.76
C ASN G 164 12.67 -43.65 -8.32
N PRO G 165 13.54 -43.85 -7.33
CA PRO G 165 14.30 -42.71 -6.80
C PRO G 165 15.07 -41.95 -7.86
N ASN G 166 15.51 -42.62 -8.92
CA ASN G 166 16.28 -41.96 -9.97
C ASN G 166 15.37 -41.31 -11.00
N THR G 167 14.40 -40.52 -10.55
CA THR G 167 13.61 -39.69 -11.46
C THR G 167 13.21 -38.43 -10.71
N PHE G 168 12.24 -37.71 -11.24
CA PHE G 168 11.59 -36.61 -10.56
C PHE G 168 10.09 -36.87 -10.58
N CYS G 169 9.33 -35.97 -9.95
CA CYS G 169 7.88 -36.07 -9.90
C CYS G 169 7.43 -37.24 -9.05
N SER G 170 8.34 -37.79 -8.23
CA SER G 170 8.08 -39.01 -7.49
C SER G 170 8.08 -38.84 -5.98
N ARG G 171 8.63 -37.76 -5.44
CA ARG G 171 8.61 -37.48 -4.01
C ARG G 171 9.40 -38.53 -3.23
N VAL G 172 10.63 -38.77 -3.68
CA VAL G 172 11.47 -39.77 -3.04
C VAL G 172 12.85 -39.18 -2.72
N SER G 173 13.52 -38.65 -3.73
CA SER G 173 14.85 -38.11 -3.53
C SER G 173 14.78 -36.87 -2.64
N ARG G 174 15.50 -36.92 -1.52
CA ARG G 174 15.63 -35.78 -0.62
C ARG G 174 16.98 -35.08 -0.78
N ASP G 175 17.72 -35.38 -1.85
CA ASP G 175 19.05 -34.85 -2.06
C ASP G 175 20.01 -35.25 -0.95
N GLU G 176 19.70 -36.33 -0.25
CA GLU G 176 20.57 -36.85 0.79
C GLU G 176 21.63 -37.76 0.17
N LEU G 177 22.79 -37.81 0.80
CA LEU G 177 23.89 -38.58 0.24
C LEU G 177 24.31 -39.70 1.17
N ARG G 178 23.34 -40.47 1.67
CA ARG G 178 23.68 -41.62 2.49
C ARG G 178 24.61 -42.53 1.73
N PHE G 179 25.69 -42.94 2.38
CA PHE G 179 26.65 -43.91 1.85
C PHE G 179 26.51 -45.12 2.75
N PHE G 180 25.69 -46.07 2.32
CA PHE G 180 25.57 -47.37 2.96
C PHE G 180 26.61 -48.37 2.45
N ASP G 181 27.38 -47.99 1.43
CA ASP G 181 28.55 -48.73 1.02
C ASP G 181 29.79 -48.33 1.79
N VAL G 182 29.62 -47.56 2.87
CA VAL G 182 30.77 -47.10 3.64
C VAL G 182 31.63 -48.29 3.99
N THR G 183 32.95 -48.09 3.97
CA THR G 183 33.88 -49.19 4.15
C THR G 183 33.74 -49.77 5.55
N ASN G 184 33.99 -51.08 5.65
CA ASN G 184 34.03 -51.73 6.95
C ASN G 184 35.21 -51.27 7.79
N ALA G 185 36.14 -50.53 7.21
CA ALA G 185 37.35 -49.98 7.82
C ALA G 185 38.44 -51.03 7.92
N ARG G 186 38.18 -52.29 7.60
CA ARG G 186 39.23 -53.30 7.53
C ARG G 186 39.24 -54.06 6.21
N ALA G 187 38.18 -54.00 5.42
CA ALA G 187 38.23 -54.52 4.08
C ALA G 187 39.20 -53.68 3.25
N LEU G 188 39.49 -54.16 2.04
CA LEU G 188 40.39 -53.45 1.14
C LEU G 188 39.59 -52.43 0.34
N ARG G 189 40.22 -51.80 -0.65
CA ARG G 189 39.50 -50.86 -1.49
C ARG G 189 38.35 -51.59 -2.16
N GLY G 190 37.13 -51.28 -1.74
CA GLY G 190 35.98 -52.04 -2.17
C GLY G 190 34.66 -51.38 -1.86
N GLY G 191 33.70 -52.17 -1.40
CA GLY G 191 32.35 -51.68 -1.20
C GLY G 191 31.43 -52.19 -2.28
N ALA G 192 31.11 -51.35 -3.25
CA ALA G 192 30.26 -51.67 -4.39
C ALA G 192 28.82 -51.93 -3.99
N GLY G 193 28.51 -51.93 -2.69
CA GLY G 193 27.13 -52.04 -2.28
C GLY G 193 26.27 -50.95 -2.88
N ASP G 194 26.80 -49.73 -2.94
CA ASP G 194 26.06 -48.64 -3.55
C ASP G 194 26.05 -48.74 -5.08
N GLN G 195 27.07 -49.35 -5.67
CA GLN G 195 27.00 -49.66 -7.11
C GLN G 195 25.81 -50.55 -7.39
N LEU G 196 25.73 -51.66 -6.67
CA LEU G 196 24.58 -52.54 -6.83
C LEU G 196 23.30 -51.81 -6.48
N PHE G 197 23.35 -50.94 -5.47
CA PHE G 197 22.19 -50.13 -5.12
C PHE G 197 21.72 -49.31 -6.31
N ASN G 198 22.65 -48.63 -6.98
CA ASN G 198 22.33 -47.92 -8.20
C ASN G 198 21.60 -48.82 -9.17
N ASN G 199 22.06 -50.06 -9.29
CA ASN G 199 21.36 -51.01 -10.16
C ASN G 199 20.03 -51.48 -9.56
N TYR G 200 19.85 -51.39 -8.25
CA TYR G 200 18.68 -51.93 -7.59
C TYR G 200 17.43 -51.16 -7.98
N SER G 201 16.33 -51.89 -8.13
CA SER G 201 15.07 -51.28 -8.50
C SER G 201 14.70 -50.18 -7.52
N GLY G 202 13.82 -49.29 -7.98
CA GLY G 202 13.46 -48.14 -7.16
C GLY G 202 12.79 -48.54 -5.87
N PHE G 203 11.81 -49.45 -5.96
CA PHE G 203 11.18 -49.95 -4.74
C PHE G 203 12.20 -50.68 -3.87
N LEU G 204 13.09 -51.45 -4.51
CA LEU G 204 14.14 -52.12 -3.74
C LEU G 204 15.00 -51.10 -3.00
N GLN G 205 15.42 -50.05 -3.69
CA GLN G 205 16.27 -49.05 -3.06
C GLN G 205 15.55 -48.34 -1.92
N ASN G 206 14.29 -47.98 -2.13
CA ASN G 206 13.54 -47.31 -1.07
C ASN G 206 13.32 -48.22 0.12
N LEU G 207 13.03 -49.50 -0.13
CA LEU G 207 12.89 -50.46 0.95
C LEU G 207 14.18 -50.55 1.75
N ILE G 208 15.31 -50.64 1.06
CA ILE G 208 16.59 -50.70 1.75
C ILE G 208 16.79 -49.45 2.60
N ARG G 209 16.51 -48.29 2.01
CA ARG G 209 16.68 -47.04 2.74
C ARG G 209 15.87 -47.05 4.03
N ARG G 210 14.57 -47.35 3.92
CA ARG G 210 13.70 -47.28 5.09
C ARG G 210 14.12 -48.31 6.13
N ALA G 211 14.41 -49.53 5.69
CA ALA G 211 14.68 -50.61 6.64
C ALA G 211 16.00 -50.40 7.36
N VAL G 212 17.06 -50.13 6.62
CA VAL G 212 18.41 -50.08 7.17
C VAL G 212 18.69 -48.65 7.63
N ALA G 213 18.79 -48.46 8.94
CA ALA G 213 19.17 -47.16 9.44
C ALA G 213 20.68 -46.96 9.29
N PRO G 214 21.12 -45.72 9.08
CA PRO G 214 22.56 -45.47 9.00
C PRO G 214 23.23 -45.68 10.34
N GLU G 215 24.49 -46.13 10.28
CA GLU G 215 25.28 -46.23 11.50
C GLU G 215 25.50 -44.84 12.11
N TYR G 216 25.89 -43.88 11.28
CA TYR G 216 26.07 -42.51 11.75
C TYR G 216 25.10 -41.59 11.00
N LEU G 217 24.71 -40.52 11.66
CA LEU G 217 23.89 -39.47 11.05
C LEU G 217 24.72 -38.19 10.98
N GLN G 218 24.97 -37.71 9.76
CA GLN G 218 25.79 -36.53 9.52
C GLN G 218 24.88 -35.36 9.19
N ILE G 219 24.94 -34.32 10.02
CA ILE G 219 24.12 -33.11 9.89
C ILE G 219 25.07 -31.94 9.82
N ASP G 220 25.26 -31.39 8.62
CA ASP G 220 26.13 -30.23 8.45
C ASP G 220 27.52 -30.52 9.00
N THR G 221 27.77 -30.10 10.24
CA THR G 221 29.05 -30.36 10.90
C THR G 221 28.87 -31.24 12.14
N GLU G 222 27.77 -31.98 12.21
CA GLU G 222 27.47 -32.84 13.35
C GLU G 222 27.38 -34.29 12.88
N GLU G 223 28.07 -35.18 13.60
CA GLU G 223 28.01 -36.61 13.33
C GLU G 223 27.57 -37.32 14.60
N LEU G 224 26.39 -37.92 14.54
CA LEU G 224 25.82 -38.68 15.66
C LEU G 224 26.07 -40.16 15.41
N ARG G 225 26.55 -40.86 16.42
CA ARG G 225 26.91 -42.26 16.33
C ARG G 225 25.84 -43.11 16.99
N PHE G 226 25.32 -44.12 16.28
CA PHE G 226 24.28 -44.96 16.83
C PHE G 226 24.65 -46.43 16.90
N ARG G 227 25.66 -46.87 16.16
CA ARG G 227 26.06 -48.28 16.19
C ARG G 227 27.50 -48.35 15.70
N ASN G 228 28.42 -48.69 16.59
CA ASN G 228 29.84 -48.73 16.26
C ASN G 228 30.25 -50.01 15.54
N CYS G 229 29.29 -50.77 15.02
CA CYS G 229 29.60 -51.93 14.18
C CYS G 229 28.34 -52.33 13.42
N ALA G 230 28.43 -52.34 12.10
CA ALA G 230 27.26 -52.61 11.27
C ALA G 230 26.69 -53.98 11.56
N THR G 231 25.35 -54.08 11.51
CA THR G 231 24.65 -55.33 11.75
C THR G 231 24.33 -56.11 10.49
N CYS G 232 24.46 -55.49 9.32
CA CYS G 232 24.13 -56.14 8.06
C CYS G 232 25.03 -55.59 6.98
N ILE G 233 25.12 -56.30 5.86
CA ILE G 233 26.00 -55.89 4.76
C ILE G 233 25.26 -56.00 3.45
N ILE G 234 25.81 -55.36 2.42
CA ILE G 234 25.27 -55.41 1.07
C ILE G 234 26.35 -55.95 0.14
N ASP G 235 25.97 -56.91 -0.69
CA ASP G 235 26.91 -57.52 -1.62
C ASP G 235 26.16 -57.88 -2.90
N GLU G 236 26.80 -58.66 -3.76
CA GLU G 236 26.19 -59.05 -5.03
C GLU G 236 24.86 -59.75 -4.81
N THR G 237 24.76 -60.60 -3.78
CA THR G 237 23.51 -61.32 -3.53
C THR G 237 22.41 -60.40 -3.03
N GLY G 238 22.74 -59.20 -2.58
CA GLY G 238 21.79 -58.28 -2.03
C GLY G 238 22.11 -57.95 -0.58
N LEU G 239 21.06 -57.77 0.22
CA LEU G 239 21.22 -57.49 1.63
C LEU G 239 21.42 -58.79 2.40
N VAL G 240 22.52 -58.89 3.13
CA VAL G 240 22.88 -60.09 3.86
C VAL G 240 22.87 -59.77 5.35
N ALA G 241 22.12 -60.59 6.10
CA ALA G 241 22.02 -60.44 7.55
C ALA G 241 23.19 -61.16 8.21
N SER G 242 24.39 -60.63 7.95
CA SER G 242 25.62 -61.22 8.45
C SER G 242 26.39 -60.18 9.26
N VAL G 243 26.92 -60.60 10.39
CA VAL G 243 27.81 -59.71 11.15
C VAL G 243 29.09 -59.51 10.33
N PRO G 244 29.50 -58.27 10.08
CA PRO G 244 30.68 -58.08 9.22
C PRO G 244 31.93 -58.78 9.71
N ASP G 245 32.09 -58.94 11.02
CA ASP G 245 33.34 -59.40 11.60
C ASP G 245 33.36 -60.89 11.90
N GLY G 246 32.37 -61.65 11.46
CA GLY G 246 32.37 -63.08 11.63
C GLY G 246 31.25 -63.58 12.53
N PRO G 247 31.60 -64.05 13.74
CA PRO G 247 30.62 -64.73 14.59
C PRO G 247 29.26 -64.04 14.62
N GLU G 248 28.24 -64.75 14.14
CA GLU G 248 26.91 -64.17 14.00
C GLU G 248 26.32 -63.84 15.36
N LEU G 249 25.55 -62.75 15.41
CA LEU G 249 24.81 -62.42 16.61
C LEU G 249 23.69 -63.41 16.82
N TYR G 250 23.37 -63.68 18.09
CA TYR G 250 22.30 -64.60 18.40
C TYR G 250 20.95 -63.95 18.10
N ASN G 251 20.10 -64.67 17.38
CA ASN G 251 18.77 -64.18 17.01
C ASN G 251 17.70 -65.14 17.53
N PRO G 252 17.05 -64.82 18.64
CA PRO G 252 15.97 -65.68 19.16
C PRO G 252 14.63 -65.47 18.47
N ILE G 253 14.44 -66.15 17.35
CA ILE G 253 13.17 -66.07 16.64
C ILE G 253 12.07 -66.62 17.54
N ARG G 254 11.03 -65.82 17.75
CA ARG G 254 9.99 -66.13 18.72
C ARG G 254 8.69 -66.58 18.11
N SER G 255 8.13 -65.82 17.18
CA SER G 255 6.80 -66.08 16.65
C SER G 255 6.80 -65.84 15.15
N SER G 256 5.61 -65.73 14.58
CA SER G 256 5.43 -65.51 13.15
C SER G 256 5.88 -66.74 12.36
N ASP G 257 6.67 -66.53 11.31
CA ASP G 257 7.15 -67.63 10.47
C ASP G 257 5.97 -68.37 9.84
N ARG G 279 13.25 -68.03 35.43
CA ARG G 279 11.83 -68.02 35.76
C ARG G 279 11.58 -67.23 37.04
N GLU G 280 11.88 -67.84 38.19
CA GLU G 280 11.77 -67.12 39.44
C GLU G 280 12.74 -65.94 39.48
N LEU G 281 13.89 -66.07 38.82
CA LEU G 281 14.78 -64.93 38.70
C LEU G 281 14.11 -63.79 37.96
N ASP G 282 13.42 -64.09 36.87
CA ASP G 282 12.70 -63.05 36.14
C ASP G 282 11.59 -62.45 36.99
N ARG G 283 10.87 -63.31 37.74
CA ARG G 283 9.82 -62.81 38.62
C ARG G 283 10.40 -61.83 39.64
N THR G 284 11.57 -62.16 40.21
CA THR G 284 12.26 -61.24 41.08
C THR G 284 12.62 -59.95 40.35
N LEU G 285 13.11 -60.08 39.12
CA LEU G 285 13.51 -58.94 38.30
C LEU G 285 12.25 -58.34 37.68
N SER G 286 11.60 -57.44 38.41
CA SER G 286 10.46 -56.73 37.87
C SER G 286 10.90 -55.86 36.71
N GLY G 287 9.92 -55.21 36.08
CA GLY G 287 10.21 -54.39 34.92
C GLY G 287 11.29 -53.35 35.18
N TYR G 288 12.32 -53.35 34.34
CA TYR G 288 13.40 -52.38 34.41
C TYR G 288 13.70 -51.81 33.03
N GLU G 289 12.65 -51.50 32.26
CA GLU G 289 12.81 -51.03 30.89
C GLU G 289 13.69 -52.00 30.11
N GLU G 290 13.34 -53.28 30.19
CA GLU G 290 14.18 -54.33 29.63
C GLU G 290 14.53 -54.03 28.18
N TYR G 291 15.81 -54.14 27.87
CA TYR G 291 16.29 -53.89 26.53
C TYR G 291 15.70 -54.93 25.57
N PRO G 292 15.36 -54.54 24.34
CA PRO G 292 14.89 -55.55 23.38
C PRO G 292 15.99 -56.52 23.01
N THR G 293 15.58 -57.73 22.63
CA THR G 293 16.49 -58.78 22.24
C THR G 293 16.79 -58.79 20.75
N TYR G 294 16.21 -57.86 20.00
CA TYR G 294 16.30 -57.90 18.54
C TYR G 294 17.64 -57.35 18.07
N VAL G 295 17.87 -57.46 16.76
CA VAL G 295 19.06 -56.92 16.13
C VAL G 295 18.62 -55.98 15.00
N PRO G 296 18.48 -54.68 15.26
CA PRO G 296 18.08 -53.76 14.19
C PRO G 296 19.16 -53.68 13.11
N LEU G 297 18.78 -53.07 12.00
CA LEU G 297 19.66 -52.94 10.85
C LEU G 297 20.41 -51.62 10.93
N PHE G 298 21.73 -51.69 11.06
CA PHE G 298 22.59 -50.50 11.10
C PHE G 298 23.64 -50.65 10.02
N LEU G 299 23.73 -49.66 9.13
CA LEU G 299 24.77 -49.66 8.11
C LEU G 299 24.86 -48.30 7.45
N GLY G 300 26.07 -47.74 7.42
CA GLY G 300 26.34 -46.57 6.61
C GLY G 300 26.25 -45.26 7.36
N TYR G 301 26.56 -44.19 6.63
CA TYR G 301 26.41 -42.84 7.13
C TYR G 301 25.31 -42.17 6.33
N GLN G 302 24.45 -41.41 6.99
CA GLN G 302 23.42 -40.65 6.29
C GLN G 302 23.78 -39.18 6.30
N ILE G 303 24.03 -38.62 5.13
CA ILE G 303 24.54 -37.26 5.00
C ILE G 303 23.41 -36.34 4.56
N ILE G 304 23.10 -35.36 5.41
CA ILE G 304 22.14 -34.31 5.10
C ILE G 304 22.71 -33.00 5.62
N ASN G 305 22.52 -31.92 4.85
CA ASN G 305 23.06 -30.63 5.21
C ASN G 305 22.12 -29.54 4.71
N SER G 306 22.41 -28.30 5.13
CA SER G 306 21.57 -27.17 4.77
C SER G 306 21.76 -26.73 3.32
N GLU G 307 22.90 -27.04 2.72
CA GLU G 307 23.17 -26.62 1.35
C GLU G 307 22.29 -27.40 0.37
N LEU H 3 -26.49 11.05 -21.02
CA LEU H 3 -25.67 10.42 -19.99
C LEU H 3 -25.43 11.36 -18.82
N VAL H 4 -25.01 10.81 -17.69
CA VAL H 4 -24.88 11.56 -16.45
C VAL H 4 -23.69 12.50 -16.50
N PRO H 5 -22.46 12.00 -16.63
CA PRO H 5 -21.29 12.86 -16.43
C PRO H 5 -21.18 13.93 -17.51
N VAL H 6 -20.55 15.04 -17.14
CA VAL H 6 -20.25 16.07 -18.11
C VAL H 6 -19.43 15.44 -19.23
N GLY H 7 -19.53 16.03 -20.43
CA GLY H 7 -18.72 15.59 -21.53
C GLY H 7 -17.26 15.47 -21.13
N MET H 8 -16.71 14.25 -21.23
CA MET H 8 -15.35 13.98 -20.77
C MET H 8 -15.24 14.28 -19.28
N ALA H 9 -14.65 15.44 -18.93
CA ALA H 9 -14.50 15.81 -17.53
C ALA H 9 -13.84 14.69 -16.74
N PRO H 10 -12.54 14.44 -16.93
CA PRO H 10 -11.88 13.34 -16.22
C PRO H 10 -12.18 13.33 -14.74
N ARG H 11 -12.79 12.25 -14.26
CA ARG H 11 -13.17 12.15 -12.86
C ARG H 11 -11.93 11.98 -11.99
N GLN H 12 -12.12 12.17 -10.69
CA GLN H 12 -11.05 12.06 -9.70
C GLN H 12 -11.42 10.99 -8.69
N MET H 13 -10.56 9.99 -8.54
CA MET H 13 -10.76 8.94 -7.55
C MET H 13 -9.39 8.41 -7.14
N ARG H 14 -9.40 7.42 -6.25
CA ARG H 14 -8.15 6.75 -5.89
C ARG H 14 -7.71 5.84 -7.04
N VAL H 15 -6.45 5.43 -6.97
CA VAL H 15 -5.84 4.59 -8.00
C VAL H 15 -4.90 3.60 -7.34
N ASN H 16 -5.11 2.31 -7.60
CA ASN H 16 -4.13 1.31 -7.20
C ASN H 16 -2.81 1.62 -7.90
N ARG H 17 -1.72 1.59 -7.15
CA ARG H 17 -0.44 2.08 -7.65
C ARG H 17 0.58 0.99 -7.92
N CYS H 18 0.49 -0.16 -7.25
CA CYS H 18 1.46 -1.22 -7.51
C CYS H 18 1.29 -1.74 -8.92
N ILE H 19 2.40 -1.87 -9.65
CA ILE H 19 2.33 -2.32 -11.03
C ILE H 19 1.71 -3.71 -11.11
N PHE H 20 2.08 -4.58 -10.18
CA PHE H 20 1.65 -5.97 -10.26
C PHE H 20 0.15 -6.15 -10.07
N ALA H 21 -0.57 -5.11 -9.63
CA ALA H 21 -2.01 -5.23 -9.51
C ALA H 21 -2.68 -5.53 -10.85
N SER H 22 -2.01 -5.24 -11.96
CA SER H 22 -2.60 -5.44 -13.28
C SER H 22 -2.46 -6.87 -13.78
N ILE H 23 -1.82 -7.76 -13.02
CA ILE H 23 -1.65 -9.13 -13.47
C ILE H 23 -3.02 -9.80 -13.59
N VAL H 24 -3.28 -10.38 -14.76
CA VAL H 24 -4.52 -11.10 -15.00
C VAL H 24 -4.22 -12.22 -15.98
N SER H 25 -4.97 -13.32 -15.85
CA SER H 25 -4.75 -14.48 -16.71
C SER H 25 -5.19 -14.15 -18.14
N PHE H 26 -4.27 -14.27 -19.09
CA PHE H 26 -4.63 -14.06 -20.49
C PHE H 26 -5.70 -15.05 -20.93
N ASP H 27 -5.72 -16.24 -20.35
CA ASP H 27 -6.78 -17.20 -20.60
C ASP H 27 -8.05 -16.69 -19.92
N ALA H 28 -8.90 -16.01 -20.69
CA ALA H 28 -10.11 -15.44 -20.13
C ALA H 28 -10.95 -16.51 -19.43
N CYS H 29 -10.90 -17.76 -19.92
CA CYS H 29 -11.66 -18.83 -19.28
C CYS H 29 -11.10 -19.20 -17.92
N ILE H 30 -9.91 -18.72 -17.56
CA ILE H 30 -9.33 -18.94 -16.24
C ILE H 30 -9.37 -17.62 -15.48
N THR H 31 -10.17 -17.57 -14.43
CA THR H 31 -10.24 -16.40 -13.58
C THR H 31 -9.08 -16.40 -12.59
N TYR H 32 -8.50 -15.21 -12.39
CA TYR H 32 -7.38 -15.05 -11.48
C TYR H 32 -7.49 -13.71 -10.76
N LYS H 33 -7.09 -13.70 -9.50
CA LYS H 33 -7.02 -12.47 -8.72
C LYS H 33 -5.62 -12.38 -8.12
N SER H 34 -4.93 -11.27 -8.39
CA SER H 34 -3.62 -11.08 -7.79
C SER H 34 -3.76 -10.63 -6.35
N PRO H 35 -2.85 -11.03 -5.45
CA PRO H 35 -2.91 -10.57 -4.06
C PRO H 35 -2.23 -9.22 -3.93
N CYS H 36 -2.99 -8.21 -3.51
CA CYS H 36 -2.48 -6.85 -3.34
C CYS H 36 -2.69 -6.40 -1.91
N SER H 37 -1.63 -5.88 -1.31
CA SER H 37 -1.78 -5.26 -0.01
C SER H 37 -2.50 -3.92 -0.14
N PRO H 38 -3.37 -3.58 0.83
CA PRO H 38 -4.13 -2.34 0.70
C PRO H 38 -3.26 -1.12 0.58
N ASP H 39 -2.01 -1.22 1.04
CA ASP H 39 -1.11 -0.08 0.94
C ASP H 39 -1.02 0.45 -0.48
N ALA H 40 -1.33 -0.40 -1.47
CA ALA H 40 -1.22 0.03 -2.85
C ALA H 40 -2.04 1.27 -3.13
N TYR H 41 -3.09 1.50 -2.35
CA TYR H 41 -3.99 2.62 -2.60
C TYR H 41 -3.56 3.89 -1.88
N HIS H 42 -2.34 3.95 -1.38
CA HIS H 42 -1.80 5.20 -0.83
C HIS H 42 -1.02 5.94 -1.90
N ASP H 43 -1.39 7.20 -2.12
CA ASP H 43 -0.70 8.04 -3.10
C ASP H 43 0.63 8.48 -2.51
N ASP H 44 1.63 7.61 -2.65
CA ASP H 44 2.97 7.84 -2.13
C ASP H 44 3.98 7.49 -3.22
N GLY H 45 5.26 7.65 -2.88
CA GLY H 45 6.31 7.33 -3.83
C GLY H 45 6.38 5.86 -4.18
N TRP H 46 5.85 4.99 -3.34
CA TRP H 46 5.86 3.57 -3.64
C TRP H 46 4.92 3.27 -4.80
N PHE H 47 5.43 2.59 -5.81
CA PHE H 47 4.62 2.09 -6.91
C PHE H 47 4.61 0.56 -6.91
N ILE H 48 4.79 -0.04 -5.73
CA ILE H 48 4.65 -1.47 -5.53
C ILE H 48 4.03 -1.69 -4.16
N CYS H 49 3.10 -2.62 -4.07
CA CYS H 49 2.44 -2.85 -2.80
C CYS H 49 3.33 -3.72 -1.92
N ASN H 50 3.01 -3.75 -0.63
CA ASN H 50 3.84 -4.51 0.30
C ASN H 50 3.91 -5.97 -0.12
N ASN H 51 2.78 -6.54 -0.55
CA ASN H 51 2.76 -7.96 -0.89
C ASN H 51 3.71 -8.26 -2.05
N HIS H 52 3.59 -7.51 -3.16
CA HIS H 52 4.48 -7.75 -4.27
C HIS H 52 5.92 -7.48 -3.89
N LEU H 53 6.16 -6.41 -3.11
CA LEU H 53 7.52 -6.10 -2.70
C LEU H 53 8.15 -7.27 -1.98
N ILE H 54 7.46 -7.81 -0.97
CA ILE H 54 8.01 -8.92 -0.22
C ILE H 54 8.16 -10.15 -1.11
N LYS H 55 7.18 -10.39 -1.97
CA LYS H 55 7.19 -11.60 -2.78
C LYS H 55 8.34 -11.62 -3.77
N ARG H 56 8.59 -10.50 -4.44
CA ARG H 56 9.53 -10.46 -5.55
C ARG H 56 10.89 -9.92 -5.19
N PHE H 57 10.97 -8.93 -4.30
CA PHE H 57 12.23 -8.28 -3.97
C PHE H 57 12.75 -8.63 -2.59
N LYS H 58 11.95 -9.30 -1.76
CA LYS H 58 12.37 -9.68 -0.40
C LYS H 58 12.57 -8.43 0.45
N MET H 59 11.66 -7.47 0.30
CA MET H 59 11.82 -6.15 0.90
C MET H 59 10.51 -5.74 1.56
N SER H 60 10.62 -5.02 2.67
CA SER H 60 9.46 -4.53 3.40
C SER H 60 9.59 -3.04 3.62
N LYS H 61 8.49 -2.31 3.42
CA LYS H 61 8.50 -0.87 3.56
C LYS H 61 8.67 -0.49 5.03
N MET H 62 9.01 0.78 5.25
CA MET H 62 9.25 1.27 6.60
C MET H 62 9.44 2.78 6.53
N VAL H 63 9.22 3.44 7.66
CA VAL H 63 9.27 4.89 7.75
C VAL H 63 10.39 5.29 8.71
N LEU H 64 11.06 6.38 8.40
CA LEU H 64 12.14 6.92 9.22
C LEU H 64 11.80 8.36 9.59
N PRO H 65 11.37 8.64 10.82
CA PRO H 65 11.12 10.03 11.21
C PRO H 65 12.38 10.87 11.10
N ILE H 66 12.21 12.10 10.64
CA ILE H 66 13.33 13.01 10.41
C ILE H 66 12.94 14.40 10.89
N PHE H 67 13.82 15.02 11.67
CA PHE H 67 13.66 16.40 12.10
C PHE H 67 14.83 16.83 12.98
N ASP H 71 12.70 19.87 13.99
CA ASP H 71 11.49 20.26 14.68
C ASP H 71 10.26 19.62 14.03
N ASN H 72 10.01 19.97 12.78
CA ASN H 72 8.91 19.37 12.04
C ASN H 72 9.28 17.95 11.65
N GLN H 73 8.52 16.98 12.16
CA GLN H 73 8.86 15.58 11.97
C GLN H 73 8.60 15.12 10.54
N PHE H 74 9.66 15.15 9.72
CA PHE H 74 9.56 14.63 8.36
C PHE H 74 9.72 13.12 8.36
N LYS H 75 8.90 12.45 7.56
CA LYS H 75 8.90 11.00 7.46
C LYS H 75 9.54 10.60 6.13
N MET H 76 10.70 9.97 6.20
CA MET H 76 11.42 9.52 5.00
C MET H 76 11.13 8.04 4.78
N THR H 77 10.69 7.72 3.57
CA THR H 77 10.41 6.34 3.22
C THR H 77 11.68 5.51 3.27
N ILE H 78 11.54 4.25 3.68
CA ILE H 78 12.67 3.34 3.76
C ILE H 78 12.15 1.92 3.75
N ALA H 79 12.89 1.04 3.08
CA ALA H 79 12.60 -0.38 3.09
C ALA H 79 13.63 -1.11 3.95
N ARG H 80 13.33 -2.37 4.25
CA ARG H 80 14.18 -3.16 5.13
C ARG H 80 14.35 -4.56 4.57
N HIS H 81 15.43 -5.21 4.98
CA HIS H 81 15.71 -6.56 4.53
C HIS H 81 14.68 -7.55 5.06
N LEU H 82 14.30 -8.49 4.21
CA LEU H 82 13.69 -9.74 4.64
C LEU H 82 14.65 -10.91 4.44
N VAL H 83 15.89 -10.63 4.07
CA VAL H 83 16.86 -11.67 3.76
C VAL H 83 17.39 -12.26 5.06
N GLY H 84 17.35 -13.58 5.16
CA GLY H 84 17.91 -14.26 6.31
C GLY H 84 19.42 -14.21 6.32
N ASN H 85 19.98 -14.64 7.44
CA ASN H 85 21.43 -14.60 7.60
C ASN H 85 22.13 -15.61 6.70
N LYS H 86 21.54 -16.79 6.53
CA LYS H 86 22.20 -17.90 5.87
C LYS H 86 21.96 -17.95 4.37
N GLU H 87 21.12 -17.06 3.83
CA GLU H 87 20.92 -17.02 2.39
C GLU H 87 22.22 -16.63 1.69
N ARG H 88 22.42 -17.21 0.51
CA ARG H 88 23.69 -17.05 -0.20
C ARG H 88 23.45 -16.86 -1.68
N GLY H 89 24.45 -16.30 -2.34
CA GLY H 89 24.44 -16.21 -3.79
C GLY H 89 23.23 -15.46 -4.29
N ILE H 90 22.54 -16.05 -5.27
CA ILE H 90 21.42 -15.39 -5.92
C ILE H 90 20.38 -14.95 -4.90
N LYS H 91 20.27 -15.69 -3.79
CA LYS H 91 19.32 -15.30 -2.76
C LYS H 91 19.61 -13.92 -2.21
N ARG H 92 20.87 -13.49 -2.26
CA ARG H 92 21.25 -12.20 -1.71
C ARG H 92 20.94 -11.04 -2.64
N ILE H 93 20.49 -11.31 -3.87
CA ILE H 93 20.16 -10.24 -4.80
C ILE H 93 18.82 -9.65 -4.39
N LEU H 94 18.87 -8.51 -3.69
CA LEU H 94 17.65 -7.88 -3.23
C LEU H 94 16.84 -7.34 -4.40
N ILE H 95 17.49 -6.66 -5.33
CA ILE H 95 16.85 -6.19 -6.56
C ILE H 95 17.78 -6.51 -7.73
N PRO H 96 17.44 -7.46 -8.59
CA PRO H 96 18.36 -7.83 -9.67
C PRO H 96 18.52 -6.71 -10.68
N SER H 97 19.69 -6.69 -11.32
CA SER H 97 19.96 -5.73 -12.38
C SER H 97 19.31 -6.18 -13.69
N ALA H 98 19.35 -5.30 -14.67
CA ALA H 98 18.78 -5.62 -15.98
C ALA H 98 19.47 -6.80 -16.62
N THR H 99 20.70 -7.09 -16.23
CA THR H 99 21.44 -8.22 -16.78
C THR H 99 21.19 -9.52 -16.02
N ASN H 100 20.44 -9.47 -14.91
CA ASN H 100 20.23 -10.65 -14.09
C ASN H 100 18.79 -10.87 -13.70
N TYR H 101 17.89 -9.90 -13.88
CA TYR H 101 16.52 -10.08 -13.45
C TYR H 101 15.87 -11.26 -14.16
N GLN H 102 16.12 -11.42 -15.45
CA GLN H 102 15.54 -12.53 -16.18
C GLN H 102 15.82 -13.87 -15.49
N ASP H 103 16.99 -13.99 -14.86
CA ASP H 103 17.35 -15.23 -14.18
C ASP H 103 16.85 -15.26 -12.74
N VAL H 104 17.05 -14.15 -12.02
CA VAL H 104 16.62 -14.09 -10.63
C VAL H 104 15.12 -14.33 -10.52
N PHE H 105 14.35 -13.63 -11.34
CA PHE H 105 12.93 -13.86 -11.46
C PHE H 105 12.70 -15.02 -12.41
N ASN H 106 11.90 -15.99 -11.98
CA ASN H 106 11.63 -17.18 -12.78
C ASN H 106 10.47 -16.86 -13.72
N LEU H 107 10.81 -16.29 -14.88
CA LEU H 107 9.80 -15.94 -15.86
C LEU H 107 8.95 -17.14 -16.22
N ASN H 108 9.57 -18.31 -16.35
CA ASN H 108 8.82 -19.51 -16.70
C ASN H 108 7.77 -19.83 -15.64
N SER H 109 8.13 -19.69 -14.37
CA SER H 109 7.24 -20.13 -13.30
C SER H 109 6.07 -19.18 -13.06
N MET H 110 6.16 -17.93 -13.52
CA MET H 110 5.09 -16.97 -13.29
C MET H 110 4.35 -16.66 -14.59
N MET H 111 3.33 -15.83 -14.46
CA MET H 111 2.39 -15.59 -15.53
C MET H 111 3.01 -14.71 -16.62
N GLN H 112 2.48 -14.88 -17.84
CA GLN H 112 2.99 -14.12 -18.98
C GLN H 112 2.82 -12.62 -18.76
N ALA H 113 1.70 -12.22 -18.16
CA ALA H 113 1.47 -10.80 -17.91
C ALA H 113 2.55 -10.24 -16.98
N GLU H 114 2.89 -10.97 -15.92
CA GLU H 114 3.96 -10.52 -15.05
C GLU H 114 5.31 -10.51 -15.76
N GLN H 115 5.54 -11.48 -16.65
CA GLN H 115 6.78 -11.46 -17.43
C GLN H 115 6.85 -10.22 -18.30
N LEU H 116 5.74 -9.83 -18.92
CA LEU H 116 5.69 -8.60 -19.68
C LEU H 116 5.94 -7.40 -18.78
N ILE H 117 5.35 -7.41 -17.59
CA ILE H 117 5.55 -6.31 -16.65
C ILE H 117 7.02 -6.15 -16.33
N PHE H 118 7.71 -7.27 -16.10
CA PHE H 118 9.13 -7.22 -15.80
C PHE H 118 9.94 -6.74 -16.99
N HIS H 119 9.64 -7.26 -18.18
CA HIS H 119 10.36 -6.82 -19.37
C HIS H 119 10.04 -5.38 -19.75
N LEU H 120 9.00 -4.80 -19.17
CA LEU H 120 8.74 -3.37 -19.32
C LEU H 120 9.52 -2.57 -18.29
N ILE H 121 9.40 -2.93 -17.01
CA ILE H 121 10.15 -2.25 -15.95
C ILE H 121 11.63 -2.25 -16.31
N TYR H 122 12.22 -3.43 -16.37
CA TYR H 122 13.52 -3.54 -17.00
C TYR H 122 13.36 -3.27 -18.50
N ASN H 123 14.17 -2.37 -19.04
CA ASN H 123 13.97 -1.90 -20.40
C ASN H 123 14.42 -3.00 -21.36
N ASN H 124 13.54 -3.99 -21.54
CA ASN H 124 13.79 -5.12 -22.43
C ASN H 124 12.74 -5.08 -23.54
N GLU H 125 13.00 -4.24 -24.54
CA GLU H 125 12.06 -4.09 -25.65
C GLU H 125 11.98 -5.36 -26.48
N ASN H 126 13.09 -6.07 -26.63
CA ASN H 126 13.07 -7.31 -27.40
C ASN H 126 12.12 -8.32 -26.77
N ALA H 127 12.23 -8.51 -25.45
CA ALA H 127 11.35 -9.45 -24.77
C ALA H 127 9.91 -8.97 -24.81
N VAL H 128 9.69 -7.66 -24.64
CA VAL H 128 8.33 -7.15 -24.69
C VAL H 128 7.73 -7.44 -26.07
N ASN H 129 8.48 -7.19 -27.13
CA ASN H 129 7.99 -7.44 -28.48
C ASN H 129 7.73 -8.93 -28.70
N THR H 130 8.63 -9.78 -28.20
CA THR H 130 8.44 -11.22 -28.34
C THR H 130 7.13 -11.65 -27.69
N ILE H 131 6.89 -11.18 -26.47
CA ILE H 131 5.65 -11.54 -25.78
C ILE H 131 4.45 -11.01 -26.55
N CYS H 132 4.53 -9.78 -27.03
CA CYS H 132 3.40 -9.21 -27.76
C CYS H 132 3.07 -10.03 -28.99
N ASP H 133 4.09 -10.39 -29.78
CA ASP H 133 3.85 -11.16 -30.99
C ASP H 133 3.32 -12.55 -30.68
N ASN H 134 3.89 -13.20 -29.66
CA ASN H 134 3.41 -14.52 -29.28
C ASN H 134 1.95 -14.47 -28.87
N LEU H 135 1.57 -13.45 -28.10
CA LEU H 135 0.16 -13.30 -27.73
C LEU H 135 -0.70 -12.97 -28.94
N LYS H 136 -0.15 -12.24 -29.92
CA LYS H 136 -0.89 -11.99 -31.15
C LYS H 136 -1.21 -13.30 -31.85
N TYR H 137 -0.28 -14.25 -31.82
CA TYR H 137 -0.46 -15.53 -32.50
C TYR H 137 -0.82 -16.66 -31.54
N THR H 138 -1.31 -16.33 -30.35
CA THR H 138 -1.67 -17.32 -29.34
C THR H 138 -3.10 -17.07 -28.88
N GLU H 139 -3.89 -18.14 -28.83
CA GLU H 139 -5.25 -18.08 -28.29
C GLU H 139 -6.11 -17.08 -29.06
N GLY H 140 -7.34 -16.87 -28.59
CA GLY H 140 -8.23 -15.92 -29.23
C GLY H 140 -7.79 -14.50 -28.97
N PHE H 141 -6.65 -14.14 -29.54
CA PHE H 141 -6.06 -12.82 -29.29
C PHE H 141 -7.07 -11.71 -29.58
N THR H 142 -7.72 -11.78 -30.75
CA THR H 142 -8.58 -10.68 -31.17
C THR H 142 -9.77 -10.49 -30.23
N SER H 143 -10.36 -11.58 -29.75
CA SER H 143 -11.63 -11.49 -29.06
C SER H 143 -11.55 -10.61 -27.82
N ASN H 144 -10.76 -11.02 -26.83
CA ASN H 144 -10.56 -10.24 -25.61
C ASN H 144 -9.14 -10.25 -25.10
N THR H 145 -8.34 -11.26 -25.44
CA THR H 145 -6.96 -11.32 -24.97
C THR H 145 -6.16 -10.12 -25.46
N GLN H 146 -6.41 -9.69 -26.71
CA GLN H 146 -5.71 -8.52 -27.22
C GLN H 146 -6.03 -7.29 -26.38
N ARG H 147 -7.31 -7.07 -26.07
CA ARG H 147 -7.69 -5.91 -25.29
C ARG H 147 -7.11 -5.98 -23.88
N VAL H 148 -7.11 -7.17 -23.28
CA VAL H 148 -6.53 -7.31 -21.95
C VAL H 148 -5.05 -6.99 -21.97
N ILE H 149 -4.33 -7.51 -22.97
CA ILE H 149 -2.91 -7.24 -23.07
C ILE H 149 -2.65 -5.76 -23.28
N HIS H 150 -3.44 -5.12 -24.14
CA HIS H 150 -3.27 -3.69 -24.36
C HIS H 150 -3.55 -2.91 -23.10
N SER H 151 -4.55 -3.32 -22.33
CA SER H 151 -4.86 -2.64 -21.08
C SER H 151 -3.68 -2.74 -20.11
N VAL H 152 -3.14 -3.95 -19.94
CA VAL H 152 -2.03 -4.13 -19.01
C VAL H 152 -0.83 -3.32 -19.47
N TYR H 153 -0.52 -3.38 -20.76
CA TYR H 153 0.60 -2.64 -21.30
C TYR H 153 0.40 -1.14 -21.11
N ALA H 154 -0.81 -0.65 -21.36
CA ALA H 154 -1.08 0.77 -21.21
C ALA H 154 -0.93 1.19 -19.75
N THR H 155 -1.41 0.37 -18.81
CA THR H 155 -1.25 0.71 -17.40
C THR H 155 0.22 0.79 -17.02
N THR H 156 0.99 -0.22 -17.42
CA THR H 156 2.41 -0.22 -17.09
C THR H 156 3.11 0.99 -17.71
N LYS H 157 2.78 1.28 -18.97
CA LYS H 157 3.42 2.40 -19.65
C LYS H 157 3.01 3.72 -19.03
N SER H 158 1.77 3.83 -18.55
CA SER H 158 1.34 5.05 -17.88
C SER H 158 2.12 5.26 -16.60
N ILE H 159 2.30 4.19 -15.81
CA ILE H 159 3.08 4.31 -14.59
C ILE H 159 4.51 4.73 -14.92
N LEU H 160 5.10 4.08 -15.93
CA LEU H 160 6.48 4.38 -16.28
C LEU H 160 6.63 5.79 -16.82
N ASP H 161 5.64 6.28 -17.57
CA ASP H 161 5.70 7.64 -18.08
C ASP H 161 5.49 8.65 -16.97
N THR H 162 4.72 8.29 -15.95
CA THR H 162 4.61 9.15 -14.77
C THR H 162 5.95 9.24 -14.05
N THR H 163 6.66 8.12 -13.93
CA THR H 163 7.85 8.09 -13.10
C THR H 163 9.07 8.65 -13.83
N ASN H 164 9.35 8.15 -15.03
CA ASN H 164 10.62 8.43 -15.67
C ASN H 164 10.93 9.91 -15.85
N PRO H 165 10.00 10.76 -16.27
CA PRO H 165 10.34 12.19 -16.41
C PRO H 165 10.82 12.81 -15.10
N ASN H 166 10.09 12.55 -14.01
CA ASN H 166 10.51 13.06 -12.71
C ASN H 166 11.85 12.46 -12.32
N THR H 167 12.07 11.18 -12.65
CA THR H 167 13.35 10.56 -12.32
C THR H 167 14.49 11.25 -13.04
N PHE H 168 14.31 11.57 -14.32
CA PHE H 168 15.37 12.24 -15.07
C PHE H 168 15.61 13.64 -14.53
N CYS H 169 14.53 14.35 -14.20
CA CYS H 169 14.68 15.68 -13.61
C CYS H 169 15.44 15.59 -12.30
N SER H 170 15.15 14.57 -11.49
CA SER H 170 15.89 14.37 -10.26
C SER H 170 17.36 14.08 -10.54
N ARG H 171 17.62 13.25 -11.55
CA ARG H 171 19.00 12.93 -11.91
C ARG H 171 19.79 14.20 -12.20
N VAL H 172 19.25 15.04 -13.09
CA VAL H 172 19.92 16.29 -13.43
C VAL H 172 19.73 17.37 -12.39
N SER H 173 18.98 17.10 -11.34
CA SER H 173 18.68 18.13 -10.35
C SER H 173 19.94 18.54 -9.60
N ARG H 174 20.05 19.84 -9.33
CA ARG H 174 21.15 20.38 -8.55
C ARG H 174 20.83 20.41 -7.05
N ASP H 175 19.63 20.87 -6.70
CA ASP H 175 19.29 21.04 -5.29
C ASP H 175 19.31 19.71 -4.54
N GLU H 176 18.76 18.66 -5.15
CA GLU H 176 18.69 17.34 -4.53
C GLU H 176 19.71 16.43 -5.18
N LEU H 177 20.60 15.88 -4.38
CA LEU H 177 21.65 14.99 -4.86
C LEU H 177 21.69 13.74 -4.00
N ARG H 178 21.83 12.58 -4.66
CA ARG H 178 21.93 11.30 -3.98
C ARG H 178 23.06 10.52 -4.60
N PHE H 179 23.76 9.75 -3.79
CA PHE H 179 24.90 8.96 -4.26
C PHE H 179 24.81 7.58 -3.61
N PHE H 180 24.37 6.60 -4.40
CA PHE H 180 24.23 5.23 -3.92
C PHE H 180 25.57 4.53 -4.05
N ASP H 181 26.34 4.58 -2.98
CA ASP H 181 27.59 3.84 -2.87
C ASP H 181 27.90 3.67 -1.40
N VAL H 182 29.03 3.04 -1.10
CA VAL H 182 29.48 2.90 0.27
C VAL H 182 30.20 4.19 0.65
N THR H 183 29.62 4.94 1.59
CA THR H 183 30.23 6.19 2.01
C THR H 183 31.64 5.98 2.51
N ASN H 184 31.94 4.78 3.02
CA ASN H 184 33.31 4.42 3.35
C ASN H 184 34.05 4.17 2.04
N ALA H 185 34.57 5.26 1.47
CA ALA H 185 35.30 5.16 0.22
C ALA H 185 36.46 4.18 0.34
N ARG H 186 37.02 4.05 1.54
CA ARG H 186 38.08 3.07 1.80
C ARG H 186 37.47 1.67 1.96
N ALA H 187 36.79 1.24 0.90
CA ALA H 187 36.14 -0.06 0.87
C ALA H 187 36.12 -0.55 -0.56
N LEU H 188 35.95 -1.87 -0.70
CA LEU H 188 36.00 -2.50 -2.01
C LEU H 188 34.65 -3.01 -2.49
N ARG H 189 33.70 -3.23 -1.60
CA ARG H 189 32.39 -3.74 -1.98
C ARG H 189 31.44 -2.63 -2.42
N GLY H 190 31.85 -1.37 -2.35
CA GLY H 190 31.01 -0.28 -2.82
C GLY H 190 31.06 -0.11 -4.31
N GLY H 191 32.25 0.18 -4.84
CA GLY H 191 32.41 0.29 -6.27
C GLY H 191 31.67 1.48 -6.85
N ALA H 192 31.46 1.43 -8.16
CA ALA H 192 30.75 2.49 -8.89
C ALA H 192 29.25 2.26 -8.73
N GLY H 193 28.81 2.36 -7.48
CA GLY H 193 27.40 2.22 -7.19
C GLY H 193 26.56 3.23 -7.94
N ASP H 194 27.07 4.46 -8.08
CA ASP H 194 26.35 5.46 -8.84
C ASP H 194 26.22 5.05 -10.31
N GLN H 195 27.27 4.48 -10.89
CA GLN H 195 27.20 4.02 -12.27
C GLN H 195 26.15 2.93 -12.41
N LEU H 196 26.12 1.99 -11.47
CA LEU H 196 25.12 0.92 -11.55
C LEU H 196 23.70 1.47 -11.41
N PHE H 197 23.53 2.40 -10.47
CA PHE H 197 22.24 3.06 -10.31
C PHE H 197 21.83 3.74 -11.60
N ASN H 198 22.78 4.39 -12.28
CA ASN H 198 22.49 4.98 -13.58
C ASN H 198 22.05 3.91 -14.56
N ASN H 199 22.74 2.76 -14.57
CA ASN H 199 22.35 1.69 -15.46
C ASN H 199 20.91 1.28 -15.24
N TYR H 200 20.43 1.40 -14.02
CA TYR H 200 19.04 1.02 -13.76
C TYR H 200 18.07 1.93 -14.50
N SER H 201 16.87 1.41 -14.71
CA SER H 201 15.81 2.16 -15.37
C SER H 201 15.33 3.30 -14.47
N GLY H 202 14.66 4.27 -15.09
CA GLY H 202 14.16 5.40 -14.34
C GLY H 202 13.21 4.99 -13.22
N PHE H 203 12.25 4.13 -13.55
CA PHE H 203 11.33 3.65 -12.53
C PHE H 203 12.07 2.83 -11.47
N LEU H 204 13.00 1.98 -11.91
CA LEU H 204 13.80 1.23 -10.95
C LEU H 204 14.63 2.17 -10.09
N GLN H 205 15.15 3.24 -10.68
CA GLN H 205 15.89 4.22 -9.90
C GLN H 205 15.00 4.86 -8.85
N ASN H 206 13.76 5.19 -9.23
CA ASN H 206 12.83 5.74 -8.26
C ASN H 206 12.57 4.76 -7.12
N LEU H 207 12.40 3.48 -7.46
CA LEU H 207 12.18 2.48 -6.41
C LEU H 207 13.38 2.42 -5.47
N ILE H 208 14.58 2.43 -6.04
CA ILE H 208 15.79 2.39 -5.22
C ILE H 208 15.83 3.59 -4.29
N ARG H 209 15.49 4.77 -4.82
CA ARG H 209 15.48 5.97 -3.98
C ARG H 209 14.48 5.82 -2.85
N ARG H 210 13.29 5.31 -3.16
CA ARG H 210 12.26 5.16 -2.12
C ARG H 210 12.63 4.12 -1.09
N ALA H 211 13.47 3.14 -1.46
CA ALA H 211 13.75 2.02 -0.57
C ALA H 211 15.00 2.24 0.27
N VAL H 212 16.12 2.58 -0.37
CA VAL H 212 17.41 2.67 0.31
C VAL H 212 17.58 4.06 0.88
N ALA H 213 17.71 4.14 2.19
CA ALA H 213 18.02 5.42 2.81
C ALA H 213 19.52 5.66 2.79
N PRO H 214 19.95 6.92 2.79
CA PRO H 214 21.39 7.20 2.81
C PRO H 214 21.97 7.06 4.20
N GLU H 215 23.26 6.67 4.23
CA GLU H 215 23.94 6.58 5.51
C GLU H 215 24.02 7.94 6.19
N TYR H 216 24.26 8.98 5.41
CA TYR H 216 24.30 10.35 5.90
C TYR H 216 23.29 11.18 5.11
N LEU H 217 22.96 12.34 5.66
CA LEU H 217 22.04 13.24 4.97
C LEU H 217 22.39 14.66 5.38
N GLN H 218 22.89 15.45 4.42
CA GLN H 218 23.24 16.83 4.66
C GLN H 218 22.09 17.71 4.19
N ILE H 219 21.39 18.32 5.15
CA ILE H 219 20.33 19.28 4.86
C ILE H 219 20.93 20.67 5.04
N ASP H 220 21.06 21.40 3.94
CA ASP H 220 21.62 22.75 4.00
C ASP H 220 22.99 22.71 4.64
N THR H 221 23.06 22.96 5.95
CA THR H 221 24.32 22.93 6.67
C THR H 221 24.39 21.83 7.73
N GLU H 222 23.28 21.20 8.07
CA GLU H 222 23.25 20.17 9.09
C GLU H 222 23.32 18.79 8.45
N GLU H 223 24.17 17.94 9.00
CA GLU H 223 24.31 16.56 8.53
C GLU H 223 23.88 15.61 9.63
N LEU H 224 23.04 14.64 9.26
CA LEU H 224 22.55 13.61 10.16
C LEU H 224 23.11 12.27 9.67
N ARG H 225 23.78 11.55 10.57
CA ARG H 225 24.37 10.26 10.25
C ARG H 225 23.48 9.18 10.85
N PHE H 226 22.71 8.51 9.99
CA PHE H 226 21.82 7.46 10.46
C PHE H 226 22.56 6.16 10.75
N ARG H 227 23.75 5.98 10.18
CA ARG H 227 24.51 4.76 10.39
C ARG H 227 25.99 5.08 10.32
N ASN H 228 26.78 4.28 11.04
CA ASN H 228 28.24 4.28 10.91
C ASN H 228 28.71 3.14 10.01
N CYS H 229 27.86 2.74 9.06
CA CYS H 229 28.09 1.54 8.26
C CYS H 229 26.97 1.44 7.24
N ALA H 230 27.18 0.57 6.25
CA ALA H 230 26.21 0.36 5.17
C ALA H 230 25.56 -1.01 5.34
N THR H 231 24.23 -1.05 5.26
CA THR H 231 23.49 -2.28 5.47
C THR H 231 23.22 -3.05 4.18
N CYS H 232 23.60 -2.50 3.02
CA CYS H 232 23.37 -3.17 1.75
C CYS H 232 24.34 -2.56 0.74
N ILE H 233 24.51 -3.25 -0.39
CA ILE H 233 25.44 -2.79 -1.42
C ILE H 233 24.77 -2.91 -2.79
N ILE H 234 25.43 -2.36 -3.80
CA ILE H 234 24.98 -2.47 -5.18
C ILE H 234 26.16 -2.88 -6.03
N ASP H 235 25.96 -3.88 -6.88
CA ASP H 235 26.97 -4.33 -7.82
C ASP H 235 26.30 -4.56 -9.17
N GLU H 236 27.02 -5.22 -10.08
CA GLU H 236 26.45 -5.52 -11.38
C GLU H 236 25.18 -6.35 -11.25
N THR H 237 25.12 -7.24 -10.26
CA THR H 237 23.93 -8.06 -10.07
C THR H 237 22.73 -7.19 -9.68
N GLY H 238 22.99 -6.05 -9.05
CA GLY H 238 21.93 -5.17 -8.59
C GLY H 238 22.08 -4.85 -7.12
N LEU H 239 20.94 -4.69 -6.45
CA LEU H 239 20.91 -4.41 -5.03
C LEU H 239 21.09 -5.71 -4.25
N VAL H 240 22.17 -5.80 -3.50
CA VAL H 240 22.56 -7.02 -2.81
C VAL H 240 22.45 -6.78 -1.30
N ALA H 241 21.76 -7.70 -0.63
CA ALA H 241 21.58 -7.66 0.82
C ALA H 241 22.79 -8.31 1.48
N SER H 242 23.93 -7.64 1.35
CA SER H 242 25.20 -8.15 1.86
C SER H 242 25.91 -7.07 2.65
N VAL H 243 26.64 -7.51 3.66
CA VAL H 243 27.43 -6.61 4.50
C VAL H 243 28.73 -6.31 3.76
N PRO H 244 29.04 -5.04 3.48
CA PRO H 244 30.24 -4.75 2.67
C PRO H 244 31.55 -5.13 3.33
N ASP H 245 31.58 -5.31 4.65
CA ASP H 245 32.85 -5.49 5.35
C ASP H 245 33.10 -6.90 5.85
N GLY H 246 32.07 -7.72 6.01
CA GLY H 246 32.27 -9.05 6.54
C GLY H 246 30.99 -9.82 6.84
N PRO H 247 30.89 -10.42 8.01
CA PRO H 247 29.79 -11.35 8.27
C PRO H 247 28.43 -10.71 8.07
N GLU H 248 27.50 -11.51 7.54
CA GLU H 248 26.15 -11.03 7.30
C GLU H 248 25.48 -10.68 8.62
N LEU H 249 24.55 -9.73 8.56
CA LEU H 249 23.78 -9.36 9.73
C LEU H 249 22.70 -10.40 10.00
N TYR H 250 22.55 -10.76 11.27
CA TYR H 250 21.53 -11.73 11.64
C TYR H 250 20.15 -11.12 11.47
N ASN H 251 19.28 -11.84 10.76
CA ASN H 251 17.92 -11.39 10.46
C ASN H 251 16.95 -12.44 10.99
N PRO H 252 16.47 -12.30 12.23
CA PRO H 252 15.65 -13.38 12.81
C PRO H 252 14.41 -13.72 12.00
N ILE H 253 13.74 -12.72 11.42
CA ILE H 253 12.47 -12.96 10.76
C ILE H 253 11.51 -13.59 11.75
N ARG H 254 11.07 -12.81 12.73
CA ARG H 254 10.26 -13.33 13.82
C ARG H 254 8.82 -13.63 13.41
N SER H 255 8.35 -13.08 12.30
CA SER H 255 6.96 -13.24 11.89
C SER H 255 6.92 -13.42 10.38
N SER H 256 5.72 -13.36 9.82
CA SER H 256 5.50 -13.53 8.38
C SER H 256 6.03 -14.92 7.99
N ASP H 257 6.68 -15.05 6.84
CA ASP H 257 7.21 -16.34 6.40
C ASP H 257 8.21 -16.89 7.42
N ARG H 279 10.73 -18.30 32.59
CA ARG H 279 9.65 -17.34 32.76
C ARG H 279 10.17 -16.07 33.41
N GLU H 280 11.19 -16.21 34.26
CA GLU H 280 11.79 -15.04 34.90
C GLU H 280 12.22 -14.01 33.88
N LEU H 281 12.66 -14.47 32.70
CA LEU H 281 13.08 -13.52 31.67
C LEU H 281 11.94 -12.56 31.36
N ASP H 282 10.73 -13.08 31.13
CA ASP H 282 9.59 -12.21 30.81
C ASP H 282 9.08 -11.49 32.05
N ARG H 283 9.15 -12.13 33.22
CA ARG H 283 8.76 -11.44 34.45
C ARG H 283 9.52 -10.13 34.57
N THR H 284 10.84 -10.18 34.40
CA THR H 284 11.63 -8.95 34.35
C THR H 284 11.29 -8.14 33.11
N LEU H 285 11.08 -8.80 31.98
CA LEU H 285 10.84 -8.14 30.69
C LEU H 285 9.34 -8.07 30.40
N SER H 286 8.63 -7.47 31.36
CA SER H 286 7.23 -7.10 31.17
C SER H 286 7.21 -5.90 30.23
N GLY H 287 6.11 -5.16 30.20
CA GLY H 287 6.07 -3.96 29.39
C GLY H 287 7.38 -3.21 29.52
N TYR H 288 8.10 -3.11 28.40
CA TYR H 288 9.51 -2.76 28.43
C TYR H 288 9.97 -2.45 27.00
N GLU H 289 10.58 -1.29 26.80
CA GLU H 289 10.95 -0.90 25.44
C GLU H 289 11.84 -1.96 24.81
N GLU H 290 11.52 -2.33 23.57
CA GLU H 290 12.23 -3.39 22.86
C GLU H 290 12.77 -2.84 21.54
N TYR H 291 14.04 -3.11 21.27
CA TYR H 291 14.64 -2.67 20.03
C TYR H 291 14.36 -3.67 18.92
N PRO H 292 13.80 -3.25 17.79
CA PRO H 292 13.54 -4.21 16.72
C PRO H 292 14.84 -4.78 16.15
N THR H 293 14.74 -6.02 15.67
CA THR H 293 15.86 -6.70 15.04
C THR H 293 15.92 -6.47 13.54
N TYR H 294 15.02 -5.65 13.00
CA TYR H 294 14.99 -5.44 11.57
C TYR H 294 16.30 -4.83 11.08
N VAL H 295 16.56 -5.03 9.79
CA VAL H 295 17.77 -4.48 9.16
C VAL H 295 17.34 -3.51 8.08
N PRO H 296 17.23 -2.21 8.37
CA PRO H 296 16.86 -1.26 7.33
C PRO H 296 17.97 -1.08 6.32
N LEU H 297 17.64 -0.39 5.24
CA LEU H 297 18.54 -0.18 4.12
C LEU H 297 19.22 1.18 4.28
N PHE H 298 20.51 1.16 4.59
CA PHE H 298 21.29 2.38 4.75
C PHE H 298 22.50 2.28 3.84
N LEU H 299 22.61 3.20 2.90
CA LEU H 299 23.73 3.17 1.96
C LEU H 299 23.79 4.50 1.22
N GLY H 300 25.00 5.04 1.10
CA GLY H 300 25.23 6.18 0.25
C GLY H 300 25.01 7.51 0.94
N TYR H 301 25.29 8.55 0.16
CA TYR H 301 25.24 9.93 0.63
C TYR H 301 24.11 10.67 -0.06
N GLN H 302 23.43 11.53 0.69
CA GLN H 302 22.33 12.33 0.17
C GLN H 302 22.51 13.78 0.62
N ILE H 303 22.18 14.70 -0.28
CA ILE H 303 22.35 16.14 -0.03
C ILE H 303 21.11 16.85 -0.54
N ILE H 304 20.71 17.90 0.19
CA ILE H 304 19.51 18.65 -0.15
C ILE H 304 19.67 20.09 0.31
N ASN H 305 19.07 21.01 -0.44
CA ASN H 305 19.03 22.41 -0.08
C ASN H 305 17.61 22.78 0.33
N SER H 306 17.49 23.56 1.40
CA SER H 306 16.19 23.83 2.00
C SER H 306 15.52 22.52 2.40
N GLU H 307 14.21 22.54 2.62
CA GLU H 307 13.47 21.34 2.99
C GLU H 307 12.83 20.64 1.80
N ASN H 308 12.17 21.40 0.92
CA ASN H 308 11.51 20.83 -0.24
C ASN H 308 10.50 19.76 0.17
N ASN H 309 9.82 20.00 1.30
CA ASN H 309 8.90 19.02 1.85
C ASN H 309 7.56 19.66 2.14
N VAL I 462 23.02 54.56 -51.83
CA VAL I 462 22.74 53.14 -51.77
C VAL I 462 23.41 52.53 -50.54
N ASP I 463 22.73 52.60 -49.40
CA ASP I 463 23.30 52.17 -48.12
C ASP I 463 22.73 50.81 -47.77
N TYR I 464 23.31 49.79 -48.36
CA TYR I 464 22.84 48.42 -48.16
C TYR I 464 22.83 48.07 -46.67
N GLU I 465 22.01 47.07 -46.33
CA GLU I 465 21.93 46.55 -44.96
C GLU I 465 23.10 45.60 -44.69
N LYS I 466 24.30 46.16 -44.83
CA LYS I 466 25.50 45.41 -44.50
C LYS I 466 25.43 44.87 -43.08
N GLU I 467 24.80 45.63 -42.18
CA GLU I 467 24.66 45.16 -40.81
C GLU I 467 23.89 43.84 -40.76
N SER I 468 22.74 43.78 -41.45
CA SER I 468 21.96 42.55 -41.44
C SER I 468 22.72 41.41 -42.09
N LYS I 469 23.37 41.68 -43.23
CA LYS I 469 24.12 40.61 -43.90
C LYS I 469 25.20 40.06 -43.00
N ARG I 470 26.01 40.95 -42.40
CA ARG I 470 27.07 40.52 -41.52
C ARG I 470 26.51 39.80 -40.29
N ARG I 471 25.35 40.26 -39.80
CA ARG I 471 24.74 39.60 -38.65
C ARG I 471 24.39 38.16 -38.97
N LYS I 472 23.79 37.93 -40.14
CA LYS I 472 23.48 36.56 -40.53
C LYS I 472 24.74 35.72 -40.70
N LEU I 473 25.75 36.29 -41.36
CA LEU I 473 27.01 35.56 -41.54
C LEU I 473 27.58 35.16 -40.18
N GLU I 474 27.60 36.09 -39.24
CA GLU I 474 28.06 35.78 -37.89
C GLU I 474 27.23 34.68 -37.28
N ASP I 475 25.90 34.84 -37.30
CA ASP I 475 25.02 33.86 -36.68
C ASP I 475 25.29 32.47 -37.19
N GLU I 476 25.73 32.35 -38.44
CA GLU I 476 26.01 31.03 -38.99
C GLU I 476 26.96 30.24 -38.09
N ASP I 477 28.10 30.83 -37.74
CA ASP I 477 29.12 30.16 -36.94
C ASP I 477 29.13 30.61 -35.48
N PHE I 478 28.16 31.43 -35.09
CA PHE I 478 28.13 31.92 -33.72
C PHE I 478 27.97 30.77 -32.73
N LEU I 479 27.14 29.79 -33.08
CA LEU I 479 26.97 28.64 -32.19
C LEU I 479 28.28 27.87 -32.04
N LYS I 480 29.03 27.72 -33.13
CA LYS I 480 30.33 27.05 -33.04
C LYS I 480 31.28 27.85 -32.17
N LEU I 481 31.27 29.17 -32.28
CA LEU I 481 32.12 29.99 -31.42
C LEU I 481 31.75 29.80 -29.95
N LYS I 482 30.46 29.78 -29.66
CA LYS I 482 30.04 29.53 -28.28
C LYS I 482 30.48 28.15 -27.82
N ALA I 483 30.41 27.17 -28.72
CA ALA I 483 30.90 25.83 -28.38
C ALA I 483 32.39 25.89 -28.04
N LEU I 484 33.17 26.64 -28.81
CA LEU I 484 34.57 26.82 -28.48
C LEU I 484 34.72 27.41 -27.08
N GLU I 485 33.91 28.42 -26.76
CA GLU I 485 33.99 29.01 -25.44
C GLU I 485 33.70 27.98 -24.35
N PHE I 486 32.68 27.16 -24.54
CA PHE I 486 32.30 26.13 -23.58
C PHE I 486 32.94 24.78 -23.89
N SER I 487 34.09 24.79 -24.57
CA SER I 487 34.81 23.57 -24.89
C SER I 487 35.55 23.08 -23.64
N LYS I 488 36.49 22.17 -23.83
CA LYS I 488 37.36 21.73 -22.75
C LYS I 488 38.67 22.52 -22.78
N ASP I 489 39.31 22.60 -21.62
CA ASP I 489 40.58 23.29 -21.49
C ASP I 489 41.72 22.29 -21.50
N ILE I 490 42.87 22.74 -22.01
CA ILE I 490 44.00 21.83 -22.19
C ILE I 490 44.53 21.37 -20.83
N VAL I 491 44.76 22.31 -19.91
CA VAL I 491 45.37 22.03 -18.63
C VAL I 491 44.64 22.75 -17.52
N ASN I 492 44.85 22.29 -16.30
CA ASN I 492 44.33 22.93 -15.10
C ASN I 492 45.51 23.62 -14.41
N GLU I 493 45.64 24.93 -14.64
CA GLU I 493 46.74 25.68 -14.06
C GLU I 493 46.80 25.52 -12.55
N LYS I 494 45.65 25.52 -11.88
CA LYS I 494 45.64 25.37 -10.43
C LYS I 494 46.20 24.02 -10.01
N LEU I 495 45.80 22.95 -10.70
CA LEU I 495 46.32 21.63 -10.36
C LEU I 495 47.82 21.54 -10.62
N GLN I 496 48.27 22.14 -11.72
CA GLN I 496 49.71 22.15 -12.00
C GLN I 496 50.47 22.90 -10.91
N LYS I 497 49.92 24.04 -10.46
CA LYS I 497 50.53 24.77 -9.35
C LYS I 497 50.58 23.91 -8.10
N ILE I 498 49.48 23.20 -7.82
CA ILE I 498 49.46 22.32 -6.66
C ILE I 498 50.59 21.31 -6.75
N ILE I 499 50.70 20.65 -7.89
CA ILE I 499 51.74 19.63 -8.06
C ILE I 499 53.11 20.24 -7.82
N VAL I 500 53.38 21.37 -8.48
CA VAL I 500 54.72 21.95 -8.42
C VAL I 500 55.06 22.35 -7.00
N VAL I 501 54.16 23.09 -6.34
CA VAL I 501 54.46 23.60 -5.01
C VAL I 501 54.57 22.45 -4.01
N THR I 502 53.65 21.49 -4.07
CA THR I 502 53.71 20.37 -3.14
C THR I 502 54.99 19.57 -3.33
N ASP I 503 55.39 19.31 -4.58
CA ASP I 503 56.64 18.60 -4.82
C ASP I 503 57.83 19.37 -4.25
N GLY I 504 57.90 20.66 -4.55
CA GLY I 504 59.03 21.45 -4.08
C GLY I 504 59.11 21.46 -2.56
N MET I 505 57.97 21.63 -1.89
CA MET I 505 57.99 21.76 -0.44
C MET I 505 58.26 20.42 0.22
N LYS I 506 57.72 19.34 -0.34
CA LYS I 506 58.00 18.01 0.20
C LYS I 506 59.48 17.68 0.03
N ARG I 507 60.08 18.08 -1.09
CA ARG I 507 61.53 17.90 -1.24
C ARG I 507 62.30 18.76 -0.23
N LEU I 508 61.88 20.01 -0.04
CA LEU I 508 62.59 20.91 0.86
C LEU I 508 62.57 20.37 2.29
N TYR I 509 61.40 19.93 2.76
CA TYR I 509 61.28 19.37 4.10
C TYR I 509 61.68 17.90 4.17
N GLU I 510 61.93 17.26 3.03
CA GLU I 510 62.42 15.89 2.96
C GLU I 510 61.48 14.91 3.65
N TYR I 511 60.18 15.23 3.73
CA TYR I 511 59.23 14.32 4.35
C TYR I 511 58.87 13.17 3.40
N CYS I 512 58.25 13.51 2.27
CA CYS I 512 57.98 12.55 1.19
C CYS I 512 57.46 11.21 1.72
N ASN I 513 56.76 11.24 2.85
CA ASN I 513 56.26 10.02 3.48
C ASN I 513 54.83 10.24 3.97
N CYS I 514 54.00 10.81 3.11
CA CYS I 514 52.64 11.15 3.49
C CYS I 514 51.78 9.88 3.58
N LYS I 515 52.09 9.02 4.55
CA LYS I 515 51.30 7.82 4.77
C LYS I 515 49.96 8.12 5.41
N ASN I 516 49.83 9.28 6.05
CA ASN I 516 48.59 9.66 6.73
C ASN I 516 47.56 10.09 5.68
N SER I 517 47.03 9.09 4.98
CA SER I 517 46.02 9.37 3.97
C SER I 517 44.82 10.07 4.61
N LEU I 518 43.98 10.67 3.77
CA LEU I 518 42.79 11.36 4.27
C LEU I 518 41.92 10.42 5.09
N GLU I 519 41.97 9.12 4.80
CA GLU I 519 41.20 8.16 5.57
C GLU I 519 41.56 8.18 7.04
N THR I 520 42.75 8.66 7.37
CA THR I 520 43.23 8.72 8.75
C THR I 520 43.63 10.16 9.08
N LEU I 521 44.26 10.32 10.23
CA LEU I 521 44.63 11.62 10.74
C LEU I 521 46.15 11.80 10.77
N PRO I 522 46.65 13.03 10.66
CA PRO I 522 48.11 13.26 10.62
C PRO I 522 48.77 13.17 11.99
N SER I 523 49.10 11.94 12.40
CA SER I 523 49.73 11.73 13.69
C SER I 523 51.05 12.47 13.78
N ALA I 524 51.27 13.14 14.92
CA ALA I 524 52.46 13.96 15.11
C ALA I 524 53.74 13.14 15.06
N ALA I 525 53.65 11.82 15.18
CA ALA I 525 54.83 10.98 15.16
C ALA I 525 55.65 11.21 13.89
N ASN I 526 54.99 11.49 12.77
CA ASN I 526 55.67 11.66 11.50
C ASN I 526 56.06 13.10 11.22
N TYR I 527 55.80 14.01 12.16
CA TYR I 527 56.03 15.43 11.93
C TYR I 527 56.81 16.10 13.05
N GLY I 528 57.15 15.36 14.12
CA GLY I 528 57.92 15.96 15.21
C GLY I 528 59.07 16.81 14.72
N SER I 529 59.97 16.21 13.93
CA SER I 529 61.07 16.98 13.38
C SER I 529 60.58 18.11 12.49
N LEU I 530 59.53 17.83 11.71
CA LEU I 530 58.95 18.88 10.87
C LEU I 530 58.41 20.01 11.72
N LEU I 531 57.88 19.71 12.90
CA LEU I 531 57.47 20.77 13.82
C LEU I 531 58.66 21.64 14.21
N LYS I 532 59.79 21.01 14.54
CA LYS I 532 60.96 21.78 14.93
C LYS I 532 61.43 22.67 13.79
N ARG I 533 61.44 22.13 12.56
CA ARG I 533 61.79 22.95 11.41
C ARG I 533 60.81 24.11 11.26
N LEU I 534 59.52 23.84 11.41
CA LEU I 534 58.50 24.86 11.22
C LEU I 534 58.66 25.99 12.23
N ASN I 535 58.97 25.65 13.47
CA ASN I 535 59.11 26.67 14.51
C ASN I 535 60.15 27.73 14.14
N LEU I 536 60.95 27.49 13.11
CA LEU I 536 61.93 28.47 12.64
C LEU I 536 61.33 29.47 11.67
N TYR I 537 60.02 29.39 11.41
CA TYR I 537 59.38 30.19 10.36
C TYR I 537 58.14 30.88 10.92
N ASN I 538 57.80 32.01 10.31
CA ASN I 538 56.66 32.82 10.74
C ASN I 538 55.41 32.27 10.08
N LEU I 539 54.74 31.33 10.76
CA LEU I 539 53.52 30.73 10.27
C LEU I 539 52.27 31.55 10.57
N ASP I 540 52.44 32.82 10.94
CA ASP I 540 51.30 33.63 11.37
C ASP I 540 50.33 33.93 10.23
N HIS I 541 50.71 33.66 8.98
CA HIS I 541 49.89 34.00 7.84
C HIS I 541 49.01 32.86 7.36
N ILE I 542 48.97 31.75 8.10
CA ILE I 542 48.16 30.61 7.71
C ILE I 542 46.72 30.83 8.18
N GLU I 543 45.77 30.65 7.25
CA GLU I 543 44.37 30.81 7.60
C GLU I 543 43.93 29.70 8.55
N MET I 544 43.33 30.10 9.68
CA MET I 544 42.81 29.11 10.61
C MET I 544 41.65 28.34 10.00
N ASN I 545 40.80 29.02 9.25
CA ASN I 545 39.73 28.32 8.54
C ASN I 545 40.31 27.63 7.31
N VAL I 546 39.53 26.69 6.77
CA VAL I 546 39.90 25.94 5.58
C VAL I 546 38.95 26.35 4.47
N ASN I 547 39.52 26.87 3.37
CA ASN I 547 38.73 27.23 2.19
C ASN I 547 38.53 25.97 1.35
N PHE I 548 37.75 25.04 1.90
CA PHE I 548 37.50 23.76 1.25
C PHE I 548 37.07 23.94 -0.20
N TYR I 549 36.14 24.88 -0.42
CA TYR I 549 35.59 25.07 -1.76
C TYR I 549 36.69 25.45 -2.75
N GLU I 550 37.45 26.49 -2.44
CA GLU I 550 38.51 26.91 -3.34
C GLU I 550 39.55 25.82 -3.49
N LEU I 551 39.88 25.15 -2.39
CA LEU I 551 40.93 24.14 -2.41
C LEU I 551 40.60 23.04 -3.39
N LEU I 552 39.36 22.58 -3.40
CA LEU I 552 38.97 21.49 -4.29
C LEU I 552 38.39 21.98 -5.61
N PHE I 553 38.23 23.29 -5.80
CA PHE I 553 37.63 23.78 -7.04
C PHE I 553 38.31 23.27 -8.31
N PRO I 554 39.64 23.22 -8.39
CA PRO I 554 40.25 22.78 -9.66
C PRO I 554 39.78 21.41 -10.11
N LEU I 555 39.50 20.51 -9.17
CA LEU I 555 39.10 19.14 -9.53
C LEU I 555 37.76 19.12 -10.27
N THR I 556 36.97 20.19 -10.17
CA THR I 556 35.61 20.18 -10.70
C THR I 556 35.56 20.31 -12.22
N LEU I 557 36.67 20.63 -12.87
CA LEU I 557 36.66 20.90 -14.30
C LEU I 557 36.71 19.63 -15.15
N TYR I 558 37.00 18.47 -14.56
CA TYR I 558 37.18 17.24 -15.32
C TYR I 558 35.86 16.47 -15.32
N ASN I 559 34.99 16.84 -16.27
CA ASN I 559 33.72 16.15 -16.43
C ASN I 559 33.90 14.93 -17.31
N ASP I 560 32.79 14.27 -17.63
CA ASP I 560 32.81 13.07 -18.46
C ASP I 560 31.99 13.26 -19.72
N THR I 567 32.21 7.26 -13.74
CA THR I 567 33.55 6.77 -13.45
C THR I 567 34.40 7.88 -12.85
N LEU I 568 34.91 8.76 -13.72
CA LEU I 568 35.75 9.85 -13.26
C LEU I 568 34.99 10.77 -12.31
N SER I 569 33.75 11.11 -12.67
CA SER I 569 32.96 11.97 -11.81
C SER I 569 32.70 11.30 -10.47
N HIS I 570 32.43 10.00 -10.48
CA HIS I 570 32.23 9.27 -9.24
C HIS I 570 33.49 9.33 -8.37
N GLN I 571 34.66 9.15 -8.98
CA GLN I 571 35.91 9.22 -8.23
C GLN I 571 36.12 10.60 -7.65
N LEU I 572 35.82 11.65 -8.42
CA LEU I 572 36.00 13.01 -7.92
C LEU I 572 35.05 13.30 -6.77
N VAL I 573 33.80 12.84 -6.87
CA VAL I 573 32.86 13.00 -5.77
C VAL I 573 33.40 12.28 -4.54
N ASN I 574 33.96 11.09 -4.72
CA ASN I 574 34.56 10.39 -3.61
C ASN I 574 35.69 11.20 -3.00
N TYR I 575 36.51 11.82 -3.84
CA TYR I 575 37.60 12.65 -3.35
C TYR I 575 37.07 13.77 -2.47
N ILE I 576 36.05 14.47 -2.96
CA ILE I 576 35.50 15.60 -2.20
C ILE I 576 34.92 15.11 -0.89
N PHE I 577 34.16 14.01 -0.92
CA PHE I 577 33.57 13.46 0.28
C PHE I 577 34.64 13.10 1.30
N LEU I 578 35.68 12.42 0.86
CA LEU I 578 36.75 12.00 1.76
C LEU I 578 37.46 13.21 2.33
N ALA I 579 37.73 14.23 1.51
CA ALA I 579 38.39 15.42 2.00
C ALA I 579 37.55 16.10 3.06
N SER I 580 36.25 16.22 2.82
CA SER I 580 35.37 16.87 3.79
C SER I 580 35.35 16.10 5.10
N ASN I 581 35.25 14.77 5.03
CA ASN I 581 35.24 13.97 6.24
C ASN I 581 36.55 14.10 7.00
N TYR I 582 37.66 14.09 6.27
CA TYR I 582 38.97 14.24 6.90
C TYR I 582 39.08 15.57 7.62
N PHE I 583 38.63 16.65 6.98
CA PHE I 583 38.66 17.94 7.64
C PHE I 583 37.73 17.96 8.85
N GLN I 584 36.58 17.29 8.75
CA GLN I 584 35.69 17.21 9.91
C GLN I 584 36.41 16.58 11.09
N ASN I 585 37.08 15.45 10.85
CA ASN I 585 37.78 14.77 11.94
C ASN I 585 38.92 15.63 12.48
N CYS I 586 39.67 16.28 11.59
CA CYS I 586 40.75 17.15 12.04
C CYS I 586 40.22 18.27 12.92
N ALA I 587 39.12 18.89 12.52
CA ALA I 587 38.51 19.92 13.36
C ALA I 587 38.09 19.33 14.70
N LYS I 588 37.47 18.16 14.68
CA LYS I 588 37.04 17.53 15.92
C LYS I 588 38.21 17.36 16.88
N ASN I 589 39.37 16.93 16.36
CA ASN I 589 40.50 16.55 17.21
C ASN I 589 41.62 17.58 17.19
N PHE I 590 41.33 18.82 16.80
CA PHE I 590 42.39 19.81 16.67
C PHE I 590 43.17 19.97 17.97
N ASN I 591 42.46 20.09 19.09
CA ASN I 591 43.16 20.24 20.37
C ASN I 591 43.99 19.01 20.70
N TYR I 592 43.44 17.82 20.48
CA TYR I 592 44.21 16.60 20.70
C TYR I 592 45.42 16.54 19.78
N MET I 593 45.23 16.89 18.51
CA MET I 593 46.36 16.96 17.59
C MET I 593 47.37 17.99 18.07
N ARG I 594 46.88 19.14 18.55
CA ARG I 594 47.80 20.17 19.03
C ARG I 594 48.64 19.66 20.19
N GLU I 595 48.03 18.92 21.11
CA GLU I 595 48.78 18.35 22.22
C GLU I 595 49.80 17.32 21.72
N THR I 596 49.39 16.47 20.77
CA THR I 596 50.32 15.48 20.25
C THR I 596 51.53 16.15 19.59
N PHE I 597 51.28 17.22 18.86
CA PHE I 597 52.39 17.95 18.23
C PHE I 597 53.23 18.65 19.29
N ASN I 598 52.59 19.21 20.32
CA ASN I 598 53.30 19.87 21.40
C ASN I 598 54.21 18.91 22.15
N VAL I 599 53.87 17.62 22.13
CA VAL I 599 54.76 16.61 22.71
C VAL I 599 56.20 16.86 22.29
N PHE I 600 56.39 17.36 21.08
CA PHE I 600 57.72 17.65 20.55
C PHE I 600 58.22 19.04 20.92
N GLY I 601 57.43 19.82 21.66
CA GLY I 601 57.90 21.09 22.17
C GLY I 601 56.81 22.14 22.25
N PRO I 602 56.98 23.11 23.16
CA PRO I 602 56.04 24.25 23.26
C PRO I 602 56.34 25.29 22.19
N PHE I 603 56.14 24.90 20.94
CA PHE I 603 56.48 25.77 19.81
C PHE I 603 55.65 27.04 19.85
N LYS I 604 56.27 28.14 19.44
CA LYS I 604 55.66 29.46 19.56
C LYS I 604 54.32 29.51 18.81
N GLN I 605 54.30 29.03 17.58
CA GLN I 605 53.14 29.13 16.70
C GLN I 605 52.40 27.81 16.58
N ILE I 606 52.26 27.09 17.70
CA ILE I 606 51.82 25.70 17.67
C ILE I 606 50.49 25.56 16.91
N ASP I 607 49.57 26.50 17.09
CA ASP I 607 48.29 26.39 16.40
C ASP I 607 48.47 26.47 14.89
N PHE I 608 49.23 27.46 14.43
CA PHE I 608 49.54 27.56 13.01
C PHE I 608 50.23 26.30 12.53
N MET I 609 51.07 25.72 13.38
CA MET I 609 51.78 24.50 13.01
C MET I 609 50.83 23.33 12.82
N VAL I 610 49.85 23.20 13.72
CA VAL I 610 48.87 22.13 13.58
C VAL I 610 48.08 22.30 12.29
N MET I 611 47.62 23.53 12.03
CA MET I 611 46.89 23.78 10.80
C MET I 611 47.75 23.46 9.59
N PHE I 612 49.03 23.85 9.64
CA PHE I 612 49.94 23.58 8.53
C PHE I 612 50.12 22.09 8.30
N VAL I 613 50.28 21.33 9.38
CA VAL I 613 50.49 19.89 9.23
C VAL I 613 49.25 19.25 8.63
N ILE I 614 48.07 19.65 9.11
CA ILE I 614 46.84 19.11 8.54
C ILE I 614 46.78 19.42 7.05
N LYS I 615 47.00 20.68 6.68
CA LYS I 615 46.91 21.07 5.28
C LYS I 615 47.99 20.40 4.44
N PHE I 616 49.14 20.10 5.03
CA PHE I 616 50.23 19.47 4.29
C PHE I 616 49.93 18.01 4.01
N ASN I 617 49.48 17.27 5.04
CA ASN I 617 49.02 15.91 4.82
C ASN I 617 47.90 15.90 3.79
N PHE I 618 47.07 16.93 3.80
CA PHE I 618 46.00 17.05 2.81
C PHE I 618 46.56 17.27 1.42
N LEU I 619 47.54 18.17 1.29
CA LEU I 619 48.13 18.49 0.00
C LEU I 619 48.86 17.30 -0.58
N CYS I 620 49.37 16.40 0.26
CA CYS I 620 50.00 15.20 -0.28
C CYS I 620 49.00 14.41 -1.14
N ASP I 621 47.84 14.10 -0.58
CA ASP I 621 46.83 13.38 -1.33
C ASP I 621 46.25 14.23 -2.45
N MET I 622 46.24 15.55 -2.30
CA MET I 622 45.81 16.39 -3.41
C MET I 622 46.78 16.28 -4.59
N ARG I 623 48.08 16.26 -4.31
CA ARG I 623 49.05 16.03 -5.38
C ARG I 623 48.87 14.65 -5.98
N ASN I 624 48.54 13.66 -5.14
CA ASN I 624 48.27 12.33 -5.67
C ASN I 624 47.11 12.37 -6.66
N PHE I 625 46.00 13.00 -6.28
CA PHE I 625 44.86 13.10 -7.18
C PHE I 625 45.25 13.84 -8.46
N ALA I 626 45.97 14.94 -8.31
CA ALA I 626 46.34 15.74 -9.47
C ALA I 626 47.19 14.92 -10.43
N LYS I 627 48.12 14.13 -9.91
CA LYS I 627 48.89 13.22 -10.76
C LYS I 627 47.97 12.22 -11.45
N LEU I 628 47.02 11.67 -10.70
CA LEU I 628 46.10 10.70 -11.30
C LEU I 628 45.30 11.31 -12.44
N ILE I 629 45.03 12.61 -12.38
CA ILE I 629 44.12 13.27 -13.30
C ILE I 629 44.84 14.15 -14.31
N ASP I 630 46.17 14.26 -14.24
CA ASP I 630 46.89 15.19 -15.10
C ASP I 630 46.65 14.86 -16.57
N GLU I 631 46.69 13.58 -16.92
CA GLU I 631 46.52 13.18 -18.31
C GLU I 631 45.17 13.61 -18.87
N LEU I 632 44.15 13.71 -18.02
CA LEU I 632 42.81 14.01 -18.49
C LEU I 632 42.67 15.50 -18.79
N VAL I 633 41.64 15.82 -19.57
CA VAL I 633 41.45 17.16 -20.11
C VAL I 633 40.41 17.88 -19.24
N PRO I 634 40.76 18.98 -18.57
CA PRO I 634 39.75 19.74 -17.84
C PRO I 634 38.79 20.45 -18.77
N ASN I 635 37.62 20.75 -18.25
CA ASN I 635 36.60 21.47 -18.98
C ASN I 635 36.69 22.97 -18.72
N LYS I 636 36.13 23.75 -19.64
CA LYS I 636 36.13 25.20 -19.46
C LYS I 636 35.41 25.59 -18.18
N GLN I 637 34.38 24.84 -17.79
CA GLN I 637 33.61 25.12 -16.59
C GLN I 637 33.46 23.85 -15.77
N PRO I 638 33.28 23.99 -14.45
CA PRO I 638 33.24 22.81 -13.60
C PRO I 638 32.01 21.96 -13.84
N ASN I 639 32.16 20.66 -13.60
CA ASN I 639 31.00 19.78 -13.58
C ASN I 639 30.03 20.28 -12.53
N MET I 640 28.78 20.49 -12.92
CA MET I 640 27.83 21.16 -12.03
C MET I 640 27.51 20.32 -10.80
N ARG I 641 27.31 19.02 -10.99
CA ARG I 641 26.98 18.16 -9.85
C ARG I 641 28.12 18.14 -8.85
N ILE I 642 29.34 17.92 -9.35
CA ILE I 642 30.51 17.91 -8.47
C ILE I 642 30.67 19.26 -7.80
N HIS I 643 30.38 20.33 -8.53
CA HIS I 643 30.47 21.67 -7.96
C HIS I 643 29.49 21.85 -6.81
N SER I 644 28.26 21.38 -6.99
CA SER I 644 27.27 21.47 -5.92
C SER I 644 27.73 20.69 -4.70
N VAL I 645 28.23 19.47 -4.92
CA VAL I 645 28.73 18.68 -3.81
C VAL I 645 29.85 19.42 -3.09
N LEU I 646 30.76 20.01 -3.86
CA LEU I 646 31.89 20.72 -3.26
C LEU I 646 31.41 21.88 -2.42
N VAL I 647 30.47 22.67 -2.93
CA VAL I 647 29.97 23.81 -2.18
C VAL I 647 29.32 23.34 -0.90
N MET I 648 28.49 22.30 -1.00
CA MET I 648 27.76 21.84 0.17
C MET I 648 28.70 21.34 1.25
N ARG I 649 29.73 20.58 0.86
CA ARG I 649 30.67 20.09 1.86
C ARG I 649 31.54 21.21 2.43
N ASP I 650 31.90 22.18 1.58
CA ASP I 650 32.65 23.33 2.05
C ASP I 650 31.87 24.09 3.11
N LYS I 651 30.55 24.13 2.99
CA LYS I 651 29.75 24.77 4.02
C LYS I 651 30.05 24.17 5.39
N ILE I 652 29.98 22.85 5.50
CA ILE I 652 30.20 22.19 6.78
C ILE I 652 31.63 22.38 7.25
N VAL I 653 32.59 22.25 6.33
CA VAL I 653 33.99 22.38 6.72
C VAL I 653 34.24 23.76 7.31
N LYS I 654 33.76 24.80 6.61
CA LYS I 654 33.94 26.15 7.09
C LYS I 654 33.26 26.36 8.43
N LEU I 655 32.05 25.81 8.59
CA LEU I 655 31.36 25.95 9.87
C LEU I 655 32.20 25.38 11.00
N ALA I 656 32.72 24.16 10.82
CA ALA I 656 33.49 23.53 11.89
C ALA I 656 34.73 24.35 12.22
N PHE I 657 35.51 24.70 11.20
CA PHE I 657 36.78 25.35 11.48
C PHE I 657 36.59 26.80 11.92
N SER I 658 35.44 27.40 11.64
CA SER I 658 35.12 28.71 12.20
C SER I 658 34.68 28.59 13.64
N ASN I 659 33.90 27.56 13.97
CA ASN I 659 33.51 27.35 15.35
C ASN I 659 34.72 27.13 16.24
N LEU I 660 35.74 26.45 15.72
CA LEU I 660 36.94 26.18 16.51
C LEU I 660 37.96 27.30 16.29
N GLN I 661 37.77 28.39 17.03
CA GLN I 661 38.72 29.49 16.98
C GLN I 661 40.04 29.08 17.62
N PHE I 662 41.14 29.59 17.07
CA PHE I 662 42.47 29.21 17.52
C PHE I 662 43.34 30.44 17.77
N GLN I 663 44.64 30.22 17.98
CA GLN I 663 45.58 31.31 18.20
C GLN I 663 46.74 31.22 17.21
N ASN I 673 63.88 33.19 5.14
CA ASN I 673 62.95 32.17 5.61
C ASN I 673 61.52 32.53 5.23
N THR I 674 61.36 33.22 4.11
CA THR I 674 60.04 33.70 3.72
C THR I 674 59.64 33.27 2.32
N LYS I 675 60.59 33.04 1.41
CA LYS I 675 60.22 32.71 0.03
C LYS I 675 59.35 31.45 -0.03
N HIS I 676 59.94 30.30 0.29
CA HIS I 676 59.19 29.05 0.27
C HIS I 676 58.10 29.05 1.32
N LEU I 677 58.37 29.63 2.49
CA LEU I 677 57.37 29.72 3.53
C LEU I 677 56.09 30.35 3.01
N GLN I 678 56.21 31.53 2.39
CA GLN I 678 55.05 32.26 1.93
C GLN I 678 54.40 31.57 0.74
N ARG I 679 55.20 31.00 -0.16
CA ARG I 679 54.60 30.24 -1.26
C ARG I 679 53.71 29.13 -0.72
N LEU I 680 54.23 28.34 0.20
CA LEU I 680 53.45 27.24 0.75
C LEU I 680 52.26 27.75 1.55
N ILE I 681 52.43 28.84 2.28
CA ILE I 681 51.33 29.39 3.06
C ILE I 681 50.21 29.86 2.14
N MET I 682 50.56 30.50 1.02
CA MET I 682 49.56 30.92 0.06
C MET I 682 48.82 29.72 -0.50
N LEU I 683 49.56 28.64 -0.79
CA LEU I 683 48.91 27.40 -1.18
C LEU I 683 47.95 26.92 -0.08
N MET I 684 48.40 26.97 1.17
CA MET I 684 47.56 26.51 2.28
C MET I 684 46.27 27.32 2.35
N ASN I 685 46.38 28.64 2.22
CA ASN I 685 45.24 29.54 2.22
C ASN I 685 44.47 29.48 0.91
N ALA I 686 44.89 28.62 -0.01
CA ALA I 686 44.16 28.33 -1.24
C ALA I 686 44.24 29.48 -2.23
N ASN I 687 45.08 30.48 -1.98
CA ASN I 687 45.28 31.57 -2.92
C ASN I 687 46.06 31.00 -4.10
N TYR I 688 45.32 30.53 -5.10
CA TYR I 688 45.93 29.83 -6.23
C TYR I 688 46.78 30.75 -7.08
N ASN I 689 46.73 32.06 -6.84
CA ASN I 689 47.67 32.99 -7.47
C ASN I 689 49.11 32.75 -7.02
N VAL I 690 49.34 31.78 -6.13
CA VAL I 690 50.69 31.45 -5.72
C VAL I 690 51.55 31.17 -6.94
N ILE I 691 52.84 31.44 -6.81
CA ILE I 691 53.79 31.23 -7.89
C ILE I 691 55.00 30.47 -7.37
N SER J 487 58.47 -29.06 23.21
CA SER J 487 57.11 -28.67 23.51
C SER J 487 56.92 -27.18 23.29
N LYS J 488 56.50 -26.45 24.32
CA LYS J 488 56.41 -25.00 24.19
C LYS J 488 57.77 -24.39 23.92
N ASP J 489 58.86 -25.09 24.28
CA ASP J 489 60.17 -24.68 23.81
C ASP J 489 60.26 -24.78 22.30
N ILE J 490 59.73 -25.86 21.73
CA ILE J 490 59.66 -25.96 20.27
C ILE J 490 58.79 -24.86 19.71
N VAL J 491 57.78 -24.42 20.45
CA VAL J 491 56.92 -23.33 19.98
C VAL J 491 57.69 -22.02 19.99
N ASN J 492 58.51 -21.79 21.01
CA ASN J 492 59.38 -20.62 21.01
C ASN J 492 60.33 -20.67 19.81
N GLU J 493 60.87 -21.85 19.53
CA GLU J 493 61.67 -22.03 18.33
C GLU J 493 60.87 -21.68 17.09
N LYS J 494 59.59 -22.06 17.06
CA LYS J 494 58.73 -21.71 15.93
C LYS J 494 58.61 -20.21 15.79
N LEU J 495 58.43 -19.51 16.90
CA LEU J 495 58.29 -18.06 16.85
C LEU J 495 59.55 -17.41 16.29
N GLN J 496 60.71 -17.78 16.83
CA GLN J 496 61.95 -17.23 16.31
C GLN J 496 62.14 -17.58 14.85
N LYS J 497 61.79 -18.81 14.48
CA LYS J 497 61.92 -19.24 13.10
C LYS J 497 61.03 -18.44 12.17
N ILE J 498 59.79 -18.16 12.58
CA ILE J 498 58.91 -17.40 11.70
C ILE J 498 59.43 -15.99 11.55
N ILE J 499 59.96 -15.40 12.63
CA ILE J 499 60.55 -14.06 12.50
C ILE J 499 61.68 -14.09 11.49
N VAL J 500 62.62 -15.03 11.66
CA VAL J 500 63.79 -15.07 10.81
C VAL J 500 63.42 -15.44 9.38
N VAL J 501 62.43 -16.31 9.22
CA VAL J 501 62.03 -16.79 7.89
C VAL J 501 61.27 -15.71 7.14
N THR J 502 60.48 -14.91 7.85
CA THR J 502 59.90 -13.72 7.24
C THR J 502 61.00 -12.78 6.78
N ASP J 503 61.98 -12.54 7.67
CA ASP J 503 63.12 -11.71 7.29
C ASP J 503 63.80 -12.27 6.06
N GLY J 504 63.87 -13.58 5.95
CA GLY J 504 64.53 -14.24 4.83
C GLY J 504 63.78 -14.08 3.52
N MET J 505 62.52 -14.50 3.46
CA MET J 505 61.80 -14.43 2.20
C MET J 505 61.46 -12.99 1.79
N LYS J 506 61.28 -12.07 2.74
CA LYS J 506 60.97 -10.71 2.35
C LYS J 506 62.09 -10.07 1.52
N ARG J 507 63.24 -10.72 1.41
CA ARG J 507 64.32 -10.28 0.54
C ARG J 507 64.77 -11.34 -0.46
N LEU J 508 64.59 -12.62 -0.16
CA LEU J 508 64.73 -13.64 -1.20
C LEU J 508 63.81 -13.34 -2.36
N TYR J 509 62.63 -12.80 -2.06
CA TYR J 509 61.68 -12.36 -3.07
C TYR J 509 61.38 -10.86 -2.95
N GLU J 510 62.10 -10.16 -2.09
CA GLU J 510 62.14 -8.70 -2.05
C GLU J 510 60.75 -8.08 -2.19
N TYR J 511 59.88 -8.40 -1.22
CA TYR J 511 58.53 -7.84 -1.21
C TYR J 511 58.34 -6.86 -0.06
N CYS J 512 58.45 -7.33 1.18
CA CYS J 512 58.25 -6.50 2.37
C CYS J 512 57.18 -5.43 2.14
N ASN J 513 55.96 -5.84 1.78
CA ASN J 513 54.84 -4.90 1.77
C ASN J 513 54.45 -4.63 3.22
N CYS J 514 55.42 -4.11 3.96
CA CYS J 514 55.38 -4.08 5.41
C CYS J 514 54.58 -2.89 5.94
N LYS J 515 54.14 -1.99 5.05
CA LYS J 515 53.27 -0.89 5.45
C LYS J 515 51.83 -1.33 5.66
N ASN J 516 51.42 -2.46 5.08
CA ASN J 516 50.03 -2.88 5.15
C ASN J 516 49.74 -3.62 6.45
N SER J 517 48.46 -3.80 6.74
CA SER J 517 48.02 -4.43 7.98
C SER J 517 46.72 -5.18 7.71
N LEU J 518 46.06 -5.61 8.79
CA LEU J 518 44.83 -6.37 8.73
C LEU J 518 43.60 -5.47 8.86
N GLU J 519 43.75 -4.17 8.60
CA GLU J 519 42.66 -3.24 8.82
C GLU J 519 41.41 -3.66 8.06
N THR J 520 41.57 -4.21 6.87
CA THR J 520 40.43 -4.60 6.04
C THR J 520 40.95 -5.53 4.94
N LEU J 521 40.07 -5.82 3.99
CA LEU J 521 40.42 -6.71 2.90
C LEU J 521 41.55 -6.10 2.07
N PRO J 522 42.61 -6.85 1.77
CA PRO J 522 43.71 -6.28 0.99
C PRO J 522 43.31 -6.09 -0.47
N SER J 523 44.02 -5.19 -1.14
CA SER J 523 43.76 -4.85 -2.53
C SER J 523 45.01 -5.03 -3.37
N ALA J 524 44.82 -5.53 -4.59
CA ALA J 524 45.94 -5.75 -5.51
C ALA J 524 46.67 -4.46 -5.85
N ALA J 525 46.03 -3.31 -5.62
CA ALA J 525 46.68 -2.03 -5.92
C ALA J 525 47.97 -1.85 -5.14
N ASN J 526 48.12 -2.55 -4.02
CA ASN J 526 49.32 -2.47 -3.21
C ASN J 526 50.28 -3.63 -3.47
N TYR J 527 50.00 -4.46 -4.48
CA TYR J 527 50.82 -5.63 -4.75
C TYR J 527 51.10 -5.84 -6.24
N GLY J 528 50.61 -4.96 -7.11
CA GLY J 528 50.83 -5.07 -8.53
C GLY J 528 52.20 -5.63 -8.91
N SER J 529 53.26 -4.91 -8.57
CA SER J 529 54.61 -5.39 -8.85
C SER J 529 54.90 -6.68 -8.12
N LEU J 530 54.48 -6.77 -6.85
CA LEU J 530 54.64 -8.01 -6.11
C LEU J 530 53.93 -9.16 -6.81
N LEU J 531 52.78 -8.89 -7.41
CA LEU J 531 52.09 -9.92 -8.19
C LEU J 531 52.91 -10.32 -9.40
N LYS J 532 53.53 -9.35 -10.07
CA LYS J 532 54.39 -9.68 -11.20
C LYS J 532 55.51 -10.61 -10.78
N ARG J 533 56.17 -10.29 -9.67
CA ARG J 533 57.25 -11.15 -9.18
C ARG J 533 56.72 -12.53 -8.80
N LEU J 534 55.53 -12.57 -8.19
CA LEU J 534 54.93 -13.85 -7.84
C LEU J 534 54.69 -14.71 -9.08
N ASN J 535 54.25 -14.08 -10.17
CA ASN J 535 53.96 -14.81 -11.39
C ASN J 535 55.18 -15.57 -11.91
N LEU J 536 56.38 -15.16 -11.51
CA LEU J 536 57.60 -15.85 -11.93
C LEU J 536 57.71 -17.25 -11.36
N TYR J 537 56.87 -17.62 -10.38
CA TYR J 537 56.95 -18.91 -9.74
C TYR J 537 55.59 -19.61 -9.81
N ASN J 538 55.63 -20.93 -9.83
CA ASN J 538 54.40 -21.72 -9.75
C ASN J 538 53.91 -21.69 -8.31
N LEU J 539 52.64 -21.33 -8.13
CA LEU J 539 52.10 -20.97 -6.83
C LEU J 539 51.13 -21.99 -6.27
N ASP J 540 51.00 -23.15 -6.91
CA ASP J 540 50.09 -24.17 -6.39
C ASP J 540 50.57 -24.78 -5.08
N HIS J 541 51.81 -24.52 -4.69
CA HIS J 541 52.35 -25.06 -3.43
C HIS J 541 51.89 -24.17 -2.27
N ILE J 542 50.57 -24.19 -2.05
CA ILE J 542 49.95 -23.40 -1.00
C ILE J 542 48.71 -24.13 -0.51
N GLU J 543 48.36 -23.90 0.76
CA GLU J 543 47.25 -24.57 1.41
C GLU J 543 46.02 -23.67 1.39
N MET J 544 44.88 -24.23 1.01
CA MET J 544 43.65 -23.45 0.99
C MET J 544 43.30 -22.92 2.37
N ASN J 545 43.43 -23.76 3.40
CA ASN J 545 43.13 -23.35 4.75
C ASN J 545 44.36 -22.73 5.41
N VAL J 546 44.10 -21.99 6.49
CA VAL J 546 45.16 -21.36 7.28
C VAL J 546 45.15 -22.00 8.66
N ASN J 547 46.33 -22.41 9.11
CA ASN J 547 46.49 -22.93 10.47
C ASN J 547 46.62 -21.75 11.42
N PHE J 548 45.48 -21.09 11.63
CA PHE J 548 45.43 -19.91 12.49
C PHE J 548 45.91 -20.23 13.91
N TYR J 549 45.48 -21.38 14.46
CA TYR J 549 46.07 -21.95 15.67
C TYR J 549 47.58 -21.93 15.76
N GLU J 550 48.26 -22.68 14.89
CA GLU J 550 49.70 -22.81 15.04
C GLU J 550 50.40 -21.52 14.63
N LEU J 551 49.78 -20.77 13.73
CA LEU J 551 50.36 -19.51 13.27
C LEU J 551 50.42 -18.50 14.41
N LEU J 552 49.38 -18.46 15.26
CA LEU J 552 49.31 -17.43 16.28
C LEU J 552 49.67 -17.90 17.68
N PHE J 553 49.65 -19.22 17.94
CA PHE J 553 49.91 -19.68 19.29
C PHE J 553 51.26 -19.23 19.84
N PRO J 554 52.35 -19.22 19.07
CA PRO J 554 53.64 -18.83 19.65
C PRO J 554 53.61 -17.47 20.31
N LEU J 555 52.84 -16.52 19.75
CA LEU J 555 52.77 -15.19 20.37
C LEU J 555 52.19 -15.26 21.78
N THR J 556 51.34 -16.25 22.05
CA THR J 556 50.73 -16.34 23.38
C THR J 556 51.77 -16.53 24.47
N LEU J 557 52.98 -16.95 24.11
CA LEU J 557 54.05 -17.18 25.08
C LEU J 557 54.79 -15.86 25.28
N TYR J 558 54.54 -15.21 26.41
CA TYR J 558 55.20 -13.97 26.76
C TYR J 558 55.13 -13.80 28.27
N ASN J 559 56.00 -12.94 28.80
CA ASN J 559 56.10 -12.75 30.24
C ASN J 559 54.91 -11.93 30.74
N ASP J 560 53.75 -12.57 30.72
CA ASP J 560 52.58 -11.97 31.33
C ASP J 560 52.72 -11.86 32.84
N ASN J 561 53.67 -12.59 33.43
CA ASN J 561 53.88 -12.54 34.87
C ASN J 561 54.48 -11.23 35.32
N ASP J 562 54.91 -10.38 34.39
CA ASP J 562 55.42 -9.05 34.76
C ASP J 562 54.39 -8.28 35.59
N ASN J 563 53.10 -8.54 35.36
CA ASN J 563 52.03 -7.89 36.11
C ASN J 563 52.12 -6.37 36.01
N SER J 564 52.62 -5.89 34.88
CA SER J 564 52.72 -4.47 34.61
C SER J 564 51.86 -4.00 33.45
N ASP J 565 51.66 -4.85 32.43
CA ASP J 565 50.88 -4.49 31.25
C ASP J 565 49.93 -5.64 30.95
N LYS J 566 48.75 -5.61 31.58
CA LYS J 566 47.67 -6.49 31.15
C LYS J 566 47.01 -5.97 29.89
N THR J 567 47.15 -4.68 29.61
CA THR J 567 46.75 -4.17 28.30
C THR J 567 47.54 -4.84 27.19
N LEU J 568 48.72 -5.39 27.49
CA LEU J 568 49.43 -6.18 26.49
C LEU J 568 48.65 -7.43 26.14
N SER J 569 48.15 -8.15 27.15
CA SER J 569 47.34 -9.33 26.87
C SER J 569 46.05 -8.95 26.16
N HIS J 570 45.43 -7.85 26.57
CA HIS J 570 44.23 -7.39 25.90
C HIS J 570 44.53 -7.01 24.45
N GLN J 571 45.69 -6.41 24.21
CA GLN J 571 46.11 -6.10 22.86
C GLN J 571 46.29 -7.37 22.04
N LEU J 572 46.85 -8.42 22.66
CA LEU J 572 46.97 -9.70 21.97
C LEU J 572 45.61 -10.25 21.62
N VAL J 573 44.64 -10.13 22.53
CA VAL J 573 43.29 -10.61 22.25
C VAL J 573 42.70 -9.83 21.08
N ASN J 574 42.86 -8.52 21.08
CA ASN J 574 42.40 -7.72 19.95
C ASN J 574 43.08 -8.17 18.66
N TYR J 575 44.38 -8.40 18.72
CA TYR J 575 45.12 -8.79 17.53
C TYR J 575 44.61 -10.10 16.97
N ILE J 576 44.43 -11.09 17.83
CA ILE J 576 43.96 -12.40 17.37
C ILE J 576 42.55 -12.30 16.82
N PHE J 577 41.67 -11.56 17.49
CA PHE J 577 40.31 -11.43 16.99
C PHE J 577 40.28 -10.74 15.64
N LEU J 578 41.07 -9.67 15.48
CA LEU J 578 41.10 -8.98 14.21
C LEU J 578 41.72 -9.83 13.13
N ALA J 579 42.70 -10.67 13.48
CA ALA J 579 43.24 -11.61 12.52
C ALA J 579 42.16 -12.60 12.06
N SER J 580 41.37 -13.10 13.00
CA SER J 580 40.28 -13.99 12.64
C SER J 580 39.28 -13.30 11.72
N ASN J 581 38.93 -12.06 12.03
CA ASN J 581 38.01 -11.33 11.17
C ASN J 581 38.62 -11.11 9.79
N TYR J 582 39.90 -10.79 9.74
CA TYR J 582 40.57 -10.59 8.45
C TYR J 582 40.51 -11.86 7.62
N PHE J 583 40.83 -12.99 8.23
CA PHE J 583 40.78 -14.26 7.50
C PHE J 583 39.35 -14.58 7.06
N GLN J 584 38.37 -14.34 7.94
CA GLN J 584 36.99 -14.63 7.59
C GLN J 584 36.53 -13.79 6.41
N ASN J 585 36.87 -12.50 6.41
CA ASN J 585 36.49 -11.63 5.30
C ASN J 585 37.22 -12.04 4.03
N CYS J 586 38.50 -12.38 4.14
CA CYS J 586 39.24 -12.83 2.97
C CYS J 586 38.58 -14.06 2.37
N ALA J 587 38.20 -15.02 3.21
CA ALA J 587 37.53 -16.21 2.70
C ALA J 587 36.18 -15.89 2.10
N LYS J 588 35.40 -15.04 2.77
CA LYS J 588 34.06 -14.73 2.27
C LYS J 588 34.12 -14.05 0.91
N ASN J 589 35.05 -13.10 0.74
CA ASN J 589 35.17 -12.34 -0.49
C ASN J 589 36.34 -12.82 -1.35
N PHE J 590 36.75 -14.09 -1.18
CA PHE J 590 37.87 -14.61 -1.95
C PHE J 590 37.63 -14.46 -3.45
N ASN J 591 36.38 -14.69 -3.88
CA ASN J 591 36.06 -14.49 -5.29
C ASN J 591 36.29 -13.04 -5.70
N TYR J 592 35.82 -12.10 -4.89
CA TYR J 592 35.99 -10.69 -5.20
C TYR J 592 37.46 -10.37 -5.41
N MET J 593 38.32 -10.83 -4.49
CA MET J 593 39.75 -10.68 -4.70
C MET J 593 40.19 -11.42 -5.96
N ARG J 594 39.50 -12.50 -6.32
CA ARG J 594 39.86 -13.18 -7.56
C ARG J 594 39.66 -12.27 -8.76
N GLU J 595 38.55 -11.55 -8.83
CA GLU J 595 38.39 -10.59 -9.92
C GLU J 595 39.40 -9.45 -9.80
N THR J 596 39.68 -9.01 -8.59
CA THR J 596 40.67 -7.94 -8.41
C THR J 596 42.01 -8.34 -9.04
N PHE J 597 42.47 -9.54 -8.74
CA PHE J 597 43.75 -9.99 -9.27
C PHE J 597 43.62 -10.50 -10.70
N ASN J 598 42.41 -10.74 -11.18
CA ASN J 598 42.20 -10.91 -12.61
C ASN J 598 42.49 -9.61 -13.35
N VAL J 599 42.01 -8.49 -12.80
CA VAL J 599 42.40 -7.19 -13.34
C VAL J 599 43.91 -7.03 -13.26
N PHE J 600 44.49 -7.39 -12.12
CA PHE J 600 45.94 -7.26 -11.90
C PHE J 600 46.62 -8.59 -12.18
N GLY J 601 47.13 -8.75 -13.40
CA GLY J 601 47.86 -9.93 -13.75
C GLY J 601 46.96 -11.13 -14.00
N PRO J 602 46.18 -11.08 -15.08
CA PRO J 602 45.21 -12.16 -15.33
C PRO J 602 45.87 -13.47 -15.70
N PHE J 603 46.30 -14.22 -14.69
CA PHE J 603 47.00 -15.49 -14.91
C PHE J 603 46.31 -16.60 -14.14
N LYS J 604 46.47 -17.83 -14.65
CA LYS J 604 45.81 -18.98 -14.04
C LYS J 604 46.16 -19.11 -12.56
N GLN J 605 47.38 -18.72 -12.18
CA GLN J 605 47.81 -18.87 -10.80
C GLN J 605 47.13 -17.89 -9.86
N ILE J 606 46.12 -17.14 -10.29
CA ILE J 606 45.50 -16.16 -9.41
C ILE J 606 44.86 -16.84 -8.22
N ASP J 607 44.32 -18.04 -8.40
CA ASP J 607 43.71 -18.75 -7.29
C ASP J 607 44.69 -18.90 -6.13
N PHE J 608 45.98 -19.00 -6.43
CA PHE J 608 47.00 -19.05 -5.40
C PHE J 608 47.56 -17.68 -5.08
N MET J 609 47.58 -16.76 -6.05
CA MET J 609 48.10 -15.43 -5.78
C MET J 609 47.25 -14.71 -4.74
N VAL J 610 45.94 -14.90 -4.78
CA VAL J 610 45.07 -14.27 -3.79
C VAL J 610 45.48 -14.71 -2.39
N MET J 611 45.61 -16.02 -2.19
CA MET J 611 45.98 -16.55 -0.88
C MET J 611 47.39 -16.12 -0.50
N PHE J 612 48.30 -16.07 -1.46
CA PHE J 612 49.66 -15.65 -1.15
C PHE J 612 49.69 -14.20 -0.70
N VAL J 613 48.93 -13.34 -1.35
CA VAL J 613 48.84 -11.95 -0.92
C VAL J 613 48.26 -11.89 0.49
N ILE J 614 47.19 -12.64 0.72
CA ILE J 614 46.56 -12.64 2.05
C ILE J 614 47.58 -13.02 3.11
N LYS J 615 48.24 -14.16 2.90
CA LYS J 615 49.15 -14.69 3.91
C LYS J 615 50.37 -13.79 4.07
N PHE J 616 50.87 -13.22 2.97
CA PHE J 616 52.08 -12.39 3.07
C PHE J 616 51.78 -11.08 3.77
N ASN J 617 50.67 -10.43 3.45
CA ASN J 617 50.28 -9.24 4.19
C ASN J 617 50.08 -9.58 5.66
N PHE J 618 49.44 -10.72 5.93
CA PHE J 618 49.25 -11.13 7.31
C PHE J 618 50.60 -11.30 8.01
N LEU J 619 51.56 -11.93 7.36
CA LEU J 619 52.85 -12.19 7.97
C LEU J 619 53.65 -10.90 8.15
N CYS J 620 53.52 -9.94 7.24
CA CYS J 620 54.11 -8.62 7.48
C CYS J 620 53.51 -8.00 8.72
N ASP J 621 52.19 -8.13 8.89
CA ASP J 621 51.55 -7.64 10.10
C ASP J 621 52.09 -8.38 11.33
N MET J 622 52.33 -9.68 11.20
CA MET J 622 52.89 -10.45 12.31
C MET J 622 54.28 -9.93 12.67
N ARG J 623 55.10 -9.64 11.66
CA ARG J 623 56.43 -9.11 11.92
C ARG J 623 56.35 -7.76 12.63
N ASN J 624 55.44 -6.91 12.19
CA ASN J 624 55.26 -5.62 12.85
C ASN J 624 54.81 -5.81 14.30
N PHE J 625 53.89 -6.75 14.53
CA PHE J 625 53.44 -7.01 15.88
C PHE J 625 54.58 -7.53 16.75
N ALA J 626 55.43 -8.40 16.19
CA ALA J 626 56.60 -8.87 16.91
C ALA J 626 57.51 -7.70 17.27
N LYS J 627 57.73 -6.79 16.33
CA LYS J 627 58.49 -5.58 16.63
C LYS J 627 57.86 -4.83 17.80
N LEU J 628 56.54 -4.69 17.79
CA LEU J 628 55.86 -3.97 18.86
C LEU J 628 56.11 -4.64 20.21
N ILE J 629 55.97 -5.97 20.26
CA ILE J 629 56.11 -6.68 21.52
C ILE J 629 57.58 -6.92 21.82
N ASP J 630 57.87 -7.32 23.05
CA ASP J 630 59.24 -7.56 23.51
C ASP J 630 59.52 -9.06 23.53
N GLU J 631 60.80 -9.40 23.41
CA GLU J 631 61.21 -10.80 23.44
C GLU J 631 61.12 -11.34 24.87
N LEU J 632 59.90 -11.43 25.41
CA LEU J 632 59.67 -11.90 26.76
C LEU J 632 59.07 -13.31 26.75
N VAL J 633 59.47 -14.14 25.80
CA VAL J 633 58.89 -15.46 25.61
C VAL J 633 59.41 -16.39 26.69
N PRO J 634 58.55 -16.97 27.52
CA PRO J 634 59.00 -17.98 28.48
C PRO J 634 59.01 -19.37 27.86
N ASN J 635 59.60 -20.31 28.60
CA ASN J 635 59.57 -21.70 28.17
C ASN J 635 58.14 -22.22 28.13
N LYS J 636 57.34 -21.89 29.13
CA LYS J 636 55.97 -22.38 29.22
C LYS J 636 55.11 -21.35 29.93
N GLN J 637 53.85 -21.24 29.49
CA GLN J 637 52.91 -20.27 30.03
C GLN J 637 51.48 -20.72 29.77
N PRO J 638 50.65 -20.90 30.79
CA PRO J 638 49.23 -21.20 30.56
C PRO J 638 48.34 -19.97 30.60
N ASN J 639 47.39 -19.92 29.67
CA ASN J 639 46.41 -18.83 29.66
C ASN J 639 45.12 -19.34 29.03
N MET J 640 44.18 -19.74 29.90
CA MET J 640 42.95 -20.36 29.44
C MET J 640 42.12 -19.39 28.59
N ARG J 641 42.01 -18.14 29.00
CA ARG J 641 41.17 -17.20 28.26
C ARG J 641 41.68 -17.00 26.84
N ILE J 642 42.97 -16.75 26.69
CA ILE J 642 43.53 -16.56 25.35
C ILE J 642 43.37 -17.82 24.53
N HIS J 643 43.63 -18.99 25.12
CA HIS J 643 43.49 -20.22 24.36
C HIS J 643 42.03 -20.43 23.91
N SER J 644 41.07 -20.10 24.78
CA SER J 644 39.67 -20.25 24.41
C SER J 644 39.32 -19.31 23.25
N VAL J 645 39.77 -18.06 23.32
CA VAL J 645 39.51 -17.12 22.24
C VAL J 645 40.08 -17.66 20.95
N LEU J 646 41.33 -18.14 21.00
CA LEU J 646 41.94 -18.75 19.84
C LEU J 646 41.05 -19.85 19.27
N VAL J 647 40.60 -20.76 20.12
CA VAL J 647 39.82 -21.91 19.65
C VAL J 647 38.56 -21.42 18.95
N MET J 648 37.79 -20.57 19.62
CA MET J 648 36.48 -20.22 19.09
C MET J 648 36.59 -19.40 17.81
N ARG J 649 37.56 -18.47 17.74
CA ARG J 649 37.70 -17.70 16.51
C ARG J 649 38.23 -18.56 15.37
N ASP J 650 39.23 -19.40 15.64
CA ASP J 650 39.80 -20.20 14.59
C ASP J 650 38.81 -21.24 14.07
N LYS J 651 37.87 -21.68 14.89
CA LYS J 651 36.87 -22.61 14.36
C LYS J 651 36.10 -21.94 13.22
N ILE J 652 35.69 -20.70 13.42
CA ILE J 652 35.04 -19.95 12.35
C ILE J 652 35.99 -19.79 11.17
N VAL J 653 37.26 -19.47 11.45
CA VAL J 653 38.21 -19.26 10.38
C VAL J 653 38.33 -20.52 9.51
N LYS J 654 38.50 -21.67 10.15
CA LYS J 654 38.69 -22.92 9.42
C LYS J 654 37.43 -23.28 8.65
N LEU J 655 36.26 -23.09 9.25
CA LEU J 655 35.02 -23.39 8.53
C LEU J 655 34.91 -22.51 7.28
N ALA J 656 35.23 -21.22 7.43
CA ALA J 656 35.15 -20.33 6.28
C ALA J 656 36.11 -20.78 5.18
N PHE J 657 37.35 -21.08 5.55
CA PHE J 657 38.31 -21.52 4.53
C PHE J 657 37.86 -22.80 3.86
N SER J 658 37.36 -23.76 4.66
CA SER J 658 36.87 -25.00 4.09
C SER J 658 35.75 -24.73 3.09
N ASN J 659 34.91 -23.73 3.37
CA ASN J 659 33.80 -23.44 2.48
C ASN J 659 34.24 -23.02 1.08
N LEU J 660 35.53 -22.78 0.87
CA LEU J 660 36.04 -22.40 -0.45
C LEU J 660 36.03 -23.63 -1.34
N GLN J 661 34.86 -23.91 -1.91
CA GLN J 661 34.69 -25.06 -2.78
C GLN J 661 35.14 -24.74 -4.20
N PHE J 662 35.27 -25.79 -5.00
CA PHE J 662 35.66 -25.66 -6.39
C PHE J 662 35.65 -27.03 -7.06
N ILE K 490 45.69 -23.61 -12.69
CA ILE K 490 46.20 -24.92 -12.30
C ILE K 490 45.16 -25.66 -11.48
N VAL K 491 44.54 -26.66 -12.10
CA VAL K 491 43.56 -27.51 -11.44
C VAL K 491 43.92 -28.98 -11.53
N ASN K 492 45.05 -29.33 -12.16
CA ASN K 492 45.41 -30.73 -12.33
C ASN K 492 46.83 -31.00 -11.86
N GLU K 493 47.70 -29.99 -11.92
CA GLU K 493 49.10 -30.21 -11.55
C GLU K 493 49.25 -30.64 -10.10
N LYS K 494 48.22 -30.40 -9.27
CA LYS K 494 48.34 -30.70 -7.85
C LYS K 494 48.58 -32.18 -7.62
N LEU K 495 47.90 -33.05 -8.38
CA LEU K 495 48.03 -34.48 -8.17
C LEU K 495 49.46 -34.95 -8.46
N GLN K 496 49.98 -34.60 -9.64
CA GLN K 496 51.32 -35.04 -9.99
C GLN K 496 52.35 -34.42 -9.06
N LYS K 497 52.14 -33.17 -8.66
CA LYS K 497 53.05 -32.56 -7.70
C LYS K 497 52.98 -33.26 -6.35
N ILE K 498 51.81 -33.75 -5.97
CA ILE K 498 51.70 -34.53 -4.74
C ILE K 498 52.54 -35.79 -4.86
N ILE K 499 52.43 -36.48 -5.99
CA ILE K 499 53.25 -37.68 -6.20
C ILE K 499 54.73 -37.34 -6.09
N VAL K 500 55.14 -36.27 -6.78
CA VAL K 500 56.55 -35.92 -6.83
C VAL K 500 57.07 -35.51 -5.45
N VAL K 501 56.30 -34.71 -4.72
CA VAL K 501 56.75 -34.22 -3.43
C VAL K 501 56.79 -35.37 -2.42
N THR K 502 55.82 -36.28 -2.49
CA THR K 502 55.88 -37.46 -1.62
C THR K 502 57.11 -38.30 -1.92
N ASP K 503 57.41 -38.50 -3.19
CA ASP K 503 58.62 -39.24 -3.56
C ASP K 503 59.87 -38.52 -3.04
N GLY K 504 59.92 -37.20 -3.19
CA GLY K 504 61.09 -36.45 -2.75
C GLY K 504 61.25 -36.48 -1.23
N MET K 505 60.15 -36.44 -0.49
CA MET K 505 60.23 -36.51 0.96
C MET K 505 60.68 -37.89 1.41
N LYS K 506 60.15 -38.94 0.77
CA LYS K 506 60.62 -40.29 1.06
C LYS K 506 62.11 -40.41 0.80
N ARG K 507 62.59 -39.81 -0.29
CA ARG K 507 64.02 -39.77 -0.55
C ARG K 507 64.76 -39.02 0.55
N LEU K 508 64.26 -37.84 0.92
CA LEU K 508 64.96 -36.98 1.86
C LEU K 508 65.16 -37.67 3.20
N TYR K 509 64.14 -38.39 3.66
CA TYR K 509 64.21 -39.07 4.95
C TYR K 509 64.49 -40.56 4.81
N GLU K 510 64.87 -41.01 3.62
CA GLU K 510 65.33 -42.39 3.41
C GLU K 510 64.32 -43.39 3.96
N TYR K 511 63.05 -43.15 3.67
CA TYR K 511 62.01 -44.05 4.13
C TYR K 511 60.83 -43.98 3.17
N CYS K 512 60.40 -45.14 2.68
CA CYS K 512 59.29 -45.26 1.76
C CYS K 512 58.43 -46.45 2.11
N ASN K 513 58.23 -46.70 3.41
CA ASN K 513 57.51 -47.88 3.85
C ASN K 513 56.02 -47.72 3.57
N CYS K 514 55.65 -47.73 2.29
CA CYS K 514 54.23 -47.71 1.92
C CYS K 514 53.58 -49.06 2.10
N LYS K 515 54.36 -50.11 2.36
CA LYS K 515 53.80 -51.46 2.46
C LYS K 515 52.80 -51.57 3.60
N ASN K 516 53.12 -50.99 4.75
CA ASN K 516 52.28 -51.11 5.94
C ASN K 516 51.07 -50.18 5.82
N SER K 517 50.14 -50.59 4.95
CA SER K 517 48.87 -49.88 4.87
C SER K 517 48.15 -49.99 6.20
N LEU K 518 47.48 -48.91 6.59
CA LEU K 518 46.93 -48.77 7.93
C LEU K 518 45.48 -48.34 7.87
N GLU K 519 44.69 -48.83 8.83
CA GLU K 519 43.31 -48.39 8.96
C GLU K 519 42.86 -48.22 10.41
N THR K 520 43.71 -48.48 11.41
CA THR K 520 43.33 -48.34 12.80
C THR K 520 44.09 -47.22 13.51
N LEU K 521 45.41 -47.29 13.56
CA LEU K 521 46.19 -46.29 14.26
C LEU K 521 47.69 -46.49 13.99
N PRO K 522 48.43 -45.42 13.69
CA PRO K 522 49.88 -45.57 13.51
C PRO K 522 50.56 -46.07 14.77
N SER K 523 51.62 -46.86 14.60
CA SER K 523 52.32 -47.45 15.73
C SER K 523 53.82 -47.44 15.51
N ALA K 524 54.55 -47.28 16.62
CA ALA K 524 56.01 -47.41 16.59
C ALA K 524 56.44 -48.80 16.15
N ALA K 525 55.60 -49.81 16.36
CA ALA K 525 55.92 -51.15 15.85
C ALA K 525 56.23 -51.11 14.36
N ASN K 526 55.57 -50.23 13.61
CA ASN K 526 55.85 -50.06 12.20
C ASN K 526 56.79 -48.91 11.90
N TYR K 527 56.72 -47.81 12.64
CA TYR K 527 57.42 -46.59 12.26
C TYR K 527 58.55 -46.23 13.23
N GLY K 528 59.09 -47.20 13.95
CA GLY K 528 60.21 -46.90 14.83
C GLY K 528 61.43 -46.45 14.07
N SER K 529 61.79 -47.17 13.00
CA SER K 529 62.92 -46.74 12.18
C SER K 529 62.66 -45.39 11.53
N LEU K 530 61.39 -45.13 11.18
CA LEU K 530 61.04 -43.81 10.64
C LEU K 530 61.32 -42.72 11.67
N LEU K 531 60.99 -42.96 12.94
CA LEU K 531 61.30 -41.99 13.98
C LEU K 531 62.80 -41.72 14.03
N LYS K 532 63.60 -42.78 13.99
CA LYS K 532 65.04 -42.62 14.05
C LYS K 532 65.54 -41.80 12.86
N ARG K 533 65.03 -42.10 11.67
CA ARG K 533 65.43 -41.34 10.48
C ARG K 533 65.04 -39.88 10.61
N LEU K 534 63.83 -39.62 11.13
CA LEU K 534 63.37 -38.25 11.29
C LEU K 534 64.22 -37.48 12.29
N ASN K 535 64.68 -38.16 13.33
CA ASN K 535 65.50 -37.49 14.34
C ASN K 535 66.74 -36.87 13.73
N LEU K 536 67.16 -37.34 12.54
CA LEU K 536 68.33 -36.79 11.88
C LEU K 536 68.14 -35.31 11.52
N TYR K 537 66.93 -34.93 11.14
CA TYR K 537 66.65 -33.57 10.68
C TYR K 537 65.50 -32.99 11.49
N ASN K 538 65.65 -31.74 11.90
CA ASN K 538 64.63 -31.10 12.73
C ASN K 538 63.32 -30.97 11.96
N LEU K 539 62.23 -31.36 12.61
CA LEU K 539 60.91 -31.38 11.98
C LEU K 539 60.13 -30.09 12.27
N ASP K 540 60.74 -28.94 12.00
CA ASP K 540 60.06 -27.68 12.24
C ASP K 540 58.83 -27.55 11.35
N HIS K 541 58.94 -27.96 10.09
CA HIS K 541 57.85 -27.79 9.12
C HIS K 541 56.85 -28.94 9.27
N ILE K 542 56.10 -28.87 10.36
CA ILE K 542 55.05 -29.84 10.65
C ILE K 542 53.79 -29.07 11.04
N GLU K 543 52.68 -29.39 10.39
CA GLU K 543 51.43 -28.66 10.57
C GLU K 543 50.47 -29.48 11.43
N MET K 544 49.65 -28.79 12.22
CA MET K 544 48.66 -29.42 13.08
C MET K 544 47.37 -29.77 12.35
N ASN K 545 47.39 -29.79 11.02
CA ASN K 545 46.20 -30.08 10.23
C ASN K 545 46.63 -30.75 8.94
N VAL K 546 45.65 -31.14 8.13
CA VAL K 546 45.91 -31.90 6.91
C VAL K 546 45.27 -31.21 5.71
N ASN K 547 44.38 -30.26 5.96
CA ASN K 547 43.64 -29.59 4.89
C ASN K 547 42.88 -30.64 4.07
N PHE K 548 42.16 -31.50 4.79
CA PHE K 548 41.50 -32.68 4.23
C PHE K 548 40.94 -32.45 2.83
N TYR K 549 40.08 -31.44 2.69
CA TYR K 549 39.37 -31.25 1.43
C TYR K 549 40.33 -31.07 0.27
N GLU K 550 41.16 -30.02 0.32
CA GLU K 550 42.08 -29.76 -0.78
C GLU K 550 43.05 -30.91 -0.95
N LEU K 551 43.49 -31.51 0.17
CA LEU K 551 44.42 -32.62 0.10
C LEU K 551 43.88 -33.73 -0.79
N LEU K 552 42.63 -34.11 -0.58
CA LEU K 552 42.05 -35.21 -1.34
C LEU K 552 41.37 -34.75 -2.63
N PHE K 553 41.26 -33.46 -2.85
CA PHE K 553 40.57 -32.97 -4.04
C PHE K 553 41.15 -33.51 -5.35
N PRO K 554 42.46 -33.58 -5.54
CA PRO K 554 42.99 -34.03 -6.83
C PRO K 554 42.50 -35.41 -7.23
N LEU K 555 42.24 -36.29 -6.26
CA LEU K 555 41.80 -37.63 -6.60
C LEU K 555 40.52 -37.62 -7.41
N THR K 556 39.69 -36.59 -7.25
CA THR K 556 38.46 -36.50 -8.02
C THR K 556 38.72 -36.33 -9.50
N LEU K 557 39.88 -35.75 -9.86
CA LEU K 557 40.13 -35.41 -11.25
C LEU K 557 40.04 -36.62 -12.17
N TYR K 558 40.28 -37.82 -11.63
CA TYR K 558 40.30 -39.01 -12.45
C TYR K 558 38.99 -39.21 -13.18
N ASN K 559 39.08 -39.60 -14.46
CA ASN K 559 37.91 -39.87 -15.27
C ASN K 559 37.33 -41.23 -14.88
N ASP K 560 36.06 -41.24 -14.47
CA ASP K 560 35.36 -42.46 -14.11
C ASP K 560 34.10 -42.61 -14.96
N ASN K 561 34.21 -42.34 -16.26
CA ASN K 561 33.05 -42.46 -17.14
C ASN K 561 32.53 -43.90 -17.15
N ASP K 562 33.43 -44.88 -17.22
CA ASP K 562 33.04 -46.28 -17.19
C ASP K 562 32.05 -46.60 -18.30
N LYS K 566 29.84 -47.74 -10.95
CA LYS K 566 31.14 -47.19 -11.33
C LYS K 566 32.16 -47.46 -10.23
N THR K 567 33.43 -47.53 -10.61
CA THR K 567 34.47 -47.90 -9.65
C THR K 567 34.84 -46.72 -8.75
N LEU K 568 35.42 -45.68 -9.34
CA LEU K 568 35.88 -44.55 -8.53
C LEU K 568 34.73 -43.91 -7.77
N SER K 569 33.58 -43.75 -8.43
CA SER K 569 32.44 -43.07 -7.82
C SER K 569 32.17 -43.57 -6.41
N HIS K 570 32.53 -44.81 -6.11
CA HIS K 570 32.29 -45.41 -4.80
C HIS K 570 33.57 -45.68 -4.02
N GLN K 571 34.65 -46.10 -4.70
CA GLN K 571 35.90 -46.34 -4.00
C GLN K 571 36.44 -45.04 -3.40
N LEU K 572 36.34 -43.93 -4.14
CA LEU K 572 36.81 -42.66 -3.61
C LEU K 572 36.03 -42.24 -2.38
N VAL K 573 34.70 -42.41 -2.42
CA VAL K 573 33.88 -42.05 -1.25
C VAL K 573 34.24 -42.93 -0.07
N ASN K 574 34.44 -44.23 -0.32
CA ASN K 574 34.91 -45.12 0.72
C ASN K 574 36.20 -44.58 1.32
N TYR K 575 37.13 -44.16 0.47
CA TYR K 575 38.40 -43.62 0.95
C TYR K 575 38.18 -42.36 1.76
N ILE K 576 37.23 -41.51 1.34
CA ILE K 576 36.98 -40.27 2.06
C ILE K 576 36.53 -40.58 3.48
N PHE K 577 35.55 -41.49 3.61
CA PHE K 577 35.08 -41.84 4.96
C PHE K 577 36.19 -42.51 5.76
N LEU K 578 36.99 -43.35 5.12
CA LEU K 578 38.09 -44.00 5.82
C LEU K 578 39.08 -42.97 6.35
N ALA K 579 39.44 -41.99 5.53
CA ALA K 579 40.36 -40.94 5.98
C ALA K 579 39.74 -40.14 7.10
N SER K 580 38.45 -39.84 7.00
CA SER K 580 37.78 -39.11 8.07
C SER K 580 37.92 -39.87 9.39
N ASN K 581 37.58 -41.15 9.39
CA ASN K 581 37.67 -41.93 10.62
C ASN K 581 39.11 -42.06 11.10
N TYR K 582 40.05 -42.24 10.17
CA TYR K 582 41.46 -42.37 10.54
C TYR K 582 41.94 -41.12 11.25
N PHE K 583 41.65 -39.96 10.69
CA PHE K 583 42.06 -38.71 11.33
C PHE K 583 41.32 -38.51 12.65
N GLN K 584 40.04 -38.90 12.70
CA GLN K 584 39.32 -38.81 13.96
C GLN K 584 40.05 -39.57 15.05
N ASN K 585 40.41 -40.82 14.78
CA ASN K 585 41.10 -41.63 15.77
C ASN K 585 42.47 -41.06 16.09
N CYS K 586 43.21 -40.63 15.07
CA CYS K 586 44.54 -40.07 15.29
C CYS K 586 44.48 -38.88 16.24
N ALA K 587 43.61 -37.92 15.94
CA ALA K 587 43.50 -36.74 16.80
C ALA K 587 42.98 -37.14 18.18
N LYS K 588 42.01 -38.05 18.24
CA LYS K 588 41.41 -38.42 19.51
C LYS K 588 42.43 -39.06 20.44
N ASN K 589 43.36 -39.83 19.88
CA ASN K 589 44.33 -40.57 20.69
C ASN K 589 45.76 -40.09 20.44
N PHE K 590 45.92 -38.84 20.00
CA PHE K 590 47.27 -38.34 19.71
C PHE K 590 48.17 -38.45 20.93
N ASN K 591 47.63 -38.17 22.12
CA ASN K 591 48.44 -38.33 23.33
C ASN K 591 48.89 -39.78 23.49
N TYR K 592 47.99 -40.72 23.26
CA TYR K 592 48.37 -42.13 23.32
C TYR K 592 49.39 -42.46 22.24
N MET K 593 49.17 -41.95 21.03
CA MET K 593 50.12 -42.19 19.96
C MET K 593 51.50 -41.66 20.35
N ARG K 594 51.55 -40.46 20.91
CA ARG K 594 52.84 -39.86 21.21
C ARG K 594 53.52 -40.53 22.39
N GLU K 595 52.76 -40.95 23.41
CA GLU K 595 53.42 -41.69 24.48
C GLU K 595 54.05 -42.95 23.93
N THR K 596 53.33 -43.65 23.04
CA THR K 596 53.89 -44.87 22.46
C THR K 596 55.16 -44.58 21.67
N PHE K 597 55.10 -43.62 20.75
CA PHE K 597 56.27 -43.35 19.92
C PHE K 597 57.44 -42.88 20.76
N ASN K 598 57.16 -42.07 21.80
CA ASN K 598 58.22 -41.62 22.70
C ASN K 598 58.82 -42.79 23.47
N VAL K 599 57.97 -43.70 23.96
CA VAL K 599 58.48 -44.92 24.57
C VAL K 599 59.44 -45.60 23.63
N PHE K 600 59.18 -45.50 22.33
CA PHE K 600 60.17 -45.95 21.35
C PHE K 600 61.19 -44.84 21.21
N GLY K 601 62.21 -44.85 22.07
CA GLY K 601 63.34 -43.96 21.94
C GLY K 601 62.95 -42.49 22.03
N PRO K 602 62.57 -42.04 23.23
CA PRO K 602 62.02 -40.68 23.38
C PRO K 602 62.75 -39.62 22.57
N PHE K 603 62.00 -38.79 21.86
CA PHE K 603 62.56 -37.74 21.01
C PHE K 603 62.09 -36.38 21.52
N LYS K 604 63.00 -35.40 21.48
CA LYS K 604 62.64 -34.04 21.88
C LYS K 604 61.53 -33.48 21.01
N GLN K 605 61.46 -33.94 19.76
CA GLN K 605 60.43 -33.51 18.81
C GLN K 605 59.33 -34.54 18.67
N ILE K 606 58.93 -35.15 19.78
CA ILE K 606 58.00 -36.29 19.73
C ILE K 606 56.71 -35.90 19.03
N ASP K 607 56.18 -34.71 19.31
CA ASP K 607 54.92 -34.30 18.67
C ASP K 607 55.10 -34.18 17.18
N PHE K 608 56.20 -33.54 16.75
CA PHE K 608 56.52 -33.50 15.33
C PHE K 608 56.57 -34.90 14.74
N MET K 609 57.18 -35.83 15.47
CA MET K 609 57.34 -37.19 14.96
C MET K 609 55.99 -37.85 14.77
N VAL K 610 55.10 -37.72 15.76
CA VAL K 610 53.78 -38.35 15.67
C VAL K 610 53.00 -37.75 14.50
N MET K 611 53.01 -36.42 14.39
CA MET K 611 52.30 -35.79 13.29
C MET K 611 52.87 -36.22 11.95
N PHE K 612 54.21 -36.32 11.85
CA PHE K 612 54.81 -36.69 10.58
C PHE K 612 54.49 -38.13 10.23
N VAL K 613 54.45 -39.03 11.22
CA VAL K 613 54.13 -40.41 10.91
C VAL K 613 52.66 -40.53 10.50
N ILE K 614 51.78 -39.76 11.13
CA ILE K 614 50.39 -39.74 10.67
C ILE K 614 50.32 -39.31 9.22
N LYS K 615 50.99 -38.19 8.91
CA LYS K 615 50.99 -37.66 7.55
C LYS K 615 51.58 -38.68 6.57
N PHE K 616 52.69 -39.31 6.96
CA PHE K 616 53.38 -40.23 6.08
C PHE K 616 52.55 -41.48 5.82
N ASN K 617 51.94 -42.05 6.86
CA ASN K 617 51.08 -43.20 6.66
C ASN K 617 49.90 -42.85 5.77
N PHE K 618 49.30 -41.69 6.00
CA PHE K 618 48.19 -41.29 5.14
C PHE K 618 48.65 -41.12 3.71
N LEU K 619 49.84 -40.55 3.50
CA LEU K 619 50.36 -40.37 2.15
C LEU K 619 50.65 -41.73 1.50
N CYS K 620 51.15 -42.68 2.28
CA CYS K 620 51.37 -44.02 1.73
C CYS K 620 50.06 -44.64 1.27
N ASP K 621 49.04 -44.58 2.12
CA ASP K 621 47.74 -45.13 1.72
C ASP K 621 47.20 -44.41 0.51
N MET K 622 47.36 -43.09 0.48
CA MET K 622 46.87 -42.29 -0.65
C MET K 622 47.59 -42.67 -1.93
N ARG K 623 48.91 -42.87 -1.87
CA ARG K 623 49.66 -43.26 -3.06
C ARG K 623 49.27 -44.67 -3.51
N ASN K 624 49.01 -45.57 -2.57
CA ASN K 624 48.53 -46.89 -2.95
C ASN K 624 47.19 -46.80 -3.66
N PHE K 625 46.29 -45.95 -3.16
CA PHE K 625 45.00 -45.75 -3.80
C PHE K 625 45.19 -45.13 -5.19
N ALA K 626 46.13 -44.18 -5.29
CA ALA K 626 46.41 -43.52 -6.55
C ALA K 626 46.94 -44.52 -7.57
N LYS K 627 47.76 -45.47 -7.12
CA LYS K 627 48.20 -46.54 -8.01
C LYS K 627 47.02 -47.43 -8.40
N LEU K 628 46.13 -47.72 -7.44
CA LEU K 628 44.93 -48.49 -7.75
C LEU K 628 44.14 -47.83 -8.86
N ILE K 629 44.13 -46.50 -8.89
CA ILE K 629 43.35 -45.73 -9.85
C ILE K 629 44.25 -45.06 -10.89
N ASP K 630 45.48 -45.54 -11.06
CA ASP K 630 46.37 -44.91 -12.04
C ASP K 630 45.85 -45.09 -13.45
N GLU K 631 45.07 -46.14 -13.68
CA GLU K 631 44.48 -46.37 -15.00
C GLU K 631 43.60 -45.20 -15.43
N LEU K 632 42.80 -44.66 -14.52
CA LEU K 632 41.93 -43.56 -14.89
C LEU K 632 42.75 -42.29 -15.15
N VAL K 633 42.19 -41.41 -15.95
CA VAL K 633 42.88 -40.22 -16.45
C VAL K 633 42.43 -39.03 -15.62
N PRO K 634 43.34 -38.36 -14.89
CA PRO K 634 42.94 -37.13 -14.19
C PRO K 634 42.83 -35.96 -15.16
N ASN K 635 41.80 -35.16 -14.96
CA ASN K 635 41.58 -33.98 -15.80
C ASN K 635 40.55 -33.08 -15.12
N LYS K 636 40.48 -31.85 -15.61
CA LYS K 636 39.54 -30.87 -15.11
C LYS K 636 38.18 -31.04 -15.79
N GLN K 637 37.31 -30.03 -15.68
CA GLN K 637 35.90 -30.14 -16.03
C GLN K 637 35.22 -31.11 -15.06
N PRO K 638 35.24 -30.82 -13.76
CA PRO K 638 34.64 -31.74 -12.79
C PRO K 638 33.18 -31.42 -12.51
N ASN K 639 32.44 -32.49 -12.18
CA ASN K 639 31.08 -32.35 -11.66
C ASN K 639 30.79 -33.63 -10.87
N MET K 640 30.91 -33.54 -9.55
CA MET K 640 30.96 -34.73 -8.70
C MET K 640 29.76 -34.84 -7.78
N ARG K 641 29.49 -33.82 -6.96
CA ARG K 641 28.43 -33.84 -5.97
C ARG K 641 28.82 -34.71 -4.77
N ILE K 642 29.97 -35.38 -4.88
CA ILE K 642 30.56 -36.05 -3.72
C ILE K 642 31.62 -35.19 -3.06
N HIS K 643 32.14 -34.19 -3.76
CA HIS K 643 33.02 -33.23 -3.10
C HIS K 643 32.27 -32.47 -2.01
N SER K 644 30.94 -32.48 -2.03
CA SER K 644 30.20 -31.98 -0.87
C SER K 644 30.45 -32.86 0.36
N VAL K 645 30.41 -34.18 0.18
CA VAL K 645 30.80 -35.08 1.26
C VAL K 645 32.23 -34.82 1.66
N LEU K 646 33.09 -34.55 0.67
CA LEU K 646 34.48 -34.22 0.97
C LEU K 646 34.55 -32.98 1.87
N VAL K 647 33.77 -31.96 1.55
CA VAL K 647 33.76 -30.74 2.36
C VAL K 647 33.29 -31.05 3.77
N MET K 648 32.23 -31.82 3.90
CA MET K 648 31.68 -32.13 5.22
C MET K 648 32.71 -32.87 6.07
N ARG K 649 33.32 -33.91 5.51
CA ARG K 649 34.32 -34.67 6.24
C ARG K 649 35.55 -33.82 6.52
N ASP K 650 35.89 -32.90 5.62
CA ASP K 650 37.01 -32.00 5.88
C ASP K 650 36.71 -31.08 7.05
N LYS K 651 35.49 -30.58 7.14
CA LYS K 651 35.11 -29.78 8.30
C LYS K 651 35.23 -30.59 9.58
N ILE K 652 34.77 -31.84 9.55
CA ILE K 652 34.87 -32.69 10.72
C ILE K 652 36.32 -32.90 11.11
N VAL K 653 37.17 -33.17 10.13
CA VAL K 653 38.59 -33.41 10.40
C VAL K 653 39.25 -32.15 10.96
N LYS K 654 38.88 -30.99 10.40
CA LYS K 654 39.44 -29.74 10.89
C LYS K 654 39.03 -29.49 12.33
N LEU K 655 37.78 -29.78 12.68
CA LEU K 655 37.35 -29.64 14.06
C LEU K 655 38.10 -30.59 14.98
N ALA K 656 38.32 -31.82 14.52
CA ALA K 656 39.08 -32.78 15.32
C ALA K 656 40.49 -32.27 15.59
N PHE K 657 41.17 -31.84 14.53
CA PHE K 657 42.50 -31.25 14.70
C PHE K 657 42.45 -30.03 15.60
N SER K 658 41.34 -29.29 15.55
CA SER K 658 41.20 -28.12 16.40
C SER K 658 41.17 -28.50 17.87
N ASN K 659 40.38 -29.51 18.20
CA ASN K 659 40.35 -30.00 19.58
C ASN K 659 41.71 -30.50 20.00
N LEU K 660 42.40 -31.21 19.10
CA LEU K 660 43.74 -31.70 19.41
C LEU K 660 44.68 -30.55 19.72
N GLN K 661 44.65 -29.51 18.87
CA GLN K 661 45.53 -28.37 19.07
C GLN K 661 45.20 -27.65 20.36
N PHE K 662 43.92 -27.50 20.67
CA PHE K 662 43.54 -26.87 21.92
C PHE K 662 44.09 -27.65 23.10
N GLN K 663 43.97 -28.97 23.06
CA GLN K 663 44.51 -29.78 24.17
C GLN K 663 46.01 -29.54 24.31
N THR K 664 46.74 -29.68 23.20
CA THR K 664 48.20 -29.57 23.26
C THR K 664 48.61 -28.21 23.81
N PHE K 665 47.97 -27.14 23.33
CA PHE K 665 48.36 -25.81 23.75
C PHE K 665 47.97 -25.55 25.19
N SER K 666 46.72 -25.89 25.56
CA SER K 666 46.22 -25.60 26.89
C SER K 666 46.94 -26.40 27.98
N LYS K 667 47.60 -27.50 27.64
CA LYS K 667 48.23 -28.30 28.69
C LYS K 667 49.64 -27.85 29.02
N LYS K 668 50.10 -26.73 28.48
CA LYS K 668 51.41 -26.19 28.85
C LYS K 668 52.52 -27.19 28.62
N MET L 1 6.79 53.40 -14.28
CA MET L 1 8.21 53.00 -14.10
C MET L 1 9.15 53.95 -14.85
N GLU L 2 10.18 54.40 -14.15
CA GLU L 2 11.18 55.29 -14.71
C GLU L 2 12.54 54.61 -14.67
N CYS L 3 13.42 55.01 -15.58
CA CYS L 3 14.78 54.49 -15.62
C CYS L 3 15.77 55.64 -15.69
N PRO L 4 16.96 55.47 -15.13
CA PRO L 4 17.99 56.51 -15.26
C PRO L 4 18.71 56.38 -16.60
N PHE L 5 18.91 57.53 -17.24
CA PHE L 5 19.55 57.54 -18.55
C PHE L 5 20.96 56.97 -18.50
N GLN L 6 21.57 56.92 -17.32
CA GLN L 6 22.95 56.45 -17.21
C GLN L 6 23.10 54.98 -17.56
N ILE L 7 22.01 54.24 -17.65
CA ILE L 7 22.03 52.82 -17.99
C ILE L 7 21.74 52.69 -19.48
N GLN L 8 22.54 51.88 -20.16
CA GLN L 8 22.32 51.54 -21.56
C GLN L 8 22.15 50.04 -21.69
N VAL L 9 21.06 49.62 -22.32
CA VAL L 9 20.67 48.22 -22.40
C VAL L 9 20.80 47.76 -23.85
N CYS L 10 21.47 46.63 -24.03
CA CYS L 10 21.56 45.95 -25.31
C CYS L 10 20.84 44.61 -25.19
N ILE L 11 19.94 44.35 -26.14
CA ILE L 11 19.16 43.12 -26.16
C ILE L 11 19.58 42.32 -27.38
N SER L 12 19.98 41.07 -27.16
CA SER L 12 20.40 40.19 -28.24
C SER L 12 20.26 38.76 -27.76
N ASP L 13 19.72 37.91 -28.62
CA ASP L 13 19.65 36.49 -28.28
C ASP L 13 21.03 35.94 -27.96
N ARG L 14 22.07 36.48 -28.62
CA ARG L 14 23.42 36.03 -28.36
C ARG L 14 23.76 36.12 -26.88
N PHE L 15 23.15 37.08 -26.19
CA PHE L 15 23.48 37.31 -24.79
C PHE L 15 23.10 36.15 -23.90
N PHE L 16 22.54 35.07 -24.45
CA PHE L 16 22.41 33.86 -23.64
C PHE L 16 23.78 33.44 -23.13
N ALA L 17 24.83 33.76 -23.87
CA ALA L 17 26.20 33.66 -23.41
C ALA L 17 26.74 35.07 -23.23
N PHE L 18 27.53 35.28 -22.17
CA PHE L 18 27.94 36.63 -21.84
C PHE L 18 28.81 37.21 -22.93
N PRO L 19 28.57 38.45 -23.37
CA PRO L 19 29.40 39.08 -24.42
C PRO L 19 30.65 39.74 -23.86
N HIS L 20 31.68 38.93 -23.62
CA HIS L 20 32.91 39.45 -23.04
C HIS L 20 33.53 40.54 -23.91
N ASN L 21 33.50 40.34 -25.23
CA ASN L 21 34.14 41.30 -26.12
C ASN L 21 33.52 42.68 -26.01
N LEU L 22 32.20 42.76 -25.82
CA LEU L 22 31.51 44.03 -25.85
C LEU L 22 31.78 44.88 -24.62
N VAL L 23 32.28 44.29 -23.53
CA VAL L 23 32.56 45.06 -22.32
C VAL L 23 33.71 46.02 -22.60
N GLU L 24 33.62 47.23 -22.05
CA GLU L 24 34.65 48.23 -22.23
C GLU L 24 34.68 49.15 -21.02
N PRO L 25 35.86 49.59 -20.58
CA PRO L 25 35.91 50.51 -19.43
C PRO L 25 35.16 51.79 -19.72
N GLN L 26 34.52 52.33 -18.68
CA GLN L 26 33.83 53.60 -18.75
C GLN L 26 34.71 54.70 -18.16
N SER L 27 34.49 55.91 -18.63
CA SER L 27 35.26 57.07 -18.20
C SER L 27 34.46 57.90 -17.20
N ASP L 28 35.17 58.56 -16.30
CA ASP L 28 34.56 59.39 -15.28
C ASP L 28 34.29 60.78 -15.84
N VAL L 29 33.97 61.73 -14.96
CA VAL L 29 33.86 63.12 -15.39
C VAL L 29 35.20 63.62 -15.91
N GLY L 30 36.29 63.18 -15.29
CA GLY L 30 37.63 63.53 -15.71
C GLY L 30 38.12 62.79 -16.93
N ASN L 31 37.26 61.98 -17.55
CA ASN L 31 37.62 61.22 -18.75
C ASN L 31 38.71 60.21 -18.44
N LYS L 32 38.76 59.72 -17.21
CA LYS L 32 39.70 58.70 -16.79
C LYS L 32 38.99 57.35 -16.80
N LEU L 33 39.46 56.45 -17.65
CA LEU L 33 38.85 55.13 -17.72
C LEU L 33 39.06 54.37 -16.42
N ILE L 34 38.07 53.56 -16.06
CA ILE L 34 38.07 52.83 -14.80
C ILE L 34 38.52 51.40 -15.09
N GLU L 35 39.59 50.98 -14.44
CA GLU L 35 40.16 49.65 -14.68
C GLU L 35 39.48 48.57 -13.85
N ASN L 36 38.51 48.92 -13.02
CA ASN L 36 37.77 47.95 -12.22
C ASN L 36 36.45 47.64 -12.89
N LEU L 37 36.12 46.36 -12.99
CA LEU L 37 34.89 45.91 -13.64
C LEU L 37 34.09 45.07 -12.66
N ILE L 38 32.79 45.34 -12.59
CA ILE L 38 31.87 44.57 -11.75
C ILE L 38 30.77 44.02 -12.65
N VAL L 39 30.65 42.69 -12.69
CA VAL L 39 29.66 42.00 -13.51
C VAL L 39 28.59 41.47 -12.58
N TYR L 40 27.33 41.74 -12.92
CA TYR L 40 26.19 41.33 -12.13
C TYR L 40 25.44 40.23 -12.88
N VAL L 41 25.07 39.18 -12.17
CA VAL L 41 24.42 38.03 -12.79
C VAL L 41 23.17 37.69 -11.97
N PRO L 42 22.20 37.02 -12.59
CA PRO L 42 20.95 36.76 -11.88
C PRO L 42 21.08 35.68 -10.81
N THR L 43 21.99 34.73 -11.00
CA THR L 43 22.18 33.65 -10.04
C THR L 43 23.66 33.42 -9.82
N ASP L 44 23.97 32.85 -8.64
CA ASP L 44 25.36 32.62 -8.28
C ASP L 44 26.04 31.71 -9.29
N ASP L 45 25.36 30.66 -9.72
CA ASP L 45 25.96 29.72 -10.66
C ASP L 45 26.45 30.43 -11.91
N ASP L 46 25.78 31.52 -12.30
CA ASP L 46 26.19 32.24 -13.51
C ASP L 46 27.64 32.65 -13.44
N ARG L 47 28.15 32.92 -12.24
CA ARG L 47 29.53 33.39 -12.10
C ARG L 47 30.50 32.48 -12.83
N LEU L 48 30.24 31.17 -12.79
CA LEU L 48 31.17 30.22 -13.36
C LEU L 48 31.32 30.39 -14.87
N TYR L 49 30.39 31.07 -15.52
CA TYR L 49 30.44 31.28 -16.95
C TYR L 49 30.99 32.66 -17.31
N ILE L 50 31.57 33.37 -16.37
CA ILE L 50 32.24 34.65 -16.62
C ILE L 50 33.73 34.39 -16.49
N ASP L 51 34.45 34.55 -17.61
CA ASP L 51 35.89 34.35 -17.64
C ASP L 51 36.56 35.71 -17.41
N LYS L 52 37.14 35.88 -16.22
CA LYS L 52 37.81 37.14 -15.92
C LYS L 52 38.97 37.40 -16.86
N LYS L 53 39.61 36.35 -17.37
CA LYS L 53 40.75 36.52 -18.25
C LYS L 53 40.37 37.18 -19.57
N GLN L 54 39.09 37.23 -19.90
CA GLN L 54 38.63 37.82 -21.15
C GLN L 54 38.38 39.32 -21.04
N PHE L 55 39.05 39.99 -20.10
CA PHE L 55 38.87 41.43 -19.88
C PHE L 55 40.24 42.09 -19.80
N PRO L 56 41.00 42.08 -20.90
CA PRO L 56 42.30 42.74 -20.87
C PRO L 56 42.21 44.23 -20.57
N LYS L 57 41.14 44.89 -21.01
CA LYS L 57 41.03 46.33 -20.80
C LYS L 57 41.02 46.69 -19.33
N PHE L 58 40.64 45.76 -18.46
CA PHE L 58 40.50 46.04 -17.04
C PHE L 58 41.64 45.38 -16.25
N ASN L 59 41.88 45.92 -15.06
CA ASN L 59 42.90 45.39 -14.17
C ASN L 59 42.34 44.53 -13.06
N SER L 60 41.12 44.80 -12.62
CA SER L 60 40.46 44.01 -11.60
C SER L 60 39.04 43.72 -12.05
N VAL L 61 38.60 42.47 -11.88
CA VAL L 61 37.26 42.06 -12.28
C VAL L 61 36.63 41.30 -11.14
N LEU L 62 35.39 41.66 -10.80
CA LEU L 62 34.63 40.99 -9.77
C LEU L 62 33.25 40.67 -10.33
N VAL L 63 32.65 39.59 -9.82
CA VAL L 63 31.34 39.16 -10.27
C VAL L 63 30.48 38.89 -9.05
N TYR L 64 29.23 39.33 -9.11
CA TYR L 64 28.31 39.19 -8.00
C TYR L 64 26.92 38.89 -8.52
N ARG L 65 26.10 38.31 -7.65
CA ARG L 65 24.71 38.05 -7.98
C ARG L 65 23.90 39.31 -7.67
N HIS L 66 23.40 39.95 -8.71
CA HIS L 66 22.53 41.10 -8.54
C HIS L 66 21.35 40.72 -7.64
N GLU L 67 21.10 41.55 -6.64
CA GLU L 67 20.02 41.31 -5.70
C GLU L 67 19.29 42.60 -5.42
N HIS L 68 17.97 42.54 -5.36
CA HIS L 68 17.17 43.71 -5.09
C HIS L 68 17.58 44.34 -3.77
N ASP L 69 18.11 45.56 -3.82
CA ASP L 69 18.46 46.31 -2.61
C ASP L 69 17.25 47.15 -2.24
N VAL L 70 16.45 46.66 -1.30
CA VAL L 70 15.22 47.35 -0.92
C VAL L 70 15.50 48.75 -0.41
N ASN L 71 16.72 49.05 -0.02
CA ASN L 71 17.06 50.34 0.56
C ASN L 71 17.35 51.41 -0.47
N ILE L 72 17.32 51.07 -1.75
CA ILE L 72 17.63 52.02 -2.82
C ILE L 72 16.48 52.06 -3.80
N ASP L 73 16.00 53.25 -4.11
CA ASP L 73 14.95 53.43 -5.11
C ASP L 73 15.57 53.36 -6.50
N SER L 74 15.05 52.44 -7.33
CA SER L 74 15.57 52.32 -8.68
C SER L 74 15.42 53.59 -9.47
N ARG L 75 14.49 54.46 -9.10
CA ARG L 75 14.34 55.74 -9.79
C ARG L 75 15.60 56.57 -9.70
N SER L 76 16.45 56.33 -8.71
CA SER L 76 17.70 57.07 -8.56
C SER L 76 18.71 56.17 -7.87
N PRO L 77 19.28 55.22 -8.59
CA PRO L 77 20.21 54.28 -7.97
C PRO L 77 21.50 54.97 -7.55
N LYS L 78 22.14 54.39 -6.54
CA LYS L 78 23.43 54.90 -6.11
C LYS L 78 24.46 54.71 -7.20
N LYS L 79 25.40 55.64 -7.27
CA LYS L 79 26.48 55.59 -8.25
C LYS L 79 27.78 55.21 -7.58
N THR L 80 28.60 54.43 -8.29
CA THR L 80 29.92 54.00 -7.81
C THR L 80 30.91 54.35 -8.91
N ALA L 81 31.51 55.54 -8.81
CA ALA L 81 32.45 55.98 -9.84
C ALA L 81 33.72 55.15 -9.86
N SER L 82 33.95 54.31 -8.84
CA SER L 82 35.19 53.56 -8.76
C SER L 82 35.23 52.34 -9.68
N ALA L 83 34.11 51.95 -10.29
CA ALA L 83 34.10 50.75 -11.11
C ALA L 83 33.12 50.90 -12.26
N THR L 84 33.40 50.15 -13.33
CA THR L 84 32.51 50.03 -14.47
C THR L 84 31.54 48.89 -14.20
N ILE L 85 30.24 49.17 -14.32
CA ILE L 85 29.19 48.25 -13.92
C ILE L 85 28.52 47.67 -15.16
N VAL L 86 28.44 46.35 -15.21
CA VAL L 86 27.78 45.64 -16.29
C VAL L 86 26.81 44.65 -15.66
N TYR L 87 25.58 44.62 -16.18
CA TYR L 87 24.56 43.68 -15.74
C TYR L 87 24.26 42.72 -16.88
N TRP L 88 24.23 41.43 -16.57
CA TRP L 88 23.94 40.39 -17.55
C TRP L 88 22.63 39.74 -17.16
N ASN L 89 21.65 39.78 -18.07
CA ASN L 89 20.34 39.19 -17.86
C ASN L 89 19.77 39.56 -16.49
N PRO L 90 19.73 40.85 -16.14
CA PRO L 90 19.18 41.24 -14.85
C PRO L 90 17.71 40.84 -14.73
N LEU L 91 17.34 40.39 -13.53
CA LEU L 91 15.97 40.03 -13.24
C LEU L 91 15.31 40.94 -12.20
N VAL L 92 16.09 41.77 -11.51
CA VAL L 92 15.56 42.67 -10.50
C VAL L 92 16.10 44.07 -10.77
N PRO L 93 15.43 45.10 -10.25
CA PRO L 93 15.81 46.47 -10.62
C PRO L 93 17.27 46.73 -10.29
N ILE L 94 17.92 47.48 -11.18
CA ILE L 94 19.30 47.90 -10.97
C ILE L 94 19.30 49.04 -9.98
N THR L 95 19.91 48.81 -8.82
CA THR L 95 20.02 49.83 -7.77
C THR L 95 21.38 50.49 -7.74
N GLU L 96 22.32 50.05 -8.58
CA GLU L 96 23.66 50.59 -8.60
C GLU L 96 24.08 50.85 -10.04
N ILE L 97 24.86 51.91 -10.24
CA ILE L 97 25.36 52.27 -11.55
C ILE L 97 26.85 52.59 -11.44
N GLY L 98 27.58 52.39 -12.54
CA GLY L 98 29.00 52.60 -12.58
C GLY L 98 29.37 53.96 -13.16
N ALA L 99 30.67 54.14 -13.35
CA ALA L 99 31.17 55.35 -13.98
C ALA L 99 30.70 55.39 -15.43
N GLY L 100 30.55 56.61 -15.95
CA GLY L 100 30.08 56.74 -17.31
C GLY L 100 28.71 56.12 -17.46
N GLU L 101 28.58 55.21 -18.41
CA GLU L 101 27.32 54.53 -18.70
C GLU L 101 27.38 53.10 -18.18
N THR L 102 26.38 52.73 -17.39
CA THR L 102 26.27 51.37 -16.88
C THR L 102 25.71 50.48 -17.98
N ARG L 103 26.46 49.45 -18.35
CA ARG L 103 26.09 48.63 -19.49
C ARG L 103 25.24 47.46 -19.04
N VAL L 104 24.29 47.07 -19.88
CA VAL L 104 23.42 45.93 -19.61
C VAL L 104 23.31 45.10 -20.88
N PHE L 105 23.43 43.79 -20.74
CA PHE L 105 23.18 42.85 -21.82
C PHE L 105 22.11 41.87 -21.36
N SER L 106 21.08 41.67 -22.18
CA SER L 106 20.02 40.78 -21.77
C SER L 106 19.38 40.08 -22.96
N VAL L 107 19.05 38.81 -22.78
CA VAL L 107 18.17 38.12 -23.71
C VAL L 107 16.71 38.41 -23.42
N LEU L 108 16.39 38.78 -22.18
CA LEU L 108 15.05 39.18 -21.81
C LEU L 108 14.94 40.70 -21.83
N LEU L 109 13.70 41.16 -21.98
CA LEU L 109 13.38 42.59 -21.94
C LEU L 109 12.16 42.74 -21.04
N THR L 110 12.41 42.83 -19.74
CA THR L 110 11.33 43.00 -18.77
C THR L 110 10.96 44.48 -18.68
N ASN L 111 9.88 44.76 -17.94
CA ASN L 111 9.46 46.15 -17.80
C ASN L 111 10.58 47.02 -17.25
N ASN L 112 11.38 46.47 -16.33
CA ASN L 112 12.45 47.26 -15.73
C ASN L 112 13.33 47.90 -16.79
N LEU L 113 13.73 47.13 -17.78
CA LEU L 113 14.55 47.65 -18.87
C LEU L 113 13.71 48.24 -20.00
N PHE L 114 12.42 47.98 -20.01
CA PHE L 114 11.58 48.42 -21.12
C PHE L 114 11.59 49.94 -21.25
N TYR L 115 11.51 50.65 -20.14
CA TYR L 115 11.53 52.10 -20.17
C TYR L 115 12.94 52.66 -20.25
N CYS L 116 13.95 51.80 -20.21
CA CYS L 116 15.32 52.27 -20.31
C CYS L 116 15.52 53.05 -21.61
N ASN L 117 16.14 54.22 -21.49
CA ASN L 117 16.28 55.11 -22.63
C ASN L 117 17.08 54.46 -23.75
N THR L 118 18.35 54.18 -23.49
CA THR L 118 19.24 53.62 -24.50
C THR L 118 18.93 52.13 -24.64
N MET L 119 18.36 51.75 -25.78
CA MET L 119 17.97 50.37 -26.04
C MET L 119 18.56 49.95 -27.38
N ILE L 120 19.50 49.02 -27.35
CA ILE L 120 20.13 48.48 -28.56
C ILE L 120 19.61 47.06 -28.74
N VAL L 121 18.93 46.83 -29.85
CA VAL L 121 18.30 45.54 -30.14
C VAL L 121 19.05 44.90 -31.30
N HIS L 122 19.63 43.74 -31.05
CA HIS L 122 20.28 42.97 -32.10
C HIS L 122 19.23 42.11 -32.81
N HIS L 123 19.28 42.09 -34.13
CA HIS L 123 18.32 41.35 -34.94
C HIS L 123 18.94 40.05 -35.42
N GLU L 124 18.11 39.00 -35.48
CA GLU L 124 18.56 37.69 -35.92
C GLU L 124 17.52 37.12 -36.88
N ASN L 125 17.99 36.25 -37.78
CA ASN L 125 17.07 35.52 -38.63
C ASN L 125 16.36 34.45 -37.82
N PRO L 126 15.03 34.42 -37.80
CA PRO L 126 14.33 33.47 -36.93
C PRO L 126 14.66 32.03 -37.27
N LYS L 127 14.57 31.17 -36.26
CA LYS L 127 14.77 29.73 -36.44
C LYS L 127 14.04 29.04 -35.29
N CYS L 128 12.94 28.43 -35.59
CA CYS L 128 12.03 28.05 -34.51
C CYS L 128 12.33 26.65 -34.00
N PRO L 129 12.05 26.40 -32.72
CA PRO L 129 12.16 25.04 -32.19
C PRO L 129 10.85 24.30 -32.37
N ILE L 130 10.77 23.07 -31.86
CA ILE L 130 9.59 22.23 -32.02
C ILE L 130 9.04 21.93 -30.62
N GLU L 131 7.79 22.32 -30.38
CA GLU L 131 7.09 21.87 -29.19
C GLU L 131 6.69 20.41 -29.38
N PHE L 132 7.05 19.57 -28.42
CA PHE L 132 6.88 18.12 -28.54
C PHE L 132 6.25 17.55 -27.28
N THR L 133 5.17 18.18 -26.83
CA THR L 133 4.46 17.71 -25.65
C THR L 133 4.17 16.23 -25.76
N TYR L 134 4.76 15.44 -24.87
CA TYR L 134 4.59 13.99 -24.89
C TYR L 134 5.12 13.42 -23.58
N PRO L 135 4.41 12.48 -22.94
CA PRO L 135 4.92 11.90 -21.69
C PRO L 135 6.31 11.29 -21.86
N ASN L 162 13.33 8.49 -24.68
CA ASN L 162 14.69 8.73 -25.17
C ASN L 162 15.03 10.22 -25.07
N LEU L 163 14.28 10.94 -24.25
CA LEU L 163 14.52 12.36 -24.07
C LEU L 163 15.81 12.60 -23.29
N ARG L 164 16.41 13.76 -23.49
CA ARG L 164 17.65 14.14 -22.82
C ARG L 164 17.33 15.20 -21.77
N PRO L 165 17.40 14.90 -20.48
CA PRO L 165 17.06 15.92 -19.49
C PRO L 165 18.06 17.08 -19.51
N ILE L 166 17.53 18.28 -19.27
CA ILE L 166 18.31 19.52 -19.29
C ILE L 166 17.94 20.32 -18.05
N ALA L 167 18.94 20.62 -17.22
CA ALA L 167 18.78 21.50 -16.07
C ALA L 167 18.70 22.93 -16.59
N CYS L 168 17.47 23.39 -16.78
CA CYS L 168 17.25 24.69 -17.42
C CYS L 168 17.96 25.81 -16.68
N GLU L 169 18.13 25.68 -15.36
CA GLU L 169 18.79 26.73 -14.60
C GLU L 169 20.22 26.96 -15.07
N ILE L 170 20.83 25.98 -15.72
CA ILE L 170 22.23 26.05 -16.12
C ILE L 170 22.37 25.57 -17.55
N PRO L 171 21.76 26.24 -18.52
CA PRO L 171 21.80 25.72 -19.90
C PRO L 171 23.21 25.58 -20.44
N LEU L 172 24.09 26.52 -20.11
CA LEU L 172 25.43 26.50 -20.68
C LEU L 172 26.16 25.22 -20.31
N SER L 173 25.84 24.63 -19.17
CA SER L 173 26.41 23.33 -18.83
C SER L 173 26.01 22.28 -19.86
N HIS L 174 24.75 22.28 -20.26
CA HIS L 174 24.25 21.35 -21.27
C HIS L 174 24.45 21.87 -22.68
N PHE L 175 25.22 22.96 -22.84
CA PHE L 175 25.32 23.62 -24.14
C PHE L 175 25.62 22.63 -25.25
N LYS L 176 26.59 21.73 -25.03
CA LYS L 176 26.97 20.78 -26.08
C LYS L 176 25.77 19.95 -26.50
N GLU L 177 25.07 19.35 -25.54
CA GLU L 177 23.87 18.59 -25.87
C GLU L 177 22.83 19.49 -26.54
N LEU L 178 22.65 20.70 -26.04
CA LEU L 178 21.64 21.58 -26.63
C LEU L 178 21.95 21.87 -28.09
N VAL L 179 23.23 21.95 -28.46
CA VAL L 179 23.61 22.23 -29.84
C VAL L 179 23.77 20.97 -30.67
N GLU L 180 23.67 19.78 -30.06
CA GLU L 180 23.83 18.54 -30.80
C GLU L 180 22.54 17.73 -30.91
N SER L 181 21.94 17.35 -29.78
CA SER L 181 20.78 16.48 -29.80
C SER L 181 19.55 17.25 -30.27
N ASN L 182 18.41 16.56 -30.35
CA ASN L 182 17.18 17.18 -30.80
C ASN L 182 15.95 16.75 -30.00
N ASP L 183 16.10 16.15 -28.82
CA ASP L 183 14.96 15.77 -28.01
C ASP L 183 15.30 16.03 -26.55
N PHE L 184 14.78 17.12 -25.99
CA PHE L 184 15.19 17.59 -24.67
C PHE L 184 14.02 17.62 -23.70
N LEU L 185 14.29 17.15 -22.48
CA LEU L 185 13.33 17.22 -21.37
C LEU L 185 13.78 18.35 -20.45
N LEU L 186 13.07 19.46 -20.49
CA LEU L 186 13.42 20.66 -19.75
C LEU L 186 12.93 20.53 -18.31
N CYS L 187 13.87 20.49 -17.36
CA CYS L 187 13.55 20.31 -15.96
C CYS L 187 13.97 21.53 -15.16
N PHE L 188 13.34 21.70 -14.00
CA PHE L 188 13.64 22.82 -13.10
C PHE L 188 13.73 22.32 -11.67
N ASN L 189 14.60 22.95 -10.89
CA ASN L 189 14.64 22.68 -9.46
C ASN L 189 13.34 23.14 -8.82
N LEU L 190 12.94 22.45 -7.75
CA LEU L 190 11.64 22.69 -7.15
C LEU L 190 11.49 24.15 -6.75
N GLU L 191 12.51 24.72 -6.13
CA GLU L 191 12.44 26.06 -5.58
C GLU L 191 12.90 27.14 -6.56
N THR L 192 13.09 26.79 -7.82
CA THR L 192 13.49 27.78 -8.81
C THR L 192 12.44 28.89 -8.90
N SER L 193 12.90 30.12 -9.05
CA SER L 193 11.99 31.25 -9.10
C SER L 193 11.39 31.39 -10.50
N THR L 194 10.27 32.12 -10.57
CA THR L 194 9.58 32.31 -11.83
C THR L 194 10.45 33.06 -12.83
N MET L 195 11.11 34.13 -12.39
CA MET L 195 11.95 34.90 -13.29
C MET L 195 13.14 34.07 -13.75
N VAL L 196 13.71 33.26 -12.86
CA VAL L 196 14.78 32.36 -13.27
C VAL L 196 14.28 31.41 -14.35
N LYS L 197 13.08 30.86 -14.17
CA LYS L 197 12.53 29.97 -15.19
C LYS L 197 12.41 30.69 -16.52
N ILE L 198 11.88 31.92 -16.48
CA ILE L 198 11.67 32.66 -17.72
C ILE L 198 12.99 32.90 -18.43
N LEU L 199 14.01 33.32 -17.67
CA LEU L 199 15.31 33.57 -18.27
C LEU L 199 15.91 32.30 -18.86
N SER L 200 15.79 31.19 -18.13
CA SER L 200 16.32 29.93 -18.64
C SER L 200 15.66 29.54 -19.95
N LEU L 201 14.32 29.65 -20.00
CA LEU L 201 13.61 29.31 -21.21
C LEU L 201 14.03 30.22 -22.36
N LYS L 202 14.18 31.51 -22.09
CA LYS L 202 14.58 32.42 -23.15
C LYS L 202 15.96 32.07 -23.68
N ARG L 203 16.90 31.76 -22.80
CA ARG L 203 18.24 31.40 -23.25
C ARG L 203 18.21 30.13 -24.09
N ILE L 204 17.44 29.12 -23.64
CA ILE L 204 17.36 27.88 -24.38
C ILE L 204 16.76 28.13 -25.76
N PHE L 205 15.73 28.97 -25.83
CA PHE L 205 15.13 29.27 -27.12
C PHE L 205 16.08 30.03 -28.02
N CYS L 206 16.94 30.87 -27.46
CA CYS L 206 17.96 31.52 -28.28
C CYS L 206 18.93 30.49 -28.84
N ILE L 207 19.34 29.54 -28.00
CA ILE L 207 20.23 28.48 -28.48
C ILE L 207 19.57 27.74 -29.63
N PHE L 208 18.28 27.44 -29.51
CA PHE L 208 17.58 26.79 -30.60
C PHE L 208 17.49 27.70 -31.83
N GLN L 209 17.32 29.01 -31.60
CA GLN L 209 17.33 29.96 -32.71
C GLN L 209 18.62 29.87 -33.50
N TYR L 210 19.72 29.55 -32.83
CA TYR L 210 20.98 29.35 -33.55
C TYR L 210 21.19 27.90 -33.99
N ARG L 211 20.36 26.97 -33.54
CA ARG L 211 20.45 25.61 -34.07
C ARG L 211 20.08 25.58 -35.54
N LYS L 212 20.88 24.85 -36.34
CA LYS L 212 20.52 24.63 -37.73
C LYS L 212 19.29 23.72 -37.85
N GLN L 213 19.19 22.73 -36.97
CA GLN L 213 18.10 21.77 -36.99
C GLN L 213 17.16 22.04 -35.83
N PRO L 214 15.88 22.31 -36.07
CA PRO L 214 14.96 22.53 -34.95
C PRO L 214 14.95 21.34 -34.00
N ALA L 215 14.84 21.63 -32.72
CA ALA L 215 14.91 20.62 -31.67
C ALA L 215 13.57 20.50 -30.95
N ARG L 216 13.15 19.26 -30.74
CA ARG L 216 11.95 18.96 -29.96
C ARG L 216 12.25 19.05 -28.48
N TYR L 217 11.27 19.52 -27.70
CA TYR L 217 11.46 19.70 -26.28
C TYR L 217 10.15 19.47 -25.55
N VAL L 218 10.26 19.12 -24.27
CA VAL L 218 9.11 18.91 -23.39
C VAL L 218 9.42 19.59 -22.07
N ILE L 219 8.53 20.45 -21.61
CA ILE L 219 8.73 21.21 -20.38
C ILE L 219 8.05 20.46 -19.26
N ASN L 220 8.82 19.94 -18.30
CA ASN L 220 8.25 19.16 -17.21
C ASN L 220 7.71 20.10 -16.14
N LEU L 221 6.62 20.78 -16.48
CA LEU L 221 5.97 21.72 -15.59
C LEU L 221 4.46 21.61 -15.77
N PRO L 222 3.70 22.06 -14.78
CA PRO L 222 2.24 22.07 -14.93
C PRO L 222 1.79 22.96 -16.09
N HIS L 223 0.65 22.60 -16.65
CA HIS L 223 0.16 23.28 -17.85
C HIS L 223 -0.08 24.76 -17.60
N GLU L 224 -0.67 25.09 -16.46
CA GLU L 224 -0.95 26.49 -16.17
C GLU L 224 0.34 27.28 -16.03
N GLU L 225 1.33 26.70 -15.36
CA GLU L 225 2.63 27.37 -15.25
C GLU L 225 3.24 27.60 -16.61
N ILE L 226 3.17 26.60 -17.49
CA ILE L 226 3.73 26.74 -18.82
C ILE L 226 2.99 27.83 -19.59
N ASP L 227 1.67 27.89 -19.43
CA ASP L 227 0.89 28.92 -20.10
C ASP L 227 1.30 30.31 -19.63
N ASN L 228 1.48 30.47 -18.32
CA ASN L 228 1.90 31.78 -17.80
C ASN L 228 3.28 32.14 -18.33
N LEU L 229 4.20 31.18 -18.35
CA LEU L 229 5.53 31.45 -18.88
C LEU L 229 5.46 31.87 -20.33
N TYR L 230 4.63 31.19 -21.11
CA TYR L 230 4.48 31.56 -22.52
C TYR L 230 3.89 32.95 -22.66
N ASN L 231 2.92 33.29 -21.82
CA ASN L 231 2.34 34.63 -21.88
C ASN L 231 3.40 35.68 -21.61
N LYS L 232 4.22 35.45 -20.59
CA LYS L 232 5.27 36.42 -20.26
C LYS L 232 6.29 36.52 -21.37
N LEU L 233 6.65 35.40 -21.97
CA LEU L 233 7.58 35.44 -23.09
C LEU L 233 6.99 36.21 -24.26
N ASN L 234 5.69 36.04 -24.51
CA ASN L 234 5.04 36.77 -25.57
C ASN L 234 5.08 38.26 -25.30
N TRP L 235 4.82 38.66 -24.05
CA TRP L 235 4.89 40.08 -23.72
C TRP L 235 6.31 40.60 -23.87
N GLU L 236 7.31 39.80 -23.52
CA GLU L 236 8.69 40.20 -23.73
C GLU L 236 8.98 40.42 -25.21
N ARG L 237 8.52 39.51 -26.05
CA ARG L 237 8.72 39.67 -27.49
C ARG L 237 8.00 40.91 -27.99
N THR L 238 6.82 41.19 -27.43
CA THR L 238 6.11 42.41 -27.80
C THR L 238 6.93 43.64 -27.44
N ARG L 239 7.54 43.62 -26.24
CA ARG L 239 8.38 44.74 -25.85
C ARG L 239 9.54 44.91 -26.82
N ARG L 240 10.16 43.80 -27.21
CA ARG L 240 11.27 43.89 -28.15
C ARG L 240 10.82 44.48 -29.47
N LEU L 241 9.65 44.05 -29.96
CA LEU L 241 9.12 44.62 -31.19
C LEU L 241 8.92 46.12 -31.03
N MET L 242 8.27 46.54 -29.94
CA MET L 242 8.05 47.96 -29.71
C MET L 242 9.37 48.71 -29.64
N LYS L 243 10.43 48.06 -29.21
CA LYS L 243 11.75 48.66 -29.21
C LYS L 243 12.43 48.55 -30.57
N GLY L 244 11.80 47.88 -31.52
CA GLY L 244 12.32 47.80 -32.88
C GLY L 244 12.84 46.45 -33.30
N ASP L 245 12.54 45.40 -32.55
CA ASP L 245 12.99 44.08 -32.93
C ASP L 245 12.27 43.61 -34.19
N VAL L 246 12.91 42.68 -34.89
CA VAL L 246 12.36 42.15 -36.14
C VAL L 246 11.33 41.08 -35.80
N PRO L 247 10.18 41.04 -36.48
CA PRO L 247 9.20 40.00 -36.19
C PRO L 247 9.79 38.61 -36.41
N SER L 248 9.38 37.68 -35.56
CA SER L 248 9.81 36.29 -35.66
C SER L 248 8.59 35.39 -35.60
N ASN L 249 8.48 34.49 -36.58
CA ASN L 249 7.37 33.54 -36.60
C ASN L 249 7.51 32.48 -35.51
N CYS L 250 8.65 32.42 -34.84
CA CYS L 250 8.91 31.38 -33.82
C CYS L 250 8.11 31.71 -32.56
N ALA L 251 6.81 31.51 -32.67
CA ALA L 251 5.89 31.80 -31.59
C ALA L 251 5.64 30.53 -30.77
N THR L 252 4.70 30.61 -29.83
CA THR L 252 4.33 29.49 -28.99
C THR L 252 2.82 29.42 -28.90
N VAL L 253 2.32 28.24 -28.52
CA VAL L 253 0.90 27.93 -28.55
C VAL L 253 0.44 27.65 -27.13
N ASN L 254 -0.67 28.28 -26.74
CA ASN L 254 -1.27 28.02 -25.45
C ASN L 254 -1.83 26.60 -25.39
N ARG L 255 -1.96 26.09 -24.17
CA ARG L 255 -2.32 24.69 -23.99
C ARG L 255 -3.71 24.39 -24.55
N SER L 256 -4.66 25.31 -24.38
CA SER L 256 -5.99 25.10 -24.94
C SER L 256 -5.93 24.99 -26.46
N SER L 257 -5.15 25.87 -27.09
CA SER L 257 -4.97 25.79 -28.54
C SER L 257 -4.36 24.46 -28.95
N LEU L 258 -3.36 23.99 -28.19
CA LEU L 258 -2.76 22.71 -28.51
C LEU L 258 -3.78 21.58 -28.39
N LYS L 259 -4.62 21.63 -27.36
CA LYS L 259 -5.64 20.60 -27.20
C LYS L 259 -6.61 20.63 -28.38
N TYR L 260 -7.01 21.82 -28.81
CA TYR L 260 -7.90 21.91 -29.96
C TYR L 260 -7.25 21.35 -31.21
N ILE L 261 -5.97 21.68 -31.43
CA ILE L 261 -5.28 21.16 -32.60
C ILE L 261 -5.19 19.65 -32.54
N LYS L 262 -4.92 19.11 -31.36
CA LYS L 262 -4.85 17.67 -31.21
C LYS L 262 -6.20 17.03 -31.52
N GLN L 263 -7.29 17.63 -31.04
CA GLN L 263 -8.61 17.10 -31.35
C GLN L 263 -8.86 17.12 -32.86
N ALA L 264 -8.49 18.21 -33.51
CA ALA L 264 -8.70 18.30 -34.95
C ALA L 264 -7.91 17.22 -35.68
N GLN L 265 -6.64 17.05 -35.30
CA GLN L 265 -5.82 16.03 -35.95
C GLN L 265 -6.39 14.65 -35.73
N SER L 266 -6.85 14.36 -34.51
CA SER L 266 -7.43 13.05 -34.24
C SER L 266 -8.68 12.83 -35.07
N LEU L 267 -9.54 13.85 -35.15
CA LEU L 267 -10.76 13.73 -35.95
C LEU L 267 -10.42 13.45 -37.41
N LEU L 268 -9.43 14.15 -37.95
CA LEU L 268 -8.99 13.88 -39.31
C LEU L 268 -8.19 12.59 -39.41
N GLY L 269 -7.88 11.94 -38.30
CA GLY L 269 -7.09 10.72 -38.35
C GLY L 269 -5.63 10.98 -38.58
N ILE L 270 -5.11 12.09 -38.09
CA ILE L 270 -3.71 12.47 -38.28
C ILE L 270 -2.95 12.08 -37.01
N PRO L 271 -1.95 11.21 -37.10
CA PRO L 271 -1.13 10.93 -35.91
C PRO L 271 -0.44 12.19 -35.40
N ASP L 272 -0.61 12.44 -34.09
CA ASP L 272 -0.07 13.66 -33.50
C ASP L 272 1.44 13.73 -33.67
N TYR L 273 2.13 12.64 -33.37
CA TYR L 273 3.58 12.61 -33.55
C TYR L 273 3.97 12.84 -35.01
N SER L 274 3.09 12.49 -35.94
CA SER L 274 3.42 12.66 -37.36
C SER L 274 3.24 14.09 -37.82
N GLN L 275 2.19 14.76 -37.34
CA GLN L 275 1.85 16.10 -37.82
C GLN L 275 2.27 17.15 -36.80
N THR L 276 2.98 18.17 -37.27
CA THR L 276 3.32 19.32 -36.45
C THR L 276 2.25 20.39 -36.57
N VAL L 277 2.08 21.15 -35.49
CA VAL L 277 1.01 22.15 -35.45
C VAL L 277 1.20 23.17 -36.56
N VAL L 278 2.44 23.61 -36.77
CA VAL L 278 2.69 24.63 -37.79
C VAL L 278 2.25 24.14 -39.15
N ASP L 279 2.66 22.92 -39.51
CA ASP L 279 2.26 22.37 -40.81
C ASP L 279 0.76 22.14 -40.86
N PHE L 280 0.18 21.66 -39.75
CA PHE L 280 -1.26 21.46 -39.70
C PHE L 280 -1.99 22.74 -40.06
N VAL L 281 -1.58 23.86 -39.47
CA VAL L 281 -2.21 25.13 -39.78
C VAL L 281 -1.94 25.53 -41.22
N LYS L 282 -0.68 25.39 -41.67
CA LYS L 282 -0.35 25.77 -43.04
C LYS L 282 -1.17 25.00 -44.04
N MET L 283 -1.69 23.83 -43.66
CA MET L 283 -2.49 23.03 -44.57
C MET L 283 -3.61 23.83 -45.20
N PHE L 284 -4.18 24.79 -44.48
CA PHE L 284 -5.35 25.53 -44.94
C PHE L 284 -4.99 26.83 -45.66
N GLN L 285 -3.71 27.13 -45.81
CA GLN L 285 -3.34 28.28 -46.63
C GLN L 285 -3.81 28.11 -48.05
N LYS L 286 -3.96 26.87 -48.51
CA LYS L 286 -4.52 26.63 -49.84
C LYS L 286 -5.95 27.11 -49.91
N ILE L 287 -6.66 27.14 -48.79
CA ILE L 287 -8.02 27.63 -48.78
C ILE L 287 -8.07 29.13 -48.54
N ILE L 288 -7.11 29.67 -47.79
CA ILE L 288 -7.23 31.05 -47.32
C ILE L 288 -7.61 31.97 -48.47
N PHE L 289 -6.74 32.09 -49.46
CA PHE L 289 -6.99 33.03 -50.54
C PHE L 289 -8.00 32.50 -51.56
N PRO L 290 -7.76 31.32 -52.14
CA PRO L 290 -8.59 30.90 -53.28
C PRO L 290 -10.07 30.90 -52.98
N TYR L 291 -10.46 30.46 -51.80
CA TYR L 291 -11.85 30.55 -51.38
C TYR L 291 -12.16 31.83 -50.62
N GLN L 292 -11.16 32.66 -50.38
CA GLN L 292 -11.36 33.94 -49.68
C GLN L 292 -12.10 33.70 -48.37
N LEU L 293 -11.62 32.72 -47.61
CA LEU L 293 -12.21 32.36 -46.34
C LEU L 293 -11.11 32.14 -45.31
N VAL L 294 -11.42 32.45 -44.06
CA VAL L 294 -10.48 32.26 -42.96
C VAL L 294 -10.65 30.85 -42.42
N PRO L 295 -9.62 30.02 -42.41
CA PRO L 295 -9.77 28.67 -41.86
C PRO L 295 -10.24 28.69 -40.42
N ASN L 296 -11.11 27.74 -40.09
CA ASN L 296 -11.66 27.66 -38.75
C ASN L 296 -10.57 27.43 -37.71
N VAL L 297 -9.51 26.72 -38.09
CA VAL L 297 -8.41 26.50 -37.15
C VAL L 297 -7.78 27.83 -36.76
N ILE L 298 -7.51 28.68 -37.75
CA ILE L 298 -6.93 29.98 -37.45
C ILE L 298 -7.91 30.80 -36.63
N ILE L 299 -9.21 30.69 -36.93
CA ILE L 299 -10.20 31.44 -36.15
C ILE L 299 -10.14 31.02 -34.68
N LYS L 300 -10.09 29.71 -34.43
CA LYS L 300 -10.07 29.23 -33.05
C LYS L 300 -8.78 29.63 -32.34
N LEU L 301 -7.65 29.56 -33.05
CA LEU L 301 -6.39 29.97 -32.44
C LEU L 301 -6.43 31.44 -32.08
N ASN L 302 -6.97 32.28 -32.97
CA ASN L 302 -7.10 33.69 -32.66
C ASN L 302 -8.00 33.91 -31.46
N ASN L 303 -9.09 33.16 -31.37
CA ASN L 303 -9.98 33.29 -30.22
C ASN L 303 -9.26 32.92 -28.93
N PHE L 304 -8.48 31.85 -28.96
CA PHE L 304 -7.72 31.47 -27.77
C PHE L 304 -6.77 32.58 -27.36
N ASP L 305 -6.04 33.14 -28.33
CA ASP L 305 -5.12 34.22 -28.01
C ASP L 305 -5.86 35.42 -27.45
N GLN L 306 -7.02 35.75 -28.03
CA GLN L 306 -7.82 36.86 -27.51
C GLN L 306 -8.20 36.62 -26.06
N MET L 307 -8.67 35.41 -25.75
CA MET L 307 -8.95 35.07 -24.36
C MET L 307 -7.70 35.17 -23.49
N VAL L 308 -6.53 34.97 -24.07
CA VAL L 308 -5.28 35.16 -23.34
C VAL L 308 -4.85 36.62 -23.47
N LYS L 320 -10.21 39.46 -33.40
CA LYS L 320 -10.62 39.40 -34.79
C LYS L 320 -9.43 39.18 -35.70
N ILE L 321 -9.69 38.73 -36.92
CA ILE L 321 -8.64 38.40 -37.87
C ILE L 321 -8.85 39.24 -39.13
N ARG L 322 -7.76 39.44 -39.85
CA ARG L 322 -7.78 40.23 -41.08
C ARG L 322 -6.48 40.00 -41.82
N LEU L 323 -6.57 39.89 -43.14
CA LEU L 323 -5.38 39.64 -43.95
C LEU L 323 -5.73 39.91 -45.41
N PHE L 324 -4.71 39.85 -46.25
CA PHE L 324 -4.87 40.14 -47.66
C PHE L 324 -3.67 39.57 -48.41
N CYS L 325 -3.64 39.78 -49.71
CA CYS L 325 -2.55 39.36 -50.57
C CYS L 325 -1.93 40.58 -51.24
N LYS L 326 -0.70 40.40 -51.72
CA LYS L 326 -0.02 41.48 -52.42
C LYS L 326 -0.87 41.96 -53.58
N ASN L 327 -1.03 43.27 -53.69
CA ASN L 327 -1.83 43.94 -54.72
C ASN L 327 -3.31 43.66 -54.56
N ASP L 328 -3.73 42.93 -53.53
CA ASP L 328 -5.14 42.63 -53.37
C ASP L 328 -5.92 43.90 -53.04
N SER L 329 -7.13 43.99 -53.60
CA SER L 329 -7.99 45.13 -53.36
C SER L 329 -8.86 44.99 -52.12
N ILE L 330 -9.03 43.78 -51.62
CA ILE L 330 -9.91 43.49 -50.49
C ILE L 330 -9.13 42.67 -49.46
N ALA L 331 -9.69 42.60 -48.26
CA ALA L 331 -9.09 41.87 -47.16
C ALA L 331 -10.05 40.78 -46.71
N ILE L 332 -9.52 39.58 -46.55
CA ILE L 332 -10.27 38.48 -45.96
C ILE L 332 -10.20 38.62 -44.44
N SER L 333 -11.34 38.48 -43.79
CA SER L 333 -11.44 38.67 -42.35
C SER L 333 -12.37 37.62 -41.78
N SER L 334 -12.34 37.48 -40.46
CA SER L 334 -13.33 36.62 -39.81
C SER L 334 -14.74 37.06 -40.13
N SER L 335 -14.94 38.35 -40.36
CA SER L 335 -16.26 38.87 -40.72
C SER L 335 -16.58 38.67 -42.20
N GLY L 336 -15.61 38.28 -43.01
CA GLY L 336 -15.81 38.10 -44.42
C GLY L 336 -14.96 39.02 -45.27
N ILE L 337 -15.48 39.46 -46.41
CA ILE L 337 -14.72 40.36 -47.28
C ILE L 337 -14.89 41.78 -46.76
N VAL L 338 -13.79 42.52 -46.72
CA VAL L 338 -13.85 43.92 -46.31
C VAL L 338 -12.98 44.74 -47.25
N PRO L 339 -13.43 45.91 -47.70
CA PRO L 339 -12.54 46.75 -48.50
C PRO L 339 -11.29 47.11 -47.69
N ILE L 340 -10.15 47.10 -48.38
CA ILE L 340 -8.88 47.32 -47.70
C ILE L 340 -8.94 48.64 -46.93
N ASN L 341 -8.40 48.62 -45.71
CA ASN L 341 -8.30 49.79 -44.84
C ASN L 341 -9.65 50.24 -44.29
N MET L 342 -10.74 49.61 -44.71
CA MET L 342 -12.03 49.95 -44.13
C MET L 342 -12.20 49.23 -42.80
N PRO L 343 -13.10 49.73 -41.95
CA PRO L 343 -13.35 49.05 -40.68
C PRO L 343 -13.80 47.62 -40.90
N ASP L 344 -13.74 46.82 -39.84
CA ASP L 344 -14.13 45.43 -39.93
C ASP L 344 -15.63 45.26 -40.17
N PHE L 345 -16.42 46.32 -40.04
CA PHE L 345 -17.85 46.26 -40.26
C PHE L 345 -18.29 47.45 -41.09
N SER L 346 -19.16 47.18 -42.06
CA SER L 346 -19.69 48.22 -42.92
C SER L 346 -20.69 49.06 -42.14
N PRO L 347 -21.06 50.23 -42.67
CA PRO L 347 -22.02 51.08 -41.97
C PRO L 347 -23.30 50.33 -41.70
N PRO L 348 -23.95 50.60 -40.55
CA PRO L 348 -25.09 49.75 -40.16
C PRO L 348 -26.20 49.68 -41.21
N ASN L 349 -26.49 50.80 -41.87
CA ASN L 349 -27.60 50.86 -42.81
C ASN L 349 -27.22 50.39 -44.21
N THR L 350 -26.07 49.73 -44.37
CA THR L 350 -25.64 49.33 -45.70
C THR L 350 -26.65 48.38 -46.34
N PHE L 351 -27.17 47.43 -45.58
CA PHE L 351 -28.10 46.43 -46.10
C PHE L 351 -29.33 46.38 -45.23
N ASP L 352 -30.49 46.21 -45.86
CA ASP L 352 -31.75 46.02 -45.16
C ASP L 352 -32.08 44.55 -45.14
N TYR L 353 -32.21 43.98 -43.95
CA TYR L 353 -32.56 42.58 -43.76
C TYR L 353 -34.01 42.38 -43.34
N SER L 354 -34.79 43.46 -43.25
CA SER L 354 -36.12 43.36 -42.67
C SER L 354 -36.97 42.32 -43.37
N ASP L 355 -36.78 42.14 -44.68
CA ASP L 355 -37.62 41.21 -45.43
C ASP L 355 -37.63 39.83 -44.78
N TYR L 356 -36.45 39.29 -44.49
CA TYR L 356 -36.34 37.97 -43.87
C TYR L 356 -35.87 38.03 -42.43
N ALA L 357 -35.09 39.05 -42.05
CA ALA L 357 -34.66 39.21 -40.67
C ALA L 357 -35.83 39.74 -39.84
N ASN L 358 -36.84 38.89 -39.72
CA ASN L 358 -38.05 39.24 -38.98
C ASN L 358 -38.62 37.98 -38.36
N ARG L 359 -39.36 38.16 -37.26
CA ARG L 359 -39.89 37.01 -36.54
C ARG L 359 -40.78 36.17 -37.44
N THR L 360 -41.60 36.83 -38.27
CA THR L 360 -42.52 36.07 -39.11
C THR L 360 -41.77 35.12 -40.03
N ASN L 361 -40.81 35.65 -40.78
CA ASN L 361 -40.06 34.81 -41.72
C ASN L 361 -39.26 33.74 -40.98
N ILE L 362 -38.62 34.13 -39.88
CA ILE L 362 -37.79 33.18 -39.13
C ILE L 362 -38.65 32.02 -38.64
N ASN L 363 -39.80 32.34 -38.04
CA ASN L 363 -40.68 31.30 -37.53
C ASN L 363 -41.22 30.45 -38.66
N PHE L 364 -41.57 31.06 -39.78
CA PHE L 364 -42.06 30.29 -40.92
C PHE L 364 -41.01 29.28 -41.37
N VAL L 365 -39.78 29.73 -41.54
CA VAL L 365 -38.73 28.84 -42.02
C VAL L 365 -38.47 27.75 -40.99
N THR L 366 -38.41 28.11 -39.72
CA THR L 366 -38.14 27.11 -38.68
C THR L 366 -39.24 26.07 -38.63
N GLN L 367 -40.49 26.50 -38.71
CA GLN L 367 -41.60 25.55 -38.69
C GLN L 367 -41.56 24.65 -39.90
N ARG L 368 -41.25 25.22 -41.08
CA ARG L 368 -41.13 24.39 -42.26
C ARG L 368 -40.05 23.34 -42.09
N VAL L 369 -38.91 23.72 -41.52
CA VAL L 369 -37.83 22.77 -41.30
C VAL L 369 -38.29 21.69 -40.34
N LEU L 370 -38.93 22.08 -39.25
CA LEU L 370 -39.38 21.10 -38.27
C LEU L 370 -40.33 20.10 -38.90
N THR L 371 -41.29 20.59 -39.68
CA THR L 371 -42.25 19.71 -40.32
C THR L 371 -41.55 18.78 -41.30
N ASP L 372 -40.74 19.33 -42.19
CA ASP L 372 -40.14 18.52 -43.24
C ASP L 372 -39.22 17.45 -42.66
N GLY L 373 -38.41 17.82 -41.67
CA GLY L 373 -37.53 16.85 -41.05
C GLY L 373 -38.15 16.00 -39.98
N GLY L 374 -39.41 16.26 -39.62
CA GLY L 374 -40.02 15.51 -38.54
C GLY L 374 -39.30 15.69 -37.23
N PHE L 375 -38.86 16.91 -36.93
CA PHE L 375 -38.09 17.20 -35.73
C PHE L 375 -39.00 17.78 -34.64
N SER L 376 -38.46 17.82 -33.43
CA SER L 376 -39.11 18.48 -32.32
C SER L 376 -38.19 19.36 -31.49
N SER L 377 -36.87 19.30 -31.71
CA SER L 377 -35.93 20.09 -30.94
C SER L 377 -34.59 20.09 -31.66
N GLY L 378 -33.70 20.95 -31.18
CA GLY L 378 -32.37 21.03 -31.77
C GLY L 378 -32.31 21.78 -33.08
N ILE L 379 -33.38 22.47 -33.47
CA ILE L 379 -33.44 23.21 -34.72
C ILE L 379 -33.37 24.69 -34.40
N THR L 380 -32.57 25.42 -35.16
CA THR L 380 -32.39 26.85 -34.94
C THR L 380 -32.02 27.51 -36.26
N VAL L 381 -32.81 28.49 -36.67
CA VAL L 381 -32.60 29.21 -37.93
C VAL L 381 -32.26 30.66 -37.59
N THR L 382 -31.28 31.21 -38.31
CA THR L 382 -30.83 32.57 -38.06
C THR L 382 -30.80 33.33 -39.38
N PRO L 383 -31.33 34.55 -39.42
CA PRO L 383 -31.15 35.37 -40.62
C PRO L 383 -29.67 35.63 -40.90
N VAL L 384 -29.33 35.69 -42.17
CA VAL L 384 -27.94 35.86 -42.58
C VAL L 384 -27.70 37.34 -42.81
N LYS L 385 -26.83 37.93 -42.01
CA LYS L 385 -26.39 39.29 -42.22
C LYS L 385 -25.24 39.32 -43.22
N TYR L 386 -24.96 40.51 -43.74
CA TYR L 386 -23.94 40.66 -44.76
C TYR L 386 -23.09 41.89 -44.49
N ASN L 387 -21.78 41.72 -44.64
CA ASN L 387 -20.83 42.81 -44.51
C ASN L 387 -20.82 43.63 -45.80
N TYR L 388 -19.81 44.48 -45.93
CA TYR L 388 -19.65 45.33 -47.10
C TYR L 388 -20.17 44.69 -48.38
N TYR L 389 -19.80 43.44 -48.63
CA TYR L 389 -20.16 42.75 -49.86
C TYR L 389 -21.02 41.53 -49.56
N LEU L 390 -21.84 41.16 -50.54
CA LEU L 390 -22.68 39.99 -50.44
C LEU L 390 -21.90 38.73 -50.80
N VAL M 15 11.53 -53.00 54.22
CA VAL M 15 12.88 -53.52 54.04
C VAL M 15 13.35 -53.21 52.62
N ASN M 16 14.52 -52.59 52.51
CA ASN M 16 15.10 -52.24 51.23
C ASN M 16 16.62 -52.36 51.32
N ARG M 17 17.29 -52.09 50.21
CA ARG M 17 18.75 -52.12 50.16
C ARG M 17 19.23 -51.00 49.25
N CYS M 18 20.10 -50.14 49.76
CA CYS M 18 20.65 -49.04 48.98
C CYS M 18 21.95 -48.58 49.62
N ILE M 19 23.05 -48.70 48.90
CA ILE M 19 24.28 -48.08 49.34
C ILE M 19 24.11 -46.57 49.33
N PHE M 20 24.69 -45.90 50.32
CA PHE M 20 24.58 -44.48 50.61
C PHE M 20 23.22 -44.14 51.22
N ALA M 21 22.28 -45.07 51.29
CA ALA M 21 21.07 -44.85 52.07
C ALA M 21 21.33 -45.01 53.56
N SER M 22 22.46 -45.62 53.92
CA SER M 22 22.88 -45.73 55.31
C SER M 22 23.37 -44.40 55.88
N ILE M 23 23.27 -43.31 55.12
CA ILE M 23 23.75 -42.01 55.57
C ILE M 23 22.78 -41.49 56.63
N VAL M 24 23.12 -41.67 57.88
CA VAL M 24 22.30 -41.18 58.98
C VAL M 24 22.76 -39.76 59.32
N SER M 25 21.85 -38.97 59.89
CA SER M 25 22.17 -37.58 60.19
C SER M 25 23.13 -37.50 61.36
N PHE M 26 24.36 -37.96 61.15
CA PHE M 26 25.37 -37.95 62.20
C PHE M 26 25.66 -36.54 62.69
N ASP M 27 25.49 -35.55 61.83
CA ASP M 27 25.85 -34.17 62.14
C ASP M 27 24.60 -33.30 62.11
N ALA M 28 24.82 -31.99 62.26
CA ALA M 28 23.82 -30.96 62.08
C ALA M 28 24.37 -29.88 61.15
N CYS M 29 24.94 -30.31 60.03
CA CYS M 29 25.83 -29.47 59.24
C CYS M 29 25.22 -29.05 57.90
N ILE M 30 24.88 -29.97 57.00
CA ILE M 30 24.58 -29.57 55.62
C ILE M 30 23.19 -30.01 55.16
N THR M 31 22.92 -31.32 55.14
CA THR M 31 21.61 -31.77 54.64
C THR M 31 21.52 -33.29 54.72
N TYR M 32 20.28 -33.78 54.67
CA TYR M 32 19.99 -35.18 54.42
C TYR M 32 18.48 -35.34 54.27
N LYS M 33 18.06 -36.09 53.24
CA LYS M 33 16.65 -36.35 53.02
C LYS M 33 16.37 -37.78 52.56
N SER M 34 17.37 -38.66 52.53
CA SER M 34 17.20 -40.03 52.07
C SER M 34 16.79 -40.07 50.59
N PRO M 35 17.66 -39.62 49.68
CA PRO M 35 17.35 -39.72 48.23
C PRO M 35 17.58 -41.13 47.69
N CYS M 36 16.60 -41.99 47.93
CA CYS M 36 16.68 -43.40 47.58
C CYS M 36 15.52 -43.77 46.66
N SER M 37 15.83 -44.34 45.51
CA SER M 37 14.79 -44.78 44.59
C SER M 37 14.02 -45.95 45.20
N PRO M 38 12.73 -46.08 44.87
CA PRO M 38 11.94 -47.18 45.46
C PRO M 38 12.44 -48.56 45.09
N ASP M 39 13.22 -48.69 44.02
CA ASP M 39 13.73 -49.99 43.62
C ASP M 39 14.68 -50.59 44.66
N ALA M 40 15.15 -49.78 45.61
CA ALA M 40 15.93 -50.33 46.71
C ALA M 40 15.17 -51.44 47.42
N TYR M 41 13.84 -51.33 47.49
CA TYR M 41 13.04 -52.41 48.04
C TYR M 41 13.13 -53.67 47.20
N HIS M 42 13.41 -53.52 45.90
CA HIS M 42 13.55 -54.66 45.01
C HIS M 42 14.84 -55.38 45.34
N ASP M 43 14.74 -56.52 46.01
CA ASP M 43 15.91 -57.27 46.41
C ASP M 43 16.54 -57.96 45.20
N ASP M 44 17.05 -57.16 44.27
CA ASP M 44 17.68 -57.70 43.07
C ASP M 44 19.13 -58.08 43.38
N GLY M 45 19.89 -58.43 42.34
CA GLY M 45 21.30 -58.68 42.52
C GLY M 45 22.11 -57.43 42.78
N TRP M 46 21.54 -56.26 42.54
CA TRP M 46 22.21 -55.00 42.83
C TRP M 46 22.21 -54.73 44.33
N PHE M 47 23.21 -53.98 44.77
CA PHE M 47 23.27 -53.45 46.13
C PHE M 47 23.11 -51.94 46.15
N ILE M 48 22.57 -51.36 45.06
CA ILE M 48 22.38 -49.93 44.93
C ILE M 48 21.11 -49.70 44.11
N CYS M 49 20.38 -48.65 44.43
CA CYS M 49 19.12 -48.39 43.76
C CYS M 49 19.32 -47.36 42.65
N ASN M 50 18.22 -47.05 41.95
CA ASN M 50 18.30 -46.26 40.73
C ASN M 50 18.83 -44.86 40.99
N ASN M 51 18.32 -44.18 42.02
CA ASN M 51 18.73 -42.81 42.27
C ASN M 51 20.24 -42.73 42.49
N HIS M 52 20.74 -43.55 43.40
CA HIS M 52 22.17 -43.51 43.72
C HIS M 52 23.01 -43.92 42.52
N LEU M 53 22.58 -44.98 41.82
CA LEU M 53 23.32 -45.42 40.64
C LEU M 53 23.42 -44.29 39.62
N ILE M 54 22.30 -43.64 39.32
CA ILE M 54 22.26 -42.58 38.33
C ILE M 54 23.16 -41.43 38.77
N LYS M 55 23.05 -41.02 40.03
CA LYS M 55 23.71 -39.81 40.49
C LYS M 55 25.15 -40.03 40.92
N ARG M 56 25.65 -41.27 40.91
CA ARG M 56 27.04 -41.52 41.25
C ARG M 56 27.81 -42.28 40.19
N PHE M 57 27.16 -42.84 39.18
CA PHE M 57 27.87 -43.52 38.11
C PHE M 57 27.28 -43.28 36.73
N LYS M 58 26.27 -42.43 36.61
CA LYS M 58 25.70 -42.10 35.30
C LYS M 58 25.19 -43.36 34.61
N MET M 59 24.45 -44.18 35.36
CA MET M 59 23.90 -45.43 34.86
C MET M 59 22.44 -45.54 35.28
N SER M 60 21.70 -46.36 34.53
CA SER M 60 20.31 -46.66 34.83
C SER M 60 20.11 -48.16 34.79
N LYS M 61 19.47 -48.70 35.81
CA LYS M 61 19.27 -50.14 35.92
C LYS M 61 18.38 -50.64 34.78
N MET M 62 18.69 -51.84 34.28
CA MET M 62 17.93 -52.44 33.19
C MET M 62 18.18 -53.93 33.20
N VAL M 63 17.35 -54.67 32.47
CA VAL M 63 17.47 -56.11 32.32
C VAL M 63 17.27 -56.47 30.85
N LEU M 64 17.41 -57.76 30.54
CA LEU M 64 17.32 -58.21 29.15
C LEU M 64 16.95 -59.69 29.06
N PRO M 65 15.79 -60.04 28.53
CA PRO M 65 15.49 -61.45 28.25
C PRO M 65 16.36 -61.97 27.11
N ILE M 66 16.34 -63.30 26.93
CA ILE M 66 17.24 -63.91 25.94
C ILE M 66 16.47 -64.69 24.86
N PHE M 67 15.80 -65.77 25.25
CA PHE M 67 15.17 -66.62 24.23
C PHE M 67 14.25 -67.64 24.89
N ASP M 68 13.30 -68.15 24.11
CA ASP M 68 12.43 -69.23 24.56
C ASP M 68 12.68 -70.54 23.83
N GLU M 69 13.80 -70.67 23.13
CA GLU M 69 14.13 -71.95 22.50
C GLU M 69 14.15 -73.07 23.53
N ASP M 70 14.92 -72.88 24.60
CA ASP M 70 14.90 -73.77 25.75
C ASP M 70 14.05 -73.22 26.88
N ASP M 71 13.32 -72.13 26.64
CA ASP M 71 12.43 -71.53 27.63
C ASP M 71 13.23 -70.99 28.82
N ASN M 72 14.24 -70.17 28.52
CA ASN M 72 15.05 -69.55 29.55
C ASN M 72 14.62 -68.10 29.78
N GLN M 73 14.70 -67.27 28.75
CA GLN M 73 14.16 -65.92 28.74
C GLN M 73 14.58 -65.16 29.99
N PHE M 74 15.76 -65.47 30.51
CA PHE M 74 16.21 -64.85 31.74
C PHE M 74 16.48 -63.37 31.51
N LYS M 75 15.99 -62.54 32.43
CA LYS M 75 16.16 -61.10 32.36
C LYS M 75 17.59 -60.76 32.74
N MET M 76 18.48 -60.81 31.75
CA MET M 76 19.89 -60.53 32.01
C MET M 76 20.06 -59.11 32.53
N THR M 77 20.75 -58.99 33.66
CA THR M 77 20.96 -57.68 34.27
C THR M 77 21.90 -56.84 33.43
N ILE M 78 21.58 -55.55 33.30
CA ILE M 78 22.40 -54.63 32.52
C ILE M 78 22.02 -53.21 32.85
N ALA M 79 22.98 -52.29 32.74
CA ALA M 79 22.76 -50.88 32.98
C ALA M 79 22.78 -50.11 31.65
N ARG M 80 22.22 -48.91 31.68
CA ARG M 80 22.15 -48.04 30.52
C ARG M 80 23.14 -46.89 30.67
N HIS M 81 23.86 -46.60 29.60
CA HIS M 81 24.72 -45.43 29.59
C HIS M 81 23.90 -44.17 29.77
N LEU M 82 24.38 -43.28 30.65
CA LEU M 82 23.83 -41.94 30.78
C LEU M 82 24.84 -40.89 30.34
N VAL M 83 25.80 -41.27 29.51
CA VAL M 83 26.89 -40.40 29.07
C VAL M 83 26.72 -40.16 27.58
N GLY M 84 26.60 -38.90 27.19
CA GLY M 84 26.52 -38.54 25.80
C GLY M 84 27.87 -38.70 25.11
N ASN M 85 27.89 -38.30 23.84
CA ASN M 85 29.09 -38.38 23.02
C ASN M 85 29.97 -37.15 23.14
N LYS M 86 29.61 -36.19 23.99
CA LYS M 86 30.40 -34.98 24.19
C LYS M 86 31.22 -35.01 25.47
N GLU M 87 31.00 -35.99 26.33
CA GLU M 87 31.75 -36.09 27.58
C GLU M 87 33.17 -36.59 27.31
N ARG M 88 34.12 -36.09 28.09
CA ARG M 88 35.51 -36.45 27.94
C ARG M 88 36.14 -36.67 29.30
N GLY M 89 37.10 -37.59 29.36
CA GLY M 89 37.84 -37.80 30.59
C GLY M 89 36.92 -38.16 31.74
N ILE M 90 36.98 -37.35 32.80
CA ILE M 90 36.20 -37.62 34.00
C ILE M 90 34.72 -37.73 33.65
N LYS M 91 34.21 -36.81 32.83
CA LYS M 91 32.80 -36.84 32.49
C LYS M 91 32.41 -38.14 31.80
N ARG M 92 33.37 -38.82 31.16
CA ARG M 92 33.09 -40.10 30.52
C ARG M 92 33.39 -41.30 31.41
N ILE M 93 34.18 -41.12 32.47
CA ILE M 93 34.43 -42.22 33.40
C ILE M 93 33.14 -42.53 34.14
N LEU M 94 32.74 -43.81 34.10
CA LEU M 94 31.54 -44.25 34.80
C LEU M 94 31.87 -44.67 36.23
N ILE M 95 32.74 -45.66 36.38
CA ILE M 95 33.18 -46.15 37.68
C ILE M 95 34.65 -45.79 37.82
N PRO M 96 35.02 -44.91 38.75
CA PRO M 96 36.43 -44.56 38.92
C PRO M 96 37.20 -45.62 39.67
N SER M 97 38.51 -45.67 39.42
CA SER M 97 39.39 -46.52 40.19
C SER M 97 39.65 -45.90 41.56
N ALA M 98 40.29 -46.68 42.43
CA ALA M 98 40.69 -46.15 43.72
C ALA M 98 41.62 -44.96 43.58
N THR M 99 42.32 -44.85 42.45
CA THR M 99 43.23 -43.75 42.22
C THR M 99 42.55 -42.46 41.76
N ASN M 100 41.29 -42.55 41.31
CA ASN M 100 40.62 -41.39 40.73
C ASN M 100 39.22 -41.16 41.26
N TYR M 101 38.70 -42.04 42.12
CA TYR M 101 37.36 -41.83 42.64
C TYR M 101 37.29 -40.54 43.43
N GLN M 102 38.30 -40.26 44.26
CA GLN M 102 38.33 -39.00 45.00
C GLN M 102 38.29 -37.82 44.05
N ASP M 103 39.01 -37.91 42.92
CA ASP M 103 39.04 -36.80 41.99
C ASP M 103 37.69 -36.60 41.32
N VAL M 104 37.09 -37.68 40.81
CA VAL M 104 35.85 -37.54 40.07
C VAL M 104 34.72 -37.10 41.01
N PHE M 105 34.72 -37.61 42.24
CA PHE M 105 33.66 -37.30 43.19
C PHE M 105 33.99 -36.02 43.95
N ASN M 106 33.00 -35.14 44.07
CA ASN M 106 33.15 -33.91 44.85
C ASN M 106 33.00 -34.28 46.33
N LEU M 107 34.12 -34.70 46.92
CA LEU M 107 34.11 -35.08 48.33
C LEU M 107 33.62 -33.95 49.21
N ASN M 108 33.80 -32.71 48.77
CA ASN M 108 33.35 -31.56 49.52
C ASN M 108 31.85 -31.33 49.41
N SER M 109 31.18 -31.97 48.45
CA SER M 109 29.74 -31.79 48.28
C SER M 109 28.94 -32.83 49.07
N MET M 110 29.23 -34.10 48.87
CA MET M 110 28.51 -35.16 49.55
C MET M 110 28.79 -35.12 51.05
N MET M 111 27.95 -35.82 51.80
CA MET M 111 28.10 -35.85 53.25
C MET M 111 29.32 -36.68 53.63
N GLN M 112 29.87 -36.37 54.81
CA GLN M 112 31.00 -37.16 55.29
C GLN M 112 30.65 -38.62 55.41
N ALA M 113 29.37 -38.97 55.59
CA ALA M 113 28.98 -40.37 55.59
C ALA M 113 29.26 -41.01 54.24
N GLU M 114 28.85 -40.36 53.15
CA GLU M 114 29.12 -40.90 51.82
C GLU M 114 30.61 -40.86 51.51
N GLN M 115 31.32 -39.84 52.00
CA GLN M 115 32.77 -39.83 51.84
C GLN M 115 33.39 -41.03 52.52
N LEU M 116 32.92 -41.37 53.73
CA LEU M 116 33.40 -42.56 54.42
C LEU M 116 33.07 -43.82 53.63
N ILE M 117 31.87 -43.87 53.05
CA ILE M 117 31.48 -45.04 52.26
C ILE M 117 32.43 -45.21 51.09
N PHE M 118 32.72 -44.11 50.39
CA PHE M 118 33.66 -44.17 49.28
C PHE M 118 35.05 -44.57 49.75
N HIS M 119 35.50 -44.02 50.86
CA HIS M 119 36.82 -44.35 51.37
C HIS M 119 36.91 -45.84 51.70
N LEU M 120 35.89 -46.38 52.34
CA LEU M 120 35.88 -47.80 52.66
C LEU M 120 35.87 -48.65 51.40
N ILE M 121 34.93 -48.36 50.49
CA ILE M 121 34.78 -49.19 49.29
C ILE M 121 36.03 -49.12 48.42
N TYR M 122 36.74 -48.01 48.45
CA TYR M 122 37.97 -47.84 47.69
C TYR M 122 39.22 -48.11 48.52
N ASN M 123 39.06 -48.55 49.77
CA ASN M 123 40.18 -48.88 50.64
C ASN M 123 41.00 -47.62 50.96
N ASN M 124 40.33 -46.67 51.61
CA ASN M 124 40.97 -45.44 52.07
C ASN M 124 40.73 -45.26 53.56
N GLU M 125 41.03 -46.32 54.32
CA GLU M 125 40.79 -46.31 55.75
C GLU M 125 41.49 -45.14 56.44
N ASN M 126 42.58 -44.64 55.86
CA ASN M 126 43.21 -43.45 56.42
C ASN M 126 42.24 -42.30 56.46
N ALA M 127 41.60 -42.00 55.33
CA ALA M 127 40.57 -40.97 55.30
C ALA M 127 39.39 -41.35 56.17
N VAL M 128 39.07 -42.64 56.24
CA VAL M 128 37.96 -43.07 57.08
C VAL M 128 38.19 -42.66 58.53
N ASN M 129 39.37 -42.99 59.05
CA ASN M 129 39.69 -42.66 60.44
C ASN M 129 39.85 -41.17 60.63
N THR M 130 40.41 -40.47 59.64
CA THR M 130 40.52 -39.02 59.74
C THR M 130 39.14 -38.39 59.91
N ILE M 131 38.19 -38.78 59.06
CA ILE M 131 36.85 -38.24 59.14
C ILE M 131 36.18 -38.63 60.45
N CYS M 132 36.41 -39.87 60.91
CA CYS M 132 35.85 -40.28 62.20
C CYS M 132 36.34 -39.37 63.32
N ASP M 133 37.66 -39.16 63.39
CA ASP M 133 38.22 -38.33 64.44
C ASP M 133 37.68 -36.91 64.36
N ASN M 134 37.60 -36.36 63.15
CA ASN M 134 37.09 -35.01 63.00
C ASN M 134 35.64 -34.92 63.44
N LEU M 135 34.81 -35.90 63.06
CA LEU M 135 33.40 -35.88 63.39
C LEU M 135 33.16 -36.12 64.87
N LYS M 136 34.12 -36.71 65.58
CA LYS M 136 33.94 -36.89 67.02
C LYS M 136 33.73 -35.57 67.74
N TYR M 137 34.13 -34.46 67.15
CA TYR M 137 34.00 -33.16 67.79
C TYR M 137 33.07 -32.24 66.99
N ASN M 144 27.01 -38.23 69.96
CA ASN M 144 26.12 -39.11 69.20
C ASN M 144 26.63 -39.26 67.77
N THR M 145 27.45 -38.29 67.34
CA THR M 145 28.01 -38.36 66.00
C THR M 145 28.84 -39.61 65.83
N GLN M 146 29.65 -39.95 66.83
CA GLN M 146 30.52 -41.12 66.72
C GLN M 146 29.71 -42.40 66.58
N ARG M 147 28.67 -42.56 67.40
CA ARG M 147 27.85 -43.77 67.31
C ARG M 147 27.10 -43.82 65.99
N VAL M 148 26.61 -42.68 65.50
CA VAL M 148 25.91 -42.69 64.22
C VAL M 148 26.87 -43.09 63.10
N ILE M 149 28.10 -42.55 63.13
CA ILE M 149 29.10 -42.95 62.14
C ILE M 149 29.43 -44.42 62.27
N HIS M 150 29.44 -44.95 63.49
CA HIS M 150 29.66 -46.38 63.66
C HIS M 150 28.53 -47.19 63.06
N SER M 151 27.29 -46.71 63.17
CA SER M 151 26.17 -47.37 62.51
C SER M 151 26.35 -47.34 61.00
N VAL M 152 26.79 -46.21 60.46
CA VAL M 152 27.09 -46.12 59.04
C VAL M 152 28.15 -47.15 58.66
N TYR M 153 29.20 -47.26 59.48
CA TYR M 153 30.23 -48.27 59.26
C TYR M 153 29.61 -49.66 59.21
N ALA M 154 28.75 -49.96 60.18
CA ALA M 154 28.14 -51.29 60.24
C ALA M 154 27.39 -51.58 58.95
N THR M 155 26.52 -50.67 58.53
CA THR M 155 25.72 -50.92 57.33
C THR M 155 26.61 -51.07 56.10
N THR M 156 27.55 -50.14 55.92
CA THR M 156 28.39 -50.17 54.74
C THR M 156 29.24 -51.43 54.70
N LYS M 157 29.83 -51.80 55.84
CA LYS M 157 30.69 -52.98 55.88
C LYS M 157 29.88 -54.25 55.69
N SER M 158 28.65 -54.28 56.21
CA SER M 158 27.79 -55.44 55.96
C SER M 158 27.52 -55.59 54.47
N ILE M 159 27.21 -54.48 53.79
CA ILE M 159 26.98 -54.53 52.36
C ILE M 159 28.24 -55.00 51.63
N LEU M 160 29.39 -54.44 52.03
CA LEU M 160 30.65 -54.77 51.37
C LEU M 160 30.96 -56.25 51.54
N ASP M 161 30.80 -56.78 52.75
CA ASP M 161 31.06 -58.20 52.98
C ASP M 161 30.10 -59.06 52.20
N THR M 162 28.81 -58.69 52.16
CA THR M 162 27.85 -59.44 51.38
C THR M 162 28.29 -59.52 49.93
N THR M 163 28.76 -58.40 49.37
CA THR M 163 29.24 -58.44 47.99
C THR M 163 30.55 -59.19 47.87
N ASN M 164 31.35 -59.22 48.92
CA ASN M 164 32.68 -59.81 48.87
C ASN M 164 32.57 -61.31 48.59
N PRO M 165 33.19 -61.82 47.53
CA PRO M 165 33.19 -63.27 47.32
C PRO M 165 33.83 -64.04 48.46
N ASN M 166 34.79 -63.44 49.16
CA ASN M 166 35.53 -64.13 50.21
C ASN M 166 34.68 -64.30 51.45
N THR M 167 33.94 -65.41 51.53
CA THR M 167 33.09 -65.71 52.67
C THR M 167 32.72 -67.19 52.60
N PHE M 168 31.81 -67.61 53.46
CA PHE M 168 31.33 -68.98 53.47
C PHE M 168 30.61 -69.31 52.17
N GLU M 176 31.80 -66.94 36.84
CA GLU M 176 31.66 -67.86 35.72
C GLU M 176 32.50 -67.40 34.53
N LEU M 177 33.78 -67.17 34.78
CA LEU M 177 34.73 -66.79 33.72
C LEU M 177 34.20 -65.60 32.92
N ARG M 178 33.62 -64.64 33.63
CA ARG M 178 33.09 -63.42 33.00
C ARG M 178 34.24 -62.52 32.59
N PHE M 179 35.02 -63.01 31.62
CA PHE M 179 36.13 -62.22 31.11
C PHE M 179 35.62 -60.87 30.64
N PHE M 180 36.30 -59.81 31.06
CA PHE M 180 36.04 -58.47 30.54
C PHE M 180 37.14 -58.00 29.60
N ASP M 181 38.13 -58.84 29.33
CA ASP M 181 39.19 -58.56 28.37
C ASP M 181 39.11 -59.47 27.15
N VAL M 182 38.94 -60.77 27.36
CA VAL M 182 38.67 -61.67 26.26
C VAL M 182 37.24 -61.45 25.78
N THR M 183 37.05 -61.39 24.47
CA THR M 183 35.73 -61.15 23.92
C THR M 183 35.35 -62.29 22.96
N GLY M 191 45.47 -61.25 31.88
CA GLY M 191 44.28 -60.48 31.60
C GLY M 191 44.27 -59.14 32.32
N ALA M 192 44.62 -58.09 31.59
CA ALA M 192 44.71 -56.76 32.20
C ALA M 192 43.35 -56.27 32.66
N GLY M 193 42.33 -56.40 31.81
CA GLY M 193 41.00 -55.93 32.16
C GLY M 193 40.42 -56.69 33.34
N ASP M 194 40.54 -58.01 33.30
CA ASP M 194 40.06 -58.81 34.42
C ASP M 194 40.85 -58.49 35.68
N GLN M 195 42.14 -58.19 35.54
CA GLN M 195 42.94 -57.80 36.69
C GLN M 195 42.42 -56.50 37.31
N LEU M 196 42.09 -55.52 36.47
CA LEU M 196 41.52 -54.28 36.98
C LEU M 196 40.19 -54.52 37.69
N PHE M 197 39.33 -55.33 37.07
CA PHE M 197 38.07 -55.67 37.71
C PHE M 197 38.31 -56.31 39.07
N ASN M 198 39.26 -57.24 39.14
CA ASN M 198 39.58 -57.86 40.41
C ASN M 198 40.10 -56.83 41.40
N ASN M 199 40.90 -55.88 40.94
CA ASN M 199 41.37 -54.81 41.81
C ASN M 199 40.19 -54.10 42.45
N TYR M 200 39.07 -54.03 41.74
CA TYR M 200 37.90 -53.43 42.36
C TYR M 200 37.43 -54.26 43.55
N SER M 201 36.72 -53.58 44.46
CA SER M 201 36.24 -54.22 45.68
C SER M 201 35.08 -55.16 45.36
N GLY M 202 34.64 -55.90 46.39
CA GLY M 202 33.55 -56.82 46.22
C GLY M 202 32.27 -56.13 45.75
N PHE M 203 31.91 -55.04 46.43
CA PHE M 203 30.74 -54.27 45.98
C PHE M 203 30.99 -53.69 44.60
N LEU M 204 32.17 -53.13 44.38
CA LEU M 204 32.47 -52.53 43.08
C LEU M 204 32.51 -53.59 41.99
N GLN M 205 33.08 -54.75 42.29
CA GLN M 205 33.08 -55.84 41.31
C GLN M 205 31.66 -56.31 41.01
N ASN M 206 30.83 -56.41 42.04
CA ASN M 206 29.43 -56.77 41.81
C ASN M 206 28.74 -55.74 40.94
N LEU M 207 28.97 -54.46 41.21
CA LEU M 207 28.36 -53.41 40.40
C LEU M 207 28.81 -53.53 38.95
N ILE M 208 30.11 -53.75 38.74
CA ILE M 208 30.64 -53.84 37.38
C ILE M 208 30.00 -55.01 36.65
N ARG M 209 29.94 -56.18 37.31
CA ARG M 209 29.40 -57.35 36.63
C ARG M 209 27.89 -57.24 36.42
N ARG M 210 27.19 -56.52 37.30
CA ARG M 210 25.75 -56.35 37.11
C ARG M 210 25.46 -55.39 35.97
N ALA M 211 26.25 -54.33 35.85
CA ALA M 211 26.00 -53.35 34.78
C ALA M 211 26.51 -53.87 33.45
N VAL M 212 27.81 -54.14 33.36
CA VAL M 212 28.40 -54.60 32.11
C VAL M 212 27.76 -55.93 31.70
N ALA M 213 27.68 -56.14 30.39
CA ALA M 213 27.15 -57.37 29.82
C ALA M 213 28.12 -57.88 28.75
N PRO M 214 28.71 -59.06 28.92
CA PRO M 214 29.64 -59.56 27.91
C PRO M 214 28.98 -59.64 26.53
N GLU M 215 29.74 -59.23 25.51
CA GLU M 215 29.26 -59.38 24.14
C GLU M 215 29.08 -60.84 23.77
N TYR M 216 29.77 -61.73 24.47
CA TYR M 216 29.69 -63.16 24.25
C TYR M 216 29.31 -63.85 25.56
N LEU M 217 28.42 -64.83 25.47
CA LEU M 217 28.04 -65.63 26.63
C LEU M 217 27.96 -67.08 26.21
N GLN M 218 28.72 -67.94 26.87
CA GLN M 218 28.62 -69.37 26.64
C GLN M 218 27.64 -69.96 27.65
N ILE M 219 26.82 -70.89 27.19
CA ILE M 219 25.71 -71.42 27.96
C ILE M 219 25.98 -72.87 28.27
N ASP M 220 27.23 -73.18 28.64
CA ASP M 220 27.67 -74.57 28.79
C ASP M 220 27.83 -75.25 27.44
N THR M 221 28.88 -74.85 26.70
CA THR M 221 29.29 -75.50 25.46
C THR M 221 28.53 -75.01 24.23
N GLU M 222 27.79 -73.91 24.35
CA GLU M 222 27.21 -73.25 23.19
C GLU M 222 27.46 -71.75 23.34
N GLU M 223 28.43 -71.24 22.59
CA GLU M 223 28.79 -69.83 22.67
C GLU M 223 27.83 -69.00 21.82
N LEU M 224 27.24 -67.96 22.42
CA LEU M 224 26.32 -67.09 21.73
C LEU M 224 26.85 -65.66 21.75
N ARG M 225 26.88 -65.03 20.58
CA ARG M 225 27.25 -63.63 20.46
C ARG M 225 25.99 -62.78 20.46
N PHE M 226 25.97 -61.74 21.29
CA PHE M 226 24.82 -60.86 21.41
C PHE M 226 25.12 -59.45 20.94
N ARG M 227 26.39 -59.05 20.89
CA ARG M 227 26.80 -57.76 20.34
C ARG M 227 28.01 -57.95 19.46
N ASN M 228 28.03 -57.24 18.34
CA ASN M 228 29.18 -57.23 17.46
C ASN M 228 30.23 -56.21 17.86
N CYS M 229 29.98 -55.45 18.93
CA CYS M 229 30.89 -54.39 19.34
C CYS M 229 30.68 -54.11 20.82
N ALA M 230 31.64 -53.41 21.40
CA ALA M 230 31.62 -53.06 22.81
C ALA M 230 31.00 -51.67 23.00
N THR M 231 30.44 -51.46 24.19
CA THR M 231 29.85 -50.17 24.54
C THR M 231 30.52 -49.51 25.73
N CYS M 232 31.57 -50.11 26.29
CA CYS M 232 32.31 -49.51 27.40
C CYS M 232 33.69 -50.11 27.42
N ILE M 233 34.59 -49.46 28.16
CA ILE M 233 35.98 -49.93 28.28
C ILE M 233 36.41 -49.83 29.73
N ILE M 234 37.10 -50.86 30.21
CA ILE M 234 37.70 -50.85 31.54
C ILE M 234 39.18 -50.56 31.39
N ASP M 235 39.69 -49.63 32.19
CA ASP M 235 41.07 -49.17 32.09
C ASP M 235 41.56 -48.83 33.48
N GLU M 236 42.76 -48.23 33.53
CA GLU M 236 43.36 -47.87 34.81
C GLU M 236 42.47 -46.90 35.57
N THR M 237 41.88 -45.92 34.88
CA THR M 237 41.01 -44.97 35.55
C THR M 237 39.73 -45.63 36.05
N GLY M 238 39.38 -46.81 35.53
CA GLY M 238 38.16 -47.49 35.88
C GLY M 238 37.29 -47.74 34.66
N LEU M 239 35.98 -47.67 34.85
CA LEU M 239 35.04 -47.90 33.77
C LEU M 239 34.76 -46.59 33.04
N VAL M 240 34.82 -46.65 31.71
CA VAL M 240 34.66 -45.47 30.86
C VAL M 240 33.63 -45.79 29.79
N ALA M 241 32.66 -44.90 29.62
CA ALA M 241 31.63 -45.04 28.58
C ALA M 241 32.24 -44.66 27.24
N SER M 242 33.14 -45.53 26.77
CA SER M 242 33.87 -45.30 25.53
C SER M 242 33.69 -46.51 24.62
N VAL M 243 34.25 -46.41 23.42
CA VAL M 243 34.17 -47.47 22.43
C VAL M 243 35.57 -47.74 21.89
N PRO M 244 35.79 -48.91 21.30
CA PRO M 244 37.15 -49.24 20.83
C PRO M 244 37.70 -48.23 19.85
N ASP M 245 36.87 -47.67 18.98
CA ASP M 245 37.37 -46.78 17.94
C ASP M 245 36.23 -45.88 17.48
N GLY M 246 36.61 -44.82 16.77
CA GLY M 246 35.65 -43.90 16.21
C GLY M 246 35.10 -42.94 17.25
N PRO M 247 34.10 -42.16 16.86
CA PRO M 247 33.50 -41.21 17.81
C PRO M 247 32.72 -41.91 18.89
N GLU M 248 32.37 -41.15 19.91
CA GLU M 248 31.57 -41.70 21.00
C GLU M 248 30.13 -41.92 20.55
N LEU M 249 29.53 -43.01 21.03
CA LEU M 249 28.14 -43.29 20.73
C LEU M 249 27.26 -42.14 21.19
N TYR M 250 26.37 -41.68 20.31
CA TYR M 250 25.47 -40.60 20.68
C TYR M 250 24.46 -41.11 21.70
N ASN M 251 24.29 -40.36 22.78
CA ASN M 251 23.44 -40.77 23.89
C ASN M 251 22.84 -39.53 24.55
N PRO M 252 21.76 -39.00 23.99
CA PRO M 252 21.11 -37.84 24.60
C PRO M 252 20.31 -38.24 25.83
N ILE M 253 19.72 -37.24 26.47
CA ILE M 253 18.89 -37.47 27.65
C ILE M 253 17.67 -38.28 27.25
N THR M 284 5.79 -39.40 11.88
CA THR M 284 4.48 -39.77 12.37
C THR M 284 4.25 -41.28 12.24
N LEU M 285 5.23 -42.07 12.68
CA LEU M 285 5.13 -43.53 12.64
C LEU M 285 4.44 -44.06 13.89
N SER M 286 3.24 -43.53 14.16
CA SER M 286 2.51 -43.93 15.35
C SER M 286 2.08 -45.39 15.31
N GLY M 287 2.03 -45.98 14.11
CA GLY M 287 1.50 -47.33 13.97
C GLY M 287 2.54 -48.42 14.11
N TYR M 288 3.70 -48.08 14.67
CA TYR M 288 4.78 -49.05 14.84
C TYR M 288 5.43 -48.87 16.20
N GLU M 289 6.06 -49.95 16.68
CA GLU M 289 6.73 -49.92 17.96
C GLU M 289 8.06 -49.17 17.85
N GLU M 290 8.73 -49.01 18.98
CA GLU M 290 9.95 -48.22 19.08
C GLU M 290 11.10 -49.09 19.55
N TYR M 291 12.32 -48.69 19.18
CA TYR M 291 13.54 -49.34 19.62
C TYR M 291 14.36 -48.34 20.43
N PRO M 292 14.80 -48.70 21.64
CA PRO M 292 15.47 -47.71 22.48
C PRO M 292 16.73 -47.18 21.81
N THR M 293 16.99 -45.88 22.01
CA THR M 293 18.14 -45.23 21.42
C THR M 293 19.36 -45.24 22.33
N TYR M 294 19.15 -45.29 23.65
CA TYR M 294 20.28 -45.27 24.57
C TYR M 294 21.18 -46.48 24.33
N VAL M 295 22.38 -46.40 24.90
CA VAL M 295 23.42 -47.42 24.73
C VAL M 295 23.53 -48.21 26.03
N PRO M 296 23.22 -49.49 26.04
CA PRO M 296 23.53 -50.32 27.21
C PRO M 296 25.02 -50.63 27.28
N LEU M 297 25.46 -51.02 28.47
CA LEU M 297 26.86 -51.34 28.69
C LEU M 297 27.15 -52.75 28.24
N PHE M 298 28.26 -52.93 27.51
CA PHE M 298 28.60 -54.23 26.94
C PHE M 298 30.11 -54.39 26.91
N LEU M 299 30.61 -55.45 27.53
CA LEU M 299 32.02 -55.79 27.45
C LEU M 299 32.30 -57.17 28.02
N GLY M 300 33.04 -57.99 27.28
CA GLY M 300 33.67 -59.17 27.85
C GLY M 300 33.20 -60.46 27.21
N TYR M 301 33.61 -61.56 27.84
CA TYR M 301 33.32 -62.92 27.37
C TYR M 301 33.09 -63.77 28.61
N GLN M 302 31.86 -64.24 28.79
CA GLN M 302 31.51 -65.05 29.95
C GLN M 302 31.21 -66.49 29.52
N ILE M 303 31.58 -67.43 30.39
CA ILE M 303 31.41 -68.86 30.14
C ILE M 303 30.63 -69.45 31.31
N ILE M 304 29.49 -70.07 31.02
CA ILE M 304 28.72 -70.76 32.04
C ILE M 304 29.27 -72.18 32.17
N ASN M 305 29.49 -72.60 33.41
CA ASN M 305 30.15 -73.88 33.68
C ASN M 305 29.17 -75.01 33.41
N SER M 306 29.50 -76.22 33.88
CA SER M 306 28.69 -77.41 33.62
C SER M 306 27.46 -77.36 34.53
N GLU M 307 26.49 -76.54 34.12
CA GLU M 307 25.26 -76.36 34.87
C GLU M 307 24.08 -76.33 33.91
N ASN M 308 22.93 -76.78 34.41
CA ASN M 308 21.72 -76.85 33.60
C ASN M 308 21.05 -75.48 33.50
N ASN M 309 19.83 -75.44 32.95
CA ASN M 309 19.07 -74.20 32.85
C ASN M 309 18.77 -73.75 34.27
N PHE M 310 19.79 -73.19 34.91
CA PHE M 310 19.77 -72.88 36.34
C PHE M 310 18.95 -71.61 36.58
N LEU M 311 17.63 -71.76 36.44
CA LEU M 311 16.70 -70.67 36.72
C LEU M 311 16.41 -70.61 38.22
N ARG M 312 17.47 -70.39 38.99
CA ARG M 312 17.38 -70.38 40.43
C ARG M 312 18.06 -69.14 41.01
N ARG N 14 9.04 -6.98 47.45
CA ARG N 14 9.15 -5.81 46.62
C ARG N 14 10.48 -5.10 46.85
N VAL N 15 11.57 -5.85 46.68
CA VAL N 15 12.90 -5.27 46.85
C VAL N 15 13.06 -4.12 45.88
N ASN N 16 13.27 -2.93 46.42
CA ASN N 16 13.51 -1.73 45.61
C ASN N 16 15.01 -1.62 45.38
N ARG N 17 15.46 -2.01 44.19
CA ARG N 17 16.86 -1.89 43.81
C ARG N 17 17.18 -0.51 43.23
N CYS N 18 16.34 0.48 43.52
CA CYS N 18 16.48 1.82 42.95
C CYS N 18 17.66 2.53 43.63
N ILE N 19 18.86 2.10 43.25
CA ILE N 19 20.04 2.84 43.66
C ILE N 19 19.87 4.29 43.20
N PHE N 20 20.27 5.21 44.06
CA PHE N 20 20.04 6.65 43.95
C PHE N 20 18.64 7.04 44.40
N ALA N 21 17.79 6.08 44.78
CA ALA N 21 16.59 6.40 45.54
C ALA N 21 16.76 6.08 47.02
N SER N 22 17.87 5.46 47.40
CA SER N 22 18.23 5.35 48.81
C SER N 22 18.90 6.66 49.22
N ILE N 23 18.24 7.77 48.92
CA ILE N 23 18.75 9.11 49.22
C ILE N 23 17.76 9.76 50.16
N VAL N 24 18.25 10.22 51.31
CA VAL N 24 17.42 10.86 52.32
C VAL N 24 17.91 12.28 52.51
N SER N 25 17.00 13.24 52.39
CA SER N 25 17.34 14.65 52.60
C SER N 25 17.52 14.87 54.09
N PHE N 26 18.72 14.53 54.57
CA PHE N 26 19.01 14.68 55.99
C PHE N 26 18.76 16.10 56.45
N ASP N 27 18.94 17.08 55.58
CA ASP N 27 18.55 18.46 55.91
C ASP N 27 17.04 18.53 56.09
N ALA N 28 16.62 19.12 57.21
CA ALA N 28 15.19 19.23 57.49
C ALA N 28 14.49 20.08 56.44
N CYS N 29 15.11 21.19 56.04
CA CYS N 29 14.48 22.10 55.09
C CYS N 29 14.33 21.49 53.70
N ILE N 30 15.06 20.41 53.41
CA ILE N 30 15.07 19.80 52.09
C ILE N 30 14.26 18.50 52.15
N THR N 31 13.42 18.30 51.15
CA THR N 31 12.63 17.09 51.01
C THR N 31 12.96 16.45 49.67
N TYR N 32 13.38 15.19 49.69
CA TYR N 32 13.74 14.48 48.48
C TYR N 32 12.52 13.72 47.96
N LYS N 33 12.03 14.12 46.79
CA LYS N 33 10.86 13.47 46.21
C LYS N 33 11.17 12.03 45.84
N SER N 34 12.35 11.77 45.28
CA SER N 34 12.71 10.46 44.78
C SER N 34 11.72 9.99 43.72
N PRO N 35 11.39 10.83 42.73
CA PRO N 35 10.41 10.42 41.72
C PRO N 35 11.06 9.58 40.62
N CYS N 36 11.25 8.30 40.88
CA CYS N 36 12.06 7.46 40.00
C CYS N 36 11.24 6.25 39.58
N SER N 37 11.78 5.51 38.61
CA SER N 37 10.96 4.63 37.80
C SER N 37 10.52 3.38 38.59
N PRO N 38 9.32 2.86 38.30
CA PRO N 38 8.85 1.67 39.04
C PRO N 38 9.72 0.44 38.84
N ASP N 39 10.35 0.29 37.68
CA ASP N 39 11.00 -0.97 37.35
C ASP N 39 12.03 -1.41 38.36
N ALA N 40 12.38 -0.56 39.34
CA ALA N 40 13.33 -0.96 40.37
C ALA N 40 12.86 -2.22 41.08
N TYR N 41 11.55 -2.44 41.16
CA TYR N 41 11.00 -3.63 41.77
C TYR N 41 11.04 -4.84 40.85
N HIS N 42 11.79 -4.77 39.76
CA HIS N 42 11.93 -5.88 38.83
C HIS N 42 13.23 -6.60 39.14
N ASP N 43 13.14 -7.89 39.47
CA ASP N 43 14.33 -8.67 39.80
C ASP N 43 15.09 -8.99 38.52
N ASP N 44 15.64 -7.96 37.90
CA ASP N 44 16.39 -8.09 36.65
C ASP N 44 17.88 -7.97 36.94
N GLY N 45 18.68 -8.03 35.87
CA GLY N 45 20.09 -7.81 36.02
C GLY N 45 20.48 -6.38 36.30
N TRP N 46 19.55 -5.44 36.11
CA TRP N 46 19.80 -4.06 36.47
C TRP N 46 19.85 -3.92 37.99
N PHE N 47 20.78 -3.09 38.47
CA PHE N 47 20.79 -2.65 39.86
C PHE N 47 20.44 -1.17 39.96
N ILE N 48 20.02 -0.57 38.87
CA ILE N 48 19.61 0.83 38.81
C ILE N 48 18.45 0.91 37.84
N CYS N 49 17.33 1.47 38.27
CA CYS N 49 16.13 1.41 37.43
C CYS N 49 16.14 2.56 36.44
N ASN N 50 15.10 2.60 35.60
CA ASN N 50 15.16 3.33 34.35
C ASN N 50 15.38 4.83 34.57
N ASN N 51 14.68 5.42 35.52
CA ASN N 51 14.76 6.88 35.67
C ASN N 51 16.12 7.30 36.22
N HIS N 52 16.67 6.57 37.19
CA HIS N 52 18.03 6.85 37.62
C HIS N 52 18.99 6.71 36.46
N LEU N 53 18.84 5.64 35.68
CA LEU N 53 19.71 5.44 34.52
C LEU N 53 19.66 6.63 33.59
N ILE N 54 18.45 7.08 33.27
CA ILE N 54 18.28 8.20 32.35
C ILE N 54 18.93 9.44 32.93
N LYS N 55 18.67 9.73 34.20
CA LYS N 55 19.11 10.99 34.78
C LYS N 55 20.63 11.06 34.87
N ARG N 56 21.26 9.98 35.35
CA ARG N 56 22.67 10.05 35.72
C ARG N 56 23.59 9.35 34.73
N PHE N 57 23.06 8.72 33.68
CA PHE N 57 23.90 8.09 32.67
C PHE N 57 23.39 8.32 31.26
N LYS N 58 22.30 9.05 31.09
CA LYS N 58 21.80 9.38 29.76
C LYS N 58 21.53 8.11 28.96
N MET N 59 20.97 7.11 29.63
CA MET N 59 20.64 5.83 29.02
C MET N 59 19.17 5.51 29.24
N SER N 60 18.56 4.89 28.24
CA SER N 60 17.18 4.41 28.33
C SER N 60 17.18 2.90 28.17
N LYS N 61 16.59 2.21 29.13
CA LYS N 61 16.57 0.75 29.11
C LYS N 61 15.82 0.23 27.90
N MET N 62 16.34 -0.85 27.31
CA MET N 62 15.67 -1.50 26.19
C MET N 62 16.07 -2.98 26.20
N VAL N 63 15.35 -3.77 25.40
CA VAL N 63 15.58 -5.20 25.30
C VAL N 63 15.69 -5.58 23.82
N LEU N 64 16.62 -6.47 23.52
CA LEU N 64 16.88 -6.92 22.15
C LEU N 64 16.62 -8.41 22.04
N PRO N 65 15.47 -8.84 21.50
CA PRO N 65 15.25 -10.27 21.30
C PRO N 65 16.27 -10.86 20.33
N ILE N 66 16.68 -12.09 20.59
CA ILE N 66 17.66 -12.79 19.77
C ILE N 66 17.03 -13.97 19.03
N PHE N 67 16.55 -14.96 19.78
CA PHE N 67 15.77 -16.06 19.23
C PHE N 67 14.36 -15.93 19.82
N ASP N 68 13.37 -15.81 18.96
CA ASP N 68 12.00 -15.57 19.41
C ASP N 68 11.01 -16.36 18.56
N GLU N 69 11.36 -17.60 18.20
CA GLU N 69 10.54 -18.34 17.24
C GLU N 69 9.33 -19.00 17.91
N ASP N 70 9.59 -19.98 18.79
CA ASP N 70 8.50 -20.73 19.43
C ASP N 70 8.51 -20.55 20.94
N ASP N 71 9.57 -20.99 21.61
CA ASP N 71 9.75 -20.75 23.04
C ASP N 71 11.15 -20.29 23.38
N ASN N 72 12.15 -20.56 22.53
CA ASN N 72 13.43 -19.90 22.64
C ASN N 72 13.19 -18.40 22.56
N GLN N 73 13.41 -17.68 23.66
CA GLN N 73 13.11 -16.27 23.75
C GLN N 73 14.30 -15.51 24.34
N PHE N 74 15.49 -15.78 23.81
CA PHE N 74 16.66 -15.02 24.23
C PHE N 74 16.40 -13.54 23.99
N LYS N 75 16.30 -12.76 25.06
CA LYS N 75 16.04 -11.33 24.98
C LYS N 75 17.17 -10.61 25.69
N MET N 76 18.24 -10.34 24.96
CA MET N 76 19.36 -9.60 25.53
C MET N 76 18.93 -8.17 25.83
N THR N 77 19.31 -7.67 27.00
CA THR N 77 18.98 -6.31 27.37
C THR N 77 19.97 -5.34 26.74
N ILE N 78 19.53 -4.09 26.61
CA ILE N 78 20.36 -3.05 26.03
C ILE N 78 19.76 -1.69 26.34
N ALA N 79 20.60 -0.69 26.56
CA ALA N 79 20.16 0.67 26.76
C ALA N 79 20.51 1.51 25.54
N ARG N 80 19.95 2.71 25.49
CA ARG N 80 20.03 3.58 24.33
C ARG N 80 20.71 4.88 24.68
N HIS N 81 21.41 5.45 23.70
CA HIS N 81 21.98 6.78 23.88
C HIS N 81 20.90 7.81 24.12
N LEU N 82 21.16 8.72 25.03
CA LEU N 82 20.40 9.96 25.15
C LEU N 82 21.28 11.16 24.83
N VAL N 83 22.28 10.94 23.96
CA VAL N 83 23.23 11.97 23.56
C VAL N 83 23.03 12.26 22.09
N GLY N 84 22.82 13.53 21.76
CA GLY N 84 22.66 13.93 20.38
C GLY N 84 23.97 13.77 19.60
N ASN N 85 23.96 14.36 18.41
CA ASN N 85 25.11 14.31 17.52
C ASN N 85 25.95 15.59 17.57
N LYS N 86 25.78 16.37 18.62
CA LYS N 86 26.53 17.62 18.80
C LYS N 86 27.33 17.66 20.08
N GLU N 87 26.92 16.90 21.10
CA GLU N 87 27.64 16.87 22.36
C GLU N 87 29.01 16.24 22.16
N ARG N 88 29.94 16.61 23.04
CA ARG N 88 31.31 16.12 22.92
C ARG N 88 31.97 16.15 24.27
N GLY N 89 33.06 15.40 24.38
CA GLY N 89 33.82 15.36 25.61
C GLY N 89 32.95 14.91 26.77
N ILE N 90 32.97 15.70 27.84
CA ILE N 90 32.20 15.36 29.03
C ILE N 90 30.73 15.17 28.67
N LYS N 91 30.20 16.07 27.85
CA LYS N 91 28.80 15.97 27.46
C LYS N 91 28.49 14.61 26.84
N ARG N 92 29.46 14.02 26.15
CA ARG N 92 29.23 12.75 25.48
C ARG N 92 29.57 11.54 26.33
N ILE N 93 30.45 11.69 27.33
CA ILE N 93 30.81 10.56 28.16
C ILE N 93 29.55 10.03 28.84
N LEU N 94 29.35 8.72 28.77
CA LEU N 94 28.19 8.07 29.39
C LEU N 94 28.51 7.62 30.80
N ILE N 95 29.49 6.73 30.95
CA ILE N 95 29.93 6.24 32.25
C ILE N 95 31.38 6.66 32.44
N PRO N 96 31.62 7.74 33.17
CA PRO N 96 33.00 8.23 33.32
C PRO N 96 33.85 7.29 34.14
N SER N 97 35.15 7.35 33.90
CA SER N 97 36.09 6.59 34.70
C SER N 97 36.20 7.18 36.10
N ALA N 98 36.78 6.40 37.01
CA ALA N 98 37.02 6.91 38.36
C ALA N 98 37.90 8.15 38.35
N THR N 99 38.74 8.31 37.34
CA THR N 99 39.62 9.46 37.27
C THR N 99 38.89 10.74 36.88
N ASN N 100 37.72 10.64 36.26
CA ASN N 100 37.04 11.81 35.72
C ASN N 100 35.56 11.89 36.09
N TYR N 101 35.02 10.90 36.79
CA TYR N 101 33.61 10.94 37.13
C TYR N 101 33.29 12.15 38.00
N GLN N 102 34.15 12.45 38.97
CA GLN N 102 33.94 13.63 39.80
C GLN N 102 33.79 14.89 38.96
N ASP N 103 34.48 14.95 37.82
CA ASP N 103 34.39 16.13 36.96
C ASP N 103 33.16 16.07 36.07
N VAL N 104 32.89 14.90 35.49
CA VAL N 104 31.75 14.74 34.60
C VAL N 104 30.46 15.03 35.35
N PHE N 105 30.31 14.42 36.53
CA PHE N 105 29.16 14.68 37.38
C PHE N 105 29.40 15.95 38.19
N ASN N 106 28.39 16.81 38.27
CA ASN N 106 28.45 17.99 39.11
C ASN N 106 28.04 17.59 40.53
N LEU N 107 28.95 16.88 41.19
CA LEU N 107 28.67 16.35 42.52
C LEU N 107 28.20 17.45 43.47
N ASN N 108 28.79 18.64 43.33
CA ASN N 108 28.41 19.74 44.21
C ASN N 108 26.97 20.16 43.99
N SER N 109 26.43 19.94 42.79
CA SER N 109 25.06 20.32 42.50
C SER N 109 24.05 19.28 42.95
N MET N 110 24.49 18.11 43.39
CA MET N 110 23.60 17.04 43.83
C MET N 110 23.75 16.82 45.33
N MET N 111 22.77 16.13 45.89
CA MET N 111 22.72 15.95 47.33
C MET N 111 23.92 15.12 47.79
N GLN N 112 24.38 15.41 49.02
CA GLN N 112 25.57 14.75 49.55
C GLN N 112 25.38 13.25 49.62
N ALA N 113 24.15 12.79 49.86
CA ALA N 113 23.92 11.34 49.84
C ALA N 113 24.18 10.76 48.46
N GLU N 114 23.72 11.44 47.41
CA GLU N 114 24.03 10.98 46.06
C GLU N 114 25.51 11.02 45.80
N GLN N 115 26.19 12.06 46.29
CA GLN N 115 27.64 12.13 46.14
C GLN N 115 28.29 10.93 46.82
N LEU N 116 27.82 10.58 48.00
CA LEU N 116 28.33 9.40 48.71
C LEU N 116 28.11 8.14 47.89
N ILE N 117 26.93 8.01 47.29
CA ILE N 117 26.65 6.82 46.47
C ILE N 117 27.64 6.74 45.33
N PHE N 118 27.86 7.87 44.64
CA PHE N 118 28.80 7.88 43.52
C PHE N 118 30.22 7.55 43.99
N HIS N 119 30.63 8.13 45.12
CA HIS N 119 31.97 7.88 45.63
C HIS N 119 32.14 6.40 45.99
N LEU N 120 31.13 5.80 46.59
CA LEU N 120 31.20 4.37 46.88
C LEU N 120 31.29 3.57 45.59
N ILE N 121 30.50 3.93 44.58
CA ILE N 121 30.50 3.19 43.33
C ILE N 121 31.90 3.22 42.71
N TYR N 122 32.53 4.40 42.72
CA TYR N 122 33.87 4.55 42.15
C TYR N 122 34.97 4.25 43.14
N ASN N 123 34.64 3.82 44.36
CA ASN N 123 35.64 3.49 45.38
C ASN N 123 36.45 4.73 45.76
N ASN N 124 35.77 5.86 45.92
CA ASN N 124 36.41 7.09 46.39
C ASN N 124 36.23 7.23 47.90
N GLU N 125 36.86 6.31 48.60
CA GLU N 125 36.74 6.28 50.07
C GLU N 125 37.18 7.59 50.70
N ASN N 126 38.17 8.27 50.10
CA ASN N 126 38.57 9.57 50.63
C ASN N 126 37.42 10.55 50.56
N ALA N 127 36.70 10.58 49.44
CA ALA N 127 35.54 11.46 49.33
C ALA N 127 34.46 11.03 50.31
N VAL N 128 34.29 9.73 50.52
CA VAL N 128 33.32 9.25 51.50
C VAL N 128 33.65 9.80 52.89
N ASN N 129 34.92 9.68 53.28
CA ASN N 129 35.34 10.18 54.58
C ASN N 129 35.15 11.68 54.67
N THR N 130 35.47 12.39 53.60
CA THR N 130 35.27 13.84 53.60
C THR N 130 33.81 14.20 53.78
N ILE N 131 32.91 13.47 53.12
CA ILE N 131 31.50 13.78 53.19
C ILE N 131 30.98 13.53 54.60
N CYS N 132 31.36 12.40 55.20
CA CYS N 132 30.90 12.14 56.56
C CYS N 132 31.52 13.11 57.55
N ASP N 133 32.77 13.52 57.32
CA ASP N 133 33.37 14.54 58.17
C ASP N 133 32.58 15.85 58.08
N ASN N 134 32.19 16.25 56.87
CA ASN N 134 31.40 17.46 56.72
C ASN N 134 30.06 17.32 57.41
N LEU N 135 29.41 16.17 57.26
CA LEU N 135 28.13 15.94 57.91
C LEU N 135 28.28 15.96 59.43
N LYS N 136 29.48 15.64 59.94
CA LYS N 136 29.72 15.72 61.37
C LYS N 136 29.24 17.04 61.95
N TYR N 137 29.30 18.12 61.17
CA TYR N 137 28.99 19.45 61.65
C TYR N 137 27.59 19.91 61.27
N THR N 138 26.67 18.97 61.09
CA THR N 138 25.26 19.31 60.93
C THR N 138 24.61 19.44 62.30
N GLU N 139 23.59 20.31 62.36
CA GLU N 139 22.98 20.62 63.65
C GLU N 139 22.45 19.36 64.32
N GLY N 140 21.65 18.59 63.61
CA GLY N 140 21.15 17.33 64.14
C GLY N 140 22.02 16.17 63.73
N PHE N 141 23.34 16.36 63.77
CA PHE N 141 24.26 15.37 63.25
C PHE N 141 24.08 14.01 63.92
N THR N 142 24.37 13.95 65.22
CA THR N 142 24.31 12.66 65.92
C THR N 142 22.89 12.12 65.97
N SER N 143 21.89 13.00 66.03
CA SER N 143 20.51 12.55 66.15
C SER N 143 20.11 11.68 64.96
N ASN N 144 20.13 12.25 63.76
CA ASN N 144 19.63 11.56 62.58
C ASN N 144 20.55 11.63 61.37
N THR N 145 21.49 12.58 61.31
CA THR N 145 22.41 12.61 60.17
C THR N 145 23.25 11.34 60.12
N GLN N 146 23.74 10.89 61.28
CA GLN N 146 24.51 9.65 61.31
C GLN N 146 23.65 8.45 60.96
N ARG N 147 22.39 8.46 61.38
CA ARG N 147 21.48 7.38 60.98
C ARG N 147 21.29 7.35 59.47
N VAL N 148 21.12 8.51 58.86
CA VAL N 148 21.01 8.58 57.40
C VAL N 148 22.29 8.07 56.75
N ILE N 149 23.44 8.48 57.29
CA ILE N 149 24.71 8.02 56.76
C ILE N 149 24.76 6.50 56.81
N HIS N 150 24.42 5.92 57.95
CA HIS N 150 24.47 4.48 58.09
C HIS N 150 23.56 3.80 57.10
N SER N 151 22.31 4.28 56.99
CA SER N 151 21.36 3.65 56.10
C SER N 151 21.85 3.68 54.65
N VAL N 152 22.23 4.88 54.18
CA VAL N 152 22.65 5.01 52.78
C VAL N 152 23.90 4.19 52.52
N TYR N 153 24.87 4.28 53.43
CA TYR N 153 26.13 3.58 53.24
C TYR N 153 25.92 2.08 53.21
N ALA N 154 25.10 1.56 54.13
CA ALA N 154 24.84 0.12 54.17
C ALA N 154 24.13 -0.33 52.91
N THR N 155 23.12 0.42 52.46
CA THR N 155 22.41 0.02 51.25
C THR N 155 23.35 -0.01 50.06
N THR N 156 24.15 1.05 49.90
CA THR N 156 25.07 1.11 48.76
C THR N 156 26.10 -0.01 48.83
N LYS N 157 26.63 -0.28 50.02
CA LYS N 157 27.63 -1.32 50.16
C LYS N 157 27.03 -2.68 49.84
N SER N 158 25.81 -2.93 50.30
CA SER N 158 25.15 -4.19 50.00
C SER N 158 24.96 -4.35 48.50
N ILE N 159 24.51 -3.30 47.82
CA ILE N 159 24.33 -3.36 46.38
C ILE N 159 25.65 -3.64 45.69
N LEU N 160 26.71 -2.93 46.10
CA LEU N 160 28.01 -3.12 45.46
C LEU N 160 28.51 -4.54 45.65
N ASP N 161 28.37 -5.08 46.87
CA ASP N 161 28.80 -6.45 47.10
C ASP N 161 27.99 -7.42 46.25
N THR N 162 26.67 -7.20 46.15
CA THR N 162 25.85 -8.05 45.32
C THR N 162 26.35 -8.05 43.89
N THR N 163 26.65 -6.87 43.35
CA THR N 163 27.14 -6.79 41.98
C THR N 163 28.48 -7.49 41.82
N ASN N 164 29.40 -7.26 42.76
CA ASN N 164 30.73 -7.81 42.63
C ASN N 164 30.66 -9.33 42.61
N PRO N 165 31.18 -10.01 41.58
CA PRO N 165 31.11 -11.47 41.56
C PRO N 165 32.09 -12.14 42.50
N ASN N 166 33.11 -11.42 42.97
CA ASN N 166 34.13 -12.00 43.83
C ASN N 166 33.69 -12.11 45.28
N THR N 167 32.50 -11.63 45.62
CA THR N 167 32.06 -11.58 47.00
C THR N 167 31.65 -12.97 47.47
N PHE N 168 31.09 -13.04 48.67
CA PHE N 168 30.75 -14.30 49.31
C PHE N 168 29.28 -14.65 49.10
N GLU N 176 31.30 -13.49 31.33
CA GLU N 176 32.01 -14.68 30.88
C GLU N 176 32.32 -14.60 29.39
N LEU N 177 33.56 -14.21 29.08
CA LEU N 177 34.03 -14.14 27.69
C LEU N 177 33.29 -13.07 26.88
N ARG N 178 32.94 -11.97 27.53
CA ARG N 178 32.41 -10.79 26.85
C ARG N 178 33.53 -9.75 26.77
N PHE N 179 33.90 -9.38 25.55
CA PHE N 179 34.99 -8.44 25.31
C PHE N 179 34.43 -7.18 24.67
N PHE N 180 34.69 -6.03 25.28
CA PHE N 180 34.08 -4.79 24.84
C PHE N 180 34.97 -4.00 23.89
N ASP N 181 36.29 -3.96 24.14
CA ASP N 181 37.18 -3.32 23.19
C ASP N 181 37.57 -4.24 22.04
N VAL N 182 37.22 -5.52 22.09
CA VAL N 182 37.52 -6.41 20.99
C VAL N 182 36.38 -6.40 19.99
N THR N 183 36.23 -5.29 19.27
CA THR N 183 35.46 -5.24 18.04
C THR N 183 36.09 -4.26 17.06
N ASN N 184 37.00 -3.42 17.55
CA ASN N 184 37.34 -2.15 16.89
C ASN N 184 38.32 -2.41 15.76
N ALA N 185 37.79 -2.53 14.55
CA ALA N 185 38.62 -2.46 13.36
C ALA N 185 39.11 -1.03 13.17
N ARG N 186 40.25 -0.91 12.49
CA ARG N 186 40.93 0.34 12.19
C ARG N 186 41.68 0.88 13.40
N ALA N 187 41.49 0.33 14.60
CA ALA N 187 42.25 0.78 15.74
C ALA N 187 43.72 0.41 15.54
N LEU N 188 44.61 1.32 15.95
CA LEU N 188 46.03 1.06 15.77
C LEU N 188 46.40 -0.25 16.45
N ARG N 189 46.33 -0.27 17.78
CA ARG N 189 46.58 -1.47 18.58
C ARG N 189 46.12 -1.16 20.00
N GLY N 190 46.02 -2.22 20.81
CA GLY N 190 45.96 -2.05 22.24
C GLY N 190 44.66 -2.45 22.91
N GLY N 191 43.53 -2.09 22.32
CA GLY N 191 42.27 -2.29 23.00
C GLY N 191 42.28 -1.54 24.32
N ALA N 192 42.40 -2.27 25.43
CA ALA N 192 42.49 -1.75 26.79
C ALA N 192 41.15 -1.25 27.31
N GLY N 193 40.13 -1.14 26.47
CA GLY N 193 38.82 -0.84 27.01
C GLY N 193 38.39 -1.90 28.00
N ASP N 194 38.71 -3.16 27.71
CA ASP N 194 38.47 -4.22 28.68
C ASP N 194 39.34 -4.04 29.92
N GLN N 195 40.54 -3.49 29.77
CA GLN N 195 41.35 -3.17 30.94
C GLN N 195 40.61 -2.22 31.86
N LEU N 196 40.09 -1.13 31.30
CA LEU N 196 39.36 -0.18 32.13
C LEU N 196 38.08 -0.81 32.68
N PHE N 197 37.43 -1.65 31.88
CA PHE N 197 36.26 -2.37 32.37
C PHE N 197 36.62 -3.18 33.61
N ASN N 198 37.75 -3.87 33.58
CA ASN N 198 38.21 -4.60 34.76
C ASN N 198 38.45 -3.64 35.91
N ASN N 199 39.08 -2.50 35.63
CA ASN N 199 39.34 -1.51 36.67
C ASN N 199 38.05 -1.02 37.30
N TYR N 200 36.95 -1.06 36.57
CA TYR N 200 35.68 -0.61 37.13
C TYR N 200 35.21 -1.50 38.26
N SER N 201 34.29 -0.97 39.05
CA SER N 201 33.69 -1.71 40.15
C SER N 201 32.77 -2.80 39.62
N GLY N 202 32.45 -3.75 40.50
CA GLY N 202 31.51 -4.79 40.12
C GLY N 202 30.18 -4.23 39.68
N PHE N 203 29.68 -3.22 40.39
CA PHE N 203 28.42 -2.58 39.98
C PHE N 203 28.55 -1.96 38.60
N LEU N 204 29.64 -1.22 38.37
CA LEU N 204 29.83 -0.58 37.07
C LEU N 204 29.99 -1.63 35.97
N GLN N 205 30.75 -2.69 36.25
CA GLN N 205 30.95 -3.73 35.24
C GLN N 205 29.62 -4.40 34.91
N ASN N 206 28.81 -4.70 35.93
CA ASN N 206 27.51 -5.32 35.67
C ASN N 206 26.60 -4.37 34.91
N LEU N 207 26.67 -3.08 35.22
CA LEU N 207 25.89 -2.10 34.47
C LEU N 207 26.28 -2.10 33.01
N ILE N 208 27.59 -2.10 32.74
CA ILE N 208 28.06 -2.11 31.36
C ILE N 208 27.59 -3.37 30.64
N ARG N 209 27.72 -4.53 31.30
CA ARG N 209 27.26 -5.76 30.69
C ARG N 209 25.77 -5.71 30.40
N ARG N 210 25.00 -5.16 31.35
CA ARG N 210 23.55 -5.17 31.23
C ARG N 210 23.07 -4.23 30.13
N ALA N 211 23.76 -3.10 29.95
CA ALA N 211 23.29 -2.07 29.02
C ALA N 211 23.91 -2.17 27.64
N VAL N 212 25.15 -2.63 27.52
CA VAL N 212 25.88 -2.65 26.26
C VAL N 212 25.74 -4.03 25.65
N ALA N 213 25.36 -4.07 24.37
CA ALA N 213 25.18 -5.33 23.68
C ALA N 213 26.39 -5.61 22.80
N PRO N 214 27.11 -6.72 23.00
CA PRO N 214 28.18 -7.06 22.07
C PRO N 214 27.68 -7.11 20.64
N GLU N 215 28.44 -6.49 19.73
CA GLU N 215 28.04 -6.46 18.33
C GLU N 215 28.00 -7.86 17.72
N TYR N 216 28.76 -8.78 18.30
CA TYR N 216 28.78 -10.16 17.83
C TYR N 216 28.45 -11.11 18.98
N LEU N 217 27.81 -12.22 18.64
CA LEU N 217 27.46 -13.26 19.59
C LEU N 217 27.81 -14.61 18.98
N GLN N 218 28.84 -15.26 19.49
CA GLN N 218 29.25 -16.57 19.01
C GLN N 218 28.79 -17.63 20.00
N ILE N 219 28.03 -18.60 19.52
CA ILE N 219 27.57 -19.72 20.32
C ILE N 219 28.13 -20.99 19.67
N ASP N 220 28.88 -21.77 20.46
CA ASP N 220 29.40 -23.07 20.04
C ASP N 220 29.74 -23.09 18.56
N THR N 221 30.59 -22.15 18.13
CA THR N 221 30.99 -22.02 16.74
C THR N 221 29.78 -21.67 15.87
N GLU N 222 29.12 -20.58 16.24
CA GLU N 222 28.01 -20.04 15.46
C GLU N 222 27.92 -18.55 15.77
N GLU N 223 28.29 -17.72 14.79
CA GLU N 223 28.43 -16.29 15.00
C GLU N 223 27.24 -15.55 14.44
N LEU N 224 26.65 -14.67 15.25
CA LEU N 224 25.58 -13.79 14.85
C LEU N 224 26.07 -12.36 14.95
N ARG N 225 25.87 -11.59 13.88
CA ARG N 225 26.23 -10.18 13.86
C ARG N 225 24.97 -9.35 13.98
N PHE N 226 24.95 -8.43 14.94
CA PHE N 226 23.79 -7.57 15.13
C PHE N 226 23.93 -6.21 14.49
N ARG N 227 25.15 -5.71 14.37
CA ARG N 227 25.40 -4.45 13.69
C ARG N 227 26.61 -4.62 12.78
N ASN N 228 26.66 -3.80 11.74
CA ASN N 228 27.83 -3.76 10.88
C ASN N 228 28.93 -2.88 11.45
N CYS N 229 28.68 -2.20 12.57
CA CYS N 229 29.69 -1.38 13.22
C CYS N 229 29.26 -1.00 14.63
N ALA N 230 30.17 -1.11 15.59
CA ALA N 230 29.83 -0.81 16.98
C ALA N 230 29.48 0.65 17.14
N THR N 231 28.56 0.93 18.07
CA THR N 231 28.05 2.27 18.28
C THR N 231 28.70 2.99 19.45
N CYS N 232 29.17 2.27 20.46
CA CYS N 232 29.77 2.88 21.64
C CYS N 232 31.28 2.92 21.51
N ILE N 233 31.92 3.69 22.39
CA ILE N 233 33.37 3.76 22.48
C ILE N 233 33.76 3.65 23.94
N ILE N 234 34.85 2.95 24.22
CA ILE N 234 35.38 2.85 25.58
C ILE N 234 36.84 3.24 25.55
N ASP N 235 37.23 4.12 26.46
CA ASP N 235 38.60 4.60 26.54
C ASP N 235 38.88 4.98 27.98
N GLU N 236 40.03 5.62 28.21
CA GLU N 236 40.40 6.01 29.56
C GLU N 236 39.35 6.92 30.18
N THR N 237 38.75 7.81 29.39
CA THR N 237 37.73 8.70 29.94
C THR N 237 36.50 7.93 30.40
N GLY N 238 36.28 6.73 29.86
CA GLY N 238 35.17 5.89 30.26
C GLY N 238 34.38 5.41 29.05
N LEU N 239 33.07 5.30 29.25
CA LEU N 239 32.16 4.93 28.18
C LEU N 239 31.61 6.19 27.52
N VAL N 240 31.71 6.25 26.20
CA VAL N 240 31.34 7.44 25.44
C VAL N 240 30.37 7.03 24.34
N ALA N 241 29.32 7.82 24.18
CA ALA N 241 28.36 7.62 23.09
C ALA N 241 28.92 8.22 21.82
N SER N 242 30.16 7.86 21.49
CA SER N 242 30.82 8.34 20.28
C SER N 242 30.85 7.23 19.24
N VAL N 243 31.31 7.59 18.05
CA VAL N 243 31.38 6.64 16.95
C VAL N 243 32.83 6.22 16.78
N PRO N 244 33.11 5.02 16.23
CA PRO N 244 34.50 4.66 15.97
C PRO N 244 35.21 5.63 15.05
N ASP N 245 34.46 6.32 14.18
CA ASP N 245 35.04 7.29 13.27
C ASP N 245 33.91 8.08 12.63
N GLY N 246 34.27 9.19 11.99
CA GLY N 246 33.32 10.01 11.30
C GLY N 246 32.45 10.79 12.26
N PRO N 247 31.43 11.47 11.74
CA PRO N 247 30.56 12.28 12.59
C PRO N 247 29.64 11.41 13.43
N GLU N 248 29.03 12.05 14.41
CA GLU N 248 28.20 11.34 15.38
C GLU N 248 26.87 10.94 14.76
N LEU N 249 26.29 9.86 15.28
CA LEU N 249 25.02 9.37 14.77
C LEU N 249 23.89 10.31 15.17
N TYR N 250 22.96 10.51 14.24
CA TYR N 250 21.79 11.34 14.52
C TYR N 250 20.95 10.68 15.60
N ASN N 251 20.62 11.44 16.64
CA ASN N 251 19.92 10.92 17.81
C ASN N 251 18.93 11.95 18.31
N PRO N 252 17.79 12.08 17.65
CA PRO N 252 16.78 13.06 18.12
C PRO N 252 16.11 12.61 19.41
N ILE N 253 15.15 13.39 19.88
CA ILE N 253 14.42 13.07 21.09
C ILE N 253 12.92 13.14 20.83
N ASN N 264 -2.21 21.27 32.39
CA ASN N 264 -2.30 21.65 30.99
C ASN N 264 -2.25 23.17 30.84
N ARG N 265 -2.91 23.88 31.76
CA ARG N 265 -2.87 25.33 31.80
C ARG N 265 -3.32 25.93 30.46
N LEU N 266 -4.61 25.76 30.18
CA LEU N 266 -5.21 26.28 28.97
C LEU N 266 -4.67 27.66 28.63
N GLN N 267 -4.13 27.80 27.42
CA GLN N 267 -3.57 29.04 26.94
C GLN N 267 -4.36 29.53 25.73
N ILE N 268 -4.18 30.81 25.40
CA ILE N 268 -4.82 31.36 24.21
C ILE N 268 -4.36 30.58 22.97
N ARG N 269 -3.05 30.34 22.87
CA ARG N 269 -2.53 29.58 21.75
C ARG N 269 -3.09 28.16 21.73
N ASN N 270 -3.45 27.63 22.89
CA ASN N 270 -3.96 26.26 22.94
C ASN N 270 -5.32 26.12 22.28
N VAL N 271 -5.98 27.22 21.96
CA VAL N 271 -7.24 27.15 21.22
C VAL N 271 -6.95 26.87 19.77
N LEU N 272 -7.59 25.85 19.23
CA LEU N 272 -7.34 25.44 17.86
C LEU N 272 -8.29 26.15 16.90
N LYS N 273 -7.89 26.22 15.64
CA LYS N 273 -8.63 26.97 14.64
C LYS N 273 -9.82 26.13 14.18
N PHE N 274 -10.47 26.56 13.10
CA PHE N 274 -11.59 25.84 12.54
C PHE N 274 -11.34 24.34 12.55
N GLU N 275 -12.40 23.57 12.79
CA GLU N 275 -12.32 22.12 12.80
C GLU N 275 -12.21 21.64 11.36
N GLY N 276 -10.98 21.64 10.87
CA GLY N 276 -10.70 21.25 9.50
C GLY N 276 -9.63 22.15 8.90
N THR N 284 3.83 12.02 4.80
CA THR N 284 2.42 11.63 4.86
C THR N 284 2.29 10.12 4.81
N LEU N 285 3.31 9.42 5.31
CA LEU N 285 3.35 7.96 5.31
C LEU N 285 2.59 7.42 6.53
N SER N 286 1.34 7.85 6.66
CA SER N 286 0.54 7.50 7.84
C SER N 286 0.30 6.01 7.94
N GLY N 287 0.24 5.31 6.81
CA GLY N 287 -0.12 3.92 6.80
C GLY N 287 1.00 2.94 7.04
N TYR N 288 2.21 3.42 7.32
CA TYR N 288 3.37 2.56 7.49
C TYR N 288 3.95 2.73 8.88
N GLU N 289 4.54 1.65 9.39
CA GLU N 289 5.17 1.69 10.70
C GLU N 289 6.48 2.48 10.63
N GLU N 290 7.02 2.80 11.80
CA GLU N 290 8.17 3.68 11.92
C GLU N 290 9.36 2.91 12.49
N TYR N 291 10.52 3.06 11.87
CA TYR N 291 11.75 2.50 12.42
C TYR N 291 12.33 3.45 13.44
N PRO N 292 12.65 3.00 14.65
CA PRO N 292 13.15 3.92 15.67
C PRO N 292 14.40 4.65 15.21
N THR N 293 14.47 5.94 15.54
CA THR N 293 15.69 6.72 15.35
C THR N 293 16.56 6.67 16.58
N TYR N 294 16.84 5.46 17.04
CA TYR N 294 17.57 5.22 18.28
C TYR N 294 19.02 4.91 17.97
N VAL N 295 19.83 4.93 19.03
CA VAL N 295 21.24 4.53 18.93
C VAL N 295 21.52 3.57 20.07
N PRO N 296 21.08 2.32 19.98
CA PRO N 296 21.30 1.38 21.09
C PRO N 296 22.78 1.11 21.30
N LEU N 297 23.12 0.76 22.54
CA LEU N 297 24.50 0.50 22.88
C LEU N 297 24.96 -0.81 22.25
N PHE N 298 25.57 -0.74 21.07
CA PHE N 298 26.05 -1.91 20.36
C PHE N 298 27.57 -1.86 20.32
N LEU N 299 28.19 -2.73 21.11
CA LEU N 299 29.65 -2.79 21.13
C LEU N 299 30.10 -4.07 21.82
N GLY N 300 30.97 -4.83 21.16
CA GLY N 300 31.66 -5.93 21.79
C GLY N 300 31.36 -7.25 21.11
N TYR N 301 32.05 -8.27 21.61
CA TYR N 301 31.95 -9.63 21.12
C TYR N 301 31.74 -10.55 22.31
N GLN N 302 30.69 -11.36 22.27
CA GLN N 302 30.39 -12.32 23.32
C GLN N 302 30.70 -13.70 22.77
N ILE N 303 31.53 -14.46 23.48
CA ILE N 303 31.89 -15.81 23.09
C ILE N 303 31.27 -16.77 24.08
N ILE N 304 30.57 -17.77 23.56
CA ILE N 304 29.94 -18.80 24.40
C ILE N 304 30.50 -20.15 23.98
N ASN N 305 30.88 -20.94 24.96
CA ASN N 305 31.52 -22.24 24.71
C ASN N 305 30.47 -23.28 24.34
N SER N 306 30.85 -24.56 24.41
CA SER N 306 29.99 -25.64 23.96
C SER N 306 28.56 -25.54 24.49
N GLU N 307 28.33 -24.79 25.56
CA GLU N 307 26.99 -24.63 26.11
C GLU N 307 25.99 -24.28 25.01
N ASN N 308 24.86 -24.98 25.02
CA ASN N 308 23.80 -24.78 24.04
C ASN N 308 22.96 -23.55 24.40
N ASN N 309 21.77 -23.44 23.82
CA ASN N 309 20.93 -22.26 23.99
C ASN N 309 20.47 -22.21 25.45
N PHE N 310 21.37 -21.75 26.31
CA PHE N 310 21.18 -21.78 27.75
C PHE N 310 20.04 -20.84 28.14
N LEU N 311 18.89 -21.42 28.49
CA LEU N 311 17.69 -20.67 28.91
C LEU N 311 17.27 -21.23 30.27
N ARG N 312 17.74 -20.61 31.33
CA ARG N 312 17.43 -21.04 32.69
C ARG N 312 16.51 -20.04 33.37
ZN ZN O . -0.31 -56.12 2.90
ZN ZN P . -0.58 -4.92 -5.06
ZN ZN Q . 18.50 -45.38 47.30
ZN ZN R . 15.60 4.48 40.00
#